data_9QPT
#
_entry.id   9QPT
#
_cell.length_a   1.00
_cell.length_b   1.00
_cell.length_c   1.00
_cell.angle_alpha   90.00
_cell.angle_beta   90.00
_cell.angle_gamma   90.00
#
_symmetry.space_group_name_H-M   'P 1'
#
loop_
_entity.id
_entity.type
_entity.pdbx_description
1 polymer 'Multidrug resistance protein MdtF'
2 non-polymer DODECANE
3 non-polymer PHOSPHATIDYLETHANOLAMINE
4 non-polymer 'RHODAMINE 6G'
#
_entity_poly.entity_id   1
_entity_poly.type   'polypeptide(L)'
_entity_poly.pdbx_seq_one_letter_code
;MANYFIDRPVFAWVLAIIMMLAGGLAIMNLPVAQYPQIAPPTITVSATYPGADAQTVEDSVTQVIEQNMNGLDGLMYMSS
TSDAAGNASITLTFETGTSPDIAQVQVQNKLQLAMPSLPEAVQQQGISVDKSSSNILMVAAFISDNGSLNQYDIADYVAS
NIKDPLSRTAGVGSVQLFGSEYAMRIWLDPQKLNKYNLVPSDVISQIKVQNNQISGGQLGGMPQAADQQLNASIIVQTRL
QTPEEFGKILLKVQQDGSQVLLRDVARVELGAEDYSTVARYNGKPAAGIAIKLAAGANALDTSRAVKEELNRLSAYFPAS
LKTVYPYDTTPFIEISIQEVFKTLVEAIILVFLVMYLFLQNFRATIIPTIAVPVVILGTFAILSAVGFTINTLTMFGMVL
AIGLLVDDAIVVVENVERVIAEDKLPPKEATHKSMGQIQRALVGIAVVLSAVFMPMAFMSGATGEIYRQFSITLISSMLL
SVFVAMSLTPALCATILKAAPEGGHKPNALFARFNTLFEKSTQHYTDSTRSLLRCTGRYMVVYLLICAGMAVLFLRTPTS
FLPEEDQGVFMTTAQLPSGATMVNTTKVLQQVTDYYLTKEKDNVQSVFTFGGFGFSGQGQNNGLAFISLKPWSERVGEEN
SVTAIIQRAMIALSSINKAVVFPFNLPAVAELGTASGFDMELLDNGNLGHEKLTQARNELLSLAAQSPNQVTGVRPNGLE
DTPMFKVNVNAAKAEAMGVALSDINQTISTAFGSSYVNDFLNQGRVKKVYVQAGTPFRMLPDNINQWYVRNASGTMAPLS
AYSSTEWTYGSPRLERYNGIPSMEILGEAAAGKSTGDAMKFMADLVAKLPAGVGYSWTGLSYQEALSSNQAPALYAISLV
VVFLALAALYESWSIPFSVMLVVPLGVVGALLATDLRGLSNDVYFQVGLLTTIGLSAKNAILIVEFAVEMMQKEGKTPIE
AIIEAARMRLRPILMTSLAFILGVLPLVISHGAGSGAQNAVGTGVMGGMFAATVLAIYFVPVFFVVVEHLFARFKKAASG
ENLYFQSLEHHHHHH
;
_entity_poly.pdbx_strand_id   A,B,C
#
# COMPACT_ATOMS: atom_id res chain seq x y z
N ALA A 2 -16.82 43.24 8.63
CA ALA A 2 -16.74 44.45 9.43
C ALA A 2 -18.11 45.12 9.50
N ASN A 3 -18.55 45.67 8.37
CA ASN A 3 -19.86 46.29 8.30
C ASN A 3 -20.98 45.26 8.32
N TYR A 4 -20.72 44.04 7.87
CA TYR A 4 -21.74 43.00 7.89
C TYR A 4 -22.12 42.61 9.31
N PHE A 5 -21.13 42.36 10.16
CA PHE A 5 -21.37 41.77 11.47
C PHE A 5 -21.65 42.78 12.57
N ILE A 6 -21.39 44.07 12.35
CA ILE A 6 -21.63 45.05 13.40
C ILE A 6 -23.12 45.21 13.67
N ASP A 7 -23.94 45.16 12.62
CA ASP A 7 -25.38 45.33 12.78
C ASP A 7 -26.04 44.09 13.37
N ARG A 8 -25.44 42.91 13.23
CA ARG A 8 -26.02 41.65 13.68
C ARG A 8 -24.99 40.87 14.49
N PRO A 9 -24.84 41.20 15.78
CA PRO A 9 -23.86 40.50 16.62
C PRO A 9 -24.20 39.04 16.87
N VAL A 10 -25.46 38.64 16.67
CA VAL A 10 -25.85 37.26 16.96
C VAL A 10 -25.14 36.30 16.01
N PHE A 11 -24.98 36.68 14.75
CA PHE A 11 -24.26 35.85 13.80
C PHE A 11 -22.80 35.66 14.22
N ALA A 12 -22.16 36.75 14.66
CA ALA A 12 -20.77 36.65 15.11
C ALA A 12 -20.65 35.76 16.33
N TRP A 13 -21.58 35.91 17.29
CA TRP A 13 -21.55 35.07 18.48
C TRP A 13 -21.78 33.60 18.12
N VAL A 14 -22.66 33.34 17.17
CA VAL A 14 -22.92 31.97 16.73
C VAL A 14 -21.67 31.38 16.11
N LEU A 15 -20.97 32.16 15.27
CA LEU A 15 -19.74 31.67 14.66
C LEU A 15 -18.67 31.36 15.73
N ALA A 16 -18.53 32.26 16.72
CA ALA A 16 -17.56 32.03 17.77
C ALA A 16 -17.90 30.78 18.58
N ILE A 17 -19.18 30.58 18.89
CA ILE A 17 -19.58 29.42 19.68
C ILE A 17 -19.37 28.14 18.88
N ILE A 18 -19.63 28.20 17.56
CA ILE A 18 -19.38 27.02 16.71
C ILE A 18 -17.89 26.68 16.72
N MET A 19 -17.03 27.69 16.62
CA MET A 19 -15.59 27.43 16.69
C MET A 19 -15.20 26.82 18.03
N MET A 20 -15.74 27.35 19.12
CA MET A 20 -15.41 26.82 20.44
C MET A 20 -15.87 25.36 20.59
N LEU A 21 -17.08 25.06 20.12
CA LEU A 21 -17.59 23.70 20.20
C LEU A 21 -16.75 22.74 19.37
N ALA A 22 -16.38 23.14 18.15
CA ALA A 22 -15.54 22.30 17.32
C ALA A 22 -14.18 22.07 17.98
N GLY A 23 -13.62 23.11 18.59
CA GLY A 23 -12.35 22.95 19.27
C GLY A 23 -12.41 22.01 20.46
N GLY A 24 -13.47 22.13 21.27
CA GLY A 24 -13.63 21.21 22.38
C GLY A 24 -13.80 19.77 21.92
N LEU A 25 -14.59 19.57 20.85
CA LEU A 25 -14.79 18.24 20.31
C LEU A 25 -13.48 17.66 19.78
N ALA A 26 -12.66 18.50 19.13
CA ALA A 26 -11.34 18.06 18.69
C ALA A 26 -10.45 17.70 19.86
N ILE A 27 -10.50 18.49 20.93
CA ILE A 27 -9.71 18.20 22.12
C ILE A 27 -10.10 16.86 22.71
N MET A 28 -11.40 16.52 22.66
CA MET A 28 -11.84 15.23 23.18
C MET A 28 -11.17 14.07 22.46
N ASN A 29 -11.03 14.15 21.14
CA ASN A 29 -10.44 13.09 20.33
C ASN A 29 -9.17 13.63 19.66
N LEU A 30 -8.05 13.53 20.37
CA LEU A 30 -6.76 13.97 19.82
C LEU A 30 -5.61 13.31 20.57
N PRO A 31 -4.71 12.63 19.87
CA PRO A 31 -3.54 12.04 20.55
C PRO A 31 -2.64 13.10 21.14
N VAL A 32 -1.96 12.73 22.22
CA VAL A 32 -1.25 13.70 23.05
C VAL A 32 0.24 13.34 23.07
N ALA A 33 0.74 12.86 21.93
CA ALA A 33 2.15 12.51 21.82
C ALA A 33 3.05 13.71 22.12
N GLN A 34 4.31 13.42 22.45
CA GLN A 34 5.27 14.47 22.80
C GLN A 34 5.94 15.08 21.58
N TYR A 35 6.21 14.29 20.56
CA TYR A 35 6.84 14.75 19.34
C TYR A 35 6.10 14.16 18.16
N PRO A 36 6.18 14.80 16.98
CA PRO A 36 5.65 14.16 15.78
C PRO A 36 6.55 13.03 15.31
N GLN A 37 6.26 12.45 14.15
CA GLN A 37 7.12 11.40 13.61
C GLN A 37 8.41 12.01 13.07
N ILE A 38 9.45 12.02 13.90
CA ILE A 38 10.73 12.62 13.54
C ILE A 38 11.71 11.58 13.01
N ALA A 39 11.81 10.44 13.69
CA ALA A 39 12.76 9.41 13.28
C ALA A 39 12.35 8.82 11.93
N PRO A 40 13.30 8.60 11.03
CA PRO A 40 12.99 8.01 9.72
C PRO A 40 12.57 6.56 9.86
N PRO A 41 11.78 6.06 8.91
CA PRO A 41 11.41 4.63 8.95
C PRO A 41 12.63 3.73 8.86
N THR A 42 12.56 2.60 9.53
CA THR A 42 13.66 1.65 9.59
C THR A 42 13.14 0.23 9.45
N ILE A 43 13.88 -0.61 8.73
CA ILE A 43 13.57 -2.02 8.57
C ILE A 43 14.77 -2.83 9.05
N THR A 44 14.54 -3.78 9.94
CA THR A 44 15.60 -4.60 10.50
C THR A 44 15.45 -6.03 10.01
N VAL A 45 16.50 -6.55 9.38
CA VAL A 45 16.57 -7.93 8.94
C VAL A 45 17.51 -8.66 9.89
N SER A 46 16.95 -9.61 10.64
CA SER A 46 17.69 -10.31 11.68
C SER A 46 17.72 -11.80 11.40
N ALA A 47 18.90 -12.40 11.55
CA ALA A 47 19.08 -13.83 11.35
C ALA A 47 20.04 -14.34 12.41
N THR A 48 19.98 -15.65 12.66
CA THR A 48 20.87 -16.27 13.62
C THR A 48 21.48 -17.54 13.06
N TYR A 49 22.78 -17.73 13.31
CA TYR A 49 23.54 -18.92 12.91
C TYR A 49 24.14 -19.49 14.18
N PRO A 50 23.45 -20.42 14.85
CA PRO A 50 23.90 -20.90 16.16
C PRO A 50 25.28 -21.53 16.07
N GLY A 51 26.13 -21.17 17.04
CA GLY A 51 27.46 -21.74 17.16
C GLY A 51 28.51 -21.17 16.23
N ALA A 52 28.16 -20.19 15.40
CA ALA A 52 29.08 -19.68 14.40
C ALA A 52 29.85 -18.48 14.94
N ASP A 53 31.03 -18.26 14.37
CA ASP A 53 31.88 -17.13 14.73
C ASP A 53 31.43 -15.87 14.00
N ALA A 54 32.06 -14.75 14.35
CA ALA A 54 31.70 -13.49 13.71
C ALA A 54 32.09 -13.47 12.24
N GLN A 55 33.28 -13.96 11.91
CA GLN A 55 33.70 -13.98 10.51
C GLN A 55 32.86 -14.94 9.68
N THR A 56 32.54 -16.12 10.24
CA THR A 56 31.73 -17.09 9.52
C THR A 56 30.37 -16.50 9.18
N VAL A 57 29.71 -15.87 10.15
CA VAL A 57 28.43 -15.22 9.89
C VAL A 57 28.60 -14.10 8.88
N GLU A 58 29.60 -13.23 9.08
CA GLU A 58 29.78 -12.07 8.21
C GLU A 58 29.97 -12.49 6.77
N ASP A 59 30.59 -13.65 6.54
CA ASP A 59 30.81 -14.09 5.17
C ASP A 59 29.60 -14.84 4.62
N SER A 60 29.07 -15.80 5.39
CA SER A 60 28.04 -16.69 4.85
C SER A 60 26.68 -16.02 4.77
N VAL A 61 26.30 -15.22 5.78
CA VAL A 61 24.95 -14.69 5.92
C VAL A 61 24.92 -13.19 5.68
N THR A 62 25.76 -12.43 6.39
CA THR A 62 25.59 -10.98 6.43
C THR A 62 25.86 -10.36 5.06
N GLN A 63 27.01 -10.66 4.46
CA GLN A 63 27.32 -10.09 3.15
C GLN A 63 26.38 -10.63 2.08
N VAL A 64 26.01 -11.91 2.17
CA VAL A 64 25.09 -12.49 1.20
C VAL A 64 23.77 -11.73 1.19
N ILE A 65 23.23 -11.45 2.38
CA ILE A 65 21.99 -10.70 2.47
C ILE A 65 22.20 -9.26 2.03
N GLU A 66 23.36 -8.68 2.36
CA GLU A 66 23.60 -7.27 2.10
C GLU A 66 23.75 -6.96 0.61
N GLN A 67 24.27 -7.90 -0.17
CA GLN A 67 24.46 -7.64 -1.60
C GLN A 67 23.14 -7.37 -2.34
N ASN A 68 22.01 -7.77 -1.77
CA ASN A 68 20.74 -7.71 -2.49
C ASN A 68 19.87 -6.50 -2.13
N MET A 69 20.22 -5.75 -1.09
CA MET A 69 19.43 -4.59 -0.70
C MET A 69 19.98 -3.34 -1.41
N ASN A 70 19.66 -3.24 -2.70
CA ASN A 70 20.08 -2.12 -3.53
C ASN A 70 18.91 -1.33 -4.10
N GLY A 71 17.95 -2.00 -4.73
CA GLY A 71 16.89 -1.30 -5.43
C GLY A 71 15.71 -0.90 -4.59
N LEU A 72 15.98 -0.20 -3.49
CA LEU A 72 14.94 0.26 -2.58
C LEU A 72 14.62 1.74 -2.83
N ASP A 73 13.38 2.12 -2.54
CA ASP A 73 12.85 3.38 -3.02
C ASP A 73 13.53 4.57 -2.35
N GLY A 74 13.38 4.68 -1.03
CA GLY A 74 13.87 5.87 -0.35
C GLY A 74 14.94 5.59 0.69
N LEU A 75 15.81 4.63 0.40
CA LEU A 75 16.85 4.24 1.34
C LEU A 75 17.77 5.41 1.64
N MET A 76 17.99 5.69 2.92
CA MET A 76 18.96 6.70 3.33
C MET A 76 20.32 6.08 3.61
N TYR A 77 20.38 5.07 4.47
CA TYR A 77 21.64 4.38 4.71
C TYR A 77 21.38 3.01 5.33
N MET A 78 22.36 2.12 5.19
CA MET A 78 22.24 0.76 5.71
C MET A 78 23.43 0.45 6.59
N SER A 79 23.15 -0.08 7.78
CA SER A 79 24.16 -0.61 8.69
C SER A 79 24.01 -2.12 8.78
N SER A 80 25.06 -2.77 9.29
CA SER A 80 25.06 -4.23 9.31
C SER A 80 26.05 -4.71 10.36
N THR A 81 25.68 -5.81 11.02
CA THR A 81 26.48 -6.34 12.12
C THR A 81 26.44 -7.86 12.11
N SER A 82 27.61 -8.47 12.38
CA SER A 82 27.75 -9.90 12.52
C SER A 82 28.43 -10.17 13.87
N ASP A 83 27.86 -11.10 14.63
CA ASP A 83 28.26 -11.31 16.03
C ASP A 83 28.90 -12.69 16.21
N ALA A 84 29.66 -12.81 17.29
CA ALA A 84 30.29 -14.08 17.64
C ALA A 84 29.32 -15.06 18.30
N ALA A 85 28.11 -14.62 18.60
CA ALA A 85 27.05 -15.51 19.07
C ALA A 85 26.21 -16.05 17.93
N GLY A 86 26.60 -15.77 16.69
CA GLY A 86 25.81 -16.17 15.54
C GLY A 86 24.60 -15.29 15.33
N ASN A 87 24.83 -14.02 15.01
CA ASN A 87 23.75 -13.07 14.79
C ASN A 87 24.10 -12.14 13.64
N ALA A 88 23.16 -11.95 12.72
CA ALA A 88 23.28 -10.98 11.63
C ALA A 88 22.14 -9.98 11.77
N SER A 89 22.48 -8.70 11.70
CA SER A 89 21.58 -7.64 12.15
C SER A 89 21.52 -6.49 11.13
N ILE A 90 21.21 -6.81 9.86
CA ILE A 90 21.14 -5.77 8.85
C ILE A 90 20.03 -4.78 9.22
N THR A 91 20.28 -3.50 8.99
CA THR A 91 19.35 -2.44 9.39
C THR A 91 19.35 -1.34 8.35
N LEU A 92 18.22 -1.13 7.68
CA LEU A 92 18.11 -0.17 6.59
C LEU A 92 17.21 0.98 7.02
N THR A 93 17.75 2.20 6.97
CA THR A 93 17.02 3.41 7.31
C THR A 93 16.64 4.13 6.02
N PHE A 94 15.34 4.36 5.85
CA PHE A 94 14.76 4.95 4.66
C PHE A 94 14.50 6.44 4.89
N GLU A 95 14.12 7.13 3.81
CA GLU A 95 13.85 8.56 3.88
C GLU A 95 12.55 8.83 4.63
N THR A 96 12.47 10.00 5.24
CA THR A 96 11.27 10.40 5.97
C THR A 96 10.11 10.58 5.01
N GLY A 97 8.94 10.07 5.40
CA GLY A 97 7.77 10.07 4.55
C GLY A 97 7.54 8.78 3.79
N THR A 98 8.54 7.90 3.74
CA THR A 98 8.37 6.61 3.08
C THR A 98 7.39 5.75 3.86
N SER A 99 6.58 4.99 3.13
CA SER A 99 5.61 4.10 3.76
C SER A 99 6.33 2.89 4.32
N PRO A 100 6.24 2.61 5.63
CA PRO A 100 6.90 1.42 6.17
C PRO A 100 6.40 0.12 5.56
N ASP A 101 5.12 0.04 5.19
CA ASP A 101 4.61 -1.18 4.58
C ASP A 101 5.28 -1.44 3.23
N ILE A 102 5.40 -0.40 2.40
CA ILE A 102 6.04 -0.56 1.10
C ILE A 102 7.51 -0.90 1.26
N ALA A 103 8.19 -0.23 2.20
CA ALA A 103 9.59 -0.53 2.45
C ALA A 103 9.78 -1.97 2.90
N GLN A 104 8.93 -2.46 3.80
CA GLN A 104 9.02 -3.84 4.25
C GLN A 104 8.74 -4.81 3.10
N VAL A 105 7.78 -4.48 2.25
CA VAL A 105 7.47 -5.34 1.09
C VAL A 105 8.69 -5.43 0.18
N GLN A 106 9.33 -4.30 -0.11
CA GLN A 106 10.51 -4.31 -0.97
C GLN A 106 11.66 -5.07 -0.33
N VAL A 107 11.88 -4.88 0.98
CA VAL A 107 12.97 -5.56 1.65
C VAL A 107 12.75 -7.07 1.65
N GLN A 108 11.52 -7.51 1.92
CA GLN A 108 11.24 -8.94 1.92
C GLN A 108 11.26 -9.51 0.51
N ASN A 109 10.95 -8.70 -0.50
CA ASN A 109 11.08 -9.16 -1.88
C ASN A 109 12.54 -9.39 -2.24
N LYS A 110 13.43 -8.47 -1.85
CA LYS A 110 14.84 -8.62 -2.17
C LYS A 110 15.55 -9.61 -1.25
N LEU A 111 14.95 -9.95 -0.11
CA LEU A 111 15.56 -10.95 0.76
C LEU A 111 15.44 -12.36 0.18
N GLN A 112 14.40 -12.62 -0.60
CA GLN A 112 14.26 -13.94 -1.22
C GLN A 112 15.26 -14.15 -2.33
N LEU A 113 15.87 -13.09 -2.85
CA LEU A 113 16.93 -13.23 -3.84
C LEU A 113 18.23 -13.74 -3.21
N ALA A 114 18.40 -13.54 -1.90
CA ALA A 114 19.58 -14.01 -1.19
C ALA A 114 19.29 -15.21 -0.29
N MET A 115 18.01 -15.52 -0.06
CA MET A 115 17.66 -16.69 0.76
C MET A 115 18.27 -18.00 0.30
N PRO A 116 18.28 -18.34 -1.00
CA PRO A 116 18.94 -19.60 -1.40
C PRO A 116 20.41 -19.67 -1.04
N SER A 117 21.12 -18.54 -1.07
CA SER A 117 22.55 -18.56 -0.79
C SER A 117 22.85 -18.74 0.70
N LEU A 118 21.86 -18.57 1.57
CA LEU A 118 22.07 -18.70 3.00
C LEU A 118 22.26 -20.16 3.39
N PRO A 119 22.94 -20.43 4.52
CA PRO A 119 23.08 -21.81 4.98
C PRO A 119 21.76 -22.43 5.41
N GLU A 120 21.79 -23.71 5.79
CA GLU A 120 20.60 -24.43 6.20
C GLU A 120 20.36 -24.34 7.70
N ALA A 121 21.31 -23.80 8.47
CA ALA A 121 21.09 -23.52 9.88
C ALA A 121 20.57 -22.11 10.12
N VAL A 122 20.75 -21.21 9.16
CA VAL A 122 20.18 -19.88 9.23
C VAL A 122 18.80 -19.81 8.58
N GLN A 123 18.54 -20.62 7.55
CA GLN A 123 17.23 -20.67 6.92
C GLN A 123 16.20 -21.38 7.78
N GLN A 124 16.62 -22.31 8.63
CA GLN A 124 15.70 -22.98 9.54
C GLN A 124 15.23 -22.03 10.63
N GLN A 125 16.14 -21.25 11.21
CA GLN A 125 15.77 -20.36 12.31
C GLN A 125 14.82 -19.26 11.87
N GLY A 126 14.78 -18.94 10.58
CA GLY A 126 13.92 -17.90 10.07
C GLY A 126 14.60 -16.55 10.06
N ILE A 127 14.25 -15.70 9.09
CA ILE A 127 14.79 -14.36 8.96
C ILE A 127 13.68 -13.38 9.28
N SER A 128 13.87 -12.59 10.34
CA SER A 128 12.85 -11.66 10.80
C SER A 128 13.03 -10.31 10.10
N VAL A 129 12.00 -9.87 9.40
CA VAL A 129 11.98 -8.56 8.74
C VAL A 129 10.98 -7.70 9.51
N ASP A 130 11.50 -6.85 10.40
CA ASP A 130 10.68 -6.06 11.30
C ASP A 130 10.68 -4.60 10.85
N LYS A 131 9.49 -4.00 10.76
CA LYS A 131 9.36 -2.59 10.42
C LYS A 131 9.15 -1.72 11.65
N SER A 132 9.30 -2.28 12.84
CA SER A 132 9.08 -1.54 14.07
C SER A 132 10.29 -0.69 14.42
N SER A 133 10.13 0.12 15.46
CA SER A 133 11.19 1.00 15.93
C SER A 133 12.33 0.19 16.53
N SER A 134 13.52 0.80 16.56
CA SER A 134 14.72 0.17 17.08
C SER A 134 15.08 0.62 18.48
N ASN A 135 14.21 1.39 19.14
CA ASN A 135 14.48 1.94 20.45
C ASN A 135 13.44 1.46 21.45
N ILE A 136 13.91 1.08 22.64
CA ILE A 136 13.02 0.56 23.67
C ILE A 136 12.12 1.67 24.18
N LEU A 137 10.81 1.40 24.21
CA LEU A 137 9.83 2.34 24.72
C LEU A 137 9.56 2.14 26.21
N MET A 138 9.42 0.90 26.65
CA MET A 138 9.11 0.60 28.04
C MET A 138 9.63 -0.79 28.37
N VAL A 139 10.19 -0.94 29.56
CA VAL A 139 10.69 -2.22 30.05
C VAL A 139 9.88 -2.60 31.28
N ALA A 140 9.30 -3.80 31.27
CA ALA A 140 8.57 -4.35 32.40
C ALA A 140 9.34 -5.55 32.93
N ALA A 141 9.70 -5.51 34.21
CA ALA A 141 10.41 -6.60 34.85
C ALA A 141 9.48 -7.37 35.78
N PHE A 142 9.84 -8.61 36.05
CA PHE A 142 9.05 -9.47 36.93
C PHE A 142 9.98 -10.10 37.95
N ILE A 143 9.61 -9.99 39.23
CA ILE A 143 10.44 -10.48 40.32
C ILE A 143 9.60 -11.39 41.20
N SER A 144 10.26 -11.98 42.19
CA SER A 144 9.61 -12.86 43.17
C SER A 144 9.70 -12.20 44.54
N ASP A 145 8.58 -12.20 45.26
CA ASP A 145 8.51 -11.54 46.57
C ASP A 145 9.46 -12.15 47.57
N ASN A 146 9.25 -13.43 47.90
CA ASN A 146 10.08 -14.08 48.90
C ASN A 146 11.35 -14.68 48.28
N GLY A 147 11.27 -15.13 47.03
CA GLY A 147 12.43 -15.71 46.38
C GLY A 147 12.23 -17.17 46.01
N SER A 148 10.98 -17.60 45.95
CA SER A 148 10.69 -19.00 45.62
C SER A 148 11.07 -19.32 44.19
N LEU A 149 10.73 -18.44 43.25
CA LEU A 149 11.01 -18.68 41.84
C LEU A 149 12.43 -18.22 41.50
N ASN A 150 13.14 -19.06 40.74
CA ASN A 150 14.45 -18.70 40.23
C ASN A 150 14.30 -17.75 39.06
N GLN A 151 15.43 -17.30 38.51
CA GLN A 151 15.37 -16.45 37.33
C GLN A 151 14.83 -17.21 36.13
N TYR A 152 15.15 -18.50 36.03
CA TYR A 152 14.68 -19.31 34.91
C TYR A 152 13.17 -19.53 34.97
N ASP A 153 12.64 -19.75 36.17
CA ASP A 153 11.20 -19.92 36.32
C ASP A 153 10.44 -18.66 35.91
N ILE A 154 10.92 -17.50 36.36
CA ILE A 154 10.28 -16.23 35.99
C ILE A 154 10.39 -16.01 34.49
N ALA A 155 11.56 -16.27 33.92
CA ALA A 155 11.75 -16.07 32.49
C ALA A 155 10.82 -16.95 31.68
N ASP A 156 10.70 -18.23 32.06
CA ASP A 156 9.80 -19.12 31.34
C ASP A 156 8.35 -18.71 31.49
N TYR A 157 7.94 -18.32 32.70
CA TYR A 157 6.55 -17.92 32.87
C TYR A 157 6.24 -16.70 32.02
N VAL A 158 7.14 -15.73 31.99
CA VAL A 158 6.92 -14.56 31.14
C VAL A 158 6.83 -14.99 29.69
N ALA A 159 7.82 -15.73 29.19
CA ALA A 159 7.85 -16.11 27.78
C ALA A 159 6.64 -16.93 27.38
N SER A 160 6.06 -17.69 28.31
CA SER A 160 4.93 -18.55 27.98
C SER A 160 3.59 -17.85 28.10
N ASN A 161 3.40 -16.98 29.09
CA ASN A 161 2.08 -16.47 29.40
C ASN A 161 1.89 -14.97 29.17
N ILE A 162 2.96 -14.20 29.01
CA ILE A 162 2.87 -12.74 28.94
C ILE A 162 3.37 -12.20 27.62
N LYS A 163 4.47 -12.76 27.09
CA LYS A 163 5.08 -12.19 25.90
C LYS A 163 4.16 -12.27 24.70
N ASP A 164 3.48 -13.40 24.51
CA ASP A 164 2.59 -13.52 23.35
C ASP A 164 1.39 -12.59 23.42
N PRO A 165 0.62 -12.52 24.52
CA PRO A 165 -0.46 -11.52 24.57
C PRO A 165 0.04 -10.08 24.51
N LEU A 166 1.25 -9.80 25.00
CA LEU A 166 1.77 -8.44 24.93
C LEU A 166 2.20 -8.08 23.52
N SER A 167 2.82 -9.03 22.80
CA SER A 167 3.25 -8.76 21.44
C SER A 167 2.09 -8.59 20.48
N ARG A 168 0.88 -8.99 20.88
CA ARG A 168 -0.32 -8.81 20.07
C ARG A 168 -1.13 -7.60 20.50
N THR A 169 -0.68 -6.86 21.50
CA THR A 169 -1.38 -5.65 21.93
C THR A 169 -1.32 -4.59 20.85
N ALA A 170 -2.38 -3.80 20.75
CA ALA A 170 -2.45 -2.76 19.74
C ALA A 170 -1.39 -1.70 19.98
N GLY A 171 -0.55 -1.48 18.97
CA GLY A 171 0.51 -0.50 19.05
C GLY A 171 1.88 -1.09 19.31
N VAL A 172 1.95 -2.32 19.81
CA VAL A 172 3.23 -2.95 20.10
C VAL A 172 3.80 -3.52 18.80
N GLY A 173 4.93 -2.99 18.37
CA GLY A 173 5.55 -3.42 17.13
C GLY A 173 6.52 -4.56 17.32
N SER A 174 7.21 -4.59 18.46
CA SER A 174 8.17 -5.63 18.72
C SER A 174 8.29 -5.86 20.22
N VAL A 175 8.71 -7.07 20.59
CA VAL A 175 8.90 -7.46 21.98
C VAL A 175 10.23 -8.19 22.09
N GLN A 176 11.05 -7.76 23.04
CA GLN A 176 12.33 -8.40 23.32
C GLN A 176 12.29 -8.97 24.73
N LEU A 177 12.83 -10.17 24.90
CA LEU A 177 12.80 -10.85 26.18
C LEU A 177 14.18 -10.84 26.83
N PHE A 178 14.22 -10.57 28.13
CA PHE A 178 15.47 -10.51 28.88
C PHE A 178 15.74 -11.79 29.65
N GLY A 179 14.96 -12.84 29.40
CA GLY A 179 15.20 -14.16 29.94
C GLY A 179 15.24 -15.18 28.82
N SER A 180 14.68 -16.36 29.09
CA SER A 180 14.61 -17.40 28.10
C SER A 180 13.55 -18.43 28.51
N GLU A 181 12.75 -18.85 27.55
CA GLU A 181 11.77 -19.91 27.78
C GLU A 181 12.48 -21.20 28.17
N TYR A 182 11.72 -22.13 28.74
CA TYR A 182 12.30 -23.41 29.09
C TYR A 182 12.63 -24.22 27.85
N ALA A 183 13.43 -25.26 28.07
CA ALA A 183 13.77 -26.24 27.05
C ALA A 183 14.22 -27.50 27.78
N MET A 184 14.22 -28.61 27.04
CA MET A 184 14.71 -29.88 27.57
C MET A 184 16.21 -29.93 27.30
N ARG A 185 17.00 -29.66 28.34
CA ARG A 185 18.45 -29.67 28.20
C ARG A 185 18.97 -31.06 28.54
N ILE A 186 19.64 -31.67 27.57
CA ILE A 186 20.29 -32.97 27.75
C ILE A 186 21.79 -32.72 27.80
N TRP A 187 22.41 -32.98 28.95
CA TRP A 187 23.82 -32.75 29.16
C TRP A 187 24.55 -34.09 29.07
N LEU A 188 25.50 -34.17 28.15
CA LEU A 188 26.17 -35.44 27.85
C LEU A 188 27.45 -35.59 28.67
N ASP A 189 27.82 -36.84 28.92
CA ASP A 189 29.04 -37.18 29.64
C ASP A 189 29.95 -37.98 28.72
N PRO A 190 31.15 -37.48 28.40
CA PRO A 190 32.04 -38.25 27.51
C PRO A 190 32.41 -39.62 28.06
N GLN A 191 32.62 -39.72 29.38
CA GLN A 191 33.00 -41.00 29.97
C GLN A 191 31.87 -42.01 29.87
N LYS A 192 30.64 -41.58 30.16
CA LYS A 192 29.50 -42.50 30.09
C LYS A 192 29.18 -42.86 28.64
N LEU A 193 29.36 -41.91 27.72
CA LEU A 193 29.15 -42.22 26.31
C LEU A 193 30.19 -43.22 25.80
N ASN A 194 31.45 -43.06 26.23
CA ASN A 194 32.50 -44.00 25.82
C ASN A 194 32.33 -45.36 26.48
N LYS A 195 31.74 -45.39 27.69
CA LYS A 195 31.55 -46.66 28.38
C LYS A 195 30.64 -47.60 27.61
N TYR A 196 29.58 -47.06 26.99
CA TYR A 196 28.62 -47.85 26.24
C TYR A 196 28.87 -47.83 24.74
N ASN A 197 30.01 -47.28 24.31
CA ASN A 197 30.37 -47.22 22.89
C ASN A 197 29.31 -46.46 22.09
N LEU A 198 29.00 -45.25 22.54
CA LEU A 198 27.98 -44.42 21.92
C LEU A 198 28.58 -43.09 21.51
N VAL A 199 27.85 -42.38 20.66
CA VAL A 199 28.25 -41.04 20.20
C VAL A 199 27.02 -40.14 20.27
N PRO A 200 27.23 -38.82 20.32
CA PRO A 200 26.07 -37.91 20.36
C PRO A 200 25.12 -38.08 19.20
N SER A 201 25.61 -38.54 18.04
CA SER A 201 24.73 -38.78 16.91
C SER A 201 23.68 -39.85 17.22
N ASP A 202 24.09 -40.91 17.94
CA ASP A 202 23.13 -41.94 18.33
C ASP A 202 22.07 -41.38 19.26
N VAL A 203 22.48 -40.55 20.23
CA VAL A 203 21.54 -39.95 21.15
C VAL A 203 20.54 -39.07 20.40
N ILE A 204 21.04 -38.26 19.46
CA ILE A 204 20.15 -37.39 18.70
C ILE A 204 19.19 -38.20 17.86
N SER A 205 19.67 -39.27 17.21
CA SER A 205 18.80 -40.10 16.39
C SER A 205 17.72 -40.77 17.23
N GLN A 206 18.09 -41.28 18.40
CA GLN A 206 17.10 -41.92 19.27
C GLN A 206 16.08 -40.92 19.78
N ILE A 207 16.51 -39.70 20.11
CA ILE A 207 15.55 -38.68 20.54
C ILE A 207 14.60 -38.32 19.40
N LYS A 208 15.13 -38.21 18.19
CA LYS A 208 14.28 -37.91 17.03
C LYS A 208 13.26 -39.02 16.79
N VAL A 209 13.67 -40.27 16.99
CA VAL A 209 12.76 -41.39 16.74
C VAL A 209 11.71 -41.48 17.84
N GLN A 210 12.12 -41.36 19.10
CA GLN A 210 11.24 -41.69 20.22
C GLN A 210 10.47 -40.50 20.76
N ASN A 211 10.90 -39.27 20.46
CA ASN A 211 10.11 -38.09 20.77
C ASN A 211 9.60 -37.55 19.45
N ASN A 212 8.47 -38.09 19.00
CA ASN A 212 7.95 -37.78 17.67
C ASN A 212 6.47 -38.09 17.63
N GLN A 213 5.72 -37.24 16.94
CA GLN A 213 4.30 -37.48 16.71
C GLN A 213 4.11 -38.40 15.51
N ILE A 214 3.08 -39.23 15.57
CA ILE A 214 2.78 -40.19 14.52
C ILE A 214 1.32 -40.03 14.12
N SER A 215 1.07 -39.90 12.83
CA SER A 215 -0.29 -39.80 12.31
C SER A 215 -0.85 -41.22 12.17
N GLY A 216 -1.53 -41.68 13.21
CA GLY A 216 -2.02 -43.05 13.25
C GLY A 216 -3.09 -43.36 12.22
N GLY A 217 -3.97 -42.41 11.93
CA GLY A 217 -5.05 -42.64 10.98
C GLY A 217 -6.37 -42.93 11.65
N GLN A 218 -7.27 -43.59 10.93
CA GLN A 218 -8.62 -43.88 11.42
C GLN A 218 -8.94 -45.35 11.20
N LEU A 219 -9.85 -45.85 12.03
CA LEU A 219 -10.27 -47.25 11.97
C LEU A 219 -11.47 -47.48 11.06
N GLY A 220 -12.11 -46.41 10.59
CA GLY A 220 -13.22 -46.55 9.67
C GLY A 220 -13.15 -45.50 8.58
N GLY A 221 -11.94 -45.08 8.22
CA GLY A 221 -11.78 -43.98 7.30
C GLY A 221 -12.25 -44.31 5.90
N MET A 222 -12.53 -43.27 5.14
CA MET A 222 -13.03 -43.41 3.79
C MET A 222 -11.90 -43.75 2.82
N PRO A 223 -12.14 -44.64 1.84
CA PRO A 223 -13.38 -45.37 1.57
C PRO A 223 -13.58 -46.50 2.57
N GLN A 224 -14.83 -46.89 2.83
CA GLN A 224 -15.12 -47.91 3.84
C GLN A 224 -16.06 -48.94 3.24
N ALA A 225 -16.32 -49.99 4.02
CA ALA A 225 -17.24 -51.03 3.61
C ALA A 225 -18.67 -50.52 3.64
N ALA A 226 -19.55 -51.25 2.96
CA ALA A 226 -20.95 -50.87 2.89
C ALA A 226 -21.68 -51.04 4.21
N ASP A 227 -21.09 -51.73 5.18
CA ASP A 227 -21.73 -51.99 6.47
C ASP A 227 -20.96 -51.39 7.64
N GLN A 228 -20.10 -50.41 7.40
CA GLN A 228 -19.24 -49.90 8.46
C GLN A 228 -20.03 -49.02 9.42
N GLN A 229 -19.86 -49.29 10.72
CA GLN A 229 -20.52 -48.52 11.77
C GLN A 229 -19.56 -47.92 12.79
N LEU A 230 -18.27 -48.23 12.71
CA LEU A 230 -17.28 -47.77 13.67
C LEU A 230 -16.31 -46.81 12.98
N ASN A 231 -15.98 -45.72 13.67
CA ASN A 231 -15.06 -44.71 13.13
C ASN A 231 -14.35 -44.06 14.31
N ALA A 232 -13.10 -44.45 14.55
CA ALA A 232 -12.33 -43.94 15.67
C ALA A 232 -10.90 -43.67 15.24
N SER A 233 -10.34 -42.57 15.72
CA SER A 233 -8.96 -42.22 15.43
C SER A 233 -8.02 -43.16 16.17
N ILE A 234 -6.82 -43.33 15.61
CA ILE A 234 -5.81 -44.23 16.18
C ILE A 234 -4.68 -43.37 16.73
N ILE A 235 -4.25 -43.68 17.95
CA ILE A 235 -3.13 -43.01 18.60
C ILE A 235 -1.98 -44.00 18.67
N VAL A 236 -0.84 -43.62 18.09
CA VAL A 236 0.35 -44.46 18.07
C VAL A 236 1.45 -43.88 18.96
N GLN A 237 1.68 -42.58 18.87
CA GLN A 237 2.74 -41.96 19.64
C GLN A 237 2.44 -40.47 19.82
N THR A 238 2.96 -39.91 20.90
CA THR A 238 2.83 -38.49 21.18
C THR A 238 4.17 -37.95 21.67
N ARG A 239 4.35 -36.64 21.55
CA ARG A 239 5.57 -36.02 22.02
C ARG A 239 5.68 -36.11 23.54
N LEU A 240 6.90 -36.26 24.02
CA LEU A 240 7.13 -36.39 25.46
C LEU A 240 6.89 -35.05 26.15
N GLN A 241 6.70 -35.11 27.47
CA GLN A 241 6.34 -33.92 28.22
C GLN A 241 7.25 -33.63 29.40
N THR A 242 7.82 -34.67 30.00
CA THR A 242 8.57 -34.47 31.24
C THR A 242 9.99 -34.98 31.10
N PRO A 243 10.93 -34.43 31.87
CA PRO A 243 12.31 -34.95 31.83
C PRO A 243 12.41 -36.42 32.22
N GLU A 244 11.51 -36.91 33.05
CA GLU A 244 11.49 -38.33 33.37
C GLU A 244 11.19 -39.18 32.14
N GLU A 245 10.26 -38.72 31.30
CA GLU A 245 9.96 -39.44 30.06
C GLU A 245 11.14 -39.38 29.10
N PHE A 246 11.85 -38.25 29.06
CA PHE A 246 13.01 -38.13 28.19
C PHE A 246 14.15 -39.03 28.67
N GLY A 247 14.30 -39.18 29.99
CA GLY A 247 15.36 -40.01 30.52
C GLY A 247 15.17 -41.49 30.31
N LYS A 248 13.95 -41.91 29.95
CA LYS A 248 13.66 -43.31 29.70
C LYS A 248 13.79 -43.69 28.22
N ILE A 249 14.28 -42.77 27.40
CA ILE A 249 14.50 -43.06 25.99
C ILE A 249 15.57 -44.15 25.88
N LEU A 250 15.25 -45.21 25.12
CA LEU A 250 16.12 -46.36 25.02
C LEU A 250 17.15 -46.15 23.92
N LEU A 251 18.43 -46.11 24.30
CA LEU A 251 19.47 -45.92 23.29
C LEU A 251 19.85 -47.23 22.64
N LYS A 252 20.05 -48.29 23.43
CA LYS A 252 20.41 -49.59 22.89
C LYS A 252 20.14 -50.66 23.93
N VAL A 253 20.06 -51.90 23.47
CA VAL A 253 19.96 -53.07 24.33
C VAL A 253 21.20 -53.91 24.12
N GLN A 254 21.93 -54.18 25.20
CA GLN A 254 23.22 -54.85 25.09
C GLN A 254 23.04 -56.34 24.83
N GLN A 255 24.18 -57.02 24.65
CA GLN A 255 24.19 -58.44 24.33
C GLN A 255 23.73 -59.32 25.48
N ASP A 256 23.69 -58.80 26.71
CA ASP A 256 23.19 -59.55 27.85
C ASP A 256 21.77 -59.19 28.22
N GLY A 257 21.08 -58.39 27.39
CA GLY A 257 19.70 -58.02 27.65
C GLY A 257 19.50 -56.79 28.52
N SER A 258 20.58 -56.20 29.02
CA SER A 258 20.46 -54.97 29.81
C SER A 258 20.14 -53.79 28.90
N GLN A 259 19.32 -52.88 29.38
CA GLN A 259 18.87 -51.73 28.62
C GLN A 259 19.71 -50.51 28.99
N VAL A 260 20.14 -49.77 27.97
CA VAL A 260 20.84 -48.50 28.17
C VAL A 260 19.85 -47.39 27.86
N LEU A 261 19.66 -46.48 28.82
CA LEU A 261 18.73 -45.38 28.70
C LEU A 261 19.49 -44.07 28.55
N LEU A 262 18.74 -43.02 28.18
CA LEU A 262 19.35 -41.69 28.10
C LEU A 262 19.88 -41.25 29.45
N ARG A 263 19.12 -41.49 30.52
CA ARG A 263 19.55 -41.11 31.86
C ARG A 263 20.84 -41.81 32.27
N ASP A 264 21.20 -42.92 31.62
CA ASP A 264 22.44 -43.60 31.93
C ASP A 264 23.66 -42.91 31.33
N VAL A 265 23.48 -42.06 30.33
CA VAL A 265 24.60 -41.37 29.69
C VAL A 265 24.44 -39.85 29.71
N ALA A 266 23.37 -39.32 30.27
CA ALA A 266 23.10 -37.89 30.21
C ALA A 266 22.45 -37.44 31.50
N ARG A 267 22.22 -36.13 31.58
CA ARG A 267 21.64 -35.48 32.76
C ARG A 267 20.42 -34.66 32.37
N VAL A 268 19.48 -35.31 31.68
CA VAL A 268 18.28 -34.63 31.18
C VAL A 268 17.63 -33.80 32.28
N GLU A 269 17.29 -32.57 31.95
CA GLU A 269 16.67 -31.64 32.89
C GLU A 269 15.92 -30.59 32.10
N LEU A 270 15.24 -29.70 32.82
CA LEU A 270 14.48 -28.60 32.23
C LEU A 270 15.28 -27.32 32.46
N GLY A 271 15.99 -26.86 31.43
CA GLY A 271 16.82 -25.69 31.51
C GLY A 271 16.34 -24.57 30.63
N ALA A 272 17.23 -23.63 30.35
CA ALA A 272 16.90 -22.47 29.54
C ALA A 272 17.33 -22.69 28.09
N GLU A 273 16.55 -22.12 27.17
CA GLU A 273 16.91 -22.17 25.76
C GLU A 273 18.21 -21.41 25.50
N ASP A 274 18.37 -20.24 26.11
CA ASP A 274 19.54 -19.40 25.93
C ASP A 274 20.05 -18.98 27.30
N TYR A 275 21.26 -19.44 27.64
CA TYR A 275 21.88 -19.12 28.92
C TYR A 275 22.76 -17.88 28.84
N SER A 276 22.78 -17.20 27.70
CA SER A 276 23.77 -16.18 27.41
C SER A 276 23.52 -14.85 28.11
N THR A 277 22.36 -14.67 28.75
CA THR A 277 22.00 -13.38 29.33
C THR A 277 21.49 -13.56 30.75
N VAL A 278 21.79 -12.60 31.61
CA VAL A 278 21.38 -12.63 33.01
C VAL A 278 20.78 -11.27 33.37
N ALA A 279 19.53 -11.27 33.82
CA ALA A 279 18.83 -10.04 34.15
C ALA A 279 18.60 -9.96 35.66
N ARG A 280 18.78 -8.77 36.21
CA ARG A 280 18.57 -8.53 37.64
C ARG A 280 17.85 -7.22 37.86
N TYR A 281 16.94 -7.23 38.82
CA TYR A 281 16.35 -6.01 39.39
C TYR A 281 17.30 -5.48 40.45
N ASN A 282 16.80 -4.69 41.39
CA ASN A 282 17.69 -4.04 42.35
C ASN A 282 18.32 -5.08 43.26
N GLY A 283 19.26 -5.85 42.71
CA GLY A 283 19.92 -6.92 43.42
C GLY A 283 19.20 -8.25 43.41
N LYS A 284 18.02 -8.34 42.82
CA LYS A 284 17.22 -9.55 42.83
C LYS A 284 17.09 -10.13 41.44
N PRO A 285 17.06 -11.47 41.32
CA PRO A 285 16.85 -12.09 40.01
C PRO A 285 15.52 -11.70 39.41
N ALA A 286 15.49 -11.48 38.11
CA ALA A 286 14.29 -11.00 37.44
C ALA A 286 14.33 -11.37 35.97
N ALA A 287 13.16 -11.30 35.34
CA ALA A 287 13.02 -11.39 33.90
C ALA A 287 12.27 -10.16 33.40
N GLY A 288 12.69 -9.66 32.24
CA GLY A 288 12.16 -8.41 31.74
C GLY A 288 11.62 -8.57 30.34
N ILE A 289 10.73 -7.65 29.97
CA ILE A 289 10.18 -7.61 28.63
C ILE A 289 10.23 -6.17 28.14
N ALA A 290 10.88 -5.95 27.00
CA ALA A 290 11.07 -4.63 26.42
C ALA A 290 10.14 -4.47 25.23
N ILE A 291 9.30 -3.44 25.29
CA ILE A 291 8.31 -3.16 24.25
C ILE A 291 8.89 -2.12 23.31
N LYS A 292 8.81 -2.39 22.01
CA LYS A 292 9.25 -1.44 20.99
C LYS A 292 8.04 -1.05 20.14
N LEU A 293 7.87 0.26 19.96
CA LEU A 293 6.67 0.80 19.32
C LEU A 293 6.58 0.37 17.86
N ALA A 294 5.35 0.27 17.38
CA ALA A 294 5.10 0.03 15.97
C ALA A 294 5.21 1.33 15.17
N ALA A 295 5.26 1.19 13.86
CA ALA A 295 5.34 2.36 12.99
C ALA A 295 4.03 3.13 13.02
N GLY A 296 4.12 4.42 13.37
CA GLY A 296 2.94 5.26 13.40
C GLY A 296 2.00 5.02 14.55
N ALA A 297 2.50 4.47 15.67
CA ALA A 297 1.68 4.20 16.83
C ALA A 297 1.85 5.32 17.86
N ASN A 298 0.91 5.38 18.81
CA ASN A 298 0.94 6.37 19.86
C ASN A 298 1.63 5.80 21.10
N ALA A 299 2.65 6.49 21.58
CA ALA A 299 3.44 5.97 22.70
C ALA A 299 2.61 5.93 23.99
N LEU A 300 1.77 6.93 24.21
CA LEU A 300 0.99 6.98 25.45
C LEU A 300 -0.10 5.91 25.44
N ASP A 301 -0.84 5.80 24.34
CA ASP A 301 -1.90 4.80 24.26
C ASP A 301 -1.33 3.38 24.31
N THR A 302 -0.20 3.16 23.65
CA THR A 302 0.44 1.85 23.71
C THR A 302 0.84 1.49 25.13
N SER A 303 1.41 2.45 25.86
CA SER A 303 1.79 2.19 27.24
C SER A 303 0.57 1.90 28.11
N ARG A 304 -0.52 2.66 27.91
CA ARG A 304 -1.73 2.40 28.67
C ARG A 304 -2.28 1.00 28.38
N ALA A 305 -2.27 0.60 27.10
CA ALA A 305 -2.75 -0.73 26.73
C ALA A 305 -1.88 -1.82 27.32
N VAL A 306 -0.55 -1.62 27.30
CA VAL A 306 0.37 -2.63 27.84
C VAL A 306 0.16 -2.77 29.34
N LYS A 307 0.03 -1.65 30.05
CA LYS A 307 -0.19 -1.71 31.49
C LYS A 307 -1.53 -2.36 31.82
N GLU A 308 -2.57 -2.05 31.04
CA GLU A 308 -3.87 -2.68 31.27
C GLU A 308 -3.81 -4.18 31.02
N GLU A 309 -3.13 -4.61 29.96
CA GLU A 309 -2.99 -6.03 29.68
C GLU A 309 -2.22 -6.74 30.78
N LEU A 310 -1.15 -6.12 31.27
CA LEU A 310 -0.39 -6.72 32.37
C LEU A 310 -1.23 -6.81 33.64
N ASN A 311 -2.03 -5.78 33.92
CA ASN A 311 -2.92 -5.82 35.07
C ASN A 311 -3.94 -6.94 34.94
N ARG A 312 -4.49 -7.13 33.74
CA ARG A 312 -5.44 -8.21 33.53
C ARG A 312 -4.78 -9.58 33.71
N LEU A 313 -3.57 -9.74 33.16
CA LEU A 313 -2.85 -11.00 33.28
C LEU A 313 -2.36 -11.27 34.71
N SER A 314 -2.29 -10.23 35.55
CA SER A 314 -1.79 -10.41 36.91
C SER A 314 -2.65 -11.35 37.74
N ALA A 315 -3.90 -11.59 37.33
CA ALA A 315 -4.77 -12.45 38.12
C ALA A 315 -4.32 -13.90 38.12
N TYR A 316 -3.60 -14.35 37.09
CA TYR A 316 -3.20 -15.74 36.94
C TYR A 316 -1.73 -15.96 37.26
N PHE A 317 -1.10 -14.99 37.92
CA PHE A 317 0.32 -15.09 38.21
C PHE A 317 0.59 -16.17 39.26
N PRO A 318 1.83 -16.67 39.32
CA PRO A 318 2.19 -17.61 40.39
C PRO A 318 2.16 -16.96 41.76
N ALA A 319 2.55 -17.73 42.79
CA ALA A 319 2.32 -17.31 44.17
C ALA A 319 2.98 -15.99 44.51
N SER A 320 4.23 -15.80 44.10
CA SER A 320 5.00 -14.65 44.53
C SER A 320 5.48 -13.76 43.39
N LEU A 321 4.97 -13.94 42.17
CA LEU A 321 5.40 -13.12 41.06
C LEU A 321 4.79 -11.72 41.15
N LYS A 322 5.63 -10.70 40.96
CA LYS A 322 5.20 -9.31 40.95
C LYS A 322 5.80 -8.61 39.74
N THR A 323 5.09 -7.61 39.23
CA THR A 323 5.52 -6.85 38.08
C THR A 323 5.95 -5.45 38.49
N VAL A 324 7.05 -4.98 37.92
CA VAL A 324 7.61 -3.67 38.19
C VAL A 324 8.00 -3.04 36.86
N TYR A 325 8.20 -1.73 36.88
CA TYR A 325 8.51 -0.96 35.67
C TYR A 325 9.80 -0.19 35.89
N PRO A 326 10.94 -0.80 35.58
CA PRO A 326 12.23 -0.13 35.81
C PRO A 326 12.66 0.79 34.69
N TYR A 327 11.84 1.00 33.66
CA TYR A 327 12.21 1.89 32.56
C TYR A 327 10.93 2.29 31.84
N ASP A 328 10.58 3.58 31.94
CA ASP A 328 9.38 4.08 31.29
C ASP A 328 9.65 5.50 30.81
N THR A 329 9.24 5.81 29.58
CA THR A 329 9.48 7.12 28.98
C THR A 329 8.20 7.92 28.76
N THR A 330 7.03 7.37 29.07
CA THR A 330 5.76 8.07 28.90
C THR A 330 5.45 9.09 30.00
N PRO A 331 5.83 8.85 31.27
CA PRO A 331 5.60 9.91 32.27
C PRO A 331 6.25 11.22 31.91
N PHE A 332 7.40 11.19 31.22
CA PHE A 332 7.99 12.42 30.70
C PHE A 332 7.05 13.11 29.73
N ILE A 333 6.41 12.34 28.84
CA ILE A 333 5.46 12.93 27.90
C ILE A 333 4.31 13.59 28.64
N GLU A 334 3.74 12.90 29.63
CA GLU A 334 2.63 13.45 30.38
C GLU A 334 3.02 14.75 31.09
N ILE A 335 4.14 14.72 31.82
CA ILE A 335 4.53 15.90 32.60
C ILE A 335 4.92 17.05 31.69
N SER A 336 5.56 16.76 30.56
CA SER A 336 5.92 17.82 29.63
C SER A 336 4.68 18.49 29.04
N ILE A 337 3.69 17.69 28.65
CA ILE A 337 2.45 18.28 28.12
C ILE A 337 1.76 19.11 29.18
N GLN A 338 1.73 18.63 30.42
CA GLN A 338 1.13 19.40 31.50
C GLN A 338 1.86 20.72 31.72
N GLU A 339 3.20 20.69 31.68
CA GLU A 339 3.98 21.91 31.86
C GLU A 339 3.72 22.91 30.74
N VAL A 340 3.62 22.44 29.50
CA VAL A 340 3.36 23.37 28.41
C VAL A 340 1.96 23.97 28.51
N PHE A 341 0.99 23.18 28.96
CA PHE A 341 -0.35 23.74 29.17
C PHE A 341 -0.34 24.79 30.28
N LYS A 342 0.41 24.54 31.35
CA LYS A 342 0.54 25.54 32.40
C LYS A 342 1.16 26.82 31.84
N THR A 343 2.19 26.70 31.01
CA THR A 343 2.80 27.86 30.38
C THR A 343 1.79 28.62 29.52
N LEU A 344 0.96 27.89 28.78
CA LEU A 344 -0.07 28.54 27.96
C LEU A 344 -1.04 29.34 28.83
N VAL A 345 -1.48 28.76 29.94
CA VAL A 345 -2.40 29.47 30.84
C VAL A 345 -1.74 30.72 31.39
N GLU A 346 -0.47 30.61 31.80
CA GLU A 346 0.24 31.77 32.33
C GLU A 346 0.37 32.86 31.27
N ALA A 347 0.63 32.46 30.02
CA ALA A 347 0.72 33.44 28.94
C ALA A 347 -0.60 34.17 28.74
N ILE A 348 -1.72 33.43 28.79
CA ILE A 348 -3.03 34.06 28.65
C ILE A 348 -3.25 35.07 29.76
N ILE A 349 -2.93 34.69 31.00
CA ILE A 349 -3.13 35.60 32.13
C ILE A 349 -2.27 36.84 31.97
N LEU A 350 -1.01 36.67 31.55
CA LEU A 350 -0.10 37.81 31.43
C LEU A 350 -0.55 38.77 30.33
N VAL A 351 -0.99 38.24 29.17
CA VAL A 351 -1.44 39.14 28.11
C VAL A 351 -2.72 39.85 28.52
N PHE A 352 -3.60 39.17 29.26
CA PHE A 352 -4.78 39.86 29.78
C PHE A 352 -4.39 40.99 30.73
N LEU A 353 -3.41 40.74 31.59
CA LEU A 353 -2.98 41.79 32.52
C LEU A 353 -2.40 42.99 31.77
N VAL A 354 -1.61 42.73 30.73
CA VAL A 354 -1.06 43.82 29.93
C VAL A 354 -2.17 44.62 29.27
N MET A 355 -3.15 43.91 28.69
CA MET A 355 -4.26 44.60 28.04
C MET A 355 -5.04 45.45 29.03
N TYR A 356 -5.29 44.94 30.24
CA TYR A 356 -6.01 45.73 31.23
C TYR A 356 -5.18 46.93 31.69
N LEU A 357 -3.87 46.75 31.82
CA LEU A 357 -3.01 47.86 32.22
C LEU A 357 -3.05 48.99 31.20
N PHE A 358 -3.04 48.64 29.91
CA PHE A 358 -3.02 49.69 28.90
C PHE A 358 -4.41 50.31 28.69
N LEU A 359 -5.44 49.47 28.53
CA LEU A 359 -6.78 49.98 28.24
C LEU A 359 -7.44 50.60 29.46
N GLN A 360 -7.13 50.10 30.66
CA GLN A 360 -7.52 50.69 31.94
C GLN A 360 -9.01 50.62 32.22
N ASN A 361 -9.74 49.75 31.53
CA ASN A 361 -11.14 49.52 31.88
C ASN A 361 -11.54 48.13 31.41
N PHE A 362 -12.50 47.54 32.13
CA PHE A 362 -12.81 46.13 31.95
C PHE A 362 -13.62 45.86 30.69
N ARG A 363 -14.53 46.79 30.33
CA ARG A 363 -15.38 46.56 29.15
C ARG A 363 -14.56 46.54 27.86
N ALA A 364 -13.55 47.40 27.74
CA ALA A 364 -12.68 47.39 26.58
C ALA A 364 -11.60 46.32 26.67
N THR A 365 -11.38 45.73 27.84
CA THR A 365 -10.41 44.65 27.99
C THR A 365 -11.02 43.29 27.71
N ILE A 366 -12.32 43.12 27.94
CA ILE A 366 -12.94 41.82 27.72
C ILE A 366 -13.09 41.53 26.23
N ILE A 367 -13.13 42.56 25.38
CA ILE A 367 -13.28 42.33 23.95
C ILE A 367 -12.09 41.59 23.35
N PRO A 368 -10.83 41.98 23.58
CA PRO A 368 -9.73 41.24 22.96
C PRO A 368 -9.46 39.90 23.64
N THR A 369 -9.78 39.75 24.92
CA THR A 369 -9.52 38.49 25.60
C THR A 369 -10.57 37.43 25.32
N ILE A 370 -11.73 37.82 24.79
CA ILE A 370 -12.71 36.84 24.35
C ILE A 370 -12.21 36.12 23.10
N ALA A 371 -11.43 36.81 22.27
CA ALA A 371 -10.93 36.20 21.05
C ALA A 371 -9.94 35.08 21.31
N VAL A 372 -9.26 35.10 22.46
CA VAL A 372 -8.23 34.09 22.73
C VAL A 372 -8.81 32.68 22.78
N PRO A 373 -9.83 32.37 23.59
CA PRO A 373 -10.38 31.01 23.56
C PRO A 373 -10.91 30.61 22.20
N VAL A 374 -11.55 31.55 21.49
CA VAL A 374 -12.14 31.23 20.19
C VAL A 374 -11.06 30.78 19.22
N VAL A 375 -9.98 31.56 19.09
CA VAL A 375 -8.94 31.22 18.13
C VAL A 375 -8.17 29.99 18.58
N ILE A 376 -7.95 29.82 19.89
CA ILE A 376 -7.23 28.64 20.37
C ILE A 376 -8.02 27.37 20.04
N LEU A 377 -9.33 27.38 20.31
CA LEU A 377 -10.13 26.20 20.03
C LEU A 377 -10.30 25.98 18.53
N GLY A 378 -10.39 27.05 17.74
CA GLY A 378 -10.42 26.90 16.30
C GLY A 378 -9.14 26.29 15.77
N THR A 379 -7.99 26.68 16.33
CA THR A 379 -6.72 26.07 15.93
C THR A 379 -6.68 24.60 16.30
N PHE A 380 -7.23 24.24 17.47
CA PHE A 380 -7.32 22.83 17.83
C PHE A 380 -8.17 22.06 16.83
N ALA A 381 -9.31 22.64 16.43
CA ALA A 381 -10.18 21.99 15.46
C ALA A 381 -9.49 21.82 14.12
N ILE A 382 -8.74 22.83 13.69
CA ILE A 382 -8.00 22.73 12.43
C ILE A 382 -6.90 21.66 12.54
N LEU A 383 -6.23 21.59 13.68
CA LEU A 383 -5.22 20.55 13.89
C LEU A 383 -5.83 19.17 13.78
N SER A 384 -7.01 18.98 14.37
CA SER A 384 -7.67 17.68 14.24
C SER A 384 -8.09 17.41 12.80
N ALA A 385 -8.65 18.41 12.12
CA ALA A 385 -9.16 18.21 10.76
C ALA A 385 -8.03 17.87 9.79
N VAL A 386 -6.89 18.55 9.90
CA VAL A 386 -5.76 18.25 9.02
C VAL A 386 -5.18 16.87 9.32
N GLY A 387 -5.30 16.40 10.55
CA GLY A 387 -4.74 15.12 10.93
C GLY A 387 -3.43 15.26 11.67
N PHE A 388 -3.40 16.17 12.65
CA PHE A 388 -2.23 16.42 13.48
C PHE A 388 -2.49 15.87 14.89
N THR A 389 -1.52 16.08 15.77
CA THR A 389 -1.59 15.62 17.14
C THR A 389 -1.27 16.77 18.08
N ILE A 390 -1.53 16.56 19.36
CA ILE A 390 -1.20 17.57 20.39
C ILE A 390 0.22 17.27 20.84
N ASN A 391 1.18 17.76 20.06
CA ASN A 391 2.59 17.61 20.39
C ASN A 391 3.02 18.68 21.37
N THR A 392 4.31 18.67 21.70
CA THR A 392 4.89 19.84 22.35
C THR A 392 5.11 20.96 21.35
N LEU A 393 5.26 20.63 20.07
CA LEU A 393 5.53 21.65 19.05
C LEU A 393 4.28 22.46 18.73
N THR A 394 3.14 21.80 18.55
CA THR A 394 1.90 22.55 18.32
C THR A 394 1.51 23.36 19.53
N MET A 395 1.76 22.83 20.73
CA MET A 395 1.51 23.59 21.95
C MET A 395 2.44 24.80 22.03
N PHE A 396 3.70 24.64 21.62
CA PHE A 396 4.61 25.77 21.55
C PHE A 396 4.11 26.81 20.55
N GLY A 397 3.61 26.36 19.42
CA GLY A 397 3.04 27.28 18.44
C GLY A 397 1.85 28.06 19.00
N MET A 398 0.99 27.37 19.76
CA MET A 398 -0.13 28.06 20.39
C MET A 398 0.35 29.06 21.44
N VAL A 399 1.36 28.70 22.23
CA VAL A 399 1.88 29.63 23.22
C VAL A 399 2.47 30.85 22.55
N LEU A 400 3.22 30.65 21.46
CA LEU A 400 3.78 31.76 20.70
C LEU A 400 2.67 32.63 20.11
N ALA A 401 1.62 32.01 19.59
CA ALA A 401 0.55 32.73 18.92
C ALA A 401 -0.43 33.36 19.90
N ILE A 402 -0.34 33.06 21.19
CA ILE A 402 -1.20 33.74 22.16
C ILE A 402 -0.98 35.24 22.11
N GLY A 403 0.28 35.67 22.01
CA GLY A 403 0.56 37.09 21.93
C GLY A 403 0.18 37.70 20.60
N LEU A 404 -0.02 36.86 19.57
CA LEU A 404 -0.38 37.36 18.24
C LEU A 404 -1.88 37.33 17.98
N LEU A 405 -2.65 36.55 18.74
CA LEU A 405 -4.10 36.56 18.58
C LEU A 405 -4.65 37.95 18.85
N VAL A 406 -4.15 38.60 19.89
CA VAL A 406 -4.75 39.84 20.38
C VAL A 406 -4.31 41.06 19.60
N ASP A 407 -3.43 40.92 18.61
CA ASP A 407 -2.91 42.10 17.90
C ASP A 407 -4.03 42.86 17.21
N ASP A 408 -4.80 42.17 16.36
CA ASP A 408 -5.83 42.84 15.59
C ASP A 408 -6.97 43.32 16.49
N ALA A 409 -7.35 42.52 17.49
CA ALA A 409 -8.39 42.94 18.42
C ALA A 409 -7.96 44.18 19.21
N ILE A 410 -6.70 44.22 19.64
CA ILE A 410 -6.18 45.38 20.36
C ILE A 410 -6.19 46.60 19.46
N VAL A 411 -5.79 46.44 18.20
CA VAL A 411 -5.81 47.57 17.27
C VAL A 411 -7.23 48.10 17.12
N VAL A 412 -8.19 47.20 16.92
CA VAL A 412 -9.58 47.62 16.73
C VAL A 412 -10.11 48.33 17.96
N VAL A 413 -9.90 47.73 19.14
CA VAL A 413 -10.43 48.29 20.38
C VAL A 413 -9.79 49.64 20.67
N GLU A 414 -8.47 49.76 20.48
CA GLU A 414 -7.78 51.01 20.73
C GLU A 414 -8.27 52.10 19.78
N ASN A 415 -8.44 51.78 18.50
CA ASN A 415 -8.91 52.79 17.56
C ASN A 415 -10.34 53.24 17.89
N VAL A 416 -11.21 52.28 18.23
CA VAL A 416 -12.58 52.65 18.59
C VAL A 416 -12.60 53.51 19.85
N GLU A 417 -11.79 53.15 20.85
CA GLU A 417 -11.74 53.93 22.08
C GLU A 417 -11.21 55.33 21.83
N ARG A 418 -10.18 55.45 20.99
CA ARG A 418 -9.65 56.77 20.67
C ARG A 418 -10.68 57.61 19.92
N VAL A 419 -11.43 57.00 18.99
CA VAL A 419 -12.47 57.73 18.27
C VAL A 419 -13.55 58.20 19.24
N ILE A 420 -13.93 57.34 20.19
CA ILE A 420 -14.93 57.73 21.18
C ILE A 420 -14.42 58.89 22.03
N ALA A 421 -13.17 58.80 22.48
CA ALA A 421 -12.63 59.84 23.36
C ALA A 421 -12.47 61.17 22.64
N GLU A 422 -12.01 61.15 21.40
CA GLU A 422 -11.68 62.40 20.71
C GLU A 422 -12.92 63.06 20.12
N ASP A 423 -13.60 62.39 19.19
CA ASP A 423 -14.69 63.03 18.47
C ASP A 423 -16.03 62.84 19.18
N LYS A 424 -16.08 61.98 20.19
CA LYS A 424 -17.26 61.80 21.03
C LYS A 424 -18.50 61.37 20.26
N LEU A 425 -18.42 60.26 19.53
CA LEU A 425 -19.60 59.68 18.92
C LEU A 425 -20.15 58.55 19.79
N PRO A 426 -21.38 58.13 19.56
CA PRO A 426 -21.86 56.90 20.17
C PRO A 426 -21.04 55.73 19.68
N PRO A 427 -20.95 54.66 20.48
CA PRO A 427 -20.03 53.56 20.14
C PRO A 427 -20.27 52.94 18.77
N LYS A 428 -21.52 52.85 18.31
CA LYS A 428 -21.78 52.23 17.02
C LYS A 428 -21.20 53.04 15.87
N GLU A 429 -21.48 54.35 15.83
CA GLU A 429 -20.91 55.19 14.79
C GLU A 429 -19.40 55.30 14.94
N ALA A 430 -18.90 55.27 16.18
CA ALA A 430 -17.46 55.28 16.38
C ALA A 430 -16.80 54.05 15.76
N THR A 431 -17.40 52.87 15.97
CA THR A 431 -16.88 51.66 15.34
C THR A 431 -16.99 51.73 13.82
N HIS A 432 -18.11 52.26 13.32
CA HIS A 432 -18.28 52.37 11.88
C HIS A 432 -17.22 53.26 11.26
N LYS A 433 -16.89 54.37 11.92
CA LYS A 433 -15.85 55.26 11.41
C LYS A 433 -14.46 54.67 11.57
N SER A 434 -14.23 53.93 12.66
CA SER A 434 -12.92 53.39 12.94
C SER A 434 -12.57 52.19 12.07
N MET A 435 -13.57 51.43 11.62
CA MET A 435 -13.30 50.23 10.83
C MET A 435 -12.69 50.54 9.47
N GLY A 436 -12.70 51.80 9.03
CA GLY A 436 -12.10 52.17 7.77
C GLY A 436 -10.68 52.66 7.90
N GLN A 437 -10.31 53.14 9.08
CA GLN A 437 -8.98 53.69 9.30
C GLN A 437 -7.94 52.63 9.61
N ILE A 438 -8.35 51.40 9.94
CA ILE A 438 -7.40 50.37 10.35
C ILE A 438 -7.64 49.09 9.54
N GLN A 439 -8.42 49.19 8.47
CA GLN A 439 -8.70 48.00 7.67
C GLN A 439 -7.43 47.45 7.03
N ARG A 440 -6.55 48.33 6.55
CA ARG A 440 -5.31 47.87 5.93
C ARG A 440 -4.38 47.21 6.93
N ALA A 441 -4.31 47.76 8.16
CA ALA A 441 -3.37 47.25 9.14
C ALA A 441 -3.67 45.81 9.55
N LEU A 442 -4.95 45.49 9.75
CA LEU A 442 -5.32 44.14 10.16
C LEU A 442 -4.91 43.12 9.10
N VAL A 443 -5.24 43.40 7.84
CA VAL A 443 -4.90 42.48 6.76
C VAL A 443 -3.40 42.40 6.60
N GLY A 444 -2.68 43.51 6.79
CA GLY A 444 -1.23 43.47 6.69
C GLY A 444 -0.61 42.58 7.74
N ILE A 445 -1.05 42.73 8.98
CA ILE A 445 -0.53 41.89 10.07
C ILE A 445 -0.82 40.43 9.79
N ALA A 446 -2.07 40.13 9.42
CA ALA A 446 -2.45 38.74 9.19
C ALA A 446 -1.68 38.12 8.03
N VAL A 447 -1.49 38.86 6.93
CA VAL A 447 -0.80 38.31 5.78
C VAL A 447 0.68 38.13 6.06
N VAL A 448 1.32 39.10 6.73
CA VAL A 448 2.76 39.02 6.94
C VAL A 448 3.11 37.98 7.98
N LEU A 449 2.34 37.90 9.07
CA LEU A 449 2.64 36.88 10.08
C LEU A 449 2.21 35.48 9.67
N SER A 450 1.84 35.29 8.40
CA SER A 450 1.56 33.97 7.85
C SER A 450 2.41 33.63 6.63
N ALA A 451 2.77 34.63 5.82
CA ALA A 451 3.64 34.39 4.68
C ALA A 451 5.05 34.01 5.09
N VAL A 452 5.46 34.35 6.32
CA VAL A 452 6.77 33.92 6.80
C VAL A 452 6.77 32.42 7.12
N PHE A 453 5.70 31.93 7.75
CA PHE A 453 5.61 30.55 8.15
C PHE A 453 5.09 29.63 7.04
N MET A 454 4.57 30.20 5.94
CA MET A 454 4.08 29.35 4.87
C MET A 454 5.19 28.52 4.21
N PRO A 455 6.33 29.10 3.81
CA PRO A 455 7.36 28.29 3.14
C PRO A 455 7.97 27.19 4.01
N MET A 456 8.05 27.40 5.33
CA MET A 456 8.69 26.40 6.19
C MET A 456 7.94 25.08 6.21
N ALA A 457 6.67 25.06 5.80
CA ALA A 457 5.89 23.84 5.83
C ALA A 457 6.26 22.89 4.70
N PHE A 458 6.96 23.36 3.68
CA PHE A 458 7.28 22.56 2.51
C PHE A 458 8.66 21.92 2.58
N MET A 459 9.33 22.01 3.73
CA MET A 459 10.64 21.40 3.87
C MET A 459 10.52 19.88 3.94
N SER A 460 11.65 19.21 3.76
CA SER A 460 11.72 17.76 3.76
C SER A 460 12.59 17.27 4.90
N GLY A 461 12.27 16.09 5.42
CA GLY A 461 13.01 15.49 6.50
C GLY A 461 12.34 15.65 7.85
N ALA A 462 13.10 15.35 8.90
CA ALA A 462 12.60 15.51 10.25
C ALA A 462 12.30 16.97 10.56
N THR A 463 13.21 17.87 10.16
CA THR A 463 12.97 19.30 10.34
C THR A 463 11.77 19.76 9.55
N GLY A 464 11.43 19.07 8.45
CA GLY A 464 10.21 19.40 7.74
C GLY A 464 8.97 19.22 8.59
N GLU A 465 8.87 18.09 9.29
CA GLU A 465 7.75 17.87 10.19
C GLU A 465 7.80 18.82 11.38
N ILE A 466 9.00 19.06 11.93
CA ILE A 466 9.13 19.98 13.06
C ILE A 466 8.64 21.37 12.67
N TYR A 467 8.94 21.80 11.45
CA TYR A 467 8.51 23.10 10.97
C TYR A 467 7.02 23.12 10.64
N ARG A 468 6.50 22.01 10.12
CA ARG A 468 5.07 21.94 9.81
C ARG A 468 4.23 22.08 11.08
N GLN A 469 4.68 21.47 12.17
CA GLN A 469 3.92 21.55 13.42
C GLN A 469 3.74 23.00 13.88
N PHE A 470 4.80 23.82 13.74
CA PHE A 470 4.67 25.22 14.08
C PHE A 470 3.88 25.99 13.02
N SER A 471 4.13 25.68 11.74
CA SER A 471 3.56 26.47 10.66
C SER A 471 2.05 26.36 10.61
N ILE A 472 1.52 25.15 10.74
CA ILE A 472 0.06 24.97 10.65
C ILE A 472 -0.63 25.70 11.79
N THR A 473 -0.14 25.50 13.01
CA THR A 473 -0.78 26.08 14.18
C THR A 473 -0.57 27.58 14.28
N LEU A 474 0.41 28.14 13.55
CA LEU A 474 0.55 29.59 13.54
C LEU A 474 -0.25 30.23 12.40
N ILE A 475 -0.26 29.63 11.22
CA ILE A 475 -1.02 30.17 10.10
C ILE A 475 -2.52 30.12 10.40
N SER A 476 -3.01 28.97 10.89
CA SER A 476 -4.42 28.88 11.22
C SER A 476 -4.78 29.85 12.33
N SER A 477 -3.89 30.00 13.32
CA SER A 477 -4.14 30.94 14.41
C SER A 477 -4.26 32.37 13.89
N MET A 478 -3.35 32.79 12.99
CA MET A 478 -3.40 34.15 12.48
C MET A 478 -4.64 34.38 11.62
N LEU A 479 -4.99 33.42 10.76
CA LEU A 479 -6.18 33.58 9.94
C LEU A 479 -7.44 33.65 10.78
N LEU A 480 -7.58 32.78 11.78
CA LEU A 480 -8.74 32.85 12.65
C LEU A 480 -8.73 34.14 13.47
N SER A 481 -7.56 34.64 13.84
CA SER A 481 -7.49 35.89 14.59
C SER A 481 -7.99 37.06 13.76
N VAL A 482 -7.58 37.13 12.49
CA VAL A 482 -8.06 38.23 11.65
C VAL A 482 -9.55 38.07 11.36
N PHE A 483 -10.02 36.83 11.17
CA PHE A 483 -11.44 36.63 10.96
C PHE A 483 -12.25 37.06 12.18
N VAL A 484 -11.77 36.72 13.38
CA VAL A 484 -12.47 37.13 14.60
C VAL A 484 -12.45 38.64 14.74
N ALA A 485 -11.29 39.27 14.51
CA ALA A 485 -11.19 40.71 14.62
C ALA A 485 -12.02 41.45 13.58
N MET A 486 -12.37 40.79 12.48
CA MET A 486 -13.24 41.42 11.49
C MET A 486 -14.71 41.05 11.64
N SER A 487 -15.04 40.03 12.41
CA SER A 487 -16.44 39.63 12.60
C SER A 487 -16.96 39.92 14.00
N LEU A 488 -16.32 39.37 15.03
CA LEU A 488 -16.84 39.46 16.39
C LEU A 488 -16.41 40.73 17.10
N THR A 489 -15.15 41.14 16.94
CA THR A 489 -14.66 42.31 17.64
C THR A 489 -15.42 43.59 17.27
N PRO A 490 -15.66 43.91 15.99
CA PRO A 490 -16.52 45.07 15.71
C PRO A 490 -17.93 44.91 16.24
N ALA A 491 -18.48 43.70 16.20
CA ALA A 491 -19.83 43.47 16.71
C ALA A 491 -19.89 43.70 18.22
N LEU A 492 -18.85 43.28 18.94
CA LEU A 492 -18.81 43.47 20.38
C LEU A 492 -18.50 44.91 20.75
N CYS A 493 -17.70 45.60 19.94
CA CYS A 493 -17.30 46.97 20.26
C CYS A 493 -18.47 47.95 20.22
N ALA A 494 -19.55 47.61 19.52
CA ALA A 494 -20.72 48.48 19.41
C ALA A 494 -21.77 48.23 20.48
N THR A 495 -21.56 47.25 21.35
CA THR A 495 -22.52 46.92 22.39
C THR A 495 -21.99 47.08 23.80
N ILE A 496 -20.76 46.65 24.07
CA ILE A 496 -20.20 46.70 25.42
C ILE A 496 -19.58 48.05 25.72
N LEU A 497 -18.93 48.67 24.74
CA LEU A 497 -18.26 49.94 24.97
C LEU A 497 -19.26 51.03 25.29
N LYS A 498 -18.90 51.90 26.23
CA LYS A 498 -19.75 52.99 26.68
C LYS A 498 -19.09 54.32 26.36
N ALA A 499 -19.89 55.27 25.89
CA ALA A 499 -19.38 56.60 25.56
C ALA A 499 -19.01 57.36 26.84
N ALA A 500 -18.06 58.28 26.69
CA ALA A 500 -17.60 59.08 27.82
C ALA A 500 -18.34 60.42 27.87
N PHE A 511 -3.30 54.63 38.20
CA PHE A 511 -3.08 54.56 36.77
C PHE A 511 -2.56 55.89 36.21
N ALA A 512 -2.80 56.98 36.94
CA ALA A 512 -2.45 58.31 36.45
C ALA A 512 -0.95 58.45 36.24
N ARG A 513 -0.15 57.88 37.14
CA ARG A 513 1.30 57.97 37.01
C ARG A 513 1.77 57.31 35.71
N PHE A 514 1.20 56.14 35.38
CA PHE A 514 1.60 55.43 34.18
C PHE A 514 1.25 56.23 32.92
N ASN A 515 0.05 56.83 32.88
CA ASN A 515 -0.32 57.62 31.71
C ASN A 515 0.52 58.89 31.60
N THR A 516 0.86 59.51 32.74
CA THR A 516 1.74 60.68 32.68
C THR A 516 3.11 60.29 32.13
N LEU A 517 3.65 59.16 32.58
CA LEU A 517 4.91 58.68 32.04
C LEU A 517 4.79 58.38 30.55
N PHE A 518 3.66 57.81 30.13
CA PHE A 518 3.45 57.50 28.71
C PHE A 518 3.41 58.77 27.87
N GLU A 519 2.73 59.82 28.35
CA GLU A 519 2.70 61.07 27.60
C GLU A 519 4.09 61.71 27.53
N LYS A 520 4.84 61.66 28.62
CA LYS A 520 6.22 62.17 28.57
C LYS A 520 7.04 61.38 27.56
N SER A 521 6.90 60.05 27.57
CA SER A 521 7.67 59.21 26.66
C SER A 521 7.30 59.47 25.21
N THR A 522 6.02 59.65 24.92
CA THR A 522 5.62 59.89 23.53
C THR A 522 6.03 61.28 23.07
N GLN A 523 6.03 62.28 23.97
CA GLN A 523 6.54 63.59 23.60
C GLN A 523 8.03 63.54 23.29
N HIS A 524 8.80 62.84 24.12
CA HIS A 524 10.23 62.69 23.86
C HIS A 524 10.46 61.91 22.57
N TYR A 525 9.63 60.90 22.32
CA TYR A 525 9.73 60.14 21.07
C TYR A 525 9.49 61.02 19.86
N THR A 526 8.46 61.87 19.92
CA THR A 526 8.19 62.76 18.80
C THR A 526 9.34 63.74 18.57
N ASP A 527 9.88 64.31 19.66
CA ASP A 527 11.00 65.24 19.52
C ASP A 527 12.22 64.54 18.93
N SER A 528 12.55 63.34 19.42
CA SER A 528 13.70 62.62 18.90
C SER A 528 13.48 62.22 17.44
N THR A 529 12.27 61.83 17.08
CA THR A 529 11.96 61.48 15.70
C THR A 529 12.12 62.69 14.78
N ARG A 530 11.69 63.86 15.25
CA ARG A 530 11.94 65.09 14.49
C ARG A 530 13.43 65.33 14.33
N SER A 531 14.21 65.08 15.39
CA SER A 531 15.64 65.30 15.33
C SER A 531 16.32 64.35 14.32
N LEU A 532 15.90 63.09 14.29
CA LEU A 532 16.62 62.08 13.50
C LEU A 532 16.62 62.43 12.01
N LEU A 533 15.46 62.84 11.48
CA LEU A 533 15.33 63.00 10.03
C LEU A 533 16.17 64.15 9.49
N ARG A 534 16.66 65.03 10.36
CA ARG A 534 17.54 66.11 9.91
C ARG A 534 18.90 65.58 9.46
N CYS A 535 19.41 64.54 10.12
CA CYS A 535 20.68 63.90 9.75
C CYS A 535 20.43 62.40 9.63
N THR A 536 20.45 61.89 8.39
CA THR A 536 20.13 60.49 8.14
C THR A 536 21.32 59.65 7.72
N GLY A 537 22.40 60.28 7.23
CA GLY A 537 23.57 59.51 6.83
C GLY A 537 24.24 58.83 8.01
N ARG A 538 24.31 59.51 9.15
CA ARG A 538 24.90 58.91 10.34
C ARG A 538 24.10 57.69 10.79
N TYR A 539 22.77 57.76 10.70
CA TYR A 539 21.96 56.63 11.11
C TYR A 539 22.00 55.51 10.08
N MET A 540 22.21 55.83 8.80
CA MET A 540 22.51 54.77 7.83
C MET A 540 23.82 54.07 8.16
N VAL A 541 24.83 54.83 8.57
CA VAL A 541 26.11 54.23 8.97
C VAL A 541 25.90 53.33 10.19
N VAL A 542 25.13 53.81 11.16
CA VAL A 542 24.86 53.03 12.36
C VAL A 542 24.10 51.75 12.01
N TYR A 543 23.14 51.84 11.08
CA TYR A 543 22.39 50.66 10.66
C TYR A 543 23.30 49.65 9.96
N LEU A 544 24.22 50.13 9.12
CA LEU A 544 25.16 49.21 8.48
C LEU A 544 26.07 48.55 9.51
N LEU A 545 26.49 49.30 10.52
CA LEU A 545 27.28 48.71 11.60
C LEU A 545 26.48 47.65 12.35
N ILE A 546 25.19 47.91 12.59
CA ILE A 546 24.34 46.93 13.26
C ILE A 546 24.18 45.68 12.42
N CYS A 547 24.05 45.85 11.10
CA CYS A 547 23.97 44.68 10.22
C CYS A 547 25.26 43.87 10.26
N ALA A 548 26.41 44.54 10.25
CA ALA A 548 27.69 43.83 10.35
C ALA A 548 27.81 43.10 11.68
N GLY A 549 27.38 43.74 12.77
CA GLY A 549 27.40 43.07 14.06
C GLY A 549 26.48 41.87 14.10
N MET A 550 25.31 41.97 13.47
CA MET A 550 24.41 40.83 13.38
C MET A 550 25.05 39.67 12.63
N ALA A 551 25.72 39.97 11.52
CA ALA A 551 26.39 38.91 10.76
C ALA A 551 27.49 38.26 11.59
N VAL A 552 28.28 39.09 12.30
CA VAL A 552 29.36 38.56 13.13
C VAL A 552 28.79 37.67 14.24
N LEU A 553 27.71 38.12 14.88
CA LEU A 553 27.09 37.32 15.94
C LEU A 553 26.54 36.01 15.41
N PHE A 554 25.92 36.03 14.23
CA PHE A 554 25.37 34.81 13.66
C PHE A 554 26.47 33.84 13.27
N LEU A 555 27.61 34.34 12.80
CA LEU A 555 28.68 33.45 12.37
C LEU A 555 29.33 32.75 13.57
N ARG A 556 29.41 33.42 14.72
CA ARG A 556 30.17 32.91 15.85
C ARG A 556 29.34 32.07 16.82
N THR A 557 28.02 32.11 16.74
CA THR A 557 27.20 31.34 17.67
C THR A 557 27.29 29.84 17.36
N PRO A 558 27.36 28.99 18.38
CA PRO A 558 27.41 27.55 18.15
C PRO A 558 26.08 26.99 17.70
N THR A 559 26.14 25.85 17.03
CA THR A 559 24.96 25.18 16.50
C THR A 559 24.67 23.90 17.25
N SER A 560 23.44 23.41 17.10
CA SER A 560 22.99 22.18 17.73
C SER A 560 21.73 21.72 17.00
N PHE A 561 21.13 20.65 17.51
CA PHE A 561 19.90 20.12 16.92
C PHE A 561 18.71 20.25 17.85
N LEU A 562 18.79 19.68 19.06
CA LEU A 562 17.69 19.70 20.00
C LEU A 562 18.28 19.62 21.41
N PRO A 563 17.80 20.44 22.35
CA PRO A 563 18.39 20.45 23.68
C PRO A 563 18.14 19.15 24.43
N GLU A 564 19.07 18.81 25.31
CA GLU A 564 18.92 17.63 26.16
C GLU A 564 17.79 17.86 27.18
N GLU A 565 17.21 16.76 27.64
CA GLU A 565 16.10 16.81 28.57
C GLU A 565 16.35 15.89 29.75
N ASP A 566 15.59 16.11 30.81
CA ASP A 566 15.61 15.25 32.00
C ASP A 566 14.38 14.35 31.89
N GLN A 567 14.58 13.15 31.34
CA GLN A 567 13.49 12.24 31.06
C GLN A 567 13.20 11.27 32.21
N GLY A 568 13.91 11.39 33.33
CA GLY A 568 13.69 10.54 34.47
C GLY A 568 14.38 9.19 34.41
N VAL A 569 15.06 8.88 33.31
CA VAL A 569 15.75 7.61 33.14
C VAL A 569 17.05 7.87 32.40
N PHE A 570 18.08 7.10 32.72
CA PHE A 570 19.32 7.14 31.95
C PHE A 570 19.95 5.74 31.97
N MET A 571 21.08 5.60 31.28
CA MET A 571 21.65 4.28 31.03
C MET A 571 23.11 4.26 31.44
N THR A 572 23.61 3.04 31.67
CA THR A 572 25.00 2.83 32.00
C THR A 572 25.49 1.60 31.27
N THR A 573 26.63 1.71 30.58
CA THR A 573 27.22 0.61 29.84
C THR A 573 28.50 0.17 30.52
N ALA A 574 28.63 -1.12 30.78
CA ALA A 574 29.85 -1.71 31.33
C ALA A 574 30.43 -2.66 30.31
N GLN A 575 31.63 -2.35 29.83
CA GLN A 575 32.32 -3.16 28.83
C GLN A 575 33.64 -3.64 29.42
N LEU A 576 33.73 -4.94 29.66
CA LEU A 576 34.89 -5.56 30.28
C LEU A 576 35.95 -5.89 29.24
N PRO A 577 37.19 -6.14 29.66
CA PRO A 577 38.24 -6.49 28.70
C PRO A 577 37.88 -7.73 27.91
N SER A 578 38.33 -7.78 26.66
CA SER A 578 37.96 -8.85 25.75
C SER A 578 38.38 -10.21 26.31
N GLY A 579 37.51 -11.20 26.17
CA GLY A 579 37.75 -12.52 26.69
C GLY A 579 37.23 -12.77 28.09
N ALA A 580 36.68 -11.76 28.75
CA ALA A 580 36.16 -11.93 30.10
C ALA A 580 34.88 -12.78 30.07
N THR A 581 34.61 -13.42 31.19
CA THR A 581 33.45 -14.29 31.34
C THR A 581 32.33 -13.57 32.07
N MET A 582 31.19 -14.24 32.18
CA MET A 582 30.02 -13.63 32.79
C MET A 582 30.16 -13.48 34.31
N VAL A 583 31.10 -14.18 34.93
CA VAL A 583 31.32 -14.01 36.36
C VAL A 583 31.79 -12.58 36.65
N ASN A 584 32.83 -12.14 35.93
CA ASN A 584 33.37 -10.81 36.12
C ASN A 584 32.38 -9.74 35.70
N THR A 585 31.64 -9.96 34.61
CA THR A 585 30.62 -9.01 34.19
C THR A 585 29.53 -8.88 35.24
N THR A 586 29.10 -10.00 35.83
CA THR A 586 28.09 -9.96 36.87
C THR A 586 28.60 -9.20 38.09
N LYS A 587 29.86 -9.42 38.47
CA LYS A 587 30.41 -8.69 39.60
C LYS A 587 30.47 -7.19 39.32
N VAL A 588 30.88 -6.80 38.11
CA VAL A 588 30.96 -5.38 37.78
C VAL A 588 29.57 -4.74 37.79
N LEU A 589 28.59 -5.43 37.21
CA LEU A 589 27.22 -4.90 37.21
C LEU A 589 26.65 -4.83 38.61
N GLN A 590 27.01 -5.77 39.49
CA GLN A 590 26.59 -5.67 40.88
C GLN A 590 27.22 -4.47 41.56
N GLN A 591 28.49 -4.18 41.25
CA GLN A 591 29.11 -2.97 41.79
C GLN A 591 28.36 -1.73 41.33
N VAL A 592 27.99 -1.67 40.05
CA VAL A 592 27.26 -0.53 39.52
C VAL A 592 25.92 -0.37 40.24
N THR A 593 25.20 -1.49 40.38
CA THR A 593 23.90 -1.46 41.05
C THR A 593 24.04 -1.01 42.51
N ASP A 594 25.05 -1.52 43.20
CA ASP A 594 25.27 -1.14 44.60
C ASP A 594 25.58 0.35 44.73
N TYR A 595 26.43 0.87 43.84
CA TYR A 595 26.73 2.30 43.89
C TYR A 595 25.47 3.12 43.66
N TYR A 596 24.70 2.78 42.62
CA TYR A 596 23.52 3.59 42.32
C TYR A 596 22.48 3.52 43.42
N LEU A 597 22.33 2.38 44.07
CA LEU A 597 21.33 2.24 45.13
C LEU A 597 21.82 2.70 46.50
N THR A 598 23.12 2.91 46.68
CA THR A 598 23.65 3.37 47.96
C THR A 598 23.98 4.85 47.97
N LYS A 599 24.79 5.30 47.01
CA LYS A 599 25.22 6.70 47.00
C LYS A 599 24.19 7.64 46.39
N GLU A 600 23.13 7.12 45.78
CA GLU A 600 22.13 7.95 45.13
C GLU A 600 20.72 7.49 45.49
N LYS A 601 20.53 7.00 46.72
CA LYS A 601 19.23 6.49 47.12
C LYS A 601 18.18 7.59 47.22
N ASP A 602 18.60 8.85 47.29
CA ASP A 602 17.66 9.96 47.34
C ASP A 602 17.08 10.31 45.98
N ASN A 603 17.73 9.92 44.89
CA ASN A 603 17.25 10.20 43.54
C ASN A 603 16.97 8.94 42.74
N VAL A 604 17.84 7.94 42.82
CA VAL A 604 17.67 6.73 42.03
C VAL A 604 16.61 5.84 42.69
N GLN A 605 15.61 5.45 41.91
CA GLN A 605 14.54 4.60 42.39
C GLN A 605 14.76 3.13 42.06
N SER A 606 15.26 2.82 40.86
CA SER A 606 15.45 1.42 40.49
C SER A 606 16.58 1.30 39.50
N VAL A 607 17.31 0.20 39.58
CA VAL A 607 18.37 -0.15 38.64
C VAL A 607 18.09 -1.54 38.12
N PHE A 608 17.95 -1.67 36.80
CA PHE A 608 17.71 -2.96 36.15
C PHE A 608 18.92 -3.27 35.29
N THR A 609 19.67 -4.31 35.67
CA THR A 609 20.89 -4.67 34.97
C THR A 609 20.67 -5.90 34.10
N PHE A 610 21.41 -5.95 33.00
CA PHE A 610 21.31 -7.01 31.99
C PHE A 610 22.72 -7.33 31.53
N GLY A 611 23.29 -8.40 32.06
CA GLY A 611 24.59 -8.86 31.63
C GLY A 611 24.49 -9.84 30.49
N GLY A 612 25.53 -9.85 29.67
CA GLY A 612 25.52 -10.64 28.45
C GLY A 612 24.98 -9.93 27.25
N PHE A 613 24.62 -8.66 27.37
CA PHE A 613 24.06 -7.90 26.25
C PHE A 613 24.41 -6.44 26.42
N GLY A 614 24.56 -5.76 25.30
CA GLY A 614 24.83 -4.32 25.31
C GLY A 614 24.61 -3.75 23.93
N PHE A 615 24.71 -2.42 23.85
CA PHE A 615 24.62 -1.76 22.56
C PHE A 615 25.86 -1.97 21.72
N SER A 616 26.99 -2.31 22.34
CA SER A 616 28.21 -2.64 21.61
C SER A 616 28.15 -4.02 20.98
N GLY A 617 27.11 -4.80 21.27
CA GLY A 617 26.96 -6.13 20.70
C GLY A 617 26.75 -7.15 21.81
N GLN A 618 26.04 -8.23 21.47
CA GLN A 618 25.84 -9.31 22.42
C GLN A 618 27.14 -10.07 22.63
N GLY A 619 27.51 -10.25 23.89
CA GLY A 619 28.71 -10.95 24.23
C GLY A 619 28.66 -11.39 25.67
N GLN A 620 29.79 -11.89 26.16
CA GLN A 620 29.87 -12.32 27.56
C GLN A 620 30.50 -11.27 28.46
N ASN A 621 31.16 -10.27 27.89
CA ASN A 621 31.80 -9.21 28.67
C ASN A 621 31.06 -7.88 28.56
N ASN A 622 29.80 -7.89 28.17
CA ASN A 622 29.00 -6.68 28.03
C ASN A 622 27.90 -6.64 29.09
N GLY A 623 27.55 -5.43 29.50
CA GLY A 623 26.47 -5.25 30.44
C GLY A 623 25.77 -3.92 30.30
N LEU A 624 24.45 -3.92 30.45
CA LEU A 624 23.63 -2.72 30.33
C LEU A 624 22.93 -2.49 31.66
N ALA A 625 22.67 -1.22 31.99
CA ALA A 625 21.95 -0.88 33.21
C ALA A 625 20.98 0.25 32.90
N PHE A 626 19.70 0.02 33.16
CA PHE A 626 18.67 1.04 33.05
C PHE A 626 18.42 1.60 34.44
N ILE A 627 18.66 2.90 34.63
CA ILE A 627 18.45 3.55 35.91
C ILE A 627 17.24 4.45 35.80
N SER A 628 16.23 4.19 36.63
CA SER A 628 15.02 4.98 36.69
C SER A 628 14.97 5.74 38.00
N LEU A 629 14.68 7.03 37.92
CA LEU A 629 14.80 7.95 39.04
C LEU A 629 13.43 8.29 39.62
N LYS A 630 13.47 8.95 40.78
CA LYS A 630 12.27 9.40 41.44
C LYS A 630 11.64 10.55 40.65
N PRO A 631 10.35 10.81 40.86
CA PRO A 631 9.67 11.85 40.07
C PRO A 631 10.31 13.21 40.23
N TRP A 632 10.05 14.08 39.25
CA TRP A 632 10.65 15.42 39.25
C TRP A 632 10.26 16.20 40.50
N SER A 633 9.08 15.94 41.05
CA SER A 633 8.65 16.65 42.25
C SER A 633 9.57 16.35 43.43
N GLU A 634 10.03 15.10 43.54
CA GLU A 634 10.93 14.72 44.62
C GLU A 634 12.39 15.00 44.30
N ARG A 635 12.69 15.53 43.12
CA ARG A 635 14.05 15.88 42.72
C ARG A 635 14.08 17.38 42.48
N VAL A 636 14.33 18.15 43.54
CA VAL A 636 14.29 19.60 43.49
C VAL A 636 15.72 20.13 43.43
N GLY A 637 15.96 21.06 42.50
CA GLY A 637 17.26 21.66 42.33
C GLY A 637 17.97 21.17 41.08
N GLU A 638 19.14 21.75 40.83
CA GLU A 638 19.96 21.35 39.70
C GLU A 638 20.95 20.25 40.06
N GLU A 639 21.31 20.15 41.34
CA GLU A 639 22.21 19.07 41.77
C GLU A 639 21.54 17.71 41.65
N ASN A 640 20.20 17.67 41.75
CA ASN A 640 19.45 16.42 41.70
C ASN A 640 18.84 16.17 40.33
N SER A 641 19.45 16.69 39.28
CA SER A 641 18.97 16.49 37.92
C SER A 641 19.71 15.32 37.27
N VAL A 642 19.24 14.95 36.07
CA VAL A 642 19.87 13.84 35.36
C VAL A 642 21.32 14.18 35.01
N THR A 643 21.56 15.40 34.54
CA THR A 643 22.91 15.78 34.13
C THR A 643 23.88 15.77 35.31
N ALA A 644 23.46 16.31 36.45
CA ALA A 644 24.34 16.32 37.62
C ALA A 644 24.58 14.91 38.15
N ILE A 645 23.54 14.07 38.14
CA ILE A 645 23.70 12.68 38.57
C ILE A 645 24.68 11.95 37.66
N ILE A 646 24.57 12.17 36.35
CA ILE A 646 25.47 11.52 35.41
C ILE A 646 26.89 12.03 35.58
N GLN A 647 27.06 13.33 35.83
CA GLN A 647 28.40 13.88 36.05
C GLN A 647 29.03 13.30 37.30
N ARG A 648 28.25 13.15 38.37
CA ARG A 648 28.76 12.52 39.59
C ARG A 648 29.11 11.05 39.35
N ALA A 649 28.24 10.33 38.64
CA ALA A 649 28.47 8.91 38.41
C ALA A 649 29.64 8.66 37.47
N MET A 650 29.95 9.61 36.59
CA MET A 650 31.12 9.45 35.73
C MET A 650 32.40 9.41 36.56
N ILE A 651 32.51 10.28 37.57
CA ILE A 651 33.66 10.26 38.46
C ILE A 651 33.63 9.04 39.35
N ALA A 652 32.45 8.71 39.89
CA ALA A 652 32.37 7.62 40.86
C ALA A 652 32.63 6.26 40.21
N LEU A 653 32.05 6.01 39.05
CA LEU A 653 32.19 4.74 38.35
C LEU A 653 33.39 4.74 37.40
N SER A 654 34.55 5.13 37.94
CA SER A 654 35.80 5.04 37.22
C SER A 654 36.85 4.29 38.01
N SER A 655 36.60 3.99 39.28
CA SER A 655 37.45 3.14 40.09
C SER A 655 36.99 1.69 40.08
N ILE A 656 36.06 1.32 39.20
CA ILE A 656 35.53 -0.03 39.12
C ILE A 656 36.66 -0.98 38.78
N ASN A 657 37.50 -0.61 37.82
CA ASN A 657 38.66 -1.38 37.37
C ASN A 657 38.24 -2.63 36.62
N LYS A 658 39.03 -3.02 35.62
CA LYS A 658 38.75 -4.19 34.78
C LYS A 658 37.39 -4.01 34.10
N ALA A 659 37.10 -2.75 33.76
CA ALA A 659 35.84 -2.41 33.12
C ALA A 659 35.83 -0.97 32.62
N VAL A 660 35.12 -0.73 31.53
CA VAL A 660 34.84 0.62 31.05
C VAL A 660 33.37 0.86 31.36
N VAL A 661 33.12 1.70 32.36
CA VAL A 661 31.75 1.99 32.80
C VAL A 661 31.43 3.42 32.42
N PHE A 662 30.38 3.60 31.62
CA PHE A 662 30.01 4.93 31.10
C PHE A 662 28.53 5.18 31.35
N PRO A 663 28.18 6.20 32.13
CA PRO A 663 26.78 6.62 32.23
C PRO A 663 26.45 7.67 31.18
N PHE A 664 25.25 7.56 30.61
CA PHE A 664 24.83 8.53 29.61
C PHE A 664 23.32 8.72 29.67
N ASN A 665 22.88 9.81 29.05
CA ASN A 665 21.48 10.19 28.99
C ASN A 665 20.92 9.93 27.60
N LEU A 666 19.63 9.70 27.53
CA LEU A 666 18.98 9.47 26.26
C LEU A 666 19.01 10.76 25.42
N PRO A 667 18.96 10.64 24.09
CA PRO A 667 18.94 11.84 23.25
C PRO A 667 17.70 12.69 23.51
N ALA A 668 17.67 13.85 22.87
CA ALA A 668 16.54 14.76 23.03
C ALA A 668 15.24 14.11 22.59
N VAL A 669 15.26 13.44 21.45
CA VAL A 669 14.16 12.58 21.01
C VAL A 669 14.64 11.14 21.12
N ALA A 670 13.89 10.32 21.86
CA ALA A 670 14.37 9.01 22.25
C ALA A 670 14.33 7.98 21.13
N GLU A 671 13.59 8.24 20.06
CA GLU A 671 13.42 7.26 18.99
C GLU A 671 14.39 7.44 17.84
N LEU A 672 15.30 8.42 17.91
CA LEU A 672 16.19 8.70 16.79
C LEU A 672 17.62 8.21 17.01
N GLY A 673 18.10 8.21 18.25
CA GLY A 673 19.45 7.74 18.53
C GLY A 673 19.48 6.88 19.77
N THR A 674 20.68 6.40 20.08
CA THR A 674 20.88 5.60 21.28
C THR A 674 21.35 6.46 22.47
N ALA A 675 22.35 7.29 22.26
CA ALA A 675 22.91 8.11 23.31
C ALA A 675 22.95 9.57 22.89
N SER A 676 23.09 10.46 23.86
CA SER A 676 23.18 11.89 23.62
C SER A 676 24.61 12.24 23.25
N GLY A 677 24.77 12.99 22.16
CA GLY A 677 26.08 13.35 21.67
C GLY A 677 26.19 13.18 20.17
N PHE A 678 27.38 12.82 19.68
CA PHE A 678 27.58 12.57 18.27
C PHE A 678 27.87 11.09 18.04
N ASP A 679 27.48 10.61 16.86
CA ASP A 679 27.58 9.20 16.49
C ASP A 679 28.24 9.19 15.12
N MET A 680 29.57 9.03 15.10
CA MET A 680 30.34 8.97 13.87
C MET A 680 30.51 7.52 13.44
N GLU A 681 30.63 7.31 12.12
CA GLU A 681 30.95 6.00 11.57
C GLU A 681 32.24 6.12 10.77
N LEU A 682 33.33 5.55 11.29
CA LEU A 682 34.61 5.53 10.61
C LEU A 682 34.59 4.44 9.55
N LEU A 683 34.68 4.83 8.29
CA LEU A 683 34.57 3.91 7.16
C LEU A 683 35.94 3.55 6.63
N ASP A 684 36.08 2.31 6.17
CA ASP A 684 37.32 1.85 5.53
C ASP A 684 37.08 1.86 4.02
N ASN A 685 37.59 2.89 3.35
CA ASN A 685 37.39 3.06 1.91
C ASN A 685 38.51 2.50 1.06
N GLY A 686 39.73 2.40 1.60
CA GLY A 686 40.88 2.01 0.80
C GLY A 686 41.21 0.53 0.85
N ASN A 687 40.26 -0.30 1.28
CA ASN A 687 40.45 -1.75 1.37
C ASN A 687 41.66 -2.11 2.21
N LEU A 688 41.88 -1.33 3.27
CA LEU A 688 43.07 -1.52 4.11
C LEU A 688 43.00 -2.83 4.89
N GLY A 689 41.83 -3.17 5.39
CA GLY A 689 41.66 -4.36 6.21
C GLY A 689 41.20 -4.01 7.62
N HIS A 690 40.95 -5.07 8.40
CA HIS A 690 40.45 -4.89 9.75
C HIS A 690 41.55 -4.40 10.69
N GLU A 691 42.78 -4.90 10.52
CA GLU A 691 43.86 -4.52 11.42
C GLU A 691 44.24 -3.06 11.27
N LYS A 692 44.35 -2.57 10.03
CA LYS A 692 44.66 -1.16 9.82
C LYS A 692 43.49 -0.26 10.22
N LEU A 693 42.25 -0.75 10.05
CA LEU A 693 41.11 0.01 10.55
C LEU A 693 41.14 0.12 12.06
N THR A 694 41.52 -0.96 12.76
CA THR A 694 41.64 -0.89 14.20
C THR A 694 42.77 0.05 14.62
N GLN A 695 43.88 0.04 13.88
CA GLN A 695 44.96 0.98 14.16
C GLN A 695 44.49 2.42 14.00
N ALA A 696 43.75 2.70 12.93
CA ALA A 696 43.23 4.04 12.71
C ALA A 696 42.25 4.45 13.80
N ARG A 697 41.38 3.53 14.22
CA ARG A 697 40.44 3.83 15.28
C ARG A 697 41.15 4.12 16.59
N ASN A 698 42.18 3.33 16.92
CA ASN A 698 42.95 3.59 18.13
C ASN A 698 43.66 4.94 18.05
N GLU A 699 44.21 5.28 16.89
CA GLU A 699 44.85 6.58 16.73
C GLU A 699 43.86 7.72 16.90
N LEU A 700 42.66 7.56 16.33
CA LEU A 700 41.64 8.60 16.47
C LEU A 700 41.19 8.75 17.93
N LEU A 701 41.02 7.63 18.63
CA LEU A 701 40.66 7.69 20.05
C LEU A 701 41.75 8.37 20.86
N SER A 702 43.02 8.08 20.56
CA SER A 702 44.12 8.73 21.25
C SER A 702 44.14 10.22 20.96
N LEU A 703 43.88 10.62 19.71
CA LEU A 703 43.84 12.03 19.37
C LEU A 703 42.72 12.75 20.09
N ALA A 704 41.55 12.12 20.19
CA ALA A 704 40.42 12.74 20.87
C ALA A 704 40.59 12.75 22.38
N ALA A 705 41.37 11.81 22.92
CA ALA A 705 41.51 11.71 24.36
C ALA A 705 42.40 12.81 24.92
N GLN A 706 43.30 13.36 24.11
CA GLN A 706 44.21 14.42 24.56
C GLN A 706 43.66 15.81 24.29
N SER A 707 42.37 15.92 23.96
CA SER A 707 41.72 17.22 23.74
C SER A 707 40.43 17.26 24.54
N PRO A 708 40.52 17.35 25.87
CA PRO A 708 39.32 17.29 26.70
C PRO A 708 38.50 18.57 26.71
N ASN A 709 39.03 19.68 26.17
CA ASN A 709 38.28 20.93 26.14
C ASN A 709 37.33 21.03 24.96
N GLN A 710 37.33 20.05 24.06
CA GLN A 710 36.46 20.07 22.89
C GLN A 710 35.52 18.87 22.83
N VAL A 711 36.02 17.67 23.10
CA VAL A 711 35.19 16.46 23.10
C VAL A 711 35.59 15.63 24.31
N THR A 712 34.59 15.08 25.00
CA THR A 712 34.80 14.23 26.15
C THR A 712 34.02 12.93 25.98
N GLY A 713 34.56 11.87 26.58
CA GLY A 713 33.88 10.58 26.55
C GLY A 713 33.76 9.97 25.17
N VAL A 714 34.81 10.03 24.37
CA VAL A 714 34.82 9.41 23.05
C VAL A 714 35.20 7.94 23.20
N ARG A 715 34.30 7.06 22.79
CA ARG A 715 34.45 5.63 22.99
C ARG A 715 33.98 4.89 21.74
N PRO A 716 34.47 3.68 21.51
CA PRO A 716 33.99 2.88 20.39
C PRO A 716 32.76 2.05 20.74
N ASN A 717 31.85 1.96 19.79
CA ASN A 717 30.64 1.15 19.94
C ASN A 717 30.85 -0.22 19.29
N GLY A 718 31.75 -0.98 19.89
CA GLY A 718 32.10 -2.28 19.34
C GLY A 718 32.87 -3.11 20.34
N LEU A 719 33.36 -4.25 19.86
CA LEU A 719 34.07 -5.21 20.67
C LEU A 719 35.48 -5.40 20.14
N GLU A 720 36.44 -5.51 21.06
CA GLU A 720 37.84 -5.66 20.70
C GLU A 720 38.16 -7.11 20.35
N ASP A 721 39.29 -7.31 19.67
CA ASP A 721 39.69 -8.63 19.22
C ASP A 721 39.93 -9.57 20.39
N THR A 722 39.62 -10.85 20.18
CA THR A 722 39.72 -11.88 21.20
C THR A 722 40.50 -13.07 20.65
N PRO A 723 41.16 -13.82 21.53
CA PRO A 723 41.77 -15.09 21.10
C PRO A 723 40.71 -16.12 20.79
N MET A 724 41.05 -17.02 19.87
CA MET A 724 40.16 -18.07 19.40
C MET A 724 40.89 -19.40 19.40
N PHE A 725 40.13 -20.47 19.59
CA PHE A 725 40.65 -21.82 19.62
C PHE A 725 40.43 -22.47 18.26
N LYS A 726 41.49 -23.04 17.70
CA LYS A 726 41.41 -23.69 16.39
C LYS A 726 41.74 -25.16 16.55
N VAL A 727 40.88 -26.02 16.02
CA VAL A 727 41.05 -27.46 16.04
C VAL A 727 41.28 -27.92 14.60
N ASN A 728 42.42 -28.54 14.35
CA ASN A 728 42.76 -29.07 13.04
C ASN A 728 42.60 -30.58 13.07
N VAL A 729 41.70 -31.11 12.25
CA VAL A 729 41.40 -32.53 12.21
C VAL A 729 42.18 -33.15 11.05
N ASN A 730 42.87 -34.25 11.32
CA ASN A 730 43.64 -34.95 10.31
C ASN A 730 42.70 -35.90 9.57
N ALA A 731 42.25 -35.48 8.39
CA ALA A 731 41.35 -36.33 7.61
C ALA A 731 42.04 -37.60 7.13
N ALA A 732 43.30 -37.49 6.74
CA ALA A 732 44.02 -38.66 6.23
C ALA A 732 44.17 -39.73 7.30
N LYS A 733 44.65 -39.34 8.49
CA LYS A 733 44.80 -40.31 9.58
C LYS A 733 43.45 -40.84 10.03
N ALA A 734 42.43 -39.98 10.08
CA ALA A 734 41.10 -40.41 10.49
C ALA A 734 40.54 -41.47 9.56
N GLU A 735 40.68 -41.25 8.25
CA GLU A 735 40.20 -42.25 7.29
C GLU A 735 41.07 -43.50 7.30
N ALA A 736 42.37 -43.34 7.54
CA ALA A 736 43.24 -44.51 7.61
C ALA A 736 42.86 -45.42 8.77
N MET A 737 42.56 -44.83 9.93
CA MET A 737 42.19 -45.65 11.08
C MET A 737 40.72 -46.05 11.09
N GLY A 738 39.90 -45.44 10.23
CA GLY A 738 38.53 -45.91 10.07
C GLY A 738 37.44 -44.90 10.38
N VAL A 739 37.71 -43.94 11.25
CA VAL A 739 36.68 -42.99 11.65
C VAL A 739 36.43 -42.00 10.52
N ALA A 740 35.22 -41.44 10.49
CA ALA A 740 34.81 -40.53 9.44
C ALA A 740 34.98 -39.09 9.89
N LEU A 741 35.36 -38.23 8.95
CA LEU A 741 35.50 -36.80 9.25
C LEU A 741 34.17 -36.19 9.63
N SER A 742 33.09 -36.62 8.98
CA SER A 742 31.76 -36.09 9.30
C SER A 742 31.38 -36.40 10.74
N ASP A 743 31.67 -37.62 11.21
CA ASP A 743 31.38 -37.98 12.59
C ASP A 743 32.20 -37.15 13.57
N ILE A 744 33.48 -36.89 13.25
CA ILE A 744 34.32 -36.07 14.11
C ILE A 744 33.74 -34.66 14.21
N ASN A 745 33.38 -34.07 13.06
CA ASN A 745 32.85 -32.72 13.07
C ASN A 745 31.52 -32.65 13.81
N GLN A 746 30.65 -33.64 13.61
CA GLN A 746 29.37 -33.66 14.30
C GLN A 746 29.58 -33.78 15.81
N THR A 747 30.50 -34.65 16.24
CA THR A 747 30.75 -34.82 17.67
C THR A 747 31.25 -33.53 18.29
N ILE A 748 32.20 -32.86 17.63
CA ILE A 748 32.74 -31.61 18.18
C ILE A 748 31.65 -30.55 18.24
N SER A 749 30.89 -30.41 17.15
CA SER A 749 29.86 -29.37 17.10
C SER A 749 28.77 -29.59 18.14
N THR A 750 28.35 -30.84 18.33
CA THR A 750 27.31 -31.13 19.31
C THR A 750 27.84 -30.96 20.73
N ALA A 751 29.07 -31.41 20.99
CA ALA A 751 29.61 -31.35 22.34
C ALA A 751 29.85 -29.91 22.78
N PHE A 752 30.51 -29.11 21.95
CA PHE A 752 30.90 -27.78 22.39
C PHE A 752 29.93 -26.69 21.96
N GLY A 753 29.19 -26.88 20.89
CA GLY A 753 28.18 -25.92 20.49
C GLY A 753 26.84 -26.29 21.06
N SER A 754 25.93 -26.75 20.22
CA SER A 754 24.66 -27.30 20.65
C SER A 754 24.07 -28.10 19.50
N SER A 755 22.93 -28.71 19.74
CA SER A 755 22.24 -29.46 18.70
C SER A 755 20.74 -29.41 19.01
N TYR A 756 20.04 -28.49 18.36
CA TYR A 756 18.59 -28.47 18.45
C TYR A 756 18.03 -29.70 17.77
N VAL A 757 17.34 -30.55 18.55
CA VAL A 757 16.92 -31.85 18.04
C VAL A 757 15.46 -31.80 17.60
N ASN A 758 14.56 -31.50 18.54
CA ASN A 758 13.14 -31.70 18.32
C ASN A 758 12.36 -30.66 19.12
N ASP A 759 11.03 -30.79 19.08
CA ASP A 759 10.14 -30.03 19.93
C ASP A 759 9.38 -30.99 20.84
N PHE A 760 9.02 -30.50 22.02
CA PHE A 760 8.27 -31.29 22.99
C PHE A 760 7.20 -30.40 23.61
N LEU A 761 6.38 -30.99 24.47
CA LEU A 761 5.26 -30.29 25.10
C LEU A 761 5.57 -30.06 26.57
N ASN A 762 5.39 -28.83 27.02
CA ASN A 762 5.54 -28.49 28.44
C ASN A 762 4.39 -27.59 28.83
N GLN A 763 3.55 -28.08 29.74
CA GLN A 763 2.39 -27.33 30.23
C GLN A 763 1.54 -26.81 29.07
N GLY A 764 1.38 -27.65 28.05
CA GLY A 764 0.58 -27.29 26.90
C GLY A 764 1.21 -26.34 25.91
N ARG A 765 2.52 -26.14 25.97
CA ARG A 765 3.22 -25.27 25.03
C ARG A 765 4.36 -26.03 24.36
N VAL A 766 4.58 -25.76 23.07
CA VAL A 766 5.66 -26.43 22.35
C VAL A 766 6.96 -25.69 22.62
N LYS A 767 7.96 -26.43 23.10
CA LYS A 767 9.28 -25.89 23.38
C LYS A 767 10.32 -26.76 22.68
N LYS A 768 11.58 -26.33 22.74
CA LYS A 768 12.65 -26.98 21.99
C LYS A 768 13.43 -27.94 22.88
N VAL A 769 14.13 -28.87 22.23
CA VAL A 769 15.00 -29.83 22.89
C VAL A 769 16.42 -29.62 22.39
N TYR A 770 17.36 -29.48 23.32
CA TYR A 770 18.75 -29.23 22.98
C TYR A 770 19.64 -30.32 23.57
N VAL A 771 20.70 -30.66 22.85
CA VAL A 771 21.69 -31.64 23.28
C VAL A 771 23.06 -30.97 23.29
N GLN A 772 23.75 -31.05 24.42
CA GLN A 772 25.05 -30.42 24.58
C GLN A 772 25.82 -31.19 25.66
N ALA A 773 27.14 -31.01 25.66
CA ALA A 773 27.96 -31.62 26.69
C ALA A 773 27.73 -30.94 28.04
N GLY A 774 28.07 -31.66 29.09
CA GLY A 774 27.94 -31.11 30.43
C GLY A 774 28.91 -29.97 30.66
N THR A 775 28.61 -29.17 31.68
CA THR A 775 29.44 -28.00 31.99
C THR A 775 30.90 -28.37 32.24
N PRO A 776 31.24 -29.40 33.03
CA PRO A 776 32.67 -29.69 33.25
C PRO A 776 33.42 -30.11 32.00
N PHE A 777 32.72 -30.53 30.94
CA PHE A 777 33.37 -31.15 29.79
C PHE A 777 33.52 -30.22 28.59
N ARG A 778 33.23 -28.93 28.76
CA ARG A 778 33.43 -27.97 27.68
C ARG A 778 33.99 -26.66 28.21
N MET A 779 34.90 -26.74 29.18
CA MET A 779 35.43 -25.56 29.84
C MET A 779 36.84 -25.19 29.43
N LEU A 780 37.70 -26.16 29.17
CA LEU A 780 39.12 -25.96 28.95
C LEU A 780 39.54 -26.59 27.63
N PRO A 781 40.64 -26.13 27.05
CA PRO A 781 41.13 -26.77 25.82
C PRO A 781 41.53 -28.23 25.99
N ASP A 782 41.80 -28.68 27.22
CA ASP A 782 42.13 -30.08 27.46
C ASP A 782 40.90 -30.98 27.39
N ASN A 783 39.70 -30.43 27.48
CA ASN A 783 38.49 -31.24 27.49
C ASN A 783 38.32 -32.00 26.17
N ILE A 784 38.89 -31.48 25.08
CA ILE A 784 38.81 -32.19 23.81
C ILE A 784 39.47 -33.55 23.90
N ASN A 785 40.42 -33.72 24.82
CA ASN A 785 41.07 -35.00 25.01
C ASN A 785 40.15 -36.06 25.61
N GLN A 786 38.98 -35.66 26.13
CA GLN A 786 38.08 -36.61 26.79
C GLN A 786 37.04 -37.20 25.86
N TRP A 787 36.95 -36.76 24.61
CA TRP A 787 35.89 -37.17 23.71
C TRP A 787 36.39 -38.26 22.76
N TYR A 788 35.48 -39.18 22.41
CA TYR A 788 35.82 -40.34 21.61
C TYR A 788 34.88 -40.43 20.41
N VAL A 789 35.41 -40.97 19.31
CA VAL A 789 34.66 -41.15 18.08
C VAL A 789 34.69 -42.62 17.71
N ARG A 790 33.57 -43.15 17.24
CA ARG A 790 33.45 -44.58 16.95
C ARG A 790 33.99 -44.89 15.56
N ASN A 791 34.84 -45.91 15.48
CA ASN A 791 35.34 -46.43 14.23
C ASN A 791 34.23 -47.21 13.54
N ALA A 792 34.36 -47.38 12.22
CA ALA A 792 33.34 -48.07 11.44
C ALA A 792 33.14 -49.52 11.90
N SER A 793 34.11 -50.10 12.61
CA SER A 793 33.99 -51.44 13.14
C SER A 793 33.42 -51.48 14.55
N GLY A 794 33.08 -50.33 15.14
CA GLY A 794 32.46 -50.26 16.44
C GLY A 794 33.39 -49.89 17.57
N THR A 795 34.71 -49.88 17.35
CA THR A 795 35.66 -49.55 18.38
C THR A 795 35.79 -48.03 18.51
N MET A 796 35.86 -47.54 19.74
CA MET A 796 35.97 -46.11 20.01
C MET A 796 37.44 -45.70 20.08
N ALA A 797 37.76 -44.56 19.47
CA ALA A 797 39.10 -44.02 19.49
C ALA A 797 39.09 -42.57 19.98
N PRO A 798 40.11 -42.15 20.73
CA PRO A 798 40.09 -40.79 21.29
C PRO A 798 40.15 -39.74 20.19
N LEU A 799 39.48 -38.61 20.46
CA LEU A 799 39.46 -37.52 19.50
C LEU A 799 40.80 -36.80 19.41
N SER A 800 41.58 -36.83 20.49
CA SER A 800 42.89 -36.18 20.51
C SER A 800 43.92 -36.89 19.66
N ALA A 801 43.62 -38.11 19.18
CA ALA A 801 44.58 -38.83 18.36
C ALA A 801 44.76 -38.16 17.01
N TYR A 802 43.67 -38.06 16.24
CA TYR A 802 43.70 -37.45 14.91
C TYR A 802 43.31 -35.97 14.96
N SER A 803 43.95 -35.20 15.82
CA SER A 803 43.63 -33.78 15.91
C SER A 803 44.78 -33.04 16.56
N SER A 804 44.86 -31.74 16.24
CA SER A 804 45.81 -30.83 16.87
C SER A 804 45.08 -29.54 17.20
N THR A 805 45.62 -28.79 18.16
CA THR A 805 44.98 -27.57 18.63
C THR A 805 45.95 -26.41 18.58
N GLU A 806 45.42 -25.21 18.39
CA GLU A 806 46.24 -24.01 18.39
C GLU A 806 45.39 -22.80 18.74
N TRP A 807 46.05 -21.67 18.97
CA TRP A 807 45.41 -20.43 19.36
C TRP A 807 45.65 -19.38 18.29
N THR A 808 44.57 -18.74 17.84
CA THR A 808 44.67 -17.64 16.89
C THR A 808 43.94 -16.42 17.43
N TYR A 809 43.77 -15.39 16.61
CA TYR A 809 43.06 -14.17 17.01
C TYR A 809 41.93 -13.90 16.04
N GLY A 810 40.88 -13.26 16.53
CA GLY A 810 39.75 -12.95 15.68
C GLY A 810 38.85 -11.90 16.30
N SER A 811 38.04 -11.28 15.46
CA SER A 811 37.12 -10.25 15.92
C SER A 811 35.80 -10.88 16.34
N PRO A 812 35.27 -10.55 17.51
CA PRO A 812 33.96 -11.09 17.92
C PRO A 812 32.77 -10.35 17.32
N ARG A 813 32.99 -9.21 16.68
CA ARG A 813 31.89 -8.48 16.05
C ARG A 813 32.42 -7.71 14.86
N LEU A 814 31.74 -7.83 13.73
CA LEU A 814 32.12 -7.15 12.49
C LEU A 814 30.97 -6.24 12.05
N GLU A 815 31.30 -4.97 11.81
CA GLU A 815 30.31 -3.97 11.42
C GLU A 815 30.58 -3.47 10.02
N ARG A 816 29.51 -3.19 9.28
CA ARG A 816 29.58 -2.58 7.97
C ARG A 816 28.58 -1.44 7.89
N TYR A 817 28.93 -0.40 7.13
CA TYR A 817 28.09 0.76 6.95
C TYR A 817 28.03 1.10 5.47
N ASN A 818 26.82 1.11 4.91
CA ASN A 818 26.59 1.35 3.48
C ASN A 818 27.32 0.35 2.60
N GLY A 819 27.65 -0.82 3.14
CA GLY A 819 28.27 -1.88 2.37
C GLY A 819 29.76 -2.03 2.51
N ILE A 820 30.42 -1.18 3.30
CA ILE A 820 31.86 -1.24 3.46
C ILE A 820 32.20 -1.36 4.94
N PRO A 821 33.36 -1.93 5.31
CA PRO A 821 33.69 -2.09 6.73
C PRO A 821 33.73 -0.75 7.44
N SER A 822 33.30 -0.76 8.71
CA SER A 822 33.16 0.47 9.46
C SER A 822 33.32 0.19 10.94
N MET A 823 33.49 1.26 11.71
CA MET A 823 33.55 1.20 13.16
C MET A 823 32.77 2.39 13.71
N GLU A 824 31.79 2.12 14.58
CA GLU A 824 30.95 3.17 15.13
C GLU A 824 31.61 3.77 16.36
N ILE A 825 31.68 5.10 16.41
CA ILE A 825 32.31 5.83 17.49
C ILE A 825 31.28 6.78 18.08
N LEU A 826 31.06 6.68 19.38
CA LEU A 826 30.14 7.57 20.08
C LEU A 826 30.93 8.62 20.85
N GLY A 827 30.30 9.76 21.07
CA GLY A 827 31.00 10.80 21.82
C GLY A 827 30.05 11.87 22.31
N GLU A 828 30.62 12.78 23.09
CA GLU A 828 29.89 13.91 23.66
C GLU A 828 30.76 15.16 23.54
N ALA A 829 30.08 16.31 23.60
CA ALA A 829 30.78 17.59 23.55
C ALA A 829 31.17 18.04 24.95
N ALA A 830 32.31 18.71 25.04
CA ALA A 830 32.81 19.18 26.32
C ALA A 830 31.95 20.31 26.85
N ALA A 831 32.17 20.65 28.12
CA ALA A 831 31.43 21.75 28.75
C ALA A 831 31.71 23.06 28.01
N GLY A 832 30.65 23.80 27.73
CA GLY A 832 30.74 25.04 26.97
C GLY A 832 30.56 24.87 25.48
N LYS A 833 31.17 23.84 24.91
CA LYS A 833 31.02 23.55 23.49
C LYS A 833 29.69 22.87 23.23
N SER A 834 29.23 22.98 21.98
CA SER A 834 27.97 22.40 21.55
C SER A 834 28.24 21.18 20.67
N THR A 835 27.17 20.58 20.17
CA THR A 835 27.30 19.38 19.36
C THR A 835 27.90 19.68 17.99
N GLY A 836 27.57 20.84 17.43
CA GLY A 836 28.14 21.22 16.14
C GLY A 836 29.65 21.40 16.21
N ASP A 837 30.13 22.05 17.27
CA ASP A 837 31.56 22.20 17.45
C ASP A 837 32.26 20.85 17.61
N ALA A 838 31.64 19.95 18.37
CA ALA A 838 32.21 18.61 18.53
C ALA A 838 32.27 17.87 17.21
N MET A 839 31.21 17.95 16.40
CA MET A 839 31.21 17.29 15.10
C MET A 839 32.29 17.88 14.19
N LYS A 840 32.43 19.21 14.19
CA LYS A 840 33.47 19.83 13.38
C LYS A 840 34.86 19.41 13.83
N PHE A 841 35.09 19.36 15.14
CA PHE A 841 36.38 18.94 15.66
C PHE A 841 36.68 17.49 15.29
N MET A 842 35.68 16.61 15.38
CA MET A 842 35.90 15.22 15.02
C MET A 842 36.16 15.05 13.53
N ALA A 843 35.48 15.83 12.69
CA ALA A 843 35.78 15.80 11.27
C ALA A 843 37.21 16.25 10.99
N ASP A 844 37.65 17.32 11.67
CA ASP A 844 39.03 17.77 11.52
C ASP A 844 40.01 16.69 11.96
N LEU A 845 39.72 16.01 13.07
CA LEU A 845 40.58 14.93 13.54
C LEU A 845 40.65 13.79 12.54
N VAL A 846 39.51 13.40 11.96
CA VAL A 846 39.49 12.34 10.97
C VAL A 846 40.27 12.73 9.74
N ALA A 847 40.29 14.04 9.41
CA ALA A 847 41.06 14.50 8.27
C ALA A 847 42.56 14.26 8.44
N LYS A 848 43.02 14.01 9.67
CA LYS A 848 44.44 13.79 9.95
C LYS A 848 44.78 12.31 10.08
N LEU A 849 43.85 11.43 9.76
CA LEU A 849 44.04 9.99 9.85
C LEU A 849 44.74 9.46 8.61
N PRO A 850 45.32 8.26 8.67
CA PRO A 850 46.00 7.71 7.49
C PRO A 850 45.08 7.62 6.29
N ALA A 851 45.65 7.85 5.11
CA ALA A 851 44.86 7.84 3.88
C ALA A 851 44.20 6.49 3.67
N GLY A 852 42.94 6.53 3.25
CA GLY A 852 42.15 5.33 3.04
C GLY A 852 40.96 5.19 3.98
N VAL A 853 40.87 5.99 5.03
CA VAL A 853 39.75 5.95 5.97
C VAL A 853 38.93 7.22 5.82
N GLY A 854 37.61 7.08 5.85
CA GLY A 854 36.72 8.22 5.81
C GLY A 854 35.79 8.23 6.98
N TYR A 855 34.81 9.14 6.98
CA TYR A 855 33.88 9.25 8.09
C TYR A 855 32.49 9.58 7.57
N SER A 856 31.48 9.21 8.35
CA SER A 856 30.10 9.54 8.04
C SER A 856 29.37 9.89 9.33
N TRP A 857 28.29 10.65 9.20
CA TRP A 857 27.43 10.98 10.31
C TRP A 857 26.12 10.22 10.16
N THR A 858 25.71 9.54 11.23
CA THR A 858 24.48 8.76 11.21
C THR A 858 23.71 8.98 12.51
N GLY A 859 22.40 8.82 12.43
CA GLY A 859 21.57 8.98 13.61
C GLY A 859 21.18 10.42 13.82
N LEU A 860 21.37 10.91 15.04
CA LEU A 860 21.06 12.31 15.34
C LEU A 860 21.99 13.26 14.61
N SER A 861 23.25 12.86 14.40
CA SER A 861 24.21 13.73 13.74
C SER A 861 23.81 14.01 12.30
N TYR A 862 23.24 13.02 11.62
CA TYR A 862 22.77 13.22 10.24
C TYR A 862 21.71 14.31 10.18
N GLN A 863 20.72 14.24 11.06
CA GLN A 863 19.66 15.25 11.08
C GLN A 863 20.20 16.61 11.49
N GLU A 864 21.13 16.64 12.44
CA GLU A 864 21.74 17.90 12.85
C GLU A 864 22.45 18.57 11.68
N ALA A 865 23.24 17.79 10.94
CA ALA A 865 23.93 18.33 9.77
C ALA A 865 22.95 18.83 8.72
N LEU A 866 21.89 18.05 8.46
CA LEU A 866 20.91 18.46 7.47
C LEU A 866 20.25 19.78 7.84
N SER A 867 19.84 19.91 9.11
CA SER A 867 19.19 21.14 9.55
C SER A 867 20.12 22.33 9.47
N SER A 868 21.36 22.18 9.96
CA SER A 868 22.31 23.28 9.94
C SER A 868 22.67 23.67 8.52
N ASN A 869 22.63 22.72 7.59
CA ASN A 869 22.89 23.07 6.19
C ASN A 869 21.70 23.79 5.55
N GLN A 870 20.47 23.37 5.86
CA GLN A 870 19.32 23.87 5.14
C GLN A 870 18.67 25.10 5.74
N ALA A 871 19.09 25.55 6.92
CA ALA A 871 18.45 26.72 7.53
C ALA A 871 18.55 28.01 6.69
N PRO A 872 19.73 28.44 6.21
CA PRO A 872 19.80 29.76 5.54
C PRO A 872 18.96 29.86 4.28
N ALA A 873 18.83 28.77 3.52
CA ALA A 873 17.96 28.81 2.35
C ALA A 873 16.51 29.05 2.76
N LEU A 874 16.08 28.46 3.87
CA LEU A 874 14.75 28.73 4.39
C LEU A 874 14.61 30.19 4.78
N TYR A 875 15.63 30.76 5.42
CA TYR A 875 15.57 32.17 5.77
C TYR A 875 15.38 33.04 4.53
N ALA A 876 16.19 32.80 3.49
CA ALA A 876 16.10 33.60 2.28
C ALA A 876 14.75 33.44 1.58
N ILE A 877 14.26 32.20 1.52
CA ILE A 877 12.98 31.96 0.87
C ILE A 877 11.85 32.67 1.62
N SER A 878 11.87 32.61 2.95
CA SER A 878 10.86 33.30 3.73
C SER A 878 10.92 34.81 3.51
N LEU A 879 12.13 35.38 3.45
CA LEU A 879 12.26 36.81 3.19
C LEU A 879 11.68 37.18 1.84
N VAL A 880 11.99 36.40 0.80
CA VAL A 880 11.46 36.69 -0.52
C VAL A 880 9.93 36.59 -0.53
N VAL A 881 9.40 35.57 0.13
CA VAL A 881 7.94 35.37 0.14
C VAL A 881 7.25 36.52 0.85
N VAL A 882 7.78 36.96 1.99
CA VAL A 882 7.13 38.06 2.71
C VAL A 882 7.26 39.37 1.93
N PHE A 883 8.38 39.58 1.25
CA PHE A 883 8.51 40.76 0.39
C PHE A 883 7.46 40.76 -0.70
N LEU A 884 7.28 39.62 -1.38
CA LEU A 884 6.29 39.55 -2.45
C LEU A 884 4.88 39.72 -1.91
N ALA A 885 4.60 39.15 -0.74
CA ALA A 885 3.27 39.30 -0.14
C ALA A 885 2.97 40.75 0.19
N LEU A 886 3.96 41.47 0.75
CA LEU A 886 3.76 42.88 1.02
C LEU A 886 3.54 43.67 -0.26
N ALA A 887 4.33 43.38 -1.30
CA ALA A 887 4.17 44.09 -2.56
C ALA A 887 2.80 43.86 -3.17
N ALA A 888 2.30 42.62 -3.10
CA ALA A 888 0.97 42.33 -3.64
C ALA A 888 -0.12 42.99 -2.81
N LEU A 889 0.00 42.94 -1.48
CA LEU A 889 -1.05 43.48 -0.61
C LEU A 889 -1.15 45.00 -0.74
N TYR A 890 -0.03 45.70 -0.62
CA TYR A 890 0.02 47.14 -0.81
C TYR A 890 0.65 47.40 -2.17
N GLU A 891 -0.14 47.92 -3.10
CA GLU A 891 0.28 48.02 -4.51
C GLU A 891 1.35 49.11 -4.62
N SER A 892 2.55 48.75 -4.20
CA SER A 892 3.71 49.64 -4.25
C SER A 892 4.96 48.81 -4.00
N TRP A 893 6.06 49.22 -4.61
CA TRP A 893 7.35 48.59 -4.39
C TRP A 893 8.20 49.31 -3.36
N SER A 894 7.66 50.36 -2.73
CA SER A 894 8.40 51.11 -1.72
C SER A 894 8.11 50.63 -0.32
N ILE A 895 6.86 50.22 -0.04
CA ILE A 895 6.53 49.68 1.28
C ILE A 895 7.33 48.42 1.60
N PRO A 896 7.42 47.42 0.72
CA PRO A 896 8.25 46.26 1.05
C PRO A 896 9.72 46.62 1.26
N PHE A 897 10.26 47.55 0.47
CA PHE A 897 11.66 47.91 0.64
C PHE A 897 11.89 48.64 1.95
N SER A 898 10.92 49.46 2.37
CA SER A 898 11.06 50.16 3.65
C SER A 898 10.84 49.23 4.83
N VAL A 899 10.06 48.17 4.65
CA VAL A 899 9.77 47.26 5.75
C VAL A 899 10.87 46.21 5.93
N MET A 900 11.40 45.66 4.83
CA MET A 900 12.41 44.62 4.94
C MET A 900 13.74 45.12 5.51
N LEU A 901 13.92 46.44 5.62
CA LEU A 901 15.12 46.98 6.24
C LEU A 901 15.13 46.82 7.75
N VAL A 902 14.01 46.39 8.36
CA VAL A 902 13.92 46.22 9.81
C VAL A 902 14.20 44.80 10.25
N VAL A 903 14.27 43.85 9.32
CA VAL A 903 14.55 42.45 9.70
C VAL A 903 15.87 42.31 10.43
N PRO A 904 16.98 42.92 10.00
CA PRO A 904 18.21 42.83 10.79
C PRO A 904 18.07 43.35 12.20
N LEU A 905 17.21 44.36 12.43
CA LEU A 905 17.05 44.91 13.77
C LEU A 905 16.50 43.88 14.74
N GLY A 906 15.59 43.02 14.27
CA GLY A 906 15.11 41.95 15.13
C GLY A 906 16.04 40.75 15.17
N VAL A 907 16.72 40.45 14.06
CA VAL A 907 17.61 39.30 14.04
C VAL A 907 18.78 39.52 15.00
N VAL A 908 19.33 40.73 15.02
CA VAL A 908 20.46 41.00 15.90
C VAL A 908 20.04 40.89 17.36
N GLY A 909 18.83 41.31 17.68
CA GLY A 909 18.35 41.17 19.04
C GLY A 909 18.12 39.74 19.46
N ALA A 910 17.57 38.92 18.54
CA ALA A 910 17.42 37.51 18.83
C ALA A 910 18.78 36.86 19.07
N LEU A 911 19.77 37.19 18.24
CA LEU A 911 21.11 36.64 18.43
C LEU A 911 21.71 37.11 19.75
N LEU A 912 21.50 38.37 20.10
CA LEU A 912 22.03 38.90 21.36
C LEU A 912 21.42 38.19 22.56
N ALA A 913 20.10 37.98 22.54
CA ALA A 913 19.46 37.27 23.64
C ALA A 913 19.96 35.84 23.73
N THR A 914 20.09 35.15 22.59
CA THR A 914 20.60 33.78 22.60
C THR A 914 22.02 33.72 23.16
N ASP A 915 22.87 34.66 22.75
CA ASP A 915 24.23 34.70 23.28
C ASP A 915 24.23 34.98 24.78
N LEU A 916 23.39 35.91 25.23
CA LEU A 916 23.33 36.24 26.65
C LEU A 916 22.91 35.04 27.49
N ARG A 917 21.91 34.29 27.03
CA ARG A 917 21.48 33.11 27.76
C ARG A 917 22.38 31.90 27.50
N GLY A 918 23.34 32.01 26.59
CA GLY A 918 24.24 30.91 26.31
C GLY A 918 23.58 29.71 25.66
N LEU A 919 22.68 29.94 24.71
CA LEU A 919 22.02 28.86 23.99
C LEU A 919 22.69 28.65 22.63
N SER A 920 22.16 27.71 21.86
CA SER A 920 22.75 27.32 20.59
C SER A 920 21.81 27.65 19.44
N ASN A 921 22.31 27.43 18.23
CA ASN A 921 21.54 27.66 17.00
C ASN A 921 20.89 26.36 16.55
N ASP A 922 19.91 25.92 17.34
CA ASP A 922 19.20 24.68 17.09
C ASP A 922 17.93 24.95 16.26
N VAL A 923 17.06 23.94 16.17
CA VAL A 923 15.84 24.07 15.39
C VAL A 923 14.90 25.11 16.00
N TYR A 924 14.83 25.14 17.34
CA TYR A 924 13.98 26.11 18.01
C TYR A 924 14.44 27.53 17.73
N PHE A 925 15.74 27.77 17.71
CA PHE A 925 16.25 29.09 17.32
C PHE A 925 15.92 29.39 15.85
N GLN A 926 15.93 28.38 14.99
CA GLN A 926 15.59 28.61 13.60
C GLN A 926 14.13 28.99 13.43
N VAL A 927 13.23 28.43 14.25
CA VAL A 927 11.84 28.86 14.23
C VAL A 927 11.70 30.27 14.82
N GLY A 928 12.43 30.54 15.90
CA GLY A 928 12.37 31.86 16.50
C GLY A 928 12.83 32.96 15.57
N LEU A 929 13.82 32.65 14.73
CA LEU A 929 14.32 33.67 13.79
C LEU A 929 13.24 34.07 12.79
N LEU A 930 12.50 33.09 12.26
CA LEU A 930 11.40 33.41 11.34
C LEU A 930 10.30 34.16 12.07
N THR A 931 10.03 33.80 13.33
CA THR A 931 9.06 34.55 14.12
C THR A 931 9.47 36.01 14.27
N THR A 932 10.75 36.25 14.56
CA THR A 932 11.23 37.64 14.68
C THR A 932 11.18 38.37 13.35
N ILE A 933 11.45 37.67 12.25
CA ILE A 933 11.30 38.29 10.93
C ILE A 933 9.87 38.80 10.76
N GLY A 934 8.89 37.93 11.05
CA GLY A 934 7.50 38.35 10.94
C GLY A 934 7.15 39.49 11.87
N LEU A 935 7.64 39.44 13.11
CA LEU A 935 7.31 40.49 14.08
C LEU A 935 7.90 41.83 13.67
N SER A 936 9.15 41.84 13.20
CA SER A 936 9.74 43.09 12.73
C SER A 936 9.00 43.64 11.54
N ALA A 937 8.61 42.77 10.60
CA ALA A 937 7.83 43.23 9.45
C ALA A 937 6.51 43.83 9.88
N LYS A 938 5.83 43.20 10.85
CA LYS A 938 4.57 43.74 11.35
C LYS A 938 4.74 45.09 12.00
N ASN A 939 5.79 45.24 12.82
CA ASN A 939 6.02 46.51 13.50
C ASN A 939 6.32 47.61 12.49
N ALA A 940 7.10 47.32 11.45
CA ALA A 940 7.36 48.31 10.41
C ALA A 940 6.07 48.64 9.65
N ILE A 941 5.24 47.63 9.39
CA ILE A 941 4.02 47.84 8.63
C ILE A 941 3.09 48.81 9.35
N LEU A 942 2.95 48.63 10.67
CA LEU A 942 1.99 49.42 11.42
C LEU A 942 2.23 50.92 11.29
N ILE A 943 3.44 51.33 10.91
CA ILE A 943 3.75 52.73 10.66
C ILE A 943 3.74 53.05 9.17
N VAL A 944 4.37 52.19 8.36
CA VAL A 944 4.56 52.50 6.95
C VAL A 944 3.23 52.54 6.20
N GLU A 945 2.31 51.63 6.54
CA GLU A 945 1.01 51.62 5.87
C GLU A 945 0.26 52.92 6.10
N PHE A 946 0.23 53.37 7.36
CA PHE A 946 -0.46 54.62 7.68
C PHE A 946 0.23 55.81 7.01
N ALA A 947 1.56 55.82 7.00
CA ALA A 947 2.28 56.92 6.36
C ALA A 947 1.98 57.00 4.87
N VAL A 948 1.97 55.86 4.19
CA VAL A 948 1.68 55.83 2.76
C VAL A 948 0.24 56.25 2.50
N GLU A 949 -0.70 55.77 3.32
CA GLU A 949 -2.09 56.15 3.14
C GLU A 949 -2.28 57.65 3.30
N MET A 950 -1.64 58.26 4.31
CA MET A 950 -1.77 59.70 4.50
C MET A 950 -1.07 60.46 3.38
N MET A 951 0.05 59.94 2.87
CA MET A 951 0.74 60.57 1.77
C MET A 951 -0.13 60.61 0.53
N GLN A 952 -0.81 59.51 0.23
CA GLN A 952 -1.60 59.43 -1.00
C GLN A 952 -2.93 60.17 -0.86
N LYS A 953 -3.72 59.82 0.16
CA LYS A 953 -5.07 60.33 0.29
C LYS A 953 -5.11 61.85 0.47
N GLU A 954 -4.57 62.34 1.60
CA GLU A 954 -4.64 63.76 1.87
C GLU A 954 -3.63 64.54 1.02
N GLY A 955 -2.41 64.02 0.89
CA GLY A 955 -1.38 64.69 0.13
C GLY A 955 -0.40 65.43 1.02
N LYS A 956 0.76 64.82 1.26
CA LYS A 956 1.74 65.39 2.18
C LYS A 956 3.13 64.94 1.77
N THR A 957 4.12 65.70 2.22
CA THR A 957 5.50 65.32 2.00
C THR A 957 5.85 64.11 2.87
N PRO A 958 6.82 63.29 2.45
CA PRO A 958 7.18 62.13 3.28
C PRO A 958 8.07 62.50 4.45
N ILE A 959 7.74 63.60 5.14
CA ILE A 959 8.45 64.01 6.33
C ILE A 959 7.45 64.21 7.46
N GLU A 960 6.22 64.57 7.09
CA GLU A 960 5.17 64.81 8.07
C GLU A 960 4.17 63.68 8.17
N ALA A 961 3.89 62.99 7.06
CA ALA A 961 3.03 61.81 7.11
C ALA A 961 3.64 60.74 8.00
N ILE A 962 4.94 60.51 7.88
CA ILE A 962 5.61 59.51 8.70
C ILE A 962 5.57 59.91 10.18
N ILE A 963 5.77 61.20 10.47
CA ILE A 963 5.76 61.65 11.85
C ILE A 963 4.38 61.47 12.47
N GLU A 964 3.34 61.89 11.74
CA GLU A 964 1.99 61.75 12.27
C GLU A 964 1.60 60.27 12.41
N ALA A 965 2.00 59.43 11.46
CA ALA A 965 1.70 58.01 11.57
C ALA A 965 2.40 57.39 12.78
N ALA A 966 3.66 57.74 13.02
CA ALA A 966 4.35 57.23 14.20
C ALA A 966 3.69 57.71 15.48
N ARG A 967 3.32 58.99 15.54
CA ARG A 967 2.68 59.53 16.72
C ARG A 967 1.34 58.83 17.00
N MET A 968 0.57 58.58 15.95
CA MET A 968 -0.75 57.96 16.12
C MET A 968 -0.68 56.45 16.35
N ARG A 969 0.41 55.79 15.93
CA ARG A 969 0.51 54.34 16.05
C ARG A 969 1.51 53.88 17.11
N LEU A 970 2.10 54.80 17.86
CA LEU A 970 3.02 54.39 18.93
C LEU A 970 2.30 53.54 19.99
N ARG A 971 1.10 53.95 20.40
CA ARG A 971 0.39 53.20 21.43
C ARG A 971 0.01 51.79 21.01
N PRO A 972 -0.62 51.55 19.84
CA PRO A 972 -0.89 50.17 19.46
C PRO A 972 0.35 49.31 19.31
N ILE A 973 1.45 49.89 18.81
CA ILE A 973 2.69 49.14 18.63
C ILE A 973 3.23 48.70 19.99
N LEU A 974 3.26 49.63 20.95
CA LEU A 974 3.75 49.29 22.28
C LEU A 974 2.84 48.26 22.96
N MET A 975 1.53 48.41 22.80
CA MET A 975 0.60 47.44 23.38
C MET A 975 0.84 46.05 22.81
N THR A 976 0.91 45.94 21.49
CA THR A 976 1.12 44.64 20.86
C THR A 976 2.47 44.05 21.25
N SER A 977 3.51 44.87 21.28
CA SER A 977 4.85 44.39 21.63
C SER A 977 4.88 43.87 23.06
N LEU A 978 4.30 44.62 24.00
CA LEU A 978 4.28 44.17 25.38
C LEU A 978 3.45 42.90 25.54
N ALA A 979 2.32 42.82 24.83
CA ALA A 979 1.50 41.62 24.89
C ALA A 979 2.26 40.40 24.42
N PHE A 980 2.99 40.52 23.30
CA PHE A 980 3.76 39.38 22.82
C PHE A 980 4.92 39.05 23.76
N ILE A 981 5.62 40.08 24.26
CA ILE A 981 6.78 39.83 25.11
C ILE A 981 6.36 39.11 26.39
N LEU A 982 5.25 39.54 27.00
CA LEU A 982 4.77 38.87 28.20
C LEU A 982 3.98 37.60 27.88
N GLY A 983 3.67 37.35 26.61
CA GLY A 983 3.09 36.08 26.22
C GLY A 983 4.09 34.97 26.00
N VAL A 984 5.38 35.29 25.97
CA VAL A 984 6.44 34.30 25.85
C VAL A 984 7.38 34.31 27.05
N LEU A 985 7.14 35.19 28.03
CA LEU A 985 7.96 35.18 29.24
C LEU A 985 7.91 33.87 30.00
N PRO A 986 6.76 33.20 30.19
CA PRO A 986 6.79 31.89 30.85
C PRO A 986 7.65 30.86 30.15
N LEU A 987 7.80 30.96 28.83
CA LEU A 987 8.72 30.06 28.12
C LEU A 987 10.17 30.32 28.52
N VAL A 988 10.51 31.59 28.77
CA VAL A 988 11.89 31.93 29.08
C VAL A 988 12.28 31.44 30.47
N ILE A 989 11.41 31.64 31.45
CA ILE A 989 11.74 31.37 32.85
C ILE A 989 11.29 29.96 33.24
N SER A 990 10.97 29.14 32.25
CA SER A 990 10.47 27.80 32.51
C SER A 990 11.58 26.93 33.10
N HIS A 991 11.26 26.24 34.19
CA HIS A 991 12.14 25.23 34.76
C HIS A 991 11.31 24.03 35.17
N GLY A 992 11.77 22.83 34.83
CA GLY A 992 11.03 21.63 35.14
C GLY A 992 11.29 20.51 34.15
N ALA A 993 10.22 19.96 33.58
CA ALA A 993 10.33 18.87 32.61
C ALA A 993 10.11 19.42 31.21
N GLY A 994 11.05 19.13 30.32
CA GLY A 994 10.99 19.68 28.98
C GLY A 994 11.17 21.18 28.93
N SER A 995 12.06 21.71 29.76
CA SER A 995 12.26 23.16 29.86
C SER A 995 13.30 23.69 28.88
N GLY A 996 14.15 22.84 28.32
CA GLY A 996 15.15 23.32 27.38
C GLY A 996 14.53 23.88 26.11
N ALA A 997 13.55 23.16 25.55
CA ALA A 997 12.86 23.64 24.36
C ALA A 997 12.13 24.94 24.62
N GLN A 998 11.42 25.01 25.75
CA GLN A 998 10.72 26.23 26.12
C GLN A 998 11.70 27.39 26.23
N ASN A 999 12.83 27.17 26.91
CA ASN A 999 13.81 28.21 27.08
C ASN A 999 14.35 28.69 25.74
N ALA A 1000 14.67 27.76 24.83
CA ALA A 1000 15.22 28.14 23.53
C ALA A 1000 14.23 29.01 22.76
N VAL A 1001 13.00 28.51 22.58
CA VAL A 1001 12.01 29.24 21.80
C VAL A 1001 11.75 30.61 22.42
N GLY A 1002 11.49 30.63 23.74
CA GLY A 1002 11.13 31.87 24.39
C GLY A 1002 12.24 32.89 24.32
N THR A 1003 13.48 32.47 24.60
CA THR A 1003 14.59 33.40 24.55
C THR A 1003 14.74 34.01 23.16
N GLY A 1004 14.74 33.17 22.13
CA GLY A 1004 14.87 33.69 20.78
C GLY A 1004 13.79 34.71 20.44
N VAL A 1005 12.53 34.33 20.64
CA VAL A 1005 11.45 35.20 20.19
C VAL A 1005 11.39 36.46 21.03
N MET A 1006 11.65 36.36 22.34
CA MET A 1006 11.55 37.52 23.21
C MET A 1006 12.64 38.54 22.91
N GLY A 1007 13.88 38.08 22.77
CA GLY A 1007 14.95 38.99 22.40
C GLY A 1007 14.70 39.65 21.05
N GLY A 1008 14.28 38.84 20.07
CA GLY A 1008 14.01 39.39 18.75
C GLY A 1008 12.92 40.46 18.78
N MET A 1009 11.82 40.18 19.50
CA MET A 1009 10.72 41.13 19.57
C MET A 1009 11.15 42.42 20.27
N PHE A 1010 11.83 42.29 21.41
CA PHE A 1010 12.24 43.49 22.14
C PHE A 1010 13.11 44.38 21.28
N ALA A 1011 14.15 43.80 20.67
CA ALA A 1011 15.03 44.61 19.83
C ALA A 1011 14.27 45.16 18.63
N ALA A 1012 13.39 44.35 18.03
CA ALA A 1012 12.65 44.79 16.86
C ALA A 1012 11.86 46.06 17.16
N THR A 1013 11.05 46.04 18.22
CA THR A 1013 10.25 47.23 18.52
C THR A 1013 11.13 48.41 18.94
N VAL A 1014 12.09 48.17 19.84
CA VAL A 1014 12.88 49.27 20.38
C VAL A 1014 13.64 49.99 19.28
N LEU A 1015 14.27 49.24 18.37
CA LEU A 1015 15.01 49.87 17.28
C LEU A 1015 14.10 50.31 16.14
N ALA A 1016 12.94 49.67 15.98
CA ALA A 1016 12.08 49.97 14.84
C ALA A 1016 11.36 51.30 15.03
N ILE A 1017 10.87 51.58 16.24
CA ILE A 1017 10.17 52.83 16.45
C ILE A 1017 11.06 54.03 16.13
N TYR A 1018 12.38 53.86 16.17
CA TYR A 1018 13.30 54.94 15.86
C TYR A 1018 13.93 54.83 14.47
N PHE A 1019 13.92 53.65 13.85
CA PHE A 1019 14.55 53.48 12.56
C PHE A 1019 13.57 53.46 11.39
N VAL A 1020 12.30 53.16 11.63
CA VAL A 1020 11.34 53.08 10.51
C VAL A 1020 11.16 54.42 9.81
N PRO A 1021 11.02 55.56 10.50
CA PRO A 1021 10.94 56.83 9.77
C PRO A 1021 12.14 57.09 8.87
N VAL A 1022 13.34 56.75 9.33
CA VAL A 1022 14.54 56.99 8.53
C VAL A 1022 14.52 56.14 7.27
N PHE A 1023 14.17 54.86 7.42
CA PHE A 1023 14.07 53.97 6.25
C PHE A 1023 13.01 54.47 5.28
N PHE A 1024 11.87 54.90 5.80
CA PHE A 1024 10.79 55.39 4.95
C PHE A 1024 11.24 56.61 4.16
N VAL A 1025 11.89 57.57 4.83
CA VAL A 1025 12.35 58.78 4.16
C VAL A 1025 13.37 58.44 3.08
N VAL A 1026 14.34 57.59 3.42
CA VAL A 1026 15.39 57.25 2.46
C VAL A 1026 14.81 56.53 1.25
N VAL A 1027 13.92 55.57 1.49
CA VAL A 1027 13.34 54.80 0.39
C VAL A 1027 12.49 55.69 -0.50
N GLU A 1028 11.68 56.57 0.10
CA GLU A 1028 10.83 57.44 -0.70
C GLU A 1028 11.66 58.44 -1.50
N HIS A 1029 12.78 58.91 -0.93
CA HIS A 1029 13.67 59.77 -1.69
C HIS A 1029 14.31 59.03 -2.85
N LEU A 1030 14.71 57.78 -2.64
CA LEU A 1030 15.32 57.01 -3.71
C LEU A 1030 14.33 56.74 -4.83
N PHE A 1031 13.10 56.38 -4.49
CA PHE A 1031 12.10 56.05 -5.50
C PHE A 1031 11.69 57.28 -6.30
N ALA A 1032 11.58 58.44 -5.63
CA ALA A 1032 11.19 59.66 -6.33
C ALA A 1032 12.28 60.12 -7.28
N ARG A 1033 13.55 59.97 -6.89
CA ARG A 1033 14.65 60.39 -7.74
C ARG A 1033 14.70 59.60 -9.03
N PHE A 1034 14.51 58.28 -8.96
CA PHE A 1034 14.59 57.43 -10.13
C PHE A 1034 13.37 57.55 -11.04
N LYS A 1035 12.30 58.20 -10.60
CA LYS A 1035 11.11 58.39 -11.40
C LYS A 1035 10.98 59.84 -11.85
N ALA B 2 -29.22 33.78 -5.45
CA ALA B 2 -28.82 33.35 -6.78
C ALA B 2 -29.92 33.64 -7.79
N ASN B 3 -30.31 34.91 -7.88
CA ASN B 3 -31.23 35.37 -8.91
C ASN B 3 -30.53 35.66 -10.23
N TYR B 4 -29.22 35.40 -10.30
CA TYR B 4 -28.48 35.54 -11.55
C TYR B 4 -29.06 34.67 -12.65
N PHE B 5 -29.64 33.52 -12.29
CA PHE B 5 -30.25 32.61 -13.24
C PHE B 5 -31.69 32.97 -13.58
N ILE B 6 -32.31 33.90 -12.86
CA ILE B 6 -33.71 34.24 -13.12
C ILE B 6 -33.86 34.84 -14.52
N ASP B 7 -32.94 35.73 -14.90
CA ASP B 7 -32.96 36.33 -16.22
C ASP B 7 -32.11 35.56 -17.21
N ARG B 8 -31.52 34.43 -16.81
CA ARG B 8 -30.70 33.60 -17.69
C ARG B 8 -31.18 32.15 -17.59
N PRO B 9 -32.33 31.84 -18.17
CA PRO B 9 -32.84 30.46 -18.11
C PRO B 9 -31.98 29.45 -18.85
N VAL B 10 -31.30 29.86 -19.91
CA VAL B 10 -30.51 28.91 -20.70
C VAL B 10 -29.34 28.36 -19.88
N PHE B 11 -28.71 29.21 -19.07
CA PHE B 11 -27.62 28.74 -18.21
C PHE B 11 -28.13 27.73 -17.19
N ALA B 12 -29.30 27.98 -16.61
CA ALA B 12 -29.88 27.04 -15.66
C ALA B 12 -30.22 25.71 -16.34
N TRP B 13 -30.78 25.77 -17.55
CA TRP B 13 -31.06 24.54 -18.29
C TRP B 13 -29.77 23.78 -18.60
N VAL B 14 -28.72 24.51 -18.98
CA VAL B 14 -27.44 23.87 -19.27
C VAL B 14 -26.89 23.17 -18.04
N LEU B 15 -26.96 23.83 -16.88
CA LEU B 15 -26.49 23.21 -15.65
C LEU B 15 -27.31 21.97 -15.29
N ALA B 16 -28.64 22.04 -15.46
CA ALA B 16 -29.47 20.89 -15.16
C ALA B 16 -29.16 19.72 -16.08
N ILE B 17 -28.99 19.99 -17.39
CA ILE B 17 -28.66 18.93 -18.33
C ILE B 17 -27.29 18.35 -18.02
N ILE B 18 -26.34 19.20 -17.62
CA ILE B 18 -25.01 18.72 -17.26
C ILE B 18 -25.08 17.80 -16.05
N MET B 19 -25.87 18.19 -15.03
CA MET B 19 -26.03 17.33 -13.86
C MET B 19 -26.68 16.00 -14.24
N MET B 20 -27.70 16.04 -15.11
CA MET B 20 -28.33 14.80 -15.54
C MET B 20 -27.35 13.90 -16.30
N LEU B 21 -26.53 14.49 -17.17
CA LEU B 21 -25.53 13.70 -17.89
C LEU B 21 -24.52 13.06 -16.95
N ALA B 22 -24.04 13.84 -15.97
CA ALA B 22 -23.11 13.28 -14.99
C ALA B 22 -23.76 12.14 -14.22
N GLY B 23 -25.03 12.30 -13.84
CA GLY B 23 -25.72 11.24 -13.13
C GLY B 23 -25.89 9.98 -13.96
N GLY B 24 -26.23 10.14 -15.24
CA GLY B 24 -26.36 8.98 -16.10
C GLY B 24 -25.04 8.25 -16.29
N LEU B 25 -23.96 9.00 -16.49
CA LEU B 25 -22.65 8.36 -16.64
C LEU B 25 -22.23 7.68 -15.35
N ALA B 26 -22.58 8.27 -14.20
CA ALA B 26 -22.30 7.61 -12.92
C ALA B 26 -23.10 6.32 -12.77
N ILE B 27 -24.37 6.34 -13.18
CA ILE B 27 -25.20 5.14 -13.09
C ILE B 27 -24.63 4.02 -13.94
N MET B 28 -24.20 4.36 -15.17
CA MET B 28 -23.60 3.36 -16.04
C MET B 28 -22.15 3.04 -15.68
N ASN B 29 -21.68 3.44 -14.50
CA ASN B 29 -20.31 3.15 -14.10
C ASN B 29 -20.17 2.80 -12.62
N LEU B 30 -21.27 2.71 -11.87
CA LEU B 30 -21.21 2.45 -10.44
C LEU B 30 -21.39 0.97 -10.12
N PRO B 31 -20.54 0.41 -9.28
CA PRO B 31 -20.73 -1.00 -8.87
C PRO B 31 -22.03 -1.18 -8.12
N VAL B 32 -22.67 -2.32 -8.34
CA VAL B 32 -23.96 -2.64 -7.75
C VAL B 32 -23.80 -3.88 -6.87
N ALA B 33 -24.27 -3.78 -5.63
CA ALA B 33 -24.25 -4.91 -4.71
C ALA B 33 -25.40 -4.76 -3.73
N GLN B 34 -25.78 -5.88 -3.12
CA GLN B 34 -26.91 -5.87 -2.19
C GLN B 34 -26.58 -5.05 -0.95
N TYR B 35 -25.44 -5.31 -0.32
CA TYR B 35 -25.00 -4.58 0.86
C TYR B 35 -23.52 -4.25 0.70
N PRO B 36 -23.06 -3.16 1.30
CA PRO B 36 -21.63 -2.84 1.23
C PRO B 36 -20.80 -3.79 2.08
N GLN B 37 -19.48 -3.61 2.09
CA GLN B 37 -18.59 -4.45 2.88
C GLN B 37 -18.70 -4.03 4.34
N ILE B 38 -19.35 -4.86 5.15
CA ILE B 38 -19.55 -4.55 6.56
C ILE B 38 -18.78 -5.49 7.48
N ALA B 39 -18.55 -6.74 7.07
CA ALA B 39 -17.80 -7.66 7.90
C ALA B 39 -16.32 -7.23 7.94
N PRO B 40 -15.68 -7.30 9.10
CA PRO B 40 -14.27 -6.95 9.17
C PRO B 40 -13.43 -7.93 8.37
N PRO B 41 -12.31 -7.48 7.80
CA PRO B 41 -11.47 -8.38 7.01
C PRO B 41 -10.93 -9.52 7.86
N THR B 42 -10.88 -10.71 7.25
CA THR B 42 -10.33 -11.90 7.90
C THR B 42 -9.33 -12.56 6.97
N ILE B 43 -8.30 -13.15 7.55
CA ILE B 43 -7.30 -13.92 6.82
C ILE B 43 -7.29 -15.33 7.40
N THR B 44 -7.39 -16.33 6.52
CA THR B 44 -7.49 -17.72 6.94
C THR B 44 -6.23 -18.47 6.53
N VAL B 45 -5.62 -19.16 7.48
CA VAL B 45 -4.47 -20.02 7.25
C VAL B 45 -4.94 -21.47 7.42
N SER B 46 -4.79 -22.27 6.37
CA SER B 46 -5.26 -23.65 6.35
C SER B 46 -4.09 -24.58 6.09
N ALA B 47 -3.96 -25.60 6.94
CA ALA B 47 -2.93 -26.62 6.78
C ALA B 47 -3.55 -27.99 6.95
N THR B 48 -2.98 -28.98 6.26
CA THR B 48 -3.49 -30.34 6.26
C THR B 48 -2.40 -31.30 6.72
N TYR B 49 -2.76 -32.23 7.60
CA TYR B 49 -1.88 -33.29 8.09
C TYR B 49 -2.60 -34.60 7.86
N PRO B 50 -2.42 -35.23 6.69
CA PRO B 50 -3.21 -36.43 6.37
C PRO B 50 -2.92 -37.58 7.32
N GLY B 51 -3.95 -37.98 8.06
CA GLY B 51 -3.86 -39.07 9.01
C GLY B 51 -3.74 -38.64 10.46
N ALA B 52 -3.42 -37.39 10.73
CA ALA B 52 -3.23 -36.93 12.09
C ALA B 52 -4.55 -36.73 12.80
N ASP B 53 -4.49 -36.75 14.13
CA ASP B 53 -5.67 -36.56 14.97
C ASP B 53 -5.78 -35.10 15.38
N ALA B 54 -6.80 -34.79 16.18
CA ALA B 54 -6.99 -33.42 16.64
C ALA B 54 -5.84 -32.96 17.52
N GLN B 55 -5.40 -33.81 18.46
CA GLN B 55 -4.33 -33.43 19.37
C GLN B 55 -3.00 -33.36 18.64
N THR B 56 -2.73 -34.33 17.76
CA THR B 56 -1.48 -34.30 17.00
C THR B 56 -1.41 -33.05 16.13
N VAL B 57 -2.51 -32.71 15.46
CA VAL B 57 -2.55 -31.50 14.66
C VAL B 57 -2.33 -30.27 15.52
N GLU B 58 -3.01 -30.20 16.67
CA GLU B 58 -2.89 -29.03 17.53
C GLU B 58 -1.46 -28.85 18.02
N ASP B 59 -0.80 -29.94 18.41
CA ASP B 59 0.57 -29.82 18.93
C ASP B 59 1.57 -29.52 17.82
N SER B 60 1.37 -30.08 16.63
CA SER B 60 2.42 -30.02 15.62
C SER B 60 2.24 -28.93 14.58
N VAL B 61 1.05 -28.36 14.43
CA VAL B 61 0.82 -27.36 13.38
C VAL B 61 0.23 -26.09 13.99
N THR B 62 -0.88 -26.23 14.69
CA THR B 62 -1.64 -25.05 15.13
C THR B 62 -0.85 -24.22 16.13
N GLN B 63 -0.26 -24.87 17.13
CA GLN B 63 0.52 -24.13 18.13
C GLN B 63 1.75 -23.48 17.49
N VAL B 64 2.41 -24.19 16.58
CA VAL B 64 3.60 -23.66 15.93
C VAL B 64 3.25 -22.41 15.13
N ILE B 65 2.15 -22.46 14.37
CA ILE B 65 1.74 -21.31 13.58
C ILE B 65 1.27 -20.17 14.48
N GLU B 66 0.57 -20.49 15.57
CA GLU B 66 0.03 -19.46 16.44
C GLU B 66 1.14 -18.73 17.19
N GLN B 67 2.21 -19.43 17.55
CA GLN B 67 3.29 -18.81 18.30
C GLN B 67 4.09 -17.81 17.48
N ASN B 68 3.86 -17.76 16.16
CA ASN B 68 4.56 -16.82 15.29
C ASN B 68 3.66 -15.71 14.78
N MET B 69 2.38 -15.70 15.16
CA MET B 69 1.44 -14.68 14.72
C MET B 69 1.43 -13.55 15.75
N ASN B 70 2.31 -12.58 15.54
CA ASN B 70 2.38 -11.41 16.41
C ASN B 70 2.92 -10.24 15.61
N GLY B 71 2.66 -9.04 16.11
CA GLY B 71 3.08 -7.84 15.40
C GLY B 71 2.36 -7.61 14.10
N LEU B 72 1.06 -7.87 14.06
CA LEU B 72 0.22 -7.59 12.90
C LEU B 72 -0.64 -6.39 13.20
N ASP B 73 -0.58 -5.37 12.35
CA ASP B 73 -1.30 -4.13 12.61
C ASP B 73 -2.79 -4.32 12.36
N GLY B 74 -3.60 -3.88 13.32
CA GLY B 74 -5.04 -3.92 13.18
C GLY B 74 -5.68 -5.24 13.51
N LEU B 75 -4.97 -6.17 14.14
CA LEU B 75 -5.52 -7.48 14.45
C LEU B 75 -6.52 -7.38 15.58
N MET B 76 -7.79 -7.71 15.29
CA MET B 76 -8.80 -7.77 16.33
C MET B 76 -8.59 -9.01 17.20
N TYR B 77 -8.64 -10.19 16.60
CA TYR B 77 -8.40 -11.42 17.36
C TYR B 77 -8.05 -12.55 16.41
N MET B 78 -7.83 -13.72 16.98
CA MET B 78 -7.40 -14.89 16.21
C MET B 78 -8.00 -16.15 16.84
N SER B 79 -8.65 -16.97 16.02
CA SER B 79 -9.31 -18.19 16.48
C SER B 79 -8.82 -19.37 15.65
N SER B 80 -8.43 -20.46 16.31
CA SER B 80 -7.89 -21.61 15.62
C SER B 80 -8.66 -22.87 15.98
N THR B 81 -8.80 -23.77 15.01
CA THR B 81 -9.44 -25.07 15.20
C THR B 81 -8.54 -26.15 14.63
N SER B 82 -8.58 -27.32 15.28
CA SER B 82 -7.82 -28.49 14.86
C SER B 82 -8.78 -29.68 14.83
N ASP B 83 -9.03 -30.21 13.64
CA ASP B 83 -9.99 -31.28 13.44
C ASP B 83 -9.30 -32.65 13.53
N ALA B 84 -10.13 -33.69 13.62
CA ALA B 84 -9.64 -35.06 13.64
C ALA B 84 -9.33 -35.60 12.25
N ALA B 85 -9.68 -34.85 11.20
CA ALA B 85 -9.35 -35.22 9.83
C ALA B 85 -7.97 -34.74 9.42
N GLY B 86 -7.25 -34.05 10.30
CA GLY B 86 -5.93 -33.55 9.99
C GLY B 86 -5.96 -32.14 9.42
N ASN B 87 -6.89 -31.33 9.89
CA ASN B 87 -7.08 -29.97 9.39
C ASN B 87 -6.77 -28.98 10.50
N ALA B 88 -5.98 -27.96 10.18
CA ALA B 88 -5.70 -26.86 11.10
C ALA B 88 -6.10 -25.56 10.43
N SER B 89 -6.97 -24.80 11.07
CA SER B 89 -7.48 -23.56 10.50
C SER B 89 -7.29 -22.44 11.51
N ILE B 90 -6.60 -21.38 11.10
CA ILE B 90 -6.40 -20.19 11.93
C ILE B 90 -7.01 -19.01 11.21
N THR B 91 -8.08 -18.45 11.78
CA THR B 91 -8.74 -17.28 11.23
C THR B 91 -8.34 -16.06 12.06
N LEU B 92 -7.70 -15.10 11.42
CA LEU B 92 -7.31 -13.85 12.05
C LEU B 92 -8.25 -12.75 11.58
N THR B 93 -9.02 -12.20 12.51
CA THR B 93 -9.95 -11.12 12.22
C THR B 93 -9.28 -9.80 12.55
N PHE B 94 -9.28 -8.89 11.58
CA PHE B 94 -8.65 -7.57 11.66
C PHE B 94 -9.71 -6.49 11.79
N GLU B 95 -9.25 -5.30 12.16
CA GLU B 95 -10.16 -4.17 12.31
C GLU B 95 -10.68 -3.69 10.97
N THR B 96 -11.84 -3.03 11.01
CA THR B 96 -12.42 -2.46 9.80
C THR B 96 -11.56 -1.34 9.27
N GLY B 97 -11.35 -1.33 7.95
CA GLY B 97 -10.49 -0.37 7.31
C GLY B 97 -9.08 -0.85 7.06
N THR B 98 -8.67 -1.96 7.67
CA THR B 98 -7.37 -2.54 7.39
C THR B 98 -7.34 -3.10 5.97
N SER B 99 -6.25 -2.86 5.27
CA SER B 99 -6.11 -3.33 3.91
C SER B 99 -5.96 -4.85 3.90
N PRO B 100 -6.85 -5.59 3.23
CA PRO B 100 -6.72 -7.06 3.24
C PRO B 100 -5.43 -7.57 2.62
N ASP B 101 -4.91 -6.89 1.58
CA ASP B 101 -3.70 -7.36 0.93
C ASP B 101 -2.48 -7.21 1.84
N ILE B 102 -2.37 -6.07 2.53
CA ILE B 102 -1.24 -5.87 3.44
C ILE B 102 -1.33 -6.83 4.62
N ALA B 103 -2.53 -7.03 5.15
CA ALA B 103 -2.71 -7.98 6.24
C ALA B 103 -2.32 -9.38 5.80
N GLN B 104 -2.71 -9.78 4.59
CA GLN B 104 -2.32 -11.08 4.08
C GLN B 104 -0.81 -11.19 3.92
N VAL B 105 -0.16 -10.11 3.47
CA VAL B 105 1.29 -10.13 3.31
C VAL B 105 1.98 -10.34 4.65
N GLN B 106 1.55 -9.61 5.68
CA GLN B 106 2.15 -9.78 7.00
C GLN B 106 1.91 -11.17 7.56
N VAL B 107 0.69 -11.69 7.39
CA VAL B 107 0.36 -13.03 7.89
C VAL B 107 1.24 -14.06 7.20
N GLN B 108 1.45 -13.92 5.89
CA GLN B 108 2.32 -14.86 5.18
C GLN B 108 3.76 -14.74 5.66
N ASN B 109 4.23 -13.53 5.95
CA ASN B 109 5.59 -13.37 6.45
C ASN B 109 5.78 -14.11 7.77
N LYS B 110 4.83 -13.97 8.70
CA LYS B 110 4.93 -14.70 9.96
C LYS B 110 4.80 -16.20 9.75
N LEU B 111 3.90 -16.61 8.83
CA LEU B 111 3.76 -18.03 8.52
C LEU B 111 5.06 -18.62 8.01
N GLN B 112 5.81 -17.85 7.22
CA GLN B 112 7.08 -18.36 6.69
C GLN B 112 8.15 -18.36 7.77
N LEU B 113 8.08 -17.44 8.73
CA LEU B 113 8.91 -17.60 9.92
C LEU B 113 8.60 -18.91 10.64
N ALA B 114 7.34 -19.32 10.64
CA ALA B 114 6.95 -20.54 11.35
C ALA B 114 7.21 -21.81 10.54
N MET B 115 7.28 -21.70 9.21
CA MET B 115 7.25 -22.86 8.34
C MET B 115 8.33 -23.90 8.58
N PRO B 116 9.60 -23.56 8.83
CA PRO B 116 10.61 -24.62 8.99
C PRO B 116 10.35 -25.57 10.14
N SER B 117 9.53 -25.20 11.11
CA SER B 117 9.26 -26.04 12.27
C SER B 117 8.09 -26.99 12.07
N LEU B 118 7.49 -27.02 10.88
CA LEU B 118 6.32 -27.84 10.64
C LEU B 118 6.71 -29.20 10.06
N PRO B 119 5.90 -30.23 10.27
CA PRO B 119 6.23 -31.56 9.74
C PRO B 119 6.31 -31.55 8.23
N GLU B 120 7.15 -32.43 7.69
CA GLU B 120 7.36 -32.48 6.25
C GLU B 120 6.08 -32.84 5.51
N ALA B 121 5.23 -33.69 6.10
CA ALA B 121 3.96 -34.02 5.47
C ALA B 121 3.07 -32.79 5.35
N VAL B 122 3.02 -31.97 6.41
CA VAL B 122 2.23 -30.74 6.36
C VAL B 122 2.79 -29.79 5.32
N GLN B 123 4.11 -29.66 5.24
CA GLN B 123 4.72 -28.76 4.27
C GLN B 123 4.43 -29.21 2.84
N GLN B 124 4.62 -30.50 2.55
CA GLN B 124 4.44 -30.98 1.19
C GLN B 124 2.96 -31.12 0.82
N GLN B 125 2.06 -31.08 1.81
CA GLN B 125 0.64 -31.03 1.47
C GLN B 125 0.24 -29.66 0.96
N GLY B 126 0.88 -28.60 1.45
CA GLY B 126 0.56 -27.25 1.05
C GLY B 126 -0.15 -26.47 2.13
N ILE B 127 0.21 -25.20 2.30
CA ILE B 127 -0.39 -24.32 3.28
C ILE B 127 -1.02 -23.14 2.55
N SER B 128 -2.28 -22.87 2.84
CA SER B 128 -3.04 -21.85 2.13
C SER B 128 -3.25 -20.63 3.03
N VAL B 129 -3.04 -19.44 2.47
CA VAL B 129 -3.40 -18.19 3.11
C VAL B 129 -4.40 -17.49 2.21
N ASP B 130 -5.60 -17.26 2.73
CA ASP B 130 -6.71 -16.74 1.94
C ASP B 130 -7.21 -15.44 2.55
N LYS B 131 -7.33 -14.41 1.73
CA LYS B 131 -7.90 -13.13 2.13
C LYS B 131 -9.38 -13.04 1.81
N SER B 132 -9.99 -14.12 1.32
CA SER B 132 -11.39 -14.10 0.93
C SER B 132 -12.29 -14.04 2.16
N SER B 133 -13.56 -13.75 1.91
CA SER B 133 -14.55 -13.63 2.95
C SER B 133 -15.28 -14.95 3.15
N SER B 134 -16.37 -14.93 3.91
CA SER B 134 -17.24 -16.07 4.18
C SER B 134 -18.54 -15.90 3.39
N ASN B 135 -19.53 -16.75 3.70
CA ASN B 135 -20.86 -16.64 3.11
C ASN B 135 -20.80 -16.79 1.59
N ILE B 136 -20.51 -18.02 1.16
CA ILE B 136 -20.33 -18.40 -0.23
C ILE B 136 -21.35 -17.72 -1.13
N LEU B 137 -20.87 -17.06 -2.18
CA LEU B 137 -21.74 -16.31 -3.08
C LEU B 137 -22.52 -17.23 -4.00
N MET B 138 -21.81 -17.99 -4.84
CA MET B 138 -22.44 -18.79 -5.88
C MET B 138 -21.91 -20.21 -5.82
N VAL B 139 -22.79 -21.16 -6.15
CA VAL B 139 -22.41 -22.56 -6.27
C VAL B 139 -22.83 -23.03 -7.66
N ALA B 140 -21.92 -23.68 -8.36
CA ALA B 140 -22.19 -24.24 -9.68
C ALA B 140 -21.90 -25.74 -9.62
N ALA B 141 -22.94 -26.54 -9.75
CA ALA B 141 -22.81 -28.00 -9.72
C ALA B 141 -22.73 -28.52 -11.14
N PHE B 142 -22.15 -29.71 -11.29
CA PHE B 142 -22.00 -30.34 -12.59
C PHE B 142 -22.50 -31.78 -12.48
N ILE B 143 -23.41 -32.16 -13.37
CA ILE B 143 -24.01 -33.48 -13.37
C ILE B 143 -23.84 -34.09 -14.76
N SER B 144 -24.30 -35.31 -14.91
CA SER B 144 -24.24 -36.03 -16.18
C SER B 144 -25.64 -36.40 -16.63
N ASP B 145 -25.87 -36.37 -17.95
CA ASP B 145 -27.17 -36.70 -18.49
C ASP B 145 -27.55 -38.16 -18.27
N ASN B 146 -26.58 -39.01 -17.92
CA ASN B 146 -26.84 -40.40 -17.59
C ASN B 146 -25.79 -40.85 -16.58
N GLY B 147 -25.66 -42.15 -16.39
CA GLY B 147 -24.74 -42.68 -15.40
C GLY B 147 -23.35 -42.93 -15.93
N SER B 148 -23.02 -42.31 -17.06
CA SER B 148 -21.73 -42.55 -17.69
C SER B 148 -20.57 -42.11 -16.81
N LEU B 149 -20.70 -40.94 -16.18
CA LEU B 149 -19.63 -40.36 -15.37
C LEU B 149 -19.97 -40.51 -13.90
N ASN B 150 -19.01 -41.00 -13.12
CA ASN B 150 -19.18 -41.13 -11.68
C ASN B 150 -18.92 -39.79 -11.01
N GLN B 151 -19.04 -39.76 -9.67
CA GLN B 151 -18.78 -38.53 -8.94
C GLN B 151 -17.29 -38.19 -8.90
N TYR B 152 -16.42 -39.09 -9.33
CA TYR B 152 -14.99 -38.83 -9.34
C TYR B 152 -14.51 -38.34 -10.70
N ASP B 153 -15.09 -38.86 -11.79
CA ASP B 153 -14.75 -38.34 -13.11
C ASP B 153 -15.19 -36.89 -13.25
N ILE B 154 -16.40 -36.58 -12.79
CA ILE B 154 -16.88 -35.20 -12.84
C ILE B 154 -16.02 -34.29 -11.99
N ALA B 155 -15.67 -34.75 -10.78
CA ALA B 155 -14.86 -33.93 -9.89
C ALA B 155 -13.47 -33.69 -10.47
N ASP B 156 -12.88 -34.73 -11.08
CA ASP B 156 -11.57 -34.56 -11.71
C ASP B 156 -11.64 -33.60 -12.88
N TYR B 157 -12.65 -33.74 -13.74
CA TYR B 157 -12.76 -32.84 -14.87
C TYR B 157 -12.94 -31.40 -14.41
N VAL B 158 -13.77 -31.18 -13.40
CA VAL B 158 -13.96 -29.84 -12.87
C VAL B 158 -12.66 -29.29 -12.32
N ALA B 159 -12.00 -30.06 -11.44
CA ALA B 159 -10.79 -29.57 -10.79
C ALA B 159 -9.67 -29.34 -11.78
N SER B 160 -9.69 -30.02 -12.93
CA SER B 160 -8.61 -29.89 -13.90
C SER B 160 -8.88 -28.79 -14.92
N ASN B 161 -10.14 -28.53 -15.27
CA ASN B 161 -10.41 -27.62 -16.38
C ASN B 161 -11.21 -26.38 -16.02
N ILE B 162 -11.95 -26.36 -14.91
CA ILE B 162 -12.81 -25.24 -14.56
C ILE B 162 -12.32 -24.51 -13.31
N LYS B 163 -11.77 -25.26 -12.34
CA LYS B 163 -11.38 -24.66 -11.07
C LYS B 163 -10.31 -23.59 -11.24
N ASP B 164 -9.31 -23.86 -12.10
CA ASP B 164 -8.23 -22.90 -12.27
C ASP B 164 -8.66 -21.66 -13.06
N PRO B 165 -9.34 -21.77 -14.21
CA PRO B 165 -9.85 -20.57 -14.87
C PRO B 165 -10.80 -19.76 -13.99
N LEU B 166 -11.60 -20.43 -13.15
CA LEU B 166 -12.46 -19.70 -12.23
C LEU B 166 -11.68 -19.11 -11.07
N SER B 167 -10.60 -19.76 -10.65
CA SER B 167 -9.73 -19.18 -9.62
C SER B 167 -9.06 -17.91 -10.13
N ARG B 168 -8.67 -17.89 -11.40
CA ARG B 168 -8.01 -16.73 -11.97
C ARG B 168 -8.98 -15.68 -12.51
N THR B 169 -10.29 -15.91 -12.38
CA THR B 169 -11.26 -14.89 -12.73
C THR B 169 -11.19 -13.73 -11.74
N ALA B 170 -11.41 -12.52 -12.25
CA ALA B 170 -11.34 -11.33 -11.42
C ALA B 170 -12.50 -11.30 -10.42
N GLY B 171 -12.19 -11.04 -9.17
CA GLY B 171 -13.17 -10.93 -8.12
C GLY B 171 -13.37 -12.18 -7.30
N VAL B 172 -12.91 -13.33 -7.79
CA VAL B 172 -13.08 -14.60 -7.09
C VAL B 172 -11.93 -14.74 -6.09
N GLY B 173 -12.20 -14.46 -4.81
CA GLY B 173 -11.17 -14.56 -3.80
C GLY B 173 -10.86 -15.96 -3.34
N SER B 174 -11.78 -16.90 -3.53
CA SER B 174 -11.54 -18.28 -3.15
C SER B 174 -12.50 -19.19 -3.91
N VAL B 175 -12.02 -20.39 -4.22
CA VAL B 175 -12.84 -21.43 -4.84
C VAL B 175 -12.66 -22.70 -4.03
N GLN B 176 -13.77 -23.26 -3.55
CA GLN B 176 -13.78 -24.54 -2.88
C GLN B 176 -14.41 -25.58 -3.80
N LEU B 177 -13.86 -26.78 -3.78
CA LEU B 177 -14.30 -27.84 -4.69
C LEU B 177 -15.05 -28.90 -3.88
N PHE B 178 -16.37 -28.95 -4.04
CA PHE B 178 -17.14 -30.07 -3.52
C PHE B 178 -16.88 -31.27 -4.41
N GLY B 179 -15.92 -32.09 -4.02
CA GLY B 179 -15.42 -33.17 -4.85
C GLY B 179 -13.94 -33.34 -4.61
N SER B 180 -13.30 -34.17 -5.44
CA SER B 180 -11.89 -34.44 -5.27
C SER B 180 -11.27 -34.81 -6.61
N GLU B 181 -10.07 -34.28 -6.86
CA GLU B 181 -9.33 -34.58 -8.07
C GLU B 181 -8.83 -36.03 -8.04
N TYR B 182 -8.44 -36.52 -9.20
CA TYR B 182 -7.88 -37.87 -9.27
C TYR B 182 -6.52 -37.94 -8.56
N ALA B 183 -6.18 -39.16 -8.17
CA ALA B 183 -4.87 -39.47 -7.61
C ALA B 183 -4.64 -40.96 -7.80
N MET B 184 -3.40 -41.34 -8.05
CA MET B 184 -3.05 -42.75 -8.18
C MET B 184 -3.10 -43.40 -6.81
N ARG B 185 -4.03 -44.32 -6.61
CA ARG B 185 -4.26 -44.96 -5.33
C ARG B 185 -3.67 -46.36 -5.36
N ILE B 186 -2.82 -46.64 -4.39
CA ILE B 186 -2.19 -47.95 -4.23
C ILE B 186 -2.70 -48.54 -2.93
N TRP B 187 -3.48 -49.61 -3.01
CA TRP B 187 -4.09 -50.25 -1.85
C TRP B 187 -3.28 -51.50 -1.53
N LEU B 188 -2.58 -51.47 -0.40
CA LEU B 188 -1.68 -52.55 -0.02
C LEU B 188 -2.45 -53.73 0.56
N ASP B 189 -1.87 -54.91 0.42
CA ASP B 189 -2.42 -56.13 1.00
C ASP B 189 -1.45 -56.66 2.06
N PRO B 190 -1.84 -56.69 3.34
CA PRO B 190 -0.89 -57.16 4.38
C PRO B 190 -0.42 -58.58 4.16
N GLN B 191 -1.30 -59.48 3.71
CA GLN B 191 -0.90 -60.87 3.52
C GLN B 191 0.07 -61.02 2.36
N LYS B 192 -0.18 -60.31 1.26
CA LYS B 192 0.73 -60.38 0.12
C LYS B 192 2.05 -59.67 0.40
N LEU B 193 2.02 -58.60 1.19
CA LEU B 193 3.26 -57.96 1.61
C LEU B 193 4.09 -58.89 2.50
N ASN B 194 3.44 -59.55 3.45
CA ASN B 194 4.17 -60.46 4.34
C ASN B 194 4.64 -61.70 3.59
N LYS B 195 3.94 -62.10 2.54
CA LYS B 195 4.31 -63.29 1.78
C LYS B 195 5.69 -63.14 1.15
N TYR B 196 5.98 -61.95 0.60
CA TYR B 196 7.24 -61.68 -0.07
C TYR B 196 8.26 -61.00 0.84
N ASN B 197 7.98 -60.89 2.13
CA ASN B 197 8.86 -60.23 3.09
C ASN B 197 9.10 -58.77 2.70
N LEU B 198 8.01 -58.02 2.63
CA LEU B 198 8.05 -56.61 2.25
C LEU B 198 7.30 -55.78 3.28
N VAL B 199 7.61 -54.49 3.30
CA VAL B 199 6.95 -53.53 4.18
C VAL B 199 6.54 -52.33 3.34
N PRO B 200 5.56 -51.56 3.82
CA PRO B 200 5.13 -50.38 3.04
C PRO B 200 6.23 -49.38 2.75
N SER B 201 7.25 -49.31 3.60
CA SER B 201 8.38 -48.42 3.35
C SER B 201 9.12 -48.81 2.08
N ASP B 202 9.28 -50.11 1.85
CA ASP B 202 9.92 -50.57 0.62
C ASP B 202 9.12 -50.17 -0.60
N VAL B 203 7.80 -50.28 -0.54
CA VAL B 203 6.94 -49.86 -1.64
C VAL B 203 7.09 -48.37 -1.89
N ILE B 204 7.10 -47.57 -0.83
CA ILE B 204 7.23 -46.12 -0.97
C ILE B 204 8.56 -45.76 -1.59
N SER B 205 9.64 -46.41 -1.14
CA SER B 205 10.96 -46.12 -1.71
C SER B 205 11.04 -46.51 -3.18
N GLN B 206 10.49 -47.67 -3.54
CA GLN B 206 10.51 -48.09 -4.93
C GLN B 206 9.70 -47.16 -5.81
N ILE B 207 8.56 -46.66 -5.31
CA ILE B 207 7.78 -45.70 -6.06
C ILE B 207 8.56 -44.39 -6.22
N LYS B 208 9.23 -43.95 -5.16
CA LYS B 208 10.02 -42.72 -5.26
C LYS B 208 11.19 -42.87 -6.23
N VAL B 209 11.69 -44.09 -6.41
CA VAL B 209 12.81 -44.28 -7.32
C VAL B 209 12.34 -44.42 -8.77
N GLN B 210 11.29 -45.20 -9.01
CA GLN B 210 10.87 -45.55 -10.36
C GLN B 210 9.77 -44.65 -10.91
N ASN B 211 9.50 -43.52 -10.25
CA ASN B 211 8.54 -42.53 -10.72
C ASN B 211 9.14 -41.14 -10.62
N ASN B 212 10.36 -40.99 -11.13
CA ASN B 212 11.15 -39.77 -10.99
C ASN B 212 11.20 -39.03 -12.33
N GLN B 213 11.93 -37.92 -12.32
CA GLN B 213 12.07 -37.02 -13.47
C GLN B 213 13.54 -36.79 -13.77
N ILE B 214 14.31 -37.87 -13.86
CA ILE B 214 15.76 -37.78 -14.03
C ILE B 214 16.11 -36.89 -15.21
N SER B 215 16.96 -35.89 -14.95
CA SER B 215 17.40 -34.94 -15.96
C SER B 215 18.66 -35.49 -16.63
N GLY B 216 18.52 -35.98 -17.87
CA GLY B 216 19.64 -36.64 -18.52
C GLY B 216 20.78 -35.71 -18.85
N GLY B 217 20.48 -34.52 -19.38
CA GLY B 217 21.50 -33.59 -19.83
C GLY B 217 21.50 -33.48 -21.35
N GLN B 218 22.66 -33.14 -21.91
CA GLN B 218 22.77 -32.91 -23.34
C GLN B 218 23.96 -33.65 -23.92
N LEU B 219 23.72 -34.30 -25.05
CA LEU B 219 24.77 -34.88 -25.90
C LEU B 219 25.31 -33.76 -26.78
N GLY B 220 26.37 -33.13 -26.29
CA GLY B 220 26.96 -31.97 -26.95
C GLY B 220 26.45 -30.71 -26.30
N GLY B 221 27.22 -30.14 -25.38
CA GLY B 221 26.75 -29.01 -24.61
C GLY B 221 27.91 -28.19 -24.12
N MET B 222 27.62 -26.93 -23.80
CA MET B 222 28.65 -25.99 -23.41
C MET B 222 29.25 -26.40 -22.07
N PRO B 223 30.58 -26.47 -21.94
CA PRO B 223 31.59 -26.22 -22.97
C PRO B 223 31.81 -27.43 -23.86
N GLN B 224 31.59 -27.30 -25.15
CA GLN B 224 31.76 -28.41 -26.08
C GLN B 224 33.11 -28.31 -26.78
N ALA B 225 33.54 -29.44 -27.35
CA ALA B 225 34.80 -29.48 -28.08
C ALA B 225 34.69 -28.70 -29.38
N ALA B 226 35.85 -28.36 -29.94
CA ALA B 226 35.87 -27.72 -31.24
C ALA B 226 35.37 -28.70 -32.31
N ASP B 227 35.00 -28.14 -33.46
CA ASP B 227 34.42 -28.90 -34.59
C ASP B 227 33.35 -29.88 -34.13
N GLN B 228 32.57 -29.50 -33.12
CA GLN B 228 31.46 -30.30 -32.64
C GLN B 228 30.21 -29.95 -33.44
N GLN B 229 29.59 -30.97 -34.02
CA GLN B 229 28.48 -30.78 -34.95
C GLN B 229 27.17 -31.43 -34.49
N LEU B 230 27.13 -31.95 -33.27
CA LEU B 230 25.94 -32.63 -32.77
C LEU B 230 25.48 -32.00 -31.46
N ASN B 231 24.17 -31.86 -31.31
CA ASN B 231 23.58 -31.32 -30.09
C ASN B 231 22.23 -32.01 -29.90
N ALA B 232 22.08 -32.76 -28.81
CA ALA B 232 20.84 -33.47 -28.53
C ALA B 232 20.53 -33.41 -27.04
N SER B 233 19.28 -33.66 -26.70
CA SER B 233 18.88 -33.77 -25.30
C SER B 233 18.68 -35.24 -24.94
N ILE B 234 19.20 -35.64 -23.79
CA ILE B 234 19.17 -37.03 -23.35
C ILE B 234 17.95 -37.24 -22.47
N ILE B 235 17.15 -38.26 -22.79
CA ILE B 235 15.99 -38.65 -22.00
C ILE B 235 16.32 -39.96 -21.29
N VAL B 236 16.27 -39.95 -19.97
CA VAL B 236 16.57 -41.13 -19.15
C VAL B 236 15.32 -41.72 -18.54
N GLN B 237 14.56 -40.93 -17.79
CA GLN B 237 13.38 -41.40 -17.10
C GLN B 237 12.33 -40.30 -17.04
N THR B 238 11.06 -40.71 -17.01
CA THR B 238 9.95 -39.79 -16.91
C THR B 238 8.94 -40.33 -15.91
N ARG B 239 8.10 -39.43 -15.39
CA ARG B 239 7.07 -39.84 -14.45
C ARG B 239 6.04 -40.74 -15.13
N LEU B 240 5.53 -41.72 -14.38
CA LEU B 240 4.56 -42.65 -14.93
C LEU B 240 3.22 -41.95 -15.15
N GLN B 241 2.42 -42.52 -16.06
CA GLN B 241 1.19 -41.89 -16.50
C GLN B 241 -0.07 -42.71 -16.26
N THR B 242 0.02 -44.03 -16.22
CA THR B 242 -1.16 -44.87 -16.12
C THR B 242 -1.02 -45.86 -14.98
N PRO B 243 -2.13 -46.33 -14.41
CA PRO B 243 -2.04 -47.36 -13.38
C PRO B 243 -1.38 -48.65 -13.84
N GLU B 244 -1.45 -48.96 -15.13
CA GLU B 244 -0.77 -50.16 -15.63
C GLU B 244 0.74 -50.02 -15.51
N GLU B 245 1.27 -48.82 -15.81
CA GLU B 245 2.69 -48.58 -15.62
C GLU B 245 3.07 -48.64 -14.14
N PHE B 246 2.21 -48.12 -13.26
CA PHE B 246 2.48 -48.15 -11.83
C PHE B 246 2.52 -49.58 -11.30
N GLY B 247 1.60 -50.42 -11.76
CA GLY B 247 1.55 -51.80 -11.33
C GLY B 247 2.73 -52.64 -11.76
N LYS B 248 3.52 -52.17 -12.72
CA LYS B 248 4.70 -52.87 -13.18
C LYS B 248 5.97 -52.43 -12.49
N ILE B 249 5.86 -51.58 -11.47
CA ILE B 249 7.03 -51.15 -10.71
C ILE B 249 7.65 -52.37 -10.02
N LEU B 250 8.96 -52.52 -10.18
CA LEU B 250 9.66 -53.69 -9.67
C LEU B 250 10.08 -53.46 -8.22
N LEU B 251 9.69 -54.38 -7.33
CA LEU B 251 10.01 -54.27 -5.91
C LEU B 251 11.21 -55.12 -5.53
N LYS B 252 11.27 -56.36 -5.99
CA LYS B 252 12.40 -57.24 -5.70
C LYS B 252 12.44 -58.34 -6.75
N VAL B 253 13.59 -59.00 -6.85
CA VAL B 253 13.81 -60.04 -7.84
C VAL B 253 13.94 -61.43 -7.23
N GLN B 254 13.93 -61.54 -5.90
CA GLN B 254 14.00 -62.83 -5.21
C GLN B 254 15.29 -63.57 -5.54
N GLN B 255 15.29 -64.88 -5.34
CA GLN B 255 16.47 -65.71 -5.55
C GLN B 255 16.36 -66.63 -6.77
N ASP B 256 15.19 -67.22 -7.00
CA ASP B 256 15.01 -68.12 -8.13
C ASP B 256 14.94 -67.38 -9.46
N GLY B 257 14.87 -66.05 -9.45
CA GLY B 257 14.85 -65.25 -10.66
C GLY B 257 13.50 -64.61 -10.94
N SER B 258 12.43 -65.15 -10.36
CA SER B 258 11.11 -64.56 -10.54
C SER B 258 11.04 -63.21 -9.84
N GLN B 259 10.52 -62.21 -10.54
CA GLN B 259 10.54 -60.84 -10.07
C GLN B 259 9.19 -60.46 -9.48
N VAL B 260 9.22 -59.64 -8.43
CA VAL B 260 8.03 -59.21 -7.71
C VAL B 260 7.69 -57.80 -8.18
N LEU B 261 6.43 -57.59 -8.55
CA LEU B 261 5.95 -56.30 -9.03
C LEU B 261 4.97 -55.70 -8.03
N LEU B 262 4.64 -54.43 -8.26
CA LEU B 262 3.72 -53.73 -7.37
C LEU B 262 2.34 -54.35 -7.38
N ARG B 263 1.88 -54.78 -8.55
CA ARG B 263 0.56 -55.40 -8.65
C ARG B 263 0.48 -56.72 -7.90
N ASP B 264 1.61 -57.34 -7.58
CA ASP B 264 1.59 -58.60 -6.87
C ASP B 264 1.30 -58.41 -5.38
N VAL B 265 1.63 -57.24 -4.83
CA VAL B 265 1.42 -56.97 -3.40
C VAL B 265 0.37 -55.91 -3.15
N ALA B 266 -0.17 -55.28 -4.19
CA ALA B 266 -1.11 -54.18 -4.00
C ALA B 266 -2.00 -54.07 -5.22
N ARG B 267 -3.10 -53.34 -5.06
CA ARG B 267 -4.02 -53.03 -6.14
C ARG B 267 -3.85 -51.55 -6.50
N VAL B 268 -3.55 -51.29 -7.76
CA VAL B 268 -3.27 -49.94 -8.25
C VAL B 268 -4.46 -49.47 -9.08
N GLU B 269 -4.95 -48.26 -8.80
CA GLU B 269 -6.08 -47.73 -9.53
C GLU B 269 -5.99 -46.20 -9.52
N LEU B 270 -6.98 -45.57 -10.16
CA LEU B 270 -7.06 -44.12 -10.25
C LEU B 270 -8.26 -43.67 -9.41
N GLY B 271 -8.00 -43.34 -8.15
CA GLY B 271 -9.03 -42.99 -7.22
C GLY B 271 -9.08 -41.50 -6.92
N ALA B 272 -9.69 -41.17 -5.79
CA ALA B 272 -9.81 -39.78 -5.36
C ALA B 272 -8.69 -39.42 -4.40
N GLU B 273 -8.24 -38.17 -4.47
CA GLU B 273 -7.24 -37.70 -3.53
C GLU B 273 -7.81 -37.58 -2.12
N ASP B 274 -9.03 -37.06 -2.00
CA ASP B 274 -9.74 -36.98 -0.74
C ASP B 274 -11.03 -37.77 -0.88
N TYR B 275 -11.16 -38.83 -0.08
CA TYR B 275 -12.27 -39.77 -0.20
C TYR B 275 -13.42 -39.50 0.75
N SER B 276 -13.36 -38.41 1.52
CA SER B 276 -14.36 -38.21 2.56
C SER B 276 -15.65 -37.61 2.01
N THR B 277 -15.58 -36.40 1.46
CA THR B 277 -16.77 -35.67 1.08
C THR B 277 -17.50 -36.35 -0.08
N VAL B 278 -18.82 -36.42 0.02
CA VAL B 278 -19.68 -36.97 -1.03
C VAL B 278 -20.72 -35.93 -1.40
N ALA B 279 -20.78 -35.56 -2.68
CA ALA B 279 -21.69 -34.53 -3.16
C ALA B 279 -22.74 -35.14 -4.06
N ARG B 280 -24.00 -34.78 -3.84
CA ARG B 280 -25.11 -35.24 -4.66
C ARG B 280 -25.98 -34.06 -5.03
N TYR B 281 -26.57 -34.13 -6.22
CA TYR B 281 -27.49 -33.09 -6.71
C TYR B 281 -28.78 -33.77 -7.15
N ASN B 282 -29.85 -33.54 -6.41
CA ASN B 282 -31.16 -34.16 -6.68
C ASN B 282 -31.06 -35.69 -6.68
N GLY B 283 -30.18 -36.24 -5.84
CA GLY B 283 -29.97 -37.67 -5.78
C GLY B 283 -28.96 -38.21 -6.78
N LYS B 284 -28.44 -37.37 -7.67
CA LYS B 284 -27.46 -37.80 -8.66
C LYS B 284 -26.07 -37.33 -8.26
N PRO B 285 -25.04 -38.14 -8.56
CA PRO B 285 -23.67 -37.71 -8.24
C PRO B 285 -23.29 -36.43 -8.97
N ALA B 286 -22.54 -35.57 -8.29
CA ALA B 286 -22.22 -34.26 -8.84
C ALA B 286 -20.96 -33.74 -8.19
N ALA B 287 -20.36 -32.74 -8.84
CA ALA B 287 -19.20 -32.03 -8.31
C ALA B 287 -19.51 -30.54 -8.33
N GLY B 288 -19.27 -29.87 -7.22
CA GLY B 288 -19.66 -28.48 -7.05
C GLY B 288 -18.47 -27.55 -6.95
N ILE B 289 -18.69 -26.30 -7.31
CA ILE B 289 -17.70 -25.23 -7.12
C ILE B 289 -18.35 -24.13 -6.30
N ALA B 290 -17.82 -23.89 -5.11
CA ALA B 290 -18.28 -22.83 -4.23
C ALA B 290 -17.36 -21.63 -4.40
N ILE B 291 -17.93 -20.49 -4.75
CA ILE B 291 -17.17 -19.27 -5.02
C ILE B 291 -17.33 -18.34 -3.82
N LYS B 292 -16.22 -17.86 -3.28
CA LYS B 292 -16.23 -16.90 -2.18
C LYS B 292 -15.51 -15.65 -2.63
N LEU B 293 -16.12 -14.50 -2.37
CA LEU B 293 -15.57 -13.23 -2.83
C LEU B 293 -14.26 -12.90 -2.11
N ALA B 294 -13.43 -12.13 -2.78
CA ALA B 294 -12.29 -11.50 -2.11
C ALA B 294 -12.78 -10.34 -1.26
N ALA B 295 -11.93 -9.91 -0.33
CA ALA B 295 -12.28 -8.80 0.55
C ALA B 295 -12.30 -7.51 -0.26
N GLY B 296 -13.50 -7.02 -0.57
CA GLY B 296 -13.65 -5.77 -1.28
C GLY B 296 -13.84 -5.92 -2.78
N ALA B 297 -14.74 -6.81 -3.19
CA ALA B 297 -15.01 -7.05 -4.61
C ALA B 297 -16.50 -6.99 -4.86
N ASN B 298 -16.85 -6.71 -6.12
CA ASN B 298 -18.25 -6.66 -6.53
C ASN B 298 -18.88 -8.05 -6.49
N ALA B 299 -20.09 -8.13 -5.96
CA ALA B 299 -20.80 -9.39 -5.82
C ALA B 299 -21.62 -9.77 -7.05
N LEU B 300 -21.77 -8.86 -8.01
CA LEU B 300 -22.52 -9.14 -9.23
C LEU B 300 -21.65 -9.27 -10.46
N ASP B 301 -20.62 -8.43 -10.58
CA ASP B 301 -19.68 -8.58 -11.68
C ASP B 301 -18.94 -9.91 -11.60
N THR B 302 -18.60 -10.34 -10.38
CA THR B 302 -17.95 -11.64 -10.20
C THR B 302 -18.85 -12.77 -10.68
N SER B 303 -20.15 -12.72 -10.34
CA SER B 303 -21.07 -13.75 -10.78
C SER B 303 -21.23 -13.73 -12.29
N ARG B 304 -21.32 -12.54 -12.89
CA ARG B 304 -21.44 -12.46 -14.34
C ARG B 304 -20.20 -13.03 -15.03
N ALA B 305 -19.01 -12.72 -14.51
CA ALA B 305 -17.79 -13.25 -15.08
C ALA B 305 -17.72 -14.76 -14.95
N VAL B 306 -18.16 -15.29 -13.80
CA VAL B 306 -18.14 -16.74 -13.61
C VAL B 306 -19.09 -17.42 -14.58
N LYS B 307 -20.29 -16.87 -14.75
CA LYS B 307 -21.25 -17.47 -15.67
C LYS B 307 -20.74 -17.42 -17.10
N GLU B 308 -20.11 -16.30 -17.50
CA GLU B 308 -19.55 -16.22 -18.84
C GLU B 308 -18.41 -17.21 -19.04
N GLU B 309 -17.55 -17.38 -18.04
CA GLU B 309 -16.47 -18.34 -18.14
C GLU B 309 -17.00 -19.76 -18.25
N LEU B 310 -18.04 -20.09 -17.48
CA LEU B 310 -18.63 -21.42 -17.58
C LEU B 310 -19.26 -21.64 -18.95
N ASN B 311 -19.93 -20.63 -19.50
CA ASN B 311 -20.50 -20.76 -20.84
C ASN B 311 -19.41 -20.96 -21.88
N ARG B 312 -18.27 -20.28 -21.72
CA ARG B 312 -17.17 -20.46 -22.65
C ARG B 312 -16.56 -21.85 -22.54
N LEU B 313 -16.39 -22.34 -21.31
CA LEU B 313 -15.78 -23.65 -21.09
C LEU B 313 -16.73 -24.80 -21.41
N SER B 314 -18.03 -24.55 -21.53
CA SER B 314 -18.98 -25.61 -21.83
C SER B 314 -18.81 -26.20 -23.22
N ALA B 315 -18.03 -25.57 -24.09
CA ALA B 315 -17.89 -26.07 -25.45
C ALA B 315 -17.05 -27.34 -25.52
N TYR B 316 -16.13 -27.52 -24.58
CA TYR B 316 -15.23 -28.66 -24.57
C TYR B 316 -15.57 -29.68 -23.49
N PHE B 317 -16.82 -29.69 -23.02
CA PHE B 317 -17.23 -30.61 -21.99
C PHE B 317 -17.27 -32.03 -22.53
N PRO B 318 -17.20 -33.03 -21.64
CA PRO B 318 -17.38 -34.43 -22.08
C PRO B 318 -18.76 -34.68 -22.66
N ALA B 319 -19.00 -35.93 -23.07
CA ALA B 319 -20.20 -36.25 -23.85
C ALA B 319 -21.47 -35.85 -23.11
N SER B 320 -21.57 -36.20 -21.83
CA SER B 320 -22.76 -35.90 -21.03
C SER B 320 -22.31 -35.21 -19.75
N LEU B 321 -22.17 -33.88 -19.82
CA LEU B 321 -21.86 -33.07 -18.64
C LEU B 321 -22.60 -31.75 -18.75
N LYS B 322 -23.44 -31.47 -17.76
CA LYS B 322 -24.24 -30.25 -17.74
C LYS B 322 -24.01 -29.49 -16.45
N THR B 323 -23.93 -28.16 -16.57
CA THR B 323 -23.73 -27.29 -15.42
C THR B 323 -25.06 -26.71 -14.96
N VAL B 324 -25.31 -26.76 -13.66
CA VAL B 324 -26.51 -26.22 -13.05
C VAL B 324 -26.09 -25.30 -11.91
N TYR B 325 -27.03 -24.46 -11.49
CA TYR B 325 -26.77 -23.46 -10.44
C TYR B 325 -27.74 -23.69 -9.29
N PRO B 326 -27.36 -24.47 -8.29
CA PRO B 326 -28.25 -24.75 -7.16
C PRO B 326 -28.17 -23.74 -6.03
N TYR B 327 -27.39 -22.69 -6.15
CA TYR B 327 -27.27 -21.69 -5.09
C TYR B 327 -26.67 -20.42 -5.69
N ASP B 328 -27.44 -19.35 -5.72
CA ASP B 328 -26.96 -18.08 -6.24
C ASP B 328 -27.82 -16.96 -5.67
N THR B 329 -27.18 -15.81 -5.41
CA THR B 329 -27.84 -14.66 -4.83
C THR B 329 -27.84 -13.44 -5.74
N THR B 330 -27.57 -13.61 -7.03
CA THR B 330 -27.56 -12.50 -7.98
C THR B 330 -28.97 -12.10 -8.42
N PRO B 331 -29.86 -13.04 -8.77
CA PRO B 331 -31.23 -12.63 -9.13
C PRO B 331 -31.92 -11.85 -8.03
N PHE B 332 -31.67 -12.19 -6.77
CA PHE B 332 -32.27 -11.45 -5.66
C PHE B 332 -31.83 -9.99 -5.68
N ILE B 333 -30.53 -9.75 -5.88
CA ILE B 333 -30.02 -8.39 -5.93
C ILE B 333 -30.63 -7.64 -7.11
N GLU B 334 -30.69 -8.30 -8.28
CA GLU B 334 -31.23 -7.64 -9.47
C GLU B 334 -32.69 -7.25 -9.26
N ILE B 335 -33.50 -8.18 -8.75
CA ILE B 335 -34.92 -7.89 -8.59
C ILE B 335 -35.13 -6.85 -7.50
N SER B 336 -34.32 -6.87 -6.44
CA SER B 336 -34.44 -5.84 -5.41
C SER B 336 -34.15 -4.46 -5.96
N ILE B 337 -33.08 -4.32 -6.75
CA ILE B 337 -32.75 -3.03 -7.34
C ILE B 337 -33.87 -2.57 -8.28
N GLN B 338 -34.42 -3.52 -9.06
CA GLN B 338 -35.52 -3.18 -9.96
C GLN B 338 -36.73 -2.68 -9.18
N GLU B 339 -37.05 -3.35 -8.06
CA GLU B 339 -38.19 -2.92 -7.26
C GLU B 339 -37.98 -1.54 -6.66
N VAL B 340 -36.75 -1.24 -6.23
CA VAL B 340 -36.52 0.09 -5.65
C VAL B 340 -36.62 1.17 -6.72
N PHE B 341 -36.11 0.89 -7.94
CA PHE B 341 -36.28 1.86 -9.02
C PHE B 341 -37.75 2.06 -9.36
N LYS B 342 -38.53 0.97 -9.36
CA LYS B 342 -39.97 1.08 -9.57
C LYS B 342 -40.61 1.94 -8.50
N THR B 343 -40.18 1.78 -7.25
CA THR B 343 -40.70 2.60 -6.16
C THR B 343 -40.38 4.07 -6.38
N LEU B 344 -39.16 4.37 -6.83
CA LEU B 344 -38.79 5.75 -7.13
C LEU B 344 -39.71 6.35 -8.18
N VAL B 345 -39.91 5.62 -9.29
CA VAL B 345 -40.74 6.14 -10.37
C VAL B 345 -42.18 6.32 -9.91
N GLU B 346 -42.70 5.35 -9.16
CA GLU B 346 -44.07 5.45 -8.64
C GLU B 346 -44.21 6.66 -7.72
N ALA B 347 -43.22 6.91 -6.87
CA ALA B 347 -43.27 8.07 -5.99
C ALA B 347 -43.28 9.37 -6.79
N ILE B 348 -42.48 9.45 -7.85
CA ILE B 348 -42.47 10.65 -8.67
C ILE B 348 -43.84 10.87 -9.32
N ILE B 349 -44.44 9.80 -9.84
CA ILE B 349 -45.74 9.91 -10.49
C ILE B 349 -46.80 10.34 -9.47
N LEU B 350 -46.77 9.77 -8.26
CA LEU B 350 -47.74 10.13 -7.24
C LEU B 350 -47.56 11.58 -6.79
N VAL B 351 -46.31 12.05 -6.72
CA VAL B 351 -46.06 13.45 -6.41
C VAL B 351 -46.66 14.35 -7.48
N PHE B 352 -46.48 13.98 -8.75
CA PHE B 352 -47.08 14.76 -9.83
C PHE B 352 -48.60 14.79 -9.69
N LEU B 353 -49.21 13.65 -9.37
CA LEU B 353 -50.66 13.60 -9.24
C LEU B 353 -51.14 14.50 -8.12
N VAL B 354 -50.48 14.46 -6.96
CA VAL B 354 -50.86 15.30 -5.84
C VAL B 354 -50.69 16.78 -6.19
N MET B 355 -49.59 17.11 -6.86
CA MET B 355 -49.33 18.50 -7.22
C MET B 355 -50.37 19.03 -8.19
N TYR B 356 -50.74 18.22 -9.18
CA TYR B 356 -51.78 18.64 -10.13
C TYR B 356 -53.12 18.79 -9.42
N LEU B 357 -53.43 17.88 -8.49
CA LEU B 357 -54.68 17.98 -7.76
C LEU B 357 -54.75 19.27 -6.94
N PHE B 358 -53.64 19.62 -6.27
CA PHE B 358 -53.66 20.78 -5.40
C PHE B 358 -53.61 22.10 -6.18
N LEU B 359 -52.76 22.20 -7.19
CA LEU B 359 -52.61 23.47 -7.90
C LEU B 359 -53.61 23.66 -9.04
N GLN B 360 -54.08 22.58 -9.65
CA GLN B 360 -55.04 22.64 -10.76
C GLN B 360 -54.50 23.48 -11.91
N ASN B 361 -53.20 23.35 -12.19
CA ASN B 361 -52.58 24.03 -13.32
C ASN B 361 -51.37 23.22 -13.76
N PHE B 362 -51.40 22.75 -15.01
CA PHE B 362 -50.34 21.89 -15.51
C PHE B 362 -48.99 22.61 -15.54
N ARG B 363 -49.00 23.89 -15.95
CA ARG B 363 -47.77 24.66 -15.96
C ARG B 363 -47.19 24.82 -14.57
N ALA B 364 -48.05 24.94 -13.56
CA ALA B 364 -47.56 25.07 -12.18
C ALA B 364 -46.84 23.80 -11.73
N THR B 365 -47.40 22.64 -12.04
CA THR B 365 -46.86 21.38 -11.53
C THR B 365 -45.79 20.76 -12.41
N ILE B 366 -45.59 21.25 -13.64
CA ILE B 366 -44.62 20.59 -14.52
C ILE B 366 -43.18 20.88 -14.07
N ILE B 367 -42.96 21.94 -13.30
CA ILE B 367 -41.62 22.36 -12.90
C ILE B 367 -41.00 21.35 -11.93
N PRO B 368 -41.61 21.04 -10.78
CA PRO B 368 -40.99 20.04 -9.88
C PRO B 368 -40.87 18.68 -10.51
N THR B 369 -41.77 18.32 -11.43
CA THR B 369 -41.71 17.03 -12.09
C THR B 369 -40.43 16.89 -12.92
N ILE B 370 -39.95 18.00 -13.48
CA ILE B 370 -38.68 18.00 -14.21
C ILE B 370 -37.52 18.49 -13.36
N ALA B 371 -37.77 18.86 -12.10
CA ALA B 371 -36.70 19.25 -11.21
C ALA B 371 -36.23 18.10 -10.33
N VAL B 372 -37.14 17.21 -9.93
CA VAL B 372 -36.76 16.09 -9.05
C VAL B 372 -35.77 15.13 -9.73
N PRO B 373 -36.02 14.64 -10.96
CA PRO B 373 -35.05 13.72 -11.57
C PRO B 373 -33.68 14.33 -11.75
N VAL B 374 -33.59 15.64 -12.00
CA VAL B 374 -32.29 16.30 -12.10
C VAL B 374 -31.52 16.16 -10.80
N VAL B 375 -32.21 16.40 -9.67
CA VAL B 375 -31.56 16.28 -8.38
C VAL B 375 -31.18 14.84 -8.09
N ILE B 376 -32.03 13.88 -8.49
CA ILE B 376 -31.71 12.47 -8.26
C ILE B 376 -30.45 12.07 -9.03
N LEU B 377 -30.37 12.45 -10.30
CA LEU B 377 -29.21 12.11 -11.10
C LEU B 377 -27.95 12.82 -10.60
N GLY B 378 -28.08 14.09 -10.20
CA GLY B 378 -26.94 14.77 -9.61
C GLY B 378 -26.48 14.12 -8.32
N THR B 379 -27.43 13.62 -7.53
CA THR B 379 -27.08 12.84 -6.35
C THR B 379 -26.29 11.59 -6.71
N PHE B 380 -26.72 10.90 -7.78
CA PHE B 380 -25.96 9.75 -8.26
C PHE B 380 -24.54 10.16 -8.63
N ALA B 381 -24.38 11.31 -9.29
CA ALA B 381 -23.06 11.76 -9.70
C ALA B 381 -22.17 12.08 -8.50
N ILE B 382 -22.71 12.80 -7.51
CA ILE B 382 -21.93 13.09 -6.30
C ILE B 382 -21.59 11.80 -5.58
N LEU B 383 -22.54 10.86 -5.52
CA LEU B 383 -22.31 9.61 -4.81
C LEU B 383 -21.23 8.78 -5.47
N SER B 384 -21.20 8.77 -6.81
CA SER B 384 -20.14 8.07 -7.50
C SER B 384 -18.79 8.75 -7.31
N ALA B 385 -18.77 10.09 -7.36
CA ALA B 385 -17.52 10.81 -7.19
C ALA B 385 -16.94 10.60 -5.79
N VAL B 386 -17.81 10.56 -4.78
CA VAL B 386 -17.36 10.35 -3.40
C VAL B 386 -16.71 8.99 -3.25
N GLY B 387 -17.30 7.94 -3.83
CA GLY B 387 -16.73 6.62 -3.76
C GLY B 387 -17.69 5.54 -3.31
N PHE B 388 -18.96 5.91 -3.10
CA PHE B 388 -19.95 4.95 -2.65
C PHE B 388 -20.38 4.03 -3.79
N THR B 389 -21.31 3.13 -3.48
CA THR B 389 -21.83 2.18 -4.43
C THR B 389 -23.35 2.15 -4.34
N ILE B 390 -23.98 1.73 -5.44
CA ILE B 390 -25.44 1.62 -5.49
C ILE B 390 -25.84 0.33 -4.78
N ASN B 391 -26.47 0.47 -3.62
CA ASN B 391 -26.98 -0.69 -2.90
C ASN B 391 -28.41 -0.44 -2.45
N THR B 392 -28.97 -1.36 -1.66
CA THR B 392 -30.31 -1.16 -1.13
C THR B 392 -30.36 0.06 -0.21
N LEU B 393 -29.34 0.24 0.62
CA LEU B 393 -29.33 1.34 1.57
C LEU B 393 -29.29 2.68 0.86
N THR B 394 -28.41 2.82 -0.14
CA THR B 394 -28.31 4.08 -0.87
C THR B 394 -29.60 4.40 -1.62
N MET B 395 -30.17 3.39 -2.28
CA MET B 395 -31.41 3.62 -3.03
C MET B 395 -32.56 3.99 -2.10
N PHE B 396 -32.65 3.33 -0.93
CA PHE B 396 -33.70 3.69 0.02
C PHE B 396 -33.47 5.07 0.62
N GLY B 397 -32.21 5.45 0.81
CA GLY B 397 -31.92 6.81 1.24
C GLY B 397 -32.38 7.83 0.21
N MET B 398 -32.17 7.54 -1.08
CA MET B 398 -32.68 8.41 -2.12
C MET B 398 -34.21 8.45 -2.12
N VAL B 399 -34.85 7.30 -1.89
CA VAL B 399 -36.30 7.25 -1.83
C VAL B 399 -36.81 8.15 -0.71
N LEU B 400 -36.16 8.09 0.45
CA LEU B 400 -36.55 8.98 1.55
C LEU B 400 -36.28 10.43 1.21
N ALA B 401 -35.13 10.73 0.61
CA ALA B 401 -34.77 12.10 0.26
C ALA B 401 -35.65 12.70 -0.81
N ILE B 402 -36.36 11.87 -1.59
CA ILE B 402 -37.22 12.40 -2.64
C ILE B 402 -38.30 13.30 -2.07
N GLY B 403 -38.72 13.09 -0.82
CA GLY B 403 -39.67 14.01 -0.22
C GLY B 403 -39.11 15.40 -0.08
N LEU B 404 -37.89 15.52 0.44
CA LEU B 404 -37.24 16.82 0.55
C LEU B 404 -36.99 17.42 -0.82
N LEU B 405 -36.61 16.58 -1.79
CA LEU B 405 -36.42 17.07 -3.15
C LEU B 405 -37.71 17.67 -3.70
N VAL B 406 -38.84 17.02 -3.46
CA VAL B 406 -40.12 17.52 -3.92
C VAL B 406 -40.49 18.82 -3.24
N ASP B 407 -40.30 18.89 -1.92
CA ASP B 407 -40.72 20.08 -1.18
C ASP B 407 -39.86 21.30 -1.51
N ASP B 408 -38.56 21.09 -1.76
CA ASP B 408 -37.71 22.22 -2.09
C ASP B 408 -38.15 22.92 -3.37
N ALA B 409 -38.89 22.23 -4.24
CA ALA B 409 -39.49 22.85 -5.42
C ALA B 409 -40.93 23.27 -5.21
N ILE B 410 -41.68 22.52 -4.40
CA ILE B 410 -43.07 22.88 -4.11
C ILE B 410 -43.13 24.23 -3.41
N VAL B 411 -42.22 24.48 -2.47
CA VAL B 411 -42.23 25.76 -1.76
C VAL B 411 -42.04 26.91 -2.74
N VAL B 412 -41.06 26.78 -3.63
CA VAL B 412 -40.77 27.86 -4.58
C VAL B 412 -41.95 28.06 -5.52
N VAL B 413 -42.49 26.98 -6.07
CA VAL B 413 -43.58 27.11 -7.04
C VAL B 413 -44.82 27.71 -6.38
N GLU B 414 -45.14 27.23 -5.17
CA GLU B 414 -46.29 27.78 -4.45
C GLU B 414 -46.09 29.25 -4.13
N ASN B 415 -44.89 29.63 -3.72
CA ASN B 415 -44.63 31.04 -3.41
C ASN B 415 -44.80 31.92 -4.65
N VAL B 416 -44.27 31.47 -5.80
CA VAL B 416 -44.41 32.25 -7.03
C VAL B 416 -45.88 32.36 -7.41
N GLU B 417 -46.62 31.25 -7.35
CA GLU B 417 -48.03 31.29 -7.71
C GLU B 417 -48.82 32.20 -6.78
N ARG B 418 -48.55 32.12 -5.47
CA ARG B 418 -49.24 32.97 -4.51
C ARG B 418 -48.94 34.44 -4.76
N VAL B 419 -47.68 34.76 -5.04
CA VAL B 419 -47.32 36.15 -5.30
C VAL B 419 -48.00 36.66 -6.57
N ILE B 420 -48.04 35.82 -7.61
CA ILE B 420 -48.70 36.21 -8.86
C ILE B 420 -50.19 36.45 -8.63
N ALA B 421 -50.85 35.54 -7.93
CA ALA B 421 -52.29 35.65 -7.74
C ALA B 421 -52.66 36.80 -6.81
N GLU B 422 -51.80 37.08 -5.82
CA GLU B 422 -52.09 38.12 -4.85
C GLU B 422 -51.75 39.50 -5.39
N ASP B 423 -50.48 39.71 -5.74
CA ASP B 423 -50.02 40.97 -6.32
C ASP B 423 -49.82 40.75 -7.81
N LYS B 424 -50.52 41.51 -8.63
CA LYS B 424 -50.45 41.32 -10.08
C LYS B 424 -49.15 41.87 -10.66
N LEU B 425 -48.18 40.98 -10.88
CA LEU B 425 -46.95 41.32 -11.58
C LEU B 425 -46.70 40.27 -12.64
N PRO B 426 -45.90 40.58 -13.65
CA PRO B 426 -45.54 39.55 -14.62
C PRO B 426 -44.77 38.44 -13.95
N PRO B 427 -44.86 37.21 -14.48
CA PRO B 427 -44.14 36.09 -13.85
C PRO B 427 -42.65 36.31 -13.72
N LYS B 428 -42.03 37.03 -14.68
CA LYS B 428 -40.61 37.33 -14.58
C LYS B 428 -40.32 38.27 -13.41
N GLU B 429 -41.22 39.19 -13.11
CA GLU B 429 -41.04 40.12 -12.00
C GLU B 429 -41.46 39.52 -10.67
N ALA B 430 -42.53 38.72 -10.65
CA ALA B 430 -43.00 38.12 -9.41
C ALA B 430 -42.02 37.10 -8.86
N THR B 431 -41.31 36.40 -9.75
CA THR B 431 -40.36 35.38 -9.32
C THR B 431 -39.23 36.00 -8.52
N HIS B 432 -38.78 37.19 -8.91
CA HIS B 432 -37.72 37.87 -8.17
C HIS B 432 -38.10 38.08 -6.72
N LYS B 433 -39.29 38.65 -6.48
CA LYS B 433 -39.76 38.86 -5.11
C LYS B 433 -39.95 37.55 -4.38
N SER B 434 -40.60 36.57 -5.03
CA SER B 434 -40.91 35.32 -4.36
C SER B 434 -39.65 34.58 -3.94
N MET B 435 -38.63 34.55 -4.80
CA MET B 435 -37.37 33.91 -4.47
C MET B 435 -36.49 34.76 -3.55
N GLY B 436 -36.71 36.08 -3.50
CA GLY B 436 -36.03 36.89 -2.52
C GLY B 436 -36.62 36.83 -1.14
N GLN B 437 -37.84 36.33 -1.00
CA GLN B 437 -38.43 36.14 0.31
C GLN B 437 -38.01 34.85 1.00
N ILE B 438 -37.41 33.90 0.28
CA ILE B 438 -37.09 32.60 0.87
C ILE B 438 -35.65 32.20 0.63
N GLN B 439 -34.75 33.18 0.51
CA GLN B 439 -33.35 32.86 0.26
C GLN B 439 -32.63 32.44 1.53
N ARG B 440 -32.54 33.34 2.51
CA ARG B 440 -31.90 33.00 3.77
C ARG B 440 -32.62 31.87 4.47
N ALA B 441 -33.94 31.79 4.32
CA ALA B 441 -34.68 30.67 4.88
C ALA B 441 -34.20 29.34 4.29
N LEU B 442 -34.02 29.29 2.97
CA LEU B 442 -33.55 28.07 2.34
C LEU B 442 -32.14 27.72 2.78
N VAL B 443 -31.26 28.72 2.88
CA VAL B 443 -29.89 28.44 3.32
C VAL B 443 -29.88 27.91 4.75
N GLY B 444 -30.66 28.53 5.65
CA GLY B 444 -30.74 28.05 7.01
C GLY B 444 -31.35 26.67 7.12
N ILE B 445 -32.34 26.37 6.27
CA ILE B 445 -32.92 25.03 6.23
C ILE B 445 -31.87 24.02 5.80
N ALA B 446 -31.06 24.36 4.81
CA ALA B 446 -29.98 23.46 4.40
C ALA B 446 -29.01 23.19 5.54
N VAL B 447 -28.62 24.25 6.25
CA VAL B 447 -27.68 24.07 7.38
C VAL B 447 -28.31 23.21 8.47
N VAL B 448 -29.57 23.47 8.80
CA VAL B 448 -30.25 22.73 9.87
C VAL B 448 -30.38 21.26 9.50
N LEU B 449 -30.77 20.97 8.25
CA LEU B 449 -30.91 19.58 7.84
C LEU B 449 -29.57 18.87 7.80
N SER B 450 -28.52 19.57 7.38
CA SER B 450 -27.18 18.97 7.41
C SER B 450 -26.78 18.61 8.84
N ALA B 451 -27.01 19.53 9.78
CA ALA B 451 -26.69 19.26 11.18
C ALA B 451 -27.52 18.10 11.71
N VAL B 452 -28.80 18.03 11.32
CA VAL B 452 -29.68 16.95 11.78
C VAL B 452 -29.25 15.60 11.25
N PHE B 453 -28.78 15.52 10.01
CA PHE B 453 -28.39 14.24 9.42
C PHE B 453 -26.93 13.89 9.66
N MET B 454 -26.14 14.81 10.22
CA MET B 454 -24.74 14.55 10.59
C MET B 454 -24.52 13.38 11.53
N PRO B 455 -25.27 13.23 12.64
CA PRO B 455 -24.90 12.20 13.63
C PRO B 455 -24.85 10.79 13.08
N MET B 456 -25.71 10.45 12.11
CA MET B 456 -25.74 9.09 11.61
C MET B 456 -24.47 8.71 10.86
N ALA B 457 -23.77 9.68 10.26
CA ALA B 457 -22.56 9.37 9.51
C ALA B 457 -21.39 9.06 10.44
N PHE B 458 -21.41 9.57 11.67
CA PHE B 458 -20.29 9.44 12.60
C PHE B 458 -20.45 8.26 13.55
N MET B 459 -21.54 7.51 13.45
CA MET B 459 -21.73 6.36 14.33
C MET B 459 -20.70 5.28 14.04
N SER B 460 -20.30 4.55 15.08
CA SER B 460 -19.28 3.53 14.98
C SER B 460 -19.89 2.14 14.89
N GLY B 461 -19.06 1.17 14.52
CA GLY B 461 -19.50 -0.20 14.40
C GLY B 461 -20.15 -0.50 13.07
N ALA B 462 -20.68 -1.72 12.98
CA ALA B 462 -21.36 -2.13 11.75
C ALA B 462 -22.60 -1.28 11.49
N THR B 463 -23.36 -0.96 12.54
CA THR B 463 -24.52 -0.10 12.38
C THR B 463 -24.11 1.30 11.91
N GLY B 464 -22.92 1.76 12.29
CA GLY B 464 -22.44 3.03 11.77
C GLY B 464 -22.19 2.97 10.28
N GLU B 465 -21.62 1.86 9.80
CA GLU B 465 -21.43 1.69 8.36
C GLU B 465 -22.77 1.56 7.64
N ILE B 466 -23.77 0.97 8.30
CA ILE B 466 -25.11 0.90 7.72
C ILE B 466 -25.70 2.30 7.58
N TYR B 467 -25.57 3.13 8.62
CA TYR B 467 -26.18 4.45 8.63
C TYR B 467 -25.41 5.48 7.80
N ARG B 468 -24.13 5.22 7.52
CA ARG B 468 -23.33 6.20 6.79
C ARG B 468 -23.88 6.41 5.38
N GLN B 469 -24.29 5.32 4.71
CA GLN B 469 -24.85 5.45 3.37
C GLN B 469 -26.10 6.32 3.38
N PHE B 470 -27.01 6.06 4.33
CA PHE B 470 -28.22 6.86 4.45
C PHE B 470 -27.88 8.33 4.67
N SER B 471 -26.96 8.60 5.59
CA SER B 471 -26.62 9.98 5.92
C SER B 471 -26.02 10.71 4.73
N ILE B 472 -25.06 10.08 4.05
CA ILE B 472 -24.38 10.72 2.93
C ILE B 472 -25.38 10.98 1.80
N THR B 473 -26.20 9.97 1.47
CA THR B 473 -27.16 10.13 0.40
C THR B 473 -28.15 11.25 0.70
N LEU B 474 -28.70 11.26 1.92
CA LEU B 474 -29.69 12.28 2.27
C LEU B 474 -29.08 13.67 2.27
N ILE B 475 -27.87 13.82 2.82
CA ILE B 475 -27.25 15.14 2.91
C ILE B 475 -26.91 15.67 1.52
N SER B 476 -26.33 14.83 0.67
CA SER B 476 -26.01 15.27 -0.69
C SER B 476 -27.28 15.61 -1.46
N SER B 477 -28.34 14.80 -1.31
CA SER B 477 -29.61 15.11 -1.96
C SER B 477 -30.14 16.45 -1.49
N MET B 478 -30.09 16.72 -0.19
CA MET B 478 -30.62 17.96 0.35
C MET B 478 -29.84 19.17 -0.16
N LEU B 479 -28.51 19.08 -0.15
CA LEU B 479 -27.69 20.19 -0.63
C LEU B 479 -27.93 20.44 -2.12
N LEU B 480 -27.99 19.38 -2.92
CA LEU B 480 -28.25 19.56 -4.34
C LEU B 480 -29.64 20.12 -4.59
N SER B 481 -30.63 19.72 -3.78
CA SER B 481 -31.98 20.22 -3.99
C SER B 481 -32.10 21.69 -3.62
N VAL B 482 -31.42 22.12 -2.54
CA VAL B 482 -31.47 23.54 -2.22
C VAL B 482 -30.73 24.36 -3.28
N PHE B 483 -29.62 23.83 -3.82
CA PHE B 483 -28.95 24.51 -4.92
C PHE B 483 -29.84 24.62 -6.14
N VAL B 484 -30.56 23.54 -6.47
CA VAL B 484 -31.45 23.55 -7.63
C VAL B 484 -32.59 24.53 -7.42
N ALA B 485 -33.19 24.53 -6.23
CA ALA B 485 -34.25 25.47 -5.92
C ALA B 485 -33.77 26.92 -5.97
N MET B 486 -32.48 27.14 -5.68
CA MET B 486 -31.92 28.48 -5.79
C MET B 486 -31.65 28.89 -7.23
N SER B 487 -31.23 27.94 -8.08
CA SER B 487 -30.74 28.28 -9.42
C SER B 487 -31.78 28.04 -10.51
N LEU B 488 -32.24 26.80 -10.66
CA LEU B 488 -33.00 26.40 -11.85
C LEU B 488 -34.50 26.65 -11.70
N THR B 489 -35.08 26.31 -10.55
CA THR B 489 -36.52 26.47 -10.36
C THR B 489 -37.01 27.90 -10.56
N PRO B 490 -36.35 28.95 -10.03
CA PRO B 490 -36.85 30.31 -10.30
C PRO B 490 -36.92 30.65 -11.78
N ALA B 491 -35.91 30.29 -12.55
CA ALA B 491 -35.95 30.53 -13.99
C ALA B 491 -37.07 29.72 -14.64
N LEU B 492 -37.24 28.47 -14.21
CA LEU B 492 -38.27 27.61 -14.80
C LEU B 492 -39.66 28.18 -14.56
N CYS B 493 -39.95 28.66 -13.36
CA CYS B 493 -41.26 29.24 -13.12
C CYS B 493 -41.39 30.63 -13.72
N ALA B 494 -40.29 31.37 -13.87
CA ALA B 494 -40.36 32.66 -14.55
C ALA B 494 -40.62 32.48 -16.04
N THR B 495 -40.29 31.31 -16.59
CA THR B 495 -40.54 31.05 -18.00
C THR B 495 -41.84 30.29 -18.24
N ILE B 496 -42.07 29.21 -17.49
CA ILE B 496 -43.20 28.34 -17.79
C ILE B 496 -44.52 29.00 -17.42
N LEU B 497 -44.60 29.65 -16.26
CA LEU B 497 -45.84 30.27 -15.82
C LEU B 497 -46.26 31.38 -16.78
N LYS B 498 -47.56 31.46 -17.06
CA LYS B 498 -48.05 32.34 -18.11
C LYS B 498 -48.47 33.71 -17.59
N ALA B 499 -49.47 33.74 -16.71
CA ALA B 499 -50.04 35.00 -16.23
C ALA B 499 -50.92 34.68 -15.03
N ALA B 500 -51.64 35.69 -14.54
CA ALA B 500 -52.54 35.53 -13.41
C ALA B 500 -53.93 35.08 -13.89
N PHE B 514 -61.89 19.39 -4.57
CA PHE B 514 -61.81 19.52 -3.12
C PHE B 514 -61.53 20.96 -2.71
N ASN B 515 -61.64 21.87 -3.69
CA ASN B 515 -61.34 23.29 -3.43
C ASN B 515 -62.25 23.84 -2.34
N THR B 516 -63.54 23.54 -2.42
CA THR B 516 -64.46 23.96 -1.35
C THR B 516 -64.10 23.28 -0.03
N LEU B 517 -63.78 21.98 -0.08
CA LEU B 517 -63.39 21.28 1.13
C LEU B 517 -62.10 21.84 1.71
N PHE B 518 -61.12 22.13 0.86
CA PHE B 518 -59.86 22.69 1.34
C PHE B 518 -60.06 24.09 1.95
N GLU B 519 -60.89 24.92 1.30
CA GLU B 519 -61.18 26.24 1.84
C GLU B 519 -61.89 26.15 3.17
N LYS B 520 -62.84 25.22 3.30
CA LYS B 520 -63.52 25.00 4.57
C LYS B 520 -62.52 24.57 5.64
N SER B 521 -61.59 23.68 5.27
CA SER B 521 -60.56 23.26 6.21
C SER B 521 -59.74 24.44 6.69
N THR B 522 -59.29 25.29 5.75
CA THR B 522 -58.50 26.46 6.12
C THR B 522 -59.26 27.38 7.08
N GLN B 523 -60.49 27.74 6.71
CA GLN B 523 -61.22 28.71 7.52
C GLN B 523 -61.56 28.14 8.89
N HIS B 524 -61.99 26.88 8.96
CA HIS B 524 -62.32 26.30 10.26
C HIS B 524 -61.07 26.15 11.11
N TYR B 525 -59.94 25.80 10.49
CA TYR B 525 -58.68 25.69 11.23
C TYR B 525 -58.29 27.03 11.84
N THR B 526 -58.36 28.10 11.03
CA THR B 526 -58.00 29.42 11.55
C THR B 526 -58.95 29.85 12.67
N ASP B 527 -60.26 29.69 12.45
CA ASP B 527 -61.23 30.14 13.44
C ASP B 527 -61.09 29.38 14.75
N SER B 528 -60.91 28.05 14.68
CA SER B 528 -60.76 27.27 15.89
C SER B 528 -59.43 27.52 16.57
N THR B 529 -58.37 27.72 15.79
CA THR B 529 -57.05 27.97 16.37
C THR B 529 -57.03 29.28 17.14
N ARG B 530 -57.63 30.34 16.58
CA ARG B 530 -57.66 31.60 17.31
C ARG B 530 -58.70 31.60 18.43
N SER B 531 -59.82 30.89 18.24
CA SER B 531 -60.86 30.86 19.26
C SER B 531 -60.42 30.07 20.48
N LEU B 532 -59.65 28.99 20.29
CA LEU B 532 -59.15 28.19 21.39
C LEU B 532 -57.79 28.68 21.89
N LEU B 533 -57.27 29.76 21.32
CA LEU B 533 -55.99 30.32 21.73
C LEU B 533 -56.17 31.11 23.04
N ARG B 534 -55.06 31.63 23.56
CA ARG B 534 -54.95 32.45 24.77
C ARG B 534 -55.07 31.61 26.03
N CYS B 535 -55.37 30.32 25.91
CA CYS B 535 -55.45 29.41 27.06
C CYS B 535 -54.43 28.29 26.94
N THR B 536 -53.23 28.64 26.47
CA THR B 536 -52.16 27.65 26.28
C THR B 536 -51.28 27.52 27.51
N GLY B 537 -51.91 27.33 28.67
CA GLY B 537 -51.19 27.07 29.89
C GLY B 537 -51.15 25.59 30.17
N ARG B 538 -52.30 24.93 30.04
CA ARG B 538 -52.36 23.48 30.09
C ARG B 538 -51.86 22.83 28.80
N TYR B 539 -52.07 23.48 27.65
CA TYR B 539 -51.66 22.91 26.37
C TYR B 539 -50.20 22.46 26.42
N MET B 540 -49.31 23.34 26.87
CA MET B 540 -47.90 23.01 26.93
C MET B 540 -47.67 21.79 27.82
N VAL B 541 -48.30 21.75 28.99
CA VAL B 541 -48.06 20.59 29.85
C VAL B 541 -48.62 19.34 29.19
N VAL B 542 -49.69 19.47 28.41
CA VAL B 542 -50.15 18.34 27.61
C VAL B 542 -49.05 17.91 26.65
N TYR B 543 -48.46 18.87 25.92
CA TYR B 543 -47.30 18.56 25.11
C TYR B 543 -46.21 17.90 25.94
N LEU B 544 -46.04 18.36 27.18
CA LEU B 544 -45.05 17.74 28.05
C LEU B 544 -45.31 16.25 28.21
N LEU B 545 -46.56 15.87 28.52
CA LEU B 545 -46.85 14.45 28.63
C LEU B 545 -46.66 13.75 27.29
N ILE B 546 -46.98 14.45 26.20
CA ILE B 546 -46.71 13.90 24.87
C ILE B 546 -45.23 13.55 24.75
N CYS B 547 -44.35 14.46 25.19
CA CYS B 547 -42.92 14.17 25.21
C CYS B 547 -42.64 12.92 26.01
N ALA B 548 -43.21 12.82 27.21
CA ALA B 548 -43.03 11.63 28.03
C ALA B 548 -43.46 10.38 27.27
N GLY B 549 -44.53 10.49 26.48
CA GLY B 549 -44.98 9.34 25.70
C GLY B 549 -43.89 8.79 24.82
N MET B 550 -43.17 9.69 24.13
CA MET B 550 -42.08 9.22 23.28
C MET B 550 -41.03 8.48 24.09
N ALA B 551 -40.72 8.98 25.30
CA ALA B 551 -39.78 8.26 26.15
C ALA B 551 -40.29 6.86 26.46
N VAL B 552 -41.58 6.74 26.75
CA VAL B 552 -42.16 5.42 26.96
C VAL B 552 -42.05 4.59 25.68
N LEU B 553 -42.23 5.24 24.54
CA LEU B 553 -42.05 4.53 23.27
C LEU B 553 -40.58 4.21 23.02
N PHE B 554 -39.68 5.01 23.58
CA PHE B 554 -38.26 4.72 23.47
C PHE B 554 -37.74 3.92 24.67
N LEU B 555 -38.57 3.76 25.70
CA LEU B 555 -38.17 2.96 26.86
C LEU B 555 -37.99 1.49 26.49
N ARG B 556 -38.88 0.96 25.66
CA ARG B 556 -38.86 -0.45 25.29
C ARG B 556 -37.69 -0.76 24.37
N THR B 559 -34.67 -3.43 19.54
CA THR B 559 -33.43 -3.32 18.77
C THR B 559 -33.37 -4.36 17.67
N SER B 560 -33.02 -3.91 16.46
CA SER B 560 -32.88 -4.80 15.32
C SER B 560 -31.86 -4.21 14.36
N PHE B 561 -31.34 -5.06 13.47
CA PHE B 561 -30.31 -4.64 12.53
C PHE B 561 -30.81 -4.64 11.08
N LEU B 562 -31.26 -5.80 10.58
CA LEU B 562 -31.68 -5.94 9.20
C LEU B 562 -32.64 -7.11 9.10
N PRO B 563 -33.77 -6.96 8.41
CA PRO B 563 -34.70 -8.08 8.26
C PRO B 563 -34.15 -9.16 7.34
N GLU B 564 -34.79 -10.32 7.40
CA GLU B 564 -34.48 -11.45 6.53
C GLU B 564 -35.54 -11.53 5.44
N GLU B 565 -35.11 -11.42 4.18
CA GLU B 565 -36.02 -11.46 3.05
C GLU B 565 -36.02 -12.85 2.41
N ASP B 566 -36.81 -12.99 1.35
CA ASP B 566 -36.93 -14.24 0.60
C ASP B 566 -35.86 -14.25 -0.47
N GLN B 567 -34.69 -14.78 -0.15
CA GLN B 567 -33.59 -14.86 -1.10
C GLN B 567 -33.78 -15.99 -2.12
N GLY B 568 -34.71 -16.90 -1.88
CA GLY B 568 -34.94 -18.02 -2.77
C GLY B 568 -34.09 -19.24 -2.51
N VAL B 569 -33.15 -19.16 -1.57
CA VAL B 569 -32.28 -20.28 -1.25
C VAL B 569 -32.13 -20.35 0.27
N PHE B 570 -32.24 -21.55 0.82
CA PHE B 570 -32.01 -21.74 2.25
C PHE B 570 -31.20 -23.02 2.45
N MET B 571 -30.87 -23.34 3.70
CA MET B 571 -29.91 -24.41 3.95
C MET B 571 -30.33 -25.24 5.16
N THR B 572 -30.15 -26.55 5.08
CA THR B 572 -30.38 -27.45 6.20
C THR B 572 -29.10 -28.16 6.58
N THR B 573 -28.92 -28.38 7.88
CA THR B 573 -27.77 -29.11 8.40
C THR B 573 -28.24 -30.40 9.06
N ALA B 574 -27.59 -31.51 8.74
CA ALA B 574 -27.85 -32.79 9.38
C ALA B 574 -26.65 -33.16 10.24
N GLN B 575 -26.92 -33.45 11.52
CA GLN B 575 -25.88 -33.83 12.47
C GLN B 575 -26.23 -35.18 13.08
N LEU B 576 -25.27 -36.09 13.08
CA LEU B 576 -25.44 -37.44 13.59
C LEU B 576 -24.67 -37.62 14.89
N PRO B 577 -25.02 -38.62 15.70
CA PRO B 577 -24.27 -38.87 16.93
C PRO B 577 -22.81 -39.13 16.65
N SER B 578 -21.96 -38.71 17.59
CA SER B 578 -20.52 -38.84 17.43
C SER B 578 -20.13 -40.30 17.23
N GLY B 579 -19.19 -40.53 16.31
CA GLY B 579 -18.75 -41.87 15.98
C GLY B 579 -19.54 -42.55 14.89
N ALA B 580 -20.54 -41.89 14.31
CA ALA B 580 -21.31 -42.46 13.24
C ALA B 580 -20.56 -42.37 11.92
N THR B 581 -20.59 -43.45 11.15
CA THR B 581 -19.90 -43.48 9.86
C THR B 581 -20.74 -42.73 8.82
N MET B 582 -20.29 -42.79 7.57
CA MET B 582 -20.89 -42.01 6.51
C MET B 582 -22.01 -42.75 5.79
N VAL B 583 -22.20 -44.05 6.07
CA VAL B 583 -23.37 -44.74 5.55
C VAL B 583 -24.64 -44.13 6.12
N ASN B 584 -24.66 -43.90 7.43
CA ASN B 584 -25.82 -43.30 8.07
C ASN B 584 -26.03 -41.86 7.61
N THR B 585 -24.95 -41.10 7.45
CA THR B 585 -25.07 -39.74 6.96
C THR B 585 -25.62 -39.70 5.54
N THR B 586 -25.16 -40.62 4.69
CA THR B 586 -25.68 -40.70 3.33
C THR B 586 -27.17 -41.04 3.34
N LYS B 587 -27.58 -41.97 4.19
CA LYS B 587 -29.00 -42.30 4.30
C LYS B 587 -29.82 -41.10 4.76
N VAL B 588 -29.31 -40.36 5.75
CA VAL B 588 -30.05 -39.21 6.27
C VAL B 588 -30.18 -38.13 5.20
N LEU B 589 -29.09 -37.86 4.47
CA LEU B 589 -29.16 -36.84 3.43
C LEU B 589 -30.06 -37.26 2.28
N GLN B 590 -30.07 -38.56 1.95
CA GLN B 590 -30.99 -39.05 0.94
C GLN B 590 -32.44 -38.88 1.40
N GLN B 591 -32.70 -39.13 2.68
CA GLN B 591 -34.05 -38.92 3.20
C GLN B 591 -34.46 -37.45 3.14
N VAL B 592 -33.54 -36.55 3.46
CA VAL B 592 -33.83 -35.11 3.36
C VAL B 592 -34.12 -34.73 1.92
N THR B 593 -33.31 -35.21 0.98
CA THR B 593 -33.53 -34.91 -0.44
C THR B 593 -34.88 -35.45 -0.91
N ASP B 594 -35.21 -36.67 -0.51
CA ASP B 594 -36.49 -37.26 -0.90
C ASP B 594 -37.65 -36.45 -0.35
N TYR B 595 -37.58 -36.05 0.92
CA TYR B 595 -38.65 -35.25 1.49
C TYR B 595 -38.82 -33.94 0.73
N TYR B 596 -37.72 -33.23 0.48
CA TYR B 596 -37.82 -31.95 -0.18
C TYR B 596 -38.32 -32.09 -1.61
N LEU B 597 -37.95 -33.17 -2.31
CA LEU B 597 -38.32 -33.32 -3.70
C LEU B 597 -39.66 -34.01 -3.93
N THR B 598 -40.28 -34.59 -2.90
CA THR B 598 -41.61 -35.18 -3.09
C THR B 598 -42.71 -34.50 -2.29
N LYS B 599 -42.37 -33.73 -1.25
CA LYS B 599 -43.40 -33.05 -0.46
C LYS B 599 -43.47 -31.56 -0.72
N GLU B 600 -42.44 -30.97 -1.32
CA GLU B 600 -42.44 -29.56 -1.70
C GLU B 600 -42.02 -29.38 -3.15
N LYS B 601 -42.42 -30.31 -4.03
CA LYS B 601 -42.00 -30.26 -5.41
C LYS B 601 -42.57 -29.06 -6.16
N ASP B 602 -43.59 -28.40 -5.60
CA ASP B 602 -44.16 -27.20 -6.19
C ASP B 602 -43.46 -25.91 -5.75
N ASN B 603 -42.53 -25.99 -4.80
CA ASN B 603 -41.82 -24.81 -4.32
C ASN B 603 -40.31 -24.91 -4.48
N VAL B 604 -39.72 -26.07 -4.24
CA VAL B 604 -38.28 -26.24 -4.35
C VAL B 604 -37.95 -26.81 -5.72
N GLN B 605 -36.79 -26.46 -6.23
CA GLN B 605 -36.34 -26.91 -7.54
C GLN B 605 -35.12 -27.82 -7.50
N SER B 606 -34.16 -27.53 -6.62
CA SER B 606 -32.93 -28.30 -6.56
C SER B 606 -32.44 -28.41 -5.14
N VAL B 607 -31.93 -29.60 -4.79
CA VAL B 607 -31.33 -29.86 -3.49
C VAL B 607 -29.91 -30.39 -3.73
N PHE B 608 -28.92 -29.66 -3.25
CA PHE B 608 -27.52 -30.04 -3.36
C PHE B 608 -27.05 -30.48 -1.98
N THR B 609 -26.85 -31.78 -1.80
CA THR B 609 -26.45 -32.34 -0.53
C THR B 609 -24.95 -32.62 -0.53
N PHE B 610 -24.31 -32.40 0.62
CA PHE B 610 -22.87 -32.53 0.77
C PHE B 610 -22.63 -33.24 2.11
N GLY B 611 -22.36 -34.54 2.03
CA GLY B 611 -22.06 -35.30 3.23
C GLY B 611 -20.57 -35.34 3.51
N GLY B 612 -20.23 -35.29 4.80
CA GLY B 612 -18.85 -35.25 5.21
C GLY B 612 -18.30 -33.87 5.49
N PHE B 613 -19.13 -32.83 5.43
CA PHE B 613 -18.68 -31.47 5.67
C PHE B 613 -19.83 -30.68 6.24
N GLY B 614 -19.60 -30.04 7.38
CA GLY B 614 -20.60 -29.17 7.99
C GLY B 614 -20.00 -27.85 8.44
N PHE B 615 -20.73 -27.09 9.24
CA PHE B 615 -20.20 -25.85 9.77
C PHE B 615 -19.21 -26.09 10.90
N SER B 616 -19.35 -27.18 11.64
CA SER B 616 -18.39 -27.54 12.69
C SER B 616 -17.26 -28.38 12.13
N GLY B 617 -16.62 -27.88 11.08
CA GLY B 617 -15.52 -28.58 10.45
C GLY B 617 -15.98 -29.73 9.58
N GLN B 618 -14.99 -30.56 9.23
CA GLN B 618 -15.22 -31.73 8.38
C GLN B 618 -15.20 -32.99 9.24
N GLY B 619 -16.23 -33.81 9.11
CA GLY B 619 -16.34 -35.05 9.84
C GLY B 619 -17.22 -36.02 9.09
N GLN B 620 -17.31 -37.24 9.59
CA GLN B 620 -18.08 -38.28 8.92
C GLN B 620 -19.55 -38.31 9.34
N ASN B 621 -19.93 -37.51 10.33
CA ASN B 621 -21.32 -37.46 10.77
C ASN B 621 -22.03 -36.17 10.41
N ASN B 622 -21.34 -35.19 9.85
CA ASN B 622 -21.96 -33.94 9.45
C ASN B 622 -22.47 -34.02 8.03
N GLY B 623 -23.45 -33.18 7.72
CA GLY B 623 -23.94 -33.05 6.36
C GLY B 623 -24.63 -31.73 6.16
N LEU B 624 -24.55 -31.21 4.94
CA LEU B 624 -25.13 -29.93 4.57
C LEU B 624 -26.05 -30.12 3.37
N ALA B 625 -27.00 -29.20 3.21
CA ALA B 625 -27.88 -29.24 2.06
C ALA B 625 -28.28 -27.82 1.68
N PHE B 626 -27.98 -27.44 0.44
CA PHE B 626 -28.43 -26.17 -0.12
C PHE B 626 -29.71 -26.43 -0.92
N ILE B 627 -30.78 -25.73 -0.58
CA ILE B 627 -32.07 -25.88 -1.27
C ILE B 627 -32.36 -24.59 -2.01
N SER B 628 -32.58 -24.71 -3.32
CA SER B 628 -32.91 -23.59 -4.19
C SER B 628 -34.37 -23.69 -4.57
N LEU B 629 -35.07 -22.56 -4.51
CA LEU B 629 -36.52 -22.52 -4.69
C LEU B 629 -36.86 -22.00 -6.08
N LYS B 630 -38.13 -22.22 -6.45
CA LYS B 630 -38.64 -21.73 -7.71
C LYS B 630 -38.77 -20.20 -7.68
N PRO B 631 -38.81 -19.55 -8.85
CA PRO B 631 -38.85 -18.09 -8.86
C PRO B 631 -40.09 -17.54 -8.17
N TRP B 632 -40.00 -16.28 -7.73
CA TRP B 632 -41.08 -15.65 -6.99
C TRP B 632 -42.39 -15.67 -7.77
N SER B 633 -42.31 -15.63 -9.11
CA SER B 633 -43.52 -15.65 -9.91
C SER B 633 -44.30 -16.94 -9.72
N GLU B 634 -43.59 -18.07 -9.56
CA GLU B 634 -44.22 -19.36 -9.37
C GLU B 634 -44.53 -19.66 -7.91
N ARG B 635 -44.20 -18.76 -7.00
CA ARG B 635 -44.47 -18.92 -5.57
C ARG B 635 -45.30 -17.71 -5.13
N VAL B 636 -46.62 -17.87 -5.15
CA VAL B 636 -47.54 -16.79 -4.79
C VAL B 636 -48.08 -17.06 -3.39
N GLY B 637 -48.42 -15.98 -2.68
CA GLY B 637 -48.90 -16.08 -1.32
C GLY B 637 -47.77 -16.22 -0.33
N GLU B 638 -48.16 -16.41 0.94
CA GLU B 638 -47.20 -16.61 2.01
C GLU B 638 -46.99 -18.08 2.37
N GLU B 639 -47.92 -18.96 2.00
CA GLU B 639 -47.73 -20.39 2.23
C GLU B 639 -46.59 -20.95 1.39
N ASN B 640 -46.19 -20.26 0.33
CA ASN B 640 -45.06 -20.65 -0.49
C ASN B 640 -43.81 -19.82 -0.22
N SER B 641 -43.81 -19.04 0.85
CA SER B 641 -42.65 -18.22 1.19
C SER B 641 -41.57 -19.07 1.85
N VAL B 642 -40.40 -18.46 2.04
CA VAL B 642 -39.28 -19.18 2.64
C VAL B 642 -39.59 -19.55 4.09
N THR B 643 -40.21 -18.62 4.85
CA THR B 643 -40.43 -18.88 6.27
C THR B 643 -41.44 -20.00 6.49
N ALA B 644 -42.53 -20.01 5.74
CA ALA B 644 -43.52 -21.08 5.89
C ALA B 644 -42.92 -22.42 5.47
N ILE B 645 -42.14 -22.43 4.40
CA ILE B 645 -41.49 -23.66 3.95
C ILE B 645 -40.52 -24.17 5.01
N ILE B 646 -39.76 -23.26 5.62
CA ILE B 646 -38.82 -23.64 6.67
C ILE B 646 -39.57 -24.20 7.88
N GLN B 647 -40.70 -23.59 8.24
CA GLN B 647 -41.49 -24.10 9.37
C GLN B 647 -42.02 -25.49 9.09
N ARG B 648 -42.57 -25.71 7.89
CA ARG B 648 -43.07 -27.03 7.54
C ARG B 648 -41.93 -28.05 7.52
N ALA B 649 -40.77 -27.66 7.00
CA ALA B 649 -39.62 -28.56 6.97
C ALA B 649 -39.15 -28.90 8.37
N MET B 650 -39.14 -27.91 9.27
CA MET B 650 -38.76 -28.18 10.66
C MET B 650 -39.74 -29.13 11.32
N ILE B 651 -41.03 -28.97 11.04
CA ILE B 651 -42.02 -29.88 11.61
C ILE B 651 -41.83 -31.29 11.08
N ALA B 652 -41.60 -31.44 9.78
CA ALA B 652 -41.57 -32.74 9.13
C ALA B 652 -40.20 -33.43 9.20
N LEU B 653 -39.14 -32.72 9.55
CA LEU B 653 -37.79 -33.27 9.54
C LEU B 653 -37.33 -33.72 10.92
N SER B 654 -38.19 -33.64 11.93
CA SER B 654 -37.91 -34.23 13.23
C SER B 654 -38.28 -35.70 13.28
N SER B 655 -38.85 -36.24 12.21
CA SER B 655 -39.17 -37.66 12.11
C SER B 655 -37.94 -38.50 11.77
N ILE B 656 -36.80 -37.88 11.46
CA ILE B 656 -35.60 -38.63 11.17
C ILE B 656 -35.13 -39.33 12.44
N ASN B 657 -34.76 -40.60 12.31
CA ASN B 657 -34.49 -41.44 13.48
C ASN B 657 -33.35 -40.87 14.32
N LYS B 658 -32.15 -40.85 13.75
CA LYS B 658 -30.94 -40.43 14.48
C LYS B 658 -30.28 -39.30 13.71
N ALA B 659 -30.73 -38.07 13.95
CA ALA B 659 -30.15 -36.88 13.34
C ALA B 659 -30.73 -35.66 14.02
N VAL B 660 -30.11 -34.51 13.73
CA VAL B 660 -30.52 -33.23 14.30
C VAL B 660 -30.84 -32.31 13.13
N VAL B 661 -31.44 -32.87 12.08
CA VAL B 661 -31.77 -32.14 10.85
C VAL B 661 -32.45 -30.82 11.18
N PHE B 662 -31.86 -29.72 10.72
CA PHE B 662 -32.31 -28.39 11.11
C PHE B 662 -32.25 -27.45 9.91
N PRO B 663 -33.39 -26.91 9.46
CA PRO B 663 -33.39 -25.92 8.39
C PRO B 663 -33.21 -24.50 8.92
N PHE B 664 -32.71 -23.64 8.04
CA PHE B 664 -32.58 -22.22 8.37
C PHE B 664 -32.39 -21.43 7.09
N ASN B 665 -32.53 -20.11 7.23
CA ASN B 665 -32.41 -19.16 6.14
C ASN B 665 -31.09 -18.41 6.25
N LEU B 666 -30.65 -17.86 5.13
CA LEU B 666 -29.42 -17.09 5.12
C LEU B 666 -29.61 -15.78 5.88
N PRO B 667 -28.58 -15.31 6.57
CA PRO B 667 -28.67 -14.00 7.23
C PRO B 667 -28.62 -12.87 6.21
N ALA B 668 -29.00 -11.68 6.68
CA ALA B 668 -28.99 -10.51 5.80
C ALA B 668 -27.58 -10.17 5.35
N VAL B 669 -26.65 -10.02 6.32
CA VAL B 669 -25.28 -9.65 6.01
C VAL B 669 -24.42 -9.96 7.22
N ALA B 670 -23.11 -10.11 7.00
CA ALA B 670 -22.12 -10.27 8.06
C ALA B 670 -22.41 -11.50 8.93
N GLU B 671 -22.35 -12.67 8.29
CA GLU B 671 -22.51 -13.96 8.94
C GLU B 671 -23.87 -14.13 9.59
N LEU B 672 -24.10 -15.28 10.22
CA LEU B 672 -25.40 -15.61 10.80
C LEU B 672 -25.43 -15.20 12.27
N GLY B 673 -26.48 -14.49 12.66
CA GLY B 673 -26.63 -14.05 14.04
C GLY B 673 -28.04 -13.59 14.28
N THR B 674 -28.26 -13.09 15.50
CA THR B 674 -29.55 -12.58 15.94
C THR B 674 -29.33 -11.29 16.71
N ALA B 675 -30.43 -10.61 17.03
CA ALA B 675 -30.38 -9.40 17.83
C ALA B 675 -30.31 -9.68 19.33
N SER B 676 -30.46 -10.94 19.74
CA SER B 676 -30.41 -11.31 21.14
C SER B 676 -29.31 -12.30 21.49
N GLY B 677 -28.78 -13.03 20.51
CA GLY B 677 -27.76 -14.02 20.79
C GLY B 677 -26.41 -13.40 21.10
N PHE B 678 -25.58 -14.17 21.78
CA PHE B 678 -24.24 -13.73 22.14
C PHE B 678 -23.23 -14.84 21.88
N ASP B 679 -22.08 -14.43 21.36
CA ASP B 679 -20.94 -15.32 21.10
C ASP B 679 -19.92 -15.12 22.22
N MET B 680 -19.56 -16.21 22.88
CA MET B 680 -18.68 -16.15 24.04
C MET B 680 -17.67 -17.27 23.99
N GLU B 681 -16.46 -17.01 24.50
CA GLU B 681 -15.39 -17.99 24.56
C GLU B 681 -14.95 -18.16 26.01
N LEU B 682 -15.09 -19.37 26.52
CA LEU B 682 -14.55 -19.73 27.83
C LEU B 682 -13.11 -20.17 27.65
N LEU B 683 -12.20 -19.51 28.35
CA LEU B 683 -10.77 -19.63 28.11
C LEU B 683 -10.08 -20.35 29.25
N ASP B 684 -9.13 -21.23 28.92
CA ASP B 684 -8.33 -21.93 29.91
C ASP B 684 -7.06 -21.12 30.14
N ASN B 685 -7.12 -20.18 31.08
CA ASN B 685 -6.01 -19.29 31.35
C ASN B 685 -5.00 -19.85 32.35
N GLY B 686 -5.39 -20.84 33.14
CA GLY B 686 -4.53 -21.38 34.17
C GLY B 686 -3.84 -22.67 33.81
N ASN B 687 -3.81 -23.00 32.52
CA ASN B 687 -3.18 -24.23 32.02
C ASN B 687 -3.78 -25.46 32.69
N LEU B 688 -5.09 -25.45 32.91
CA LEU B 688 -5.74 -26.56 33.58
C LEU B 688 -5.72 -27.83 32.72
N GLY B 689 -6.02 -27.69 31.43
CA GLY B 689 -6.11 -28.82 30.53
C GLY B 689 -7.48 -28.94 29.92
N HIS B 690 -7.64 -29.99 29.12
CA HIS B 690 -8.91 -30.19 28.41
C HIS B 690 -10.00 -30.68 29.35
N GLU B 691 -9.67 -31.59 30.26
CA GLU B 691 -10.68 -32.18 31.12
C GLU B 691 -11.22 -31.17 32.12
N LYS B 692 -10.34 -30.40 32.76
CA LYS B 692 -10.81 -29.38 33.69
C LYS B 692 -11.56 -28.28 32.97
N LEU B 693 -11.11 -27.90 31.78
CA LEU B 693 -11.83 -26.89 31.01
C LEU B 693 -13.22 -27.37 30.63
N THR B 694 -13.36 -28.64 30.23
CA THR B 694 -14.69 -29.13 29.87
C THR B 694 -15.57 -29.31 31.10
N GLN B 695 -14.98 -29.65 32.25
CA GLN B 695 -15.76 -29.68 33.48
C GLN B 695 -16.28 -28.28 33.83
N ALA B 696 -15.43 -27.26 33.68
CA ALA B 696 -15.87 -25.90 33.93
C ALA B 696 -16.95 -25.49 32.93
N ARG B 697 -16.81 -25.90 31.67
CA ARG B 697 -17.84 -25.59 30.68
C ARG B 697 -19.17 -26.23 31.04
N ASN B 698 -19.15 -27.50 31.46
CA ASN B 698 -20.38 -28.17 31.86
C ASN B 698 -21.00 -27.51 33.09
N GLU B 699 -20.17 -27.11 34.05
CA GLU B 699 -20.67 -26.42 35.23
C GLU B 699 -21.32 -25.10 34.87
N LEU B 700 -20.70 -24.34 33.96
CA LEU B 700 -21.28 -23.07 33.53
C LEU B 700 -22.58 -23.29 32.78
N LEU B 701 -22.65 -24.32 31.95
CA LEU B 701 -23.89 -24.63 31.26
C LEU B 701 -24.99 -24.98 32.24
N SER B 702 -24.68 -25.78 33.26
CA SER B 702 -25.66 -26.11 34.28
C SER B 702 -26.12 -24.87 35.04
N LEU B 703 -25.18 -23.99 35.40
CA LEU B 703 -25.55 -22.77 36.10
C LEU B 703 -26.44 -21.87 35.24
N ALA B 704 -26.14 -21.78 33.95
CA ALA B 704 -26.97 -20.97 33.06
C ALA B 704 -28.32 -21.62 32.79
N ALA B 705 -28.42 -22.92 33.00
CA ALA B 705 -29.70 -23.61 32.82
C ALA B 705 -30.63 -23.45 34.02
N GLN B 706 -30.11 -23.00 35.16
CA GLN B 706 -30.95 -22.78 36.34
C GLN B 706 -31.57 -21.40 36.37
N SER B 707 -31.22 -20.51 35.44
CA SER B 707 -31.77 -19.15 35.38
C SER B 707 -32.29 -18.89 33.99
N PRO B 708 -33.43 -19.49 33.61
CA PRO B 708 -33.99 -19.28 32.28
C PRO B 708 -34.65 -17.92 32.09
N ASN B 709 -34.73 -17.11 33.13
CA ASN B 709 -35.32 -15.78 33.04
C ASN B 709 -34.36 -14.71 32.52
N GLN B 710 -33.08 -15.03 32.39
CA GLN B 710 -32.09 -14.09 31.90
C GLN B 710 -31.40 -14.54 30.62
N VAL B 711 -31.03 -15.82 30.52
CA VAL B 711 -30.39 -16.37 29.33
C VAL B 711 -31.10 -17.65 28.95
N THR B 712 -31.43 -17.78 27.66
CA THR B 712 -32.07 -18.99 27.14
C THR B 712 -31.26 -19.50 25.96
N GLY B 713 -31.22 -20.83 25.81
CA GLY B 713 -30.53 -21.44 24.70
C GLY B 713 -29.03 -21.48 24.83
N VAL B 714 -28.48 -21.42 26.04
CA VAL B 714 -27.04 -21.50 26.23
C VAL B 714 -26.59 -22.91 25.86
N ARG B 715 -25.89 -23.04 24.74
CA ARG B 715 -25.43 -24.31 24.23
C ARG B 715 -23.96 -24.22 23.87
N PRO B 716 -23.23 -25.33 23.96
CA PRO B 716 -21.82 -25.31 23.54
C PRO B 716 -21.70 -25.51 22.03
N ASN B 717 -20.78 -24.75 21.43
CA ASN B 717 -20.44 -24.91 20.03
C ASN B 717 -19.13 -25.68 19.95
N GLY B 718 -19.18 -26.87 19.35
CA GLY B 718 -18.02 -27.73 19.26
C GLY B 718 -18.38 -29.16 19.61
N LEU B 719 -17.65 -30.10 19.01
CA LEU B 719 -17.94 -31.51 19.20
C LEU B 719 -17.53 -31.97 20.59
N GLU B 720 -18.14 -33.06 21.04
CA GLU B 720 -17.87 -33.65 22.34
C GLU B 720 -16.90 -34.82 22.19
N ASP B 721 -16.33 -35.23 23.33
CA ASP B 721 -15.32 -36.28 23.34
C ASP B 721 -15.88 -37.58 22.75
N THR B 722 -15.03 -38.27 22.01
CA THR B 722 -15.38 -39.52 21.34
C THR B 722 -14.37 -40.60 21.70
N PRO B 723 -14.77 -41.86 21.66
CA PRO B 723 -13.80 -42.95 21.87
C PRO B 723 -12.78 -43.00 20.75
N MET B 724 -11.56 -43.39 21.12
CA MET B 724 -10.46 -43.50 20.18
C MET B 724 -9.61 -44.71 20.53
N PHE B 725 -8.85 -45.17 19.54
CA PHE B 725 -8.04 -46.37 19.63
C PHE B 725 -6.60 -45.99 19.93
N LYS B 726 -5.96 -46.71 20.84
CA LYS B 726 -4.60 -46.43 21.25
C LYS B 726 -3.76 -47.69 21.08
N VAL B 727 -2.63 -47.57 20.38
CA VAL B 727 -1.71 -48.67 20.15
C VAL B 727 -0.44 -48.38 20.93
N ASN B 728 -0.15 -49.22 21.92
CA ASN B 728 1.04 -49.07 22.75
C ASN B 728 2.09 -50.05 22.25
N VAL B 729 3.15 -49.54 21.65
CA VAL B 729 4.21 -50.36 21.09
C VAL B 729 5.29 -50.56 22.13
N ASN B 730 5.64 -51.83 22.39
CA ASN B 730 6.70 -52.17 23.32
C ASN B 730 8.03 -51.97 22.62
N ALA B 731 8.62 -50.79 22.82
CA ALA B 731 9.89 -50.48 22.16
C ALA B 731 11.01 -51.37 22.67
N ALA B 732 11.00 -51.72 23.96
CA ALA B 732 12.04 -52.55 24.52
C ALA B 732 12.06 -53.94 23.89
N LYS B 733 10.88 -54.58 23.82
CA LYS B 733 10.79 -55.89 23.18
C LYS B 733 11.11 -55.80 21.70
N ALA B 734 10.64 -54.73 21.04
CA ALA B 734 10.90 -54.56 19.62
C ALA B 734 12.40 -54.48 19.35
N GLU B 735 13.13 -53.69 20.13
CA GLU B 735 14.57 -53.58 19.95
C GLU B 735 15.28 -54.86 20.37
N ALA B 736 14.75 -55.56 21.37
CA ALA B 736 15.36 -56.81 21.81
C ALA B 736 15.31 -57.86 20.70
N MET B 737 14.19 -57.97 19.99
CA MET B 737 14.07 -58.98 18.96
C MET B 737 14.50 -58.50 17.58
N GLY B 738 14.88 -57.23 17.44
CA GLY B 738 15.55 -56.76 16.24
C GLY B 738 14.76 -55.80 15.37
N VAL B 739 13.48 -55.60 15.62
CA VAL B 739 12.67 -54.70 14.80
C VAL B 739 12.79 -53.28 15.33
N ALA B 740 12.97 -52.31 14.43
CA ALA B 740 13.11 -50.93 14.84
C ALA B 740 11.75 -50.31 15.16
N LEU B 741 11.75 -49.36 16.10
CA LEU B 741 10.52 -48.67 16.45
C LEU B 741 10.04 -47.79 15.30
N SER B 742 10.96 -47.16 14.58
CA SER B 742 10.59 -46.34 13.45
C SER B 742 9.91 -47.16 12.37
N ASP B 743 10.36 -48.40 12.16
CA ASP B 743 9.71 -49.26 11.18
C ASP B 743 8.27 -49.56 11.57
N ILE B 744 8.02 -49.86 12.85
CA ILE B 744 6.67 -50.14 13.31
C ILE B 744 5.78 -48.91 13.13
N ASN B 745 6.29 -47.75 13.57
CA ASN B 745 5.50 -46.53 13.46
C ASN B 745 5.18 -46.19 12.02
N GLN B 746 6.17 -46.31 11.13
CA GLN B 746 5.96 -46.02 9.72
C GLN B 746 4.97 -46.99 9.09
N THR B 747 5.07 -48.28 9.45
CA THR B 747 4.13 -49.25 8.90
C THR B 747 2.71 -48.93 9.33
N ILE B 748 2.50 -48.65 10.62
CA ILE B 748 1.16 -48.33 11.10
C ILE B 748 0.62 -47.07 10.44
N SER B 749 1.46 -46.03 10.37
CA SER B 749 1.01 -44.77 9.79
C SER B 749 0.67 -44.91 8.32
N THR B 750 1.51 -45.61 7.56
CA THR B 750 1.23 -45.79 6.14
C THR B 750 -0.01 -46.65 5.92
N ALA B 751 -0.18 -47.70 6.72
CA ALA B 751 -1.33 -48.59 6.53
C ALA B 751 -2.63 -47.89 6.86
N PHE B 752 -2.70 -47.20 7.99
CA PHE B 752 -3.98 -46.71 8.47
C PHE B 752 -4.24 -45.24 8.19
N GLY B 753 -3.25 -44.47 7.77
CA GLY B 753 -3.44 -43.05 7.58
C GLY B 753 -2.97 -42.52 6.24
N SER B 754 -2.65 -43.43 5.33
CA SER B 754 -2.18 -43.11 3.97
C SER B 754 -0.83 -42.39 4.00
N SER B 755 -0.16 -42.38 2.85
CA SER B 755 1.16 -41.76 2.76
C SER B 755 1.31 -41.15 1.38
N TYR B 756 1.52 -39.84 1.33
CA TYR B 756 1.79 -39.16 0.08
C TYR B 756 3.23 -39.43 -0.34
N VAL B 757 3.42 -39.91 -1.57
CA VAL B 757 4.74 -40.33 -2.02
C VAL B 757 5.37 -39.27 -2.92
N ASN B 758 4.76 -39.04 -4.08
CA ASN B 758 5.26 -38.07 -5.05
C ASN B 758 4.13 -37.75 -6.02
N ASP B 759 4.48 -37.12 -7.13
CA ASP B 759 3.51 -36.72 -8.15
C ASP B 759 3.70 -37.54 -9.41
N PHE B 760 2.61 -37.69 -10.16
CA PHE B 760 2.61 -38.34 -11.46
C PHE B 760 1.82 -37.48 -12.44
N LEU B 761 1.79 -37.90 -13.69
CA LEU B 761 1.16 -37.15 -14.77
C LEU B 761 -0.10 -37.88 -15.23
N ASN B 762 -1.24 -37.22 -15.15
CA ASN B 762 -2.51 -37.76 -15.65
C ASN B 762 -3.08 -36.78 -16.65
N GLN B 763 -3.18 -37.22 -17.92
CA GLN B 763 -3.73 -36.40 -19.00
C GLN B 763 -3.02 -35.05 -19.08
N GLY B 764 -1.71 -35.05 -18.84
CA GLY B 764 -0.93 -33.84 -18.92
C GLY B 764 -0.97 -32.94 -17.69
N ARG B 765 -1.61 -33.37 -16.61
CA ARG B 765 -1.69 -32.56 -15.40
C ARG B 765 -1.02 -33.30 -14.24
N VAL B 766 -0.46 -32.52 -13.32
CA VAL B 766 0.29 -33.09 -12.19
C VAL B 766 -0.70 -33.47 -11.09
N LYS B 767 -0.65 -34.73 -10.68
CA LYS B 767 -1.52 -35.23 -9.63
C LYS B 767 -0.68 -35.99 -8.60
N LYS B 768 -1.29 -36.32 -7.47
CA LYS B 768 -0.57 -36.93 -6.37
C LYS B 768 -0.59 -38.45 -6.49
N VAL B 769 0.27 -39.10 -5.69
CA VAL B 769 0.26 -40.55 -5.54
C VAL B 769 0.18 -40.86 -4.05
N TYR B 770 -0.77 -41.72 -3.68
CA TYR B 770 -1.02 -42.06 -2.28
C TYR B 770 -0.90 -43.56 -2.08
N VAL B 771 -0.32 -43.96 -0.95
CA VAL B 771 -0.18 -45.36 -0.57
C VAL B 771 -0.92 -45.59 0.73
N GLN B 772 -1.78 -46.60 0.76
CA GLN B 772 -2.59 -46.90 1.93
C GLN B 772 -2.95 -48.38 1.90
N ALA B 773 -3.41 -48.88 3.05
CA ALA B 773 -3.89 -50.25 3.12
C ALA B 773 -5.23 -50.37 2.38
N GLY B 774 -5.55 -51.60 2.00
CA GLY B 774 -6.83 -51.85 1.38
C GLY B 774 -7.98 -51.64 2.35
N THR B 775 -9.16 -51.40 1.79
CA THR B 775 -10.34 -51.16 2.62
C THR B 775 -10.63 -52.30 3.59
N PRO B 776 -10.65 -53.58 3.19
CA PRO B 776 -11.00 -54.63 4.15
C PRO B 776 -9.92 -54.90 5.19
N PHE B 777 -8.86 -54.09 5.20
CA PHE B 777 -7.73 -54.32 6.10
C PHE B 777 -7.54 -53.22 7.13
N ARG B 778 -8.41 -52.22 7.16
CA ARG B 778 -8.30 -51.14 8.14
C ARG B 778 -9.68 -50.76 8.67
N MET B 779 -10.51 -51.74 8.97
CA MET B 779 -11.87 -51.48 9.40
C MET B 779 -12.16 -51.88 10.84
N LEU B 780 -11.39 -52.78 11.42
CA LEU B 780 -11.67 -53.31 12.74
C LEU B 780 -10.41 -53.25 13.61
N PRO B 781 -10.58 -53.19 14.93
CA PRO B 781 -9.40 -53.22 15.81
C PRO B 781 -8.60 -54.50 15.71
N ASP B 782 -9.19 -55.59 15.20
CA ASP B 782 -8.48 -56.85 15.06
C ASP B 782 -7.60 -56.90 13.82
N ASN B 783 -7.66 -55.89 12.95
CA ASN B 783 -6.83 -55.86 11.75
C ASN B 783 -5.38 -55.52 12.05
N ILE B 784 -5.09 -54.95 13.22
CA ILE B 784 -3.71 -54.64 13.58
C ILE B 784 -2.86 -55.90 13.59
N ASN B 785 -3.43 -57.02 14.05
CA ASN B 785 -2.71 -58.28 14.08
C ASN B 785 -2.42 -58.85 12.69
N GLN B 786 -3.03 -58.30 11.65
CA GLN B 786 -2.79 -58.81 10.30
C GLN B 786 -1.53 -58.23 9.65
N TRP B 787 -0.86 -57.29 10.31
CA TRP B 787 0.27 -56.59 9.72
C TRP B 787 1.59 -57.09 10.31
N TYR B 788 2.59 -57.23 9.45
CA TYR B 788 3.89 -57.77 9.82
C TYR B 788 4.97 -56.75 9.55
N VAL B 789 6.02 -56.78 10.38
CA VAL B 789 7.16 -55.87 10.27
C VAL B 789 8.42 -56.71 10.18
N ARG B 790 9.30 -56.35 9.23
CA ARG B 790 10.56 -57.06 9.05
C ARG B 790 11.58 -56.62 10.09
N ASN B 791 12.38 -57.58 10.55
CA ASN B 791 13.43 -57.30 11.51
C ASN B 791 14.76 -57.13 10.77
N ALA B 792 15.84 -56.95 11.54
CA ALA B 792 17.15 -56.73 10.93
C ALA B 792 17.69 -57.97 10.23
N SER B 793 17.34 -59.18 10.70
CA SER B 793 17.81 -60.39 10.05
C SER B 793 17.11 -60.64 8.72
N GLY B 794 15.89 -60.13 8.56
CA GLY B 794 15.14 -60.32 7.34
C GLY B 794 13.85 -61.10 7.49
N THR B 795 13.49 -61.55 8.69
CA THR B 795 12.26 -62.28 8.91
C THR B 795 11.18 -61.34 9.45
N MET B 796 9.93 -61.66 9.15
CA MET B 796 8.80 -60.80 9.48
C MET B 796 8.13 -61.29 10.77
N ALA B 797 7.92 -60.37 11.71
CA ALA B 797 7.23 -60.62 12.96
C ALA B 797 5.90 -59.89 12.98
N PRO B 798 4.86 -60.48 13.57
CA PRO B 798 3.55 -59.83 13.57
C PRO B 798 3.54 -58.56 14.41
N LEU B 799 2.67 -57.63 14.03
CA LEU B 799 2.54 -56.37 14.77
C LEU B 799 1.99 -56.59 16.17
N SER B 800 1.30 -57.71 16.41
CA SER B 800 0.77 -58.00 17.73
C SER B 800 1.79 -58.62 18.67
N ALA B 801 2.99 -58.92 18.18
CA ALA B 801 4.00 -59.55 19.03
C ALA B 801 4.61 -58.58 20.01
N TYR B 802 4.58 -57.27 19.70
CA TYR B 802 5.23 -56.28 20.56
C TYR B 802 4.35 -55.04 20.74
N SER B 803 3.04 -55.16 20.60
CA SER B 803 2.15 -54.01 20.75
C SER B 803 0.83 -54.46 21.33
N SER B 804 0.29 -53.65 22.24
CA SER B 804 -1.01 -53.86 22.84
C SER B 804 -1.97 -52.77 22.37
N THR B 805 -3.25 -53.00 22.60
CA THR B 805 -4.28 -52.10 22.10
C THR B 805 -5.25 -51.75 23.23
N GLU B 806 -5.81 -50.55 23.17
CA GLU B 806 -6.64 -50.04 24.26
C GLU B 806 -7.64 -49.04 23.68
N TRP B 807 -8.76 -48.88 24.38
CA TRP B 807 -9.77 -47.90 24.03
C TRP B 807 -9.75 -46.77 25.04
N THR B 808 -9.68 -45.53 24.56
CA THR B 808 -9.64 -44.36 25.44
C THR B 808 -10.59 -43.31 24.88
N TYR B 809 -10.54 -42.10 25.42
CA TYR B 809 -11.40 -41.01 24.99
C TYR B 809 -10.55 -39.83 24.54
N GLY B 810 -11.08 -39.05 23.61
CA GLY B 810 -10.40 -37.86 23.15
C GLY B 810 -11.30 -36.99 22.31
N SER B 811 -10.94 -35.71 22.25
CA SER B 811 -11.75 -34.74 21.51
C SER B 811 -11.50 -34.89 20.02
N PRO B 812 -12.56 -34.86 19.20
CA PRO B 812 -12.38 -34.89 17.74
C PRO B 812 -12.19 -33.53 17.09
N ARG B 813 -12.24 -32.45 17.87
CA ARG B 813 -12.03 -31.11 17.33
C ARG B 813 -11.70 -30.19 18.49
N LEU B 814 -10.54 -29.53 18.43
CA LEU B 814 -10.04 -28.68 19.50
C LEU B 814 -10.05 -27.23 19.05
N GLU B 815 -10.33 -26.33 19.98
CA GLU B 815 -10.42 -24.91 19.70
C GLU B 815 -9.44 -24.13 20.56
N ARG B 816 -8.92 -23.05 20.00
CA ARG B 816 -8.08 -22.11 20.73
C ARG B 816 -8.48 -20.69 20.36
N TYR B 817 -8.48 -19.79 21.34
CA TYR B 817 -8.84 -18.40 21.12
C TYR B 817 -7.70 -17.53 21.63
N ASN B 818 -7.13 -16.72 20.75
CA ASN B 818 -6.04 -15.81 21.08
C ASN B 818 -4.84 -16.57 21.65
N GLY B 819 -4.61 -17.77 21.15
CA GLY B 819 -3.43 -18.54 21.50
C GLY B 819 -3.57 -19.47 22.69
N ILE B 820 -4.73 -19.52 23.34
CA ILE B 820 -4.93 -20.40 24.49
C ILE B 820 -6.17 -21.23 24.29
N PRO B 821 -6.25 -22.43 24.87
CA PRO B 821 -7.42 -23.30 24.64
C PRO B 821 -8.71 -22.65 25.12
N SER B 822 -9.79 -22.94 24.40
CA SER B 822 -11.06 -22.30 24.66
C SER B 822 -12.20 -23.17 24.17
N MET B 823 -13.40 -22.83 24.60
CA MET B 823 -14.64 -23.40 24.10
C MET B 823 -15.62 -22.28 23.80
N GLU B 824 -16.59 -22.56 22.93
CA GLU B 824 -17.58 -21.56 22.54
C GLU B 824 -18.92 -21.85 23.23
N ILE B 825 -19.54 -20.79 23.73
CA ILE B 825 -20.71 -20.89 24.60
C ILE B 825 -21.88 -20.12 23.99
N LEU B 826 -22.02 -20.19 22.66
CA LEU B 826 -23.12 -19.55 21.95
C LEU B 826 -24.42 -19.59 22.74
N GLY B 827 -25.04 -18.43 22.91
CA GLY B 827 -26.26 -18.37 23.68
C GLY B 827 -27.20 -17.30 23.17
N GLU B 828 -28.28 -17.09 23.92
CA GLU B 828 -29.24 -16.04 23.62
C GLU B 828 -29.80 -15.48 24.92
N ALA B 829 -30.33 -14.26 24.85
CA ALA B 829 -30.88 -13.59 26.01
C ALA B 829 -32.38 -13.85 26.10
N ALA B 830 -32.87 -13.92 27.33
CA ALA B 830 -34.29 -14.19 27.56
C ALA B 830 -35.14 -13.03 27.06
N ALA B 831 -36.40 -13.33 26.77
CA ALA B 831 -37.32 -12.32 26.24
C ALA B 831 -37.53 -11.21 27.27
N GLY B 832 -37.44 -9.96 26.81
CA GLY B 832 -37.57 -8.82 27.68
C GLY B 832 -36.23 -8.21 28.05
N LYS B 833 -35.24 -9.06 28.27
CA LYS B 833 -33.90 -8.61 28.63
C LYS B 833 -33.07 -8.32 27.37
N SER B 834 -32.12 -7.41 27.50
CA SER B 834 -31.24 -7.04 26.41
C SER B 834 -29.95 -7.85 26.48
N THR B 835 -29.16 -7.76 25.40
CA THR B 835 -27.91 -8.52 25.34
C THR B 835 -26.91 -8.01 26.38
N GLY B 836 -26.95 -6.72 26.69
CA GLY B 836 -26.04 -6.18 27.69
C GLY B 836 -26.22 -6.81 29.06
N ASP B 837 -27.46 -7.13 29.43
CA ASP B 837 -27.71 -7.80 30.70
C ASP B 837 -27.26 -9.25 30.67
N ALA B 838 -27.46 -9.93 29.53
CA ALA B 838 -26.99 -11.30 29.39
C ALA B 838 -25.48 -11.39 29.51
N MET B 839 -24.77 -10.42 28.93
CA MET B 839 -23.31 -10.41 29.03
C MET B 839 -22.85 -10.27 30.48
N LYS B 840 -23.49 -9.38 31.24
CA LYS B 840 -23.12 -9.22 32.65
C LYS B 840 -23.44 -10.47 33.45
N PHE B 841 -24.59 -11.10 33.18
CA PHE B 841 -24.92 -12.34 33.87
C PHE B 841 -23.92 -13.44 33.57
N MET B 842 -23.51 -13.56 32.30
CA MET B 842 -22.52 -14.57 31.94
C MET B 842 -21.16 -14.27 32.57
N ALA B 843 -20.80 -13.00 32.66
CA ALA B 843 -19.56 -12.63 33.35
C ALA B 843 -19.61 -13.03 34.81
N ASP B 844 -20.76 -12.81 35.47
CA ASP B 844 -20.90 -13.24 36.86
C ASP B 844 -20.82 -14.76 36.98
N LEU B 845 -21.44 -15.48 36.04
CA LEU B 845 -21.37 -16.94 36.05
C LEU B 845 -19.93 -17.41 35.91
N VAL B 846 -19.15 -16.77 35.05
CA VAL B 846 -17.73 -17.12 34.92
C VAL B 846 -16.98 -16.80 36.21
N ALA B 847 -17.35 -15.69 36.86
CA ALA B 847 -16.77 -15.39 38.17
C ALA B 847 -17.08 -16.48 39.17
N LYS B 848 -18.20 -17.19 38.98
CA LYS B 848 -18.52 -18.33 39.82
C LYS B 848 -17.76 -19.61 39.44
N LEU B 849 -17.11 -19.63 38.28
CA LEU B 849 -16.42 -20.82 37.79
C LEU B 849 -15.11 -21.03 38.55
N PRO B 850 -14.54 -22.24 38.47
CA PRO B 850 -13.28 -22.51 39.18
C PRO B 850 -12.15 -21.59 38.73
N ALA B 851 -11.07 -21.61 39.52
CA ALA B 851 -9.93 -20.75 39.26
C ALA B 851 -9.21 -21.15 37.99
N GLY B 852 -8.56 -20.18 37.37
CA GLY B 852 -7.83 -20.40 36.14
C GLY B 852 -8.67 -20.34 34.88
N VAL B 853 -9.96 -20.02 34.99
CA VAL B 853 -10.86 -19.98 33.85
C VAL B 853 -11.26 -18.53 33.61
N GLY B 854 -11.05 -18.05 32.38
CA GLY B 854 -11.44 -16.71 32.00
C GLY B 854 -12.50 -16.71 30.91
N TYR B 855 -12.84 -15.53 30.40
CA TYR B 855 -13.85 -15.45 29.36
C TYR B 855 -13.50 -14.32 28.41
N SER B 856 -14.09 -14.39 27.21
CA SER B 856 -13.91 -13.35 26.22
C SER B 856 -15.15 -13.29 25.33
N TRP B 857 -15.36 -12.14 24.69
CA TRP B 857 -16.46 -11.95 23.76
C TRP B 857 -15.91 -11.84 22.36
N THR B 858 -16.46 -12.63 21.44
CA THR B 858 -16.00 -12.69 20.07
C THR B 858 -17.15 -12.42 19.11
N GLY B 859 -16.81 -12.13 17.86
CA GLY B 859 -17.83 -11.88 16.86
C GLY B 859 -18.61 -10.61 17.17
N LEU B 860 -19.94 -10.69 17.01
CA LEU B 860 -20.79 -9.53 17.26
C LEU B 860 -20.69 -9.07 18.70
N SER B 861 -20.62 -10.01 19.64
CA SER B 861 -20.47 -9.65 21.05
C SER B 861 -19.20 -8.85 21.29
N TYR B 862 -18.20 -8.99 20.41
CA TYR B 862 -17.00 -8.18 20.55
C TYR B 862 -17.25 -6.73 20.14
N GLN B 863 -18.06 -6.52 19.09
CA GLN B 863 -18.25 -5.17 18.58
C GLN B 863 -19.17 -4.35 19.49
N GLU B 864 -20.23 -4.97 20.01
CA GLU B 864 -21.19 -4.26 20.85
C GLU B 864 -20.75 -4.18 22.31
N ALA B 865 -19.60 -4.75 22.65
CA ALA B 865 -19.01 -4.55 23.97
C ALA B 865 -17.87 -3.55 23.96
N LEU B 866 -17.42 -3.12 22.79
CA LEU B 866 -16.32 -2.18 22.67
C LEU B 866 -16.79 -0.73 22.48
N SER B 867 -18.10 -0.48 22.56
CA SER B 867 -18.61 0.87 22.35
C SER B 867 -19.92 1.02 23.11
N SER B 868 -20.12 2.21 23.68
CA SER B 868 -21.37 2.55 24.35
C SER B 868 -22.32 3.21 23.36
N ASN B 869 -23.42 3.76 23.86
CA ASN B 869 -24.40 4.43 23.01
C ASN B 869 -23.94 5.87 22.77
N GLN B 870 -23.43 6.13 21.56
CA GLN B 870 -23.01 7.46 21.16
C GLN B 870 -24.17 8.32 20.69
N ALA B 871 -25.36 7.74 20.55
CA ALA B 871 -26.52 8.50 20.08
C ALA B 871 -26.83 9.72 20.96
N PRO B 872 -26.83 9.64 22.30
CA PRO B 872 -27.16 10.84 23.08
C PRO B 872 -26.20 12.00 22.86
N ALA B 873 -24.89 11.74 22.87
CA ALA B 873 -23.92 12.82 22.71
C ALA B 873 -24.04 13.46 21.33
N LEU B 874 -24.13 12.63 20.28
CA LEU B 874 -24.25 13.15 18.93
C LEU B 874 -25.54 13.92 18.74
N TYR B 875 -26.65 13.42 19.29
CA TYR B 875 -27.93 14.10 19.13
C TYR B 875 -27.96 15.42 19.90
N ALA B 876 -27.35 15.47 21.09
CA ALA B 876 -27.26 16.73 21.81
C ALA B 876 -26.39 17.73 21.05
N ILE B 877 -25.28 17.28 20.49
CA ILE B 877 -24.40 18.17 19.74
C ILE B 877 -25.13 18.71 18.51
N SER B 878 -25.86 17.83 17.80
CA SER B 878 -26.62 18.27 16.65
C SER B 878 -27.73 19.25 17.05
N LEU B 879 -28.36 19.00 18.20
CA LEU B 879 -29.40 19.92 18.68
C LEU B 879 -28.81 21.31 18.97
N VAL B 880 -27.64 21.35 19.60
CA VAL B 880 -27.00 22.63 19.90
C VAL B 880 -26.62 23.35 18.62
N VAL B 881 -26.07 22.62 17.65
CA VAL B 881 -25.66 23.25 16.39
C VAL B 881 -26.89 23.75 15.62
N VAL B 882 -27.98 22.99 15.66
CA VAL B 882 -29.21 23.43 15.01
C VAL B 882 -29.75 24.70 15.68
N PHE B 883 -29.70 24.75 17.01
CA PHE B 883 -30.14 25.95 17.71
C PHE B 883 -29.29 27.15 17.32
N LEU B 884 -27.97 26.97 17.23
CA LEU B 884 -27.10 28.07 16.84
C LEU B 884 -27.38 28.52 15.41
N ALA B 885 -27.61 27.57 14.51
CA ALA B 885 -27.92 27.93 13.12
C ALA B 885 -29.24 28.70 13.04
N LEU B 886 -30.24 28.28 13.80
CA LEU B 886 -31.51 28.99 13.81
C LEU B 886 -31.35 30.40 14.40
N ALA B 887 -30.55 30.52 15.45
CA ALA B 887 -30.30 31.84 16.04
C ALA B 887 -29.60 32.75 15.05
N ALA B 888 -28.64 32.21 14.28
CA ALA B 888 -28.00 33.00 13.24
C ALA B 888 -29.00 33.39 12.15
N LEU B 889 -29.91 32.47 11.81
CA LEU B 889 -30.89 32.76 10.77
C LEU B 889 -31.83 33.89 11.18
N TYR B 890 -32.32 33.85 12.41
CA TYR B 890 -33.33 34.80 12.87
C TYR B 890 -32.73 36.04 13.54
N GLU B 891 -31.42 36.09 13.73
CA GLU B 891 -30.76 37.21 14.43
C GLU B 891 -31.33 37.39 15.83
N SER B 892 -31.66 36.29 16.49
CA SER B 892 -32.25 36.35 17.83
C SER B 892 -31.89 35.10 18.60
N TRP B 893 -32.00 35.20 19.93
CA TRP B 893 -31.73 34.06 20.80
C TRP B 893 -33.00 33.38 21.31
N SER B 894 -34.10 34.11 21.42
CA SER B 894 -35.35 33.54 21.89
C SER B 894 -36.21 32.99 20.77
N ILE B 895 -36.17 33.61 19.59
CA ILE B 895 -36.98 33.14 18.46
C ILE B 895 -36.69 31.68 18.10
N PRO B 896 -35.44 31.20 18.04
CA PRO B 896 -35.23 29.80 17.65
C PRO B 896 -35.86 28.78 18.59
N PHE B 897 -36.22 29.17 19.82
CA PHE B 897 -36.79 28.20 20.76
C PHE B 897 -38.13 27.67 20.27
N SER B 898 -38.95 28.53 19.66
CA SER B 898 -40.25 28.10 19.17
C SER B 898 -40.12 27.03 18.11
N VAL B 899 -39.16 27.20 17.19
CA VAL B 899 -38.90 26.16 16.19
C VAL B 899 -38.29 24.92 16.85
N MET B 900 -37.44 25.13 17.85
CA MET B 900 -36.75 24.00 18.49
C MET B 900 -37.72 23.08 19.19
N LEU B 901 -38.72 23.63 19.87
CA LEU B 901 -39.71 22.80 20.57
C LEU B 901 -40.80 22.32 19.60
N VAL B 902 -40.37 21.75 18.48
CA VAL B 902 -41.28 21.14 17.51
C VAL B 902 -40.80 19.73 17.18
N VAL B 903 -39.49 19.58 16.99
CA VAL B 903 -38.92 18.33 16.52
C VAL B 903 -39.11 17.15 17.47
N PRO B 904 -39.31 17.33 18.79
CA PRO B 904 -39.79 16.17 19.57
C PRO B 904 -41.13 15.66 19.09
N LEU B 905 -42.01 16.56 18.67
CA LEU B 905 -43.27 16.19 18.05
C LEU B 905 -43.02 15.66 16.64
N GLY B 906 -43.87 14.71 16.24
CA GLY B 906 -43.77 14.11 14.92
C GLY B 906 -43.14 12.75 14.87
N VAL B 907 -42.66 12.23 16.00
CA VAL B 907 -42.12 10.88 16.06
C VAL B 907 -42.99 9.94 16.87
N VAL B 908 -43.89 10.46 17.69
CA VAL B 908 -44.78 9.60 18.48
C VAL B 908 -45.70 8.81 17.56
N GLY B 909 -46.11 9.42 16.45
CA GLY B 909 -46.96 8.70 15.50
C GLY B 909 -46.23 7.53 14.85
N ALA B 910 -44.98 7.73 14.45
CA ALA B 910 -44.21 6.63 13.88
C ALA B 910 -43.93 5.56 14.92
N LEU B 911 -43.63 5.97 16.15
CA LEU B 911 -43.36 5.00 17.21
C LEU B 911 -44.62 4.21 17.57
N LEU B 912 -45.79 4.82 17.40
CA LEU B 912 -47.04 4.07 17.56
C LEU B 912 -47.28 3.14 16.39
N ALA B 913 -46.96 3.60 15.17
CA ALA B 913 -47.22 2.79 13.98
C ALA B 913 -46.33 1.56 13.92
N THR B 914 -45.10 1.66 14.43
CA THR B 914 -44.17 0.54 14.35
C THR B 914 -44.70 -0.66 15.14
N ASP B 915 -45.52 -0.41 16.15
CA ASP B 915 -46.21 -1.48 16.85
C ASP B 915 -47.63 -1.70 16.33
N LEU B 916 -48.22 -0.69 15.69
CA LEU B 916 -49.53 -0.85 15.07
C LEU B 916 -49.48 -1.89 13.96
N ARG B 917 -48.42 -1.88 13.16
CA ARG B 917 -48.25 -2.88 12.11
C ARG B 917 -47.38 -4.05 12.53
N GLY B 918 -46.64 -3.93 13.64
CA GLY B 918 -45.83 -5.03 14.12
C GLY B 918 -44.40 -5.03 13.62
N LEU B 919 -43.69 -3.93 13.81
CA LEU B 919 -42.32 -3.79 13.37
C LEU B 919 -41.39 -3.76 14.57
N SER B 920 -40.10 -3.51 14.30
CA SER B 920 -39.09 -3.41 15.34
C SER B 920 -38.27 -2.14 15.17
N ASN B 921 -37.19 -2.00 15.94
CA ASN B 921 -36.31 -0.83 15.85
C ASN B 921 -35.22 -1.06 14.80
N ASP B 922 -35.64 -1.24 13.56
CA ASP B 922 -34.73 -1.42 12.44
C ASP B 922 -34.24 -0.06 11.94
N VAL B 923 -33.19 -0.11 11.11
CA VAL B 923 -32.54 1.12 10.66
C VAL B 923 -33.49 1.94 9.78
N TYR B 924 -34.33 1.28 8.98
CA TYR B 924 -35.22 1.98 8.07
C TYR B 924 -36.20 2.87 8.83
N PHE B 925 -36.77 2.35 9.92
CA PHE B 925 -37.69 3.15 10.72
C PHE B 925 -36.99 4.37 11.31
N GLN B 926 -35.75 4.20 11.79
CA GLN B 926 -35.02 5.32 12.37
C GLN B 926 -34.74 6.39 11.32
N VAL B 927 -34.29 5.98 10.13
CA VAL B 927 -33.99 6.95 9.09
C VAL B 927 -35.26 7.66 8.64
N GLY B 928 -36.37 6.94 8.57
CA GLY B 928 -37.63 7.58 8.22
C GLY B 928 -38.08 8.60 9.24
N LEU B 929 -37.97 8.27 10.53
CA LEU B 929 -38.37 9.23 11.55
C LEU B 929 -37.45 10.44 11.58
N LEU B 930 -36.15 10.24 11.30
CA LEU B 930 -35.26 11.39 11.23
C LEU B 930 -35.56 12.27 10.03
N THR B 931 -35.91 11.67 8.90
CA THR B 931 -36.29 12.45 7.72
C THR B 931 -37.56 13.26 8.00
N THR B 932 -38.54 12.66 8.68
CA THR B 932 -39.75 13.42 8.98
C THR B 932 -39.51 14.47 10.06
N ILE B 933 -38.53 14.23 10.95
CA ILE B 933 -38.10 15.27 11.87
C ILE B 933 -37.58 16.47 11.09
N GLY B 934 -36.71 16.20 10.11
CA GLY B 934 -36.19 17.27 9.29
C GLY B 934 -37.27 18.01 8.54
N LEU B 935 -38.26 17.28 8.02
CA LEU B 935 -39.34 17.93 7.27
C LEU B 935 -40.19 18.83 8.17
N SER B 936 -40.53 18.35 9.37
CA SER B 936 -41.28 19.17 10.31
C SER B 936 -40.49 20.42 10.70
N ALA B 937 -39.18 20.25 10.93
CA ALA B 937 -38.34 21.39 11.25
C ALA B 937 -38.32 22.41 10.11
N LYS B 938 -38.26 21.92 8.87
CA LYS B 938 -38.28 22.82 7.72
C LYS B 938 -39.60 23.60 7.65
N ASN B 939 -40.71 22.92 7.87
CA ASN B 939 -42.02 23.59 7.84
C ASN B 939 -42.09 24.67 8.92
N ALA B 940 -41.66 24.34 10.13
CA ALA B 940 -41.68 25.32 11.22
C ALA B 940 -40.76 26.50 10.91
N ILE B 941 -39.58 26.21 10.35
CA ILE B 941 -38.63 27.27 10.02
C ILE B 941 -39.25 28.24 9.02
N LEU B 942 -39.88 27.70 7.98
CA LEU B 942 -40.49 28.57 6.97
C LEU B 942 -41.62 29.41 7.56
N ILE B 943 -42.45 28.80 8.40
CA ILE B 943 -43.55 29.55 9.03
C ILE B 943 -43.00 30.70 9.86
N VAL B 944 -42.00 30.41 10.71
CA VAL B 944 -41.48 31.43 11.61
C VAL B 944 -40.75 32.52 10.83
N GLU B 945 -40.03 32.15 9.77
CA GLU B 945 -39.35 33.14 8.95
C GLU B 945 -40.34 34.08 8.28
N PHE B 946 -41.43 33.54 7.74
CA PHE B 946 -42.45 34.40 7.15
C PHE B 946 -43.06 35.32 8.20
N ALA B 947 -43.36 34.79 9.38
CA ALA B 947 -43.94 35.62 10.44
C ALA B 947 -43.01 36.75 10.83
N VAL B 948 -41.72 36.46 11.02
CA VAL B 948 -40.76 37.47 11.41
C VAL B 948 -40.63 38.54 10.33
N GLU B 949 -40.53 38.11 9.07
CA GLU B 949 -40.39 39.07 7.97
C GLU B 949 -41.61 39.98 7.89
N MET B 950 -42.81 39.41 8.02
CA MET B 950 -44.02 40.24 7.88
C MET B 950 -44.23 41.15 9.09
N MET B 951 -43.80 40.73 10.29
CA MET B 951 -43.95 41.60 11.44
C MET B 951 -42.86 42.66 11.55
N GLN B 952 -41.70 42.44 10.91
CA GLN B 952 -40.63 43.43 10.96
C GLN B 952 -40.48 44.23 9.67
N LYS B 953 -41.29 43.97 8.65
CA LYS B 953 -41.21 44.79 7.45
C LYS B 953 -42.54 45.41 7.06
N GLU B 954 -43.65 44.68 7.22
CA GLU B 954 -44.96 45.23 6.96
C GLU B 954 -45.61 45.85 8.20
N GLY B 955 -45.17 45.47 9.39
CA GLY B 955 -45.69 46.02 10.62
C GLY B 955 -46.80 45.15 11.20
N LYS B 956 -46.51 44.48 12.31
CA LYS B 956 -47.46 43.57 12.95
C LYS B 956 -46.91 43.18 14.31
N THR B 957 -47.67 42.36 15.02
CA THR B 957 -47.34 41.84 16.33
C THR B 957 -47.50 40.34 16.31
N PRO B 958 -46.84 39.62 17.24
CA PRO B 958 -46.96 38.15 17.24
C PRO B 958 -48.37 37.64 17.42
N ILE B 959 -49.30 38.47 17.91
CA ILE B 959 -50.68 38.03 18.04
C ILE B 959 -51.29 37.75 16.66
N GLU B 960 -50.94 38.55 15.65
CA GLU B 960 -51.49 38.40 14.31
C GLU B 960 -50.47 38.04 13.25
N ALA B 961 -49.18 38.32 13.47
CA ALA B 961 -48.17 37.97 12.47
C ALA B 961 -48.06 36.46 12.30
N ILE B 962 -48.04 35.70 13.40
CA ILE B 962 -48.00 34.25 13.29
C ILE B 962 -49.28 33.71 12.67
N ILE B 963 -50.41 34.36 12.94
CA ILE B 963 -51.68 33.92 12.36
C ILE B 963 -51.64 34.08 10.84
N GLU B 964 -51.20 35.24 10.37
CA GLU B 964 -51.12 35.48 8.93
C GLU B 964 -50.09 34.56 8.28
N ALA B 965 -48.94 34.35 8.93
CA ALA B 965 -47.93 33.47 8.36
C ALA B 965 -48.43 32.04 8.25
N ALA B 966 -49.10 31.55 9.28
CA ALA B 966 -49.68 30.21 9.20
C ALA B 966 -50.75 30.12 8.12
N ARG B 967 -51.60 31.16 8.01
CA ARG B 967 -52.64 31.14 6.98
C ARG B 967 -52.03 31.07 5.58
N MET B 968 -50.96 31.83 5.34
CA MET B 968 -50.37 31.84 4.00
C MET B 968 -49.40 30.69 3.77
N ARG B 969 -48.97 29.98 4.81
CA ARG B 969 -48.04 28.86 4.65
C ARG B 969 -48.73 27.50 4.79
N LEU B 970 -50.03 27.49 5.11
CA LEU B 970 -50.73 26.22 5.28
C LEU B 970 -50.79 25.38 4.00
N ARG B 971 -51.08 26.01 2.85
CA ARG B 971 -51.25 25.23 1.63
C ARG B 971 -50.01 24.46 1.21
N PRO B 972 -48.82 25.07 1.09
CA PRO B 972 -47.64 24.26 0.71
C PRO B 972 -47.33 23.17 1.71
N ILE B 973 -47.59 23.41 3.00
CA ILE B 973 -47.41 22.37 4.02
C ILE B 973 -48.32 21.19 3.73
N LEU B 974 -49.58 21.46 3.41
CA LEU B 974 -50.52 20.39 3.11
C LEU B 974 -50.13 19.62 1.87
N MET B 975 -49.71 20.33 0.81
CA MET B 975 -49.26 19.64 -0.40
C MET B 975 -48.06 18.76 -0.12
N THR B 976 -47.09 19.28 0.65
CA THR B 976 -45.93 18.48 1.03
C THR B 976 -46.34 17.24 1.80
N SER B 977 -47.20 17.41 2.80
CA SER B 977 -47.60 16.28 3.64
C SER B 977 -48.32 15.21 2.83
N LEU B 978 -49.27 15.64 1.98
CA LEU B 978 -50.02 14.67 1.18
C LEU B 978 -49.12 13.95 0.19
N ALA B 979 -48.24 14.70 -0.49
CA ALA B 979 -47.33 14.07 -1.45
C ALA B 979 -46.38 13.10 -0.77
N PHE B 980 -45.89 13.46 0.42
CA PHE B 980 -44.93 12.62 1.12
C PHE B 980 -45.61 11.37 1.70
N ILE B 981 -46.85 11.51 2.18
CA ILE B 981 -47.61 10.35 2.64
C ILE B 981 -47.92 9.41 1.49
N LEU B 982 -48.34 9.94 0.35
CA LEU B 982 -48.65 9.11 -0.80
C LEU B 982 -47.40 8.56 -1.48
N GLY B 983 -46.23 9.14 -1.24
CA GLY B 983 -44.99 8.63 -1.77
C GLY B 983 -44.39 7.58 -0.86
N VAL B 984 -45.22 7.08 0.05
CA VAL B 984 -44.83 6.05 1.01
C VAL B 984 -45.45 4.71 0.64
N LEU B 985 -46.72 4.75 0.25
CA LEU B 985 -47.50 3.55 -0.09
C LEU B 985 -46.81 2.65 -1.12
N PRO B 986 -45.99 3.18 -2.04
CA PRO B 986 -45.16 2.27 -2.84
C PRO B 986 -44.24 1.39 -2.01
N LEU B 987 -43.83 1.84 -0.82
CA LEU B 987 -42.95 1.04 0.03
C LEU B 987 -43.70 0.06 0.91
N VAL B 988 -44.88 0.42 1.40
CA VAL B 988 -45.57 -0.39 2.41
C VAL B 988 -46.14 -1.65 1.78
N ILE B 989 -47.08 -1.50 0.85
CA ILE B 989 -47.77 -2.64 0.24
C ILE B 989 -46.82 -3.26 -0.78
N SER B 990 -46.17 -4.36 -0.39
CA SER B 990 -45.23 -5.04 -1.26
C SER B 990 -45.15 -6.50 -0.87
N HIS B 991 -44.73 -7.34 -1.83
CA HIS B 991 -44.59 -8.77 -1.60
C HIS B 991 -43.56 -9.32 -2.57
N GLY B 992 -42.54 -10.00 -2.05
CA GLY B 992 -41.52 -10.57 -2.89
C GLY B 992 -40.13 -10.49 -2.30
N ALA B 993 -39.18 -9.95 -3.08
CA ALA B 993 -37.79 -9.94 -2.66
C ALA B 993 -37.49 -8.78 -1.72
N GLY B 994 -37.65 -7.55 -2.20
CA GLY B 994 -37.34 -6.38 -1.40
C GLY B 994 -38.54 -5.80 -0.68
N SER B 995 -39.20 -6.60 0.14
CA SER B 995 -40.37 -6.15 0.88
C SER B 995 -40.09 -5.89 2.36
N GLY B 996 -39.25 -6.72 2.99
CA GLY B 996 -38.93 -6.49 4.40
C GLY B 996 -38.19 -5.20 4.63
N ALA B 997 -37.35 -4.79 3.67
CA ALA B 997 -36.65 -3.52 3.75
C ALA B 997 -37.45 -2.36 3.19
N GLN B 998 -38.64 -2.61 2.65
CA GLN B 998 -39.50 -1.59 2.09
C GLN B 998 -40.65 -1.20 3.01
N ASN B 999 -41.42 -2.18 3.47
CA ASN B 999 -42.60 -1.87 4.29
C ASN B 999 -42.20 -1.23 5.61
N ALA B 1000 -41.05 -1.60 6.17
CA ALA B 1000 -40.60 -1.01 7.42
C ALA B 1000 -40.40 0.49 7.30
N VAL B 1001 -39.62 0.91 6.30
CA VAL B 1001 -39.37 2.33 6.10
C VAL B 1001 -40.66 3.04 5.71
N GLY B 1002 -41.52 2.36 4.93
CA GLY B 1002 -42.79 2.97 4.58
C GLY B 1002 -43.65 3.27 5.80
N THR B 1003 -43.81 2.29 6.69
CA THR B 1003 -44.61 2.51 7.88
C THR B 1003 -44.00 3.59 8.76
N GLY B 1004 -42.68 3.59 8.90
CA GLY B 1004 -42.04 4.61 9.72
C GLY B 1004 -42.27 6.02 9.19
N VAL B 1005 -42.07 6.19 7.88
CA VAL B 1005 -42.24 7.51 7.27
C VAL B 1005 -43.69 7.95 7.34
N MET B 1006 -44.63 7.04 7.06
CA MET B 1006 -46.04 7.42 7.08
C MET B 1006 -46.45 7.87 8.47
N GLY B 1007 -46.08 7.09 9.50
CA GLY B 1007 -46.42 7.48 10.85
C GLY B 1007 -45.80 8.81 11.24
N GLY B 1008 -44.52 8.99 10.94
CA GLY B 1008 -43.84 10.22 11.34
C GLY B 1008 -44.44 11.45 10.66
N MET B 1009 -44.64 11.37 9.35
CA MET B 1009 -45.18 12.52 8.63
C MET B 1009 -46.62 12.81 9.06
N PHE B 1010 -47.44 11.78 9.23
CA PHE B 1010 -48.81 12.00 9.69
C PHE B 1010 -48.81 12.71 11.04
N ALA B 1011 -48.03 12.20 12.01
CA ALA B 1011 -48.01 12.81 13.33
C ALA B 1011 -47.54 14.25 13.26
N ALA B 1012 -46.42 14.49 12.57
CA ALA B 1012 -45.86 15.84 12.50
C ALA B 1012 -46.85 16.81 11.87
N THR B 1013 -47.42 16.44 10.73
CA THR B 1013 -48.31 17.35 10.01
C THR B 1013 -49.57 17.64 10.81
N VAL B 1014 -50.19 16.60 11.39
CA VAL B 1014 -51.45 16.82 12.09
C VAL B 1014 -51.27 17.32 13.51
N LEU B 1015 -50.04 17.43 14.02
CA LEU B 1015 -49.85 17.90 15.38
C LEU B 1015 -48.93 19.11 15.53
N ALA B 1016 -48.29 19.59 14.47
CA ALA B 1016 -47.40 20.74 14.60
C ALA B 1016 -47.99 22.05 14.12
N ILE B 1017 -48.85 22.02 13.10
CA ILE B 1017 -49.47 23.25 12.61
C ILE B 1017 -50.36 23.92 13.64
N TYR B 1018 -50.81 23.17 14.64
CA TYR B 1018 -51.54 23.73 15.77
C TYR B 1018 -50.62 24.24 16.86
N PHE B 1019 -49.54 23.52 17.15
CA PHE B 1019 -48.67 23.85 18.27
C PHE B 1019 -47.76 25.04 17.98
N VAL B 1020 -47.34 25.20 16.73
CA VAL B 1020 -46.39 26.28 16.41
C VAL B 1020 -46.93 27.65 16.77
N PRO B 1021 -48.17 28.02 16.45
CA PRO B 1021 -48.66 29.37 16.84
C PRO B 1021 -48.60 29.64 18.33
N VAL B 1022 -48.92 28.64 19.18
CA VAL B 1022 -48.92 28.91 20.61
C VAL B 1022 -47.50 29.01 21.16
N PHE B 1023 -46.56 28.20 20.65
CA PHE B 1023 -45.17 28.36 21.05
C PHE B 1023 -44.60 29.70 20.63
N PHE B 1024 -44.94 30.19 19.43
CA PHE B 1024 -44.35 31.44 18.97
C PHE B 1024 -44.67 32.60 19.88
N VAL B 1025 -45.76 32.54 20.64
CA VAL B 1025 -46.07 33.58 21.61
C VAL B 1025 -45.66 33.21 23.03
N VAL B 1026 -45.74 31.92 23.41
CA VAL B 1026 -45.33 31.52 24.75
C VAL B 1026 -43.84 31.78 24.95
N VAL B 1027 -43.02 31.41 23.96
CA VAL B 1027 -41.58 31.63 24.08
C VAL B 1027 -41.26 33.11 23.97
N GLU B 1028 -41.90 33.82 23.05
CA GLU B 1028 -41.63 35.25 22.87
C GLU B 1028 -42.07 36.06 24.08
N HIS B 1029 -42.97 35.53 24.91
CA HIS B 1029 -43.37 36.21 26.15
C HIS B 1029 -42.23 36.06 27.15
N LEU B 1030 -41.23 36.92 26.99
CA LEU B 1030 -40.04 36.88 27.84
C LEU B 1030 -39.53 38.29 28.12
N ALA C 2 -9.57 38.92 -12.37
CA ALA C 2 -10.62 39.38 -13.27
C ALA C 2 -10.28 40.75 -13.84
N ASN C 3 -11.28 41.63 -13.88
CA ASN C 3 -11.10 42.98 -14.41
C ASN C 3 -10.34 43.88 -13.43
N TYR C 4 -10.40 43.60 -12.14
CA TYR C 4 -9.76 44.46 -11.15
C TYR C 4 -8.24 44.33 -11.14
N PHE C 5 -7.67 43.36 -11.85
CA PHE C 5 -6.22 43.29 -11.98
C PHE C 5 -5.66 44.43 -12.82
N ILE C 6 -6.50 45.14 -13.58
CA ILE C 6 -6.05 46.29 -14.34
C ILE C 6 -5.60 47.41 -13.41
N ASP C 7 -6.33 47.61 -12.31
CA ASP C 7 -6.03 48.67 -11.37
C ASP C 7 -4.88 48.33 -10.42
N ARG C 8 -4.43 47.08 -10.39
CA ARG C 8 -3.38 46.63 -9.48
C ARG C 8 -2.29 45.94 -10.29
N PRO C 9 -1.45 46.71 -11.00
CA PRO C 9 -0.35 46.09 -11.76
C PRO C 9 0.63 45.33 -10.88
N VAL C 10 0.86 45.79 -9.65
CA VAL C 10 1.83 45.14 -8.77
C VAL C 10 1.35 43.75 -8.39
N PHE C 11 0.04 43.58 -8.19
CA PHE C 11 -0.49 42.25 -7.88
C PHE C 11 -0.25 41.28 -9.04
N ALA C 12 -0.51 41.73 -10.27
CA ALA C 12 -0.26 40.88 -11.43
C ALA C 12 1.21 40.53 -11.57
N TRP C 13 2.09 41.52 -11.33
CA TRP C 13 3.52 41.25 -11.41
C TRP C 13 3.96 40.27 -10.33
N VAL C 14 3.39 40.39 -9.13
CA VAL C 14 3.72 39.45 -8.05
C VAL C 14 3.27 38.04 -8.41
N LEU C 15 2.07 37.92 -8.99
CA LEU C 15 1.60 36.60 -9.41
C LEU C 15 2.49 36.00 -10.50
N ALA C 16 2.92 36.84 -11.45
CA ALA C 16 3.82 36.36 -12.50
C ALA C 16 5.17 35.92 -11.92
N ILE C 17 5.70 36.69 -10.96
CA ILE C 17 6.97 36.31 -10.32
C ILE C 17 6.80 35.01 -9.53
N ILE C 18 5.65 34.84 -8.89
CA ILE C 18 5.38 33.60 -8.16
C ILE C 18 5.36 32.42 -9.13
N MET C 19 4.70 32.59 -10.28
CA MET C 19 4.68 31.53 -11.27
C MET C 19 6.08 31.20 -11.77
N MET C 20 6.89 32.23 -12.04
CA MET C 20 8.25 32.00 -12.52
C MET C 20 9.09 31.27 -11.47
N LEU C 21 8.99 31.67 -10.21
CA LEU C 21 9.74 31.00 -9.15
C LEU C 21 9.29 29.55 -8.98
N ALA C 22 7.98 29.32 -9.02
CA ALA C 22 7.48 27.95 -8.91
C ALA C 22 7.95 27.09 -10.07
N GLY C 23 7.94 27.65 -11.28
CA GLY C 23 8.42 26.90 -12.43
C GLY C 23 9.90 26.57 -12.34
N GLY C 24 10.70 27.53 -11.89
CA GLY C 24 12.11 27.26 -11.70
C GLY C 24 12.36 26.20 -10.65
N LEU C 25 11.65 26.27 -9.52
CA LEU C 25 11.80 25.28 -8.47
C LEU C 25 11.36 23.89 -8.95
N ALA C 26 10.30 23.84 -9.76
CA ALA C 26 9.85 22.57 -10.32
C ALA C 26 10.88 22.00 -11.28
N ILE C 27 11.42 22.84 -12.17
CA ILE C 27 12.44 22.38 -13.12
C ILE C 27 13.66 21.87 -12.37
N MET C 28 14.01 22.52 -11.26
CA MET C 28 15.17 22.08 -10.49
C MET C 28 15.02 20.65 -10.00
N ASN C 29 13.83 20.28 -9.53
CA ASN C 29 13.56 18.92 -9.06
C ASN C 29 12.29 18.39 -9.72
N LEU C 30 12.45 17.83 -10.92
CA LEU C 30 11.36 17.18 -11.66
C LEU C 30 12.00 15.98 -12.36
N PRO C 31 11.42 14.79 -12.21
CA PRO C 31 11.98 13.61 -12.89
C PRO C 31 11.95 13.78 -14.40
N VAL C 32 13.03 13.34 -15.05
CA VAL C 32 13.08 13.33 -16.50
C VAL C 32 13.38 11.91 -16.96
N ALA C 33 12.82 11.55 -18.11
CA ALA C 33 12.97 10.23 -18.69
C ALA C 33 12.61 10.32 -20.17
N GLN C 34 12.97 9.29 -20.91
CA GLN C 34 12.60 9.24 -22.32
C GLN C 34 11.10 9.02 -22.48
N TYR C 35 10.55 8.05 -21.76
CA TYR C 35 9.12 7.74 -21.81
C TYR C 35 8.65 7.40 -20.40
N PRO C 36 7.37 7.61 -20.11
CA PRO C 36 6.81 7.19 -18.83
C PRO C 36 6.48 5.70 -18.85
N GLN C 37 5.85 5.24 -17.78
CA GLN C 37 5.40 3.86 -17.69
C GLN C 37 4.18 3.67 -18.58
N ILE C 38 4.39 3.02 -19.73
CA ILE C 38 3.33 2.81 -20.71
C ILE C 38 2.83 1.37 -20.69
N ALA C 39 3.76 0.42 -20.64
CA ALA C 39 3.39 -0.99 -20.63
C ALA C 39 2.69 -1.35 -19.31
N PRO C 40 1.74 -2.28 -19.35
CA PRO C 40 1.12 -2.73 -18.10
C PRO C 40 2.14 -3.46 -17.24
N PRO C 41 1.99 -3.40 -15.92
CA PRO C 41 2.95 -4.07 -15.04
C PRO C 41 2.96 -5.57 -15.30
N THR C 42 4.17 -6.15 -15.34
CA THR C 42 4.35 -7.57 -15.54
C THR C 42 5.36 -8.09 -14.52
N ILE C 43 5.14 -9.33 -14.10
CA ILE C 43 6.00 -10.01 -13.13
C ILE C 43 6.53 -11.27 -13.79
N THR C 44 7.84 -11.47 -13.70
CA THR C 44 8.50 -12.61 -14.33
C THR C 44 9.04 -13.54 -13.25
N VAL C 45 8.70 -14.81 -13.36
CA VAL C 45 9.14 -15.86 -12.45
C VAL C 45 10.07 -16.78 -13.22
N SER C 46 11.31 -16.89 -12.78
CA SER C 46 12.34 -17.65 -13.46
C SER C 46 12.86 -18.76 -12.56
N ALA C 47 12.89 -19.99 -13.08
CA ALA C 47 13.40 -21.14 -12.37
C ALA C 47 14.36 -21.89 -13.28
N THR C 48 15.36 -22.53 -12.66
CA THR C 48 16.41 -23.25 -13.38
C THR C 48 16.47 -24.69 -12.90
N TYR C 49 16.49 -25.63 -13.84
CA TYR C 49 16.64 -27.05 -13.57
C TYR C 49 17.83 -27.54 -14.39
N PRO C 50 19.03 -27.55 -13.81
CA PRO C 50 20.24 -27.87 -14.59
C PRO C 50 20.18 -29.27 -15.20
N GLY C 51 20.24 -29.31 -16.53
CA GLY C 51 20.25 -30.55 -17.26
C GLY C 51 18.90 -31.08 -17.67
N ALA C 52 17.82 -30.45 -17.23
CA ALA C 52 16.47 -30.94 -17.55
C ALA C 52 16.10 -30.58 -18.98
N ASP C 53 15.20 -31.38 -19.54
CA ASP C 53 14.67 -31.16 -20.88
C ASP C 53 13.50 -30.18 -20.83
N ALA C 54 12.87 -29.96 -21.98
CA ALA C 54 11.68 -29.11 -22.00
C ALA C 54 10.49 -29.82 -21.36
N GLN C 55 10.27 -31.09 -21.71
CA GLN C 55 9.15 -31.83 -21.15
C GLN C 55 9.34 -32.07 -19.65
N THR C 56 10.56 -32.38 -19.24
CA THR C 56 10.82 -32.56 -17.81
C THR C 56 10.55 -31.29 -17.02
N VAL C 57 11.01 -30.15 -17.54
CA VAL C 57 10.74 -28.87 -16.87
C VAL C 57 9.26 -28.59 -16.84
N GLU C 58 8.55 -28.79 -17.96
CA GLU C 58 7.12 -28.52 -18.00
C GLU C 58 6.37 -29.38 -17.00
N ASP C 59 6.77 -30.64 -16.84
CA ASP C 59 6.09 -31.51 -15.89
C ASP C 59 6.42 -31.15 -14.45
N SER C 60 7.68 -30.81 -14.16
CA SER C 60 8.12 -30.70 -12.78
C SER C 60 7.96 -29.30 -12.19
N VAL C 61 8.19 -28.25 -12.97
CA VAL C 61 8.32 -26.89 -12.46
C VAL C 61 7.20 -25.99 -12.97
N THR C 62 7.03 -25.91 -14.29
CA THR C 62 6.11 -24.94 -14.87
C THR C 62 4.67 -25.20 -14.44
N GLN C 63 4.24 -26.47 -14.53
CA GLN C 63 2.87 -26.80 -14.15
C GLN C 63 2.63 -26.56 -12.66
N VAL C 64 3.60 -26.94 -11.82
CA VAL C 64 3.45 -26.77 -10.37
C VAL C 64 3.35 -25.29 -10.03
N ILE C 65 4.17 -24.45 -10.66
CA ILE C 65 4.12 -23.01 -10.38
C ILE C 65 2.82 -22.42 -10.91
N GLU C 66 2.37 -22.87 -12.08
CA GLU C 66 1.15 -22.33 -12.67
C GLU C 66 -0.07 -22.67 -11.84
N GLN C 67 -0.13 -23.88 -11.30
CA GLN C 67 -1.31 -24.31 -10.56
C GLN C 67 -1.52 -23.51 -9.27
N ASN C 68 -0.49 -22.79 -8.81
CA ASN C 68 -0.58 -21.99 -7.59
C ASN C 68 -0.64 -20.50 -7.88
N MET C 69 -0.76 -20.10 -9.14
CA MET C 69 -0.80 -18.68 -9.50
C MET C 69 -2.25 -18.22 -9.60
N ASN C 70 -2.93 -18.25 -8.46
CA ASN C 70 -4.33 -17.83 -8.38
C ASN C 70 -4.52 -16.91 -7.19
N GLY C 71 -5.58 -16.11 -7.25
CA GLY C 71 -5.84 -15.14 -6.20
C GLY C 71 -5.08 -13.85 -6.32
N LEU C 72 -4.49 -13.58 -7.48
CA LEU C 72 -3.73 -12.35 -7.70
C LEU C 72 -4.67 -11.25 -8.21
N ASP C 73 -4.63 -10.10 -7.56
CA ASP C 73 -5.51 -8.99 -7.92
C ASP C 73 -5.05 -8.32 -9.20
N GLY C 74 -5.97 -8.12 -10.12
CA GLY C 74 -5.68 -7.38 -11.34
C GLY C 74 -4.94 -8.15 -12.41
N LEU C 75 -4.80 -9.46 -12.27
CA LEU C 75 -4.08 -10.24 -13.26
C LEU C 75 -4.85 -10.28 -14.58
N MET C 76 -4.19 -9.90 -15.67
CA MET C 76 -4.81 -9.95 -16.99
C MET C 76 -4.59 -11.31 -17.64
N TYR C 77 -3.35 -11.73 -17.79
CA TYR C 77 -3.08 -13.05 -18.35
C TYR C 77 -1.71 -13.53 -17.90
N MET C 78 -1.37 -14.76 -18.28
CA MET C 78 -0.12 -15.38 -17.87
C MET C 78 0.33 -16.34 -18.96
N SER C 79 1.63 -16.31 -19.26
CA SER C 79 2.21 -17.17 -20.29
C SER C 79 3.48 -17.82 -19.76
N SER C 80 3.67 -19.10 -20.04
CA SER C 80 4.78 -19.87 -19.52
C SER C 80 5.57 -20.51 -20.65
N THR C 81 6.88 -20.61 -20.45
CA THR C 81 7.80 -21.18 -21.41
C THR C 81 8.76 -22.12 -20.70
N SER C 82 8.95 -23.31 -21.26
CA SER C 82 9.89 -24.30 -20.75
C SER C 82 10.90 -24.60 -21.86
N ASP C 83 12.18 -24.36 -21.58
CA ASP C 83 13.24 -24.52 -22.55
C ASP C 83 13.96 -25.85 -22.36
N ALA C 84 14.70 -26.24 -23.40
CA ALA C 84 15.51 -27.45 -23.34
C ALA C 84 16.81 -27.26 -22.58
N ALA C 85 17.12 -26.02 -22.18
CA ALA C 85 18.28 -25.74 -21.35
C ALA C 85 17.97 -25.83 -19.86
N GLY C 86 16.76 -26.20 -19.49
CA GLY C 86 16.38 -26.28 -18.10
C GLY C 86 15.86 -24.99 -17.51
N ASN C 87 15.20 -24.16 -18.30
CA ASN C 87 14.69 -22.87 -17.86
C ASN C 87 13.18 -22.87 -17.91
N ALA C 88 12.54 -22.40 -16.84
CA ALA C 88 11.11 -22.21 -16.79
C ALA C 88 10.83 -20.74 -16.51
N SER C 89 10.02 -20.11 -17.36
CA SER C 89 9.74 -18.69 -17.23
C SER C 89 8.23 -18.47 -17.32
N ILE C 90 7.66 -17.86 -16.28
CA ILE C 90 6.25 -17.54 -16.25
C ILE C 90 6.11 -16.03 -16.15
N THR C 91 5.46 -15.42 -17.15
CA THR C 91 5.24 -13.99 -17.19
C THR C 91 3.77 -13.72 -16.93
N LEU C 92 3.49 -12.96 -15.88
CA LEU C 92 2.12 -12.60 -15.51
C LEU C 92 1.93 -11.12 -15.80
N THR C 93 1.00 -10.81 -16.69
CA THR C 93 0.68 -9.44 -17.06
C THR C 93 -0.58 -9.01 -16.33
N PHE C 94 -0.49 -7.88 -15.62
CA PHE C 94 -1.54 -7.35 -14.78
C PHE C 94 -2.21 -6.15 -15.46
N GLU C 95 -3.34 -5.74 -14.88
CA GLU C 95 -4.06 -4.57 -15.36
C GLU C 95 -3.25 -3.31 -15.14
N THR C 96 -3.44 -2.34 -16.02
CA THR C 96 -2.78 -1.05 -15.86
C THR C 96 -3.30 -0.35 -14.61
N GLY C 97 -2.38 0.18 -13.81
CA GLY C 97 -2.69 0.80 -12.55
C GLY C 97 -2.40 -0.07 -11.34
N THR C 98 -2.17 -1.36 -11.54
CA THR C 98 -1.80 -2.24 -10.44
C THR C 98 -0.41 -1.87 -9.92
N SER C 99 -0.27 -1.85 -8.61
CA SER C 99 1.02 -1.52 -8.01
C SER C 99 2.01 -2.63 -8.29
N PRO C 100 3.16 -2.35 -8.92
CA PRO C 100 4.11 -3.45 -9.22
C PRO C 100 4.66 -4.13 -7.98
N ASP C 101 4.88 -3.38 -6.90
CA ASP C 101 5.41 -3.99 -5.68
C ASP C 101 4.39 -4.94 -5.04
N ILE C 102 3.11 -4.52 -5.01
CA ILE C 102 2.07 -5.38 -4.45
C ILE C 102 1.93 -6.66 -5.25
N ALA C 103 1.89 -6.53 -6.57
CA ALA C 103 1.78 -7.70 -7.44
C ALA C 103 2.98 -8.62 -7.27
N GLN C 104 4.18 -8.04 -7.20
CA GLN C 104 5.38 -8.86 -7.02
C GLN C 104 5.35 -9.60 -5.70
N VAL C 105 4.94 -8.93 -4.62
CA VAL C 105 4.91 -9.61 -3.33
C VAL C 105 3.84 -10.69 -3.31
N GLN C 106 2.71 -10.47 -3.99
CA GLN C 106 1.67 -11.50 -4.05
C GLN C 106 2.16 -12.72 -4.81
N VAL C 107 2.78 -12.51 -5.97
CA VAL C 107 3.30 -13.62 -6.76
C VAL C 107 4.39 -14.35 -5.99
N GLN C 108 5.25 -13.60 -5.32
CA GLN C 108 6.31 -14.21 -4.53
C GLN C 108 5.73 -15.07 -3.41
N ASN C 109 4.69 -14.58 -2.73
CA ASN C 109 4.07 -15.35 -1.67
C ASN C 109 3.44 -16.63 -2.20
N LYS C 110 2.75 -16.56 -3.34
CA LYS C 110 2.14 -17.76 -3.90
C LYS C 110 3.20 -18.79 -4.28
N LEU C 111 4.22 -18.37 -5.03
CA LEU C 111 5.30 -19.27 -5.42
C LEU C 111 6.02 -19.84 -4.21
N GLN C 112 6.20 -19.01 -3.18
CA GLN C 112 7.01 -19.39 -2.04
C GLN C 112 6.21 -20.26 -1.06
N LEU C 113 4.87 -20.24 -1.18
CA LEU C 113 4.05 -21.28 -0.56
C LEU C 113 4.12 -22.59 -1.35
N ALA C 114 4.16 -22.50 -2.68
CA ALA C 114 4.21 -23.70 -3.51
C ALA C 114 5.60 -24.32 -3.59
N MET C 115 6.61 -23.66 -3.04
CA MET C 115 8.00 -24.12 -3.12
C MET C 115 8.23 -25.58 -2.72
N PRO C 116 7.68 -26.11 -1.63
CA PRO C 116 8.01 -27.49 -1.25
C PRO C 116 7.60 -28.54 -2.27
N SER C 117 6.70 -28.22 -3.19
CA SER C 117 6.29 -29.18 -4.21
C SER C 117 7.29 -29.29 -5.36
N LEU C 118 8.25 -28.38 -5.46
CA LEU C 118 9.22 -28.38 -6.54
C LEU C 118 10.36 -29.36 -6.25
N PRO C 119 11.02 -29.86 -7.29
CA PRO C 119 12.18 -30.74 -7.07
C PRO C 119 13.30 -30.00 -6.35
N GLU C 120 14.10 -30.77 -5.60
CA GLU C 120 15.15 -30.17 -4.77
C GLU C 120 16.22 -29.50 -5.63
N ALA C 121 16.45 -30.00 -6.84
CA ALA C 121 17.43 -29.36 -7.73
C ALA C 121 16.97 -27.96 -8.11
N VAL C 122 15.68 -27.78 -8.35
CA VAL C 122 15.16 -26.45 -8.67
C VAL C 122 15.19 -25.56 -7.43
N GLN C 123 14.87 -26.14 -6.26
CA GLN C 123 14.88 -25.35 -5.03
C GLN C 123 16.27 -24.85 -4.69
N GLN C 124 17.30 -25.68 -4.95
CA GLN C 124 18.67 -25.29 -4.62
C GLN C 124 19.10 -24.07 -5.41
N GLN C 125 18.75 -24.00 -6.69
CA GLN C 125 19.08 -22.84 -7.51
C GLN C 125 18.37 -21.59 -7.00
N GLY C 126 17.11 -21.73 -6.62
CA GLY C 126 16.32 -20.60 -6.19
C GLY C 126 15.51 -20.02 -7.33
N ILE C 127 14.22 -19.79 -7.10
CA ILE C 127 13.32 -19.27 -8.11
C ILE C 127 13.17 -17.77 -7.89
N SER C 128 13.44 -16.99 -8.92
CA SER C 128 13.54 -15.54 -8.80
C SER C 128 12.30 -14.87 -9.38
N VAL C 129 11.70 -13.98 -8.61
CA VAL C 129 10.54 -13.20 -9.03
C VAL C 129 11.00 -11.76 -9.22
N ASP C 130 10.73 -11.19 -10.39
CA ASP C 130 11.24 -9.89 -10.75
C ASP C 130 10.15 -9.02 -11.36
N LYS C 131 10.25 -7.72 -11.12
CA LYS C 131 9.41 -6.76 -11.82
C LYS C 131 10.02 -6.44 -13.18
N SER C 132 9.18 -6.40 -14.21
CA SER C 132 9.64 -6.17 -15.57
C SER C 132 9.06 -4.85 -16.07
N SER C 133 9.95 -3.91 -16.41
CA SER C 133 9.52 -2.60 -16.88
C SER C 133 10.24 -2.24 -18.18
N SER C 134 11.45 -2.76 -18.35
CA SER C 134 12.26 -2.55 -19.56
C SER C 134 12.49 -1.06 -19.82
N ASN C 135 12.72 -0.29 -18.76
CA ASN C 135 13.07 1.12 -18.89
C ASN C 135 14.58 1.31 -18.79
N ILE C 136 15.29 0.72 -19.77
CA ILE C 136 16.74 0.74 -19.73
C ILE C 136 17.25 2.14 -20.03
N LEU C 137 18.15 2.62 -19.17
CA LEU C 137 18.82 3.90 -19.34
C LEU C 137 20.15 3.78 -20.07
N MET C 138 20.99 2.81 -19.70
CA MET C 138 22.27 2.60 -20.34
C MET C 138 22.55 1.11 -20.42
N VAL C 139 23.46 0.74 -21.32
CA VAL C 139 24.00 -0.62 -21.38
C VAL C 139 25.51 -0.51 -21.50
N ALA C 140 26.20 -0.61 -20.37
CA ALA C 140 27.66 -0.48 -20.38
C ALA C 140 28.30 -1.85 -20.54
N ALA C 141 29.21 -1.96 -21.50
CA ALA C 141 29.93 -3.19 -21.78
C ALA C 141 31.40 -3.03 -21.39
N PHE C 142 31.99 -4.11 -20.92
CA PHE C 142 33.39 -4.13 -20.51
C PHE C 142 34.13 -5.15 -21.35
N ILE C 143 35.22 -4.73 -21.98
CA ILE C 143 35.92 -5.55 -22.94
C ILE C 143 37.39 -5.65 -22.55
N SER C 144 38.02 -6.75 -23.00
CA SER C 144 39.45 -6.96 -22.85
C SER C 144 40.13 -6.51 -24.13
N ASP C 145 41.24 -5.78 -23.99
CA ASP C 145 41.86 -5.14 -25.15
C ASP C 145 42.34 -6.15 -26.18
N ASN C 146 43.36 -6.94 -25.85
CA ASN C 146 43.88 -7.92 -26.81
C ASN C 146 43.33 -9.33 -26.57
N GLY C 147 43.77 -9.96 -25.48
CA GLY C 147 43.32 -11.29 -25.13
C GLY C 147 43.35 -11.61 -23.65
N SER C 148 43.62 -10.59 -22.83
CA SER C 148 44.04 -10.84 -21.45
C SER C 148 42.97 -11.57 -20.66
N LEU C 149 41.71 -11.17 -20.80
CA LEU C 149 40.62 -11.72 -20.03
C LEU C 149 39.56 -12.31 -20.94
N ASN C 150 39.08 -13.50 -20.60
CA ASN C 150 37.97 -14.10 -21.33
C ASN C 150 36.65 -13.52 -20.83
N GLN C 151 35.56 -14.04 -21.38
CA GLN C 151 34.24 -13.51 -21.03
C GLN C 151 33.93 -13.72 -19.55
N TYR C 152 34.31 -14.87 -19.00
CA TYR C 152 33.96 -15.18 -17.63
C TYR C 152 34.80 -14.39 -16.63
N ASP C 153 36.07 -14.12 -16.95
CA ASP C 153 36.88 -13.27 -16.08
C ASP C 153 36.27 -11.87 -15.97
N ILE C 154 35.92 -11.27 -17.11
CA ILE C 154 35.32 -9.94 -17.12
C ILE C 154 33.98 -9.96 -16.40
N ALA C 155 33.17 -10.98 -16.67
CA ALA C 155 31.85 -11.05 -16.06
C ALA C 155 31.94 -11.17 -14.55
N ASP C 156 32.85 -12.01 -14.05
CA ASP C 156 33.01 -12.15 -12.61
C ASP C 156 33.56 -10.88 -11.98
N TYR C 157 34.54 -10.24 -12.63
CA TYR C 157 35.07 -9.00 -12.09
C TYR C 157 33.98 -7.93 -12.01
N VAL C 158 33.16 -7.84 -13.04
CA VAL C 158 32.07 -6.86 -13.01
C VAL C 158 31.10 -7.21 -11.88
N ALA C 159 30.63 -8.46 -11.82
CA ALA C 159 29.64 -8.84 -10.83
C ALA C 159 30.16 -8.66 -9.41
N SER C 160 31.46 -8.72 -9.20
CA SER C 160 32.01 -8.64 -7.85
C SER C 160 32.58 -7.28 -7.48
N ASN C 161 32.85 -6.39 -8.44
CA ASN C 161 33.43 -5.10 -8.11
C ASN C 161 32.77 -3.89 -8.77
N ILE C 162 31.71 -4.06 -9.55
CA ILE C 162 31.05 -2.96 -10.23
C ILE C 162 29.57 -2.87 -9.87
N LYS C 163 28.89 -4.01 -9.80
CA LYS C 163 27.45 -4.01 -9.55
C LYS C 163 27.12 -3.41 -8.17
N ASP C 164 28.01 -3.59 -7.20
CA ASP C 164 27.78 -3.06 -5.86
C ASP C 164 28.13 -1.58 -5.76
N PRO C 165 29.23 -1.10 -6.36
CA PRO C 165 29.39 0.37 -6.46
C PRO C 165 28.24 1.04 -7.17
N LEU C 166 27.73 0.43 -8.24
CA LEU C 166 26.46 0.84 -8.82
C LEU C 166 25.32 0.27 -7.99
N SER C 167 24.08 0.53 -8.42
CA SER C 167 22.87 0.15 -7.70
C SER C 167 22.74 0.90 -6.38
N ARG C 168 23.77 1.66 -6.00
CA ARG C 168 23.71 2.57 -4.87
C ARG C 168 23.98 4.01 -5.29
N THR C 169 24.34 4.24 -6.53
CA THR C 169 24.33 5.59 -7.09
C THR C 169 22.92 6.15 -7.08
N ALA C 170 22.79 7.43 -6.74
CA ALA C 170 21.48 8.07 -6.74
C ALA C 170 20.85 7.99 -8.12
N GLY C 171 19.61 7.51 -8.17
CA GLY C 171 18.86 7.38 -9.40
C GLY C 171 18.89 5.98 -9.99
N VAL C 172 19.85 5.15 -9.61
CA VAL C 172 19.92 3.79 -10.12
C VAL C 172 18.95 2.91 -9.34
N GLY C 173 18.09 2.20 -10.06
CA GLY C 173 17.09 1.36 -9.43
C GLY C 173 17.36 -0.12 -9.58
N SER C 174 18.03 -0.51 -10.65
CA SER C 174 18.34 -1.91 -10.89
C SER C 174 19.49 -2.01 -11.87
N VAL C 175 20.32 -3.05 -11.70
CA VAL C 175 21.42 -3.35 -12.60
C VAL C 175 21.34 -4.82 -12.95
N GLN C 176 21.29 -5.13 -14.24
CA GLN C 176 21.21 -6.51 -14.71
C GLN C 176 22.47 -6.87 -15.49
N LEU C 177 23.05 -8.01 -15.19
CA LEU C 177 24.31 -8.45 -15.77
C LEU C 177 24.07 -9.42 -16.92
N PHE C 178 24.88 -9.28 -17.96
CA PHE C 178 24.84 -10.16 -19.13
C PHE C 178 26.10 -11.03 -19.09
N GLY C 179 26.00 -12.17 -18.43
CA GLY C 179 27.13 -13.06 -18.30
C GLY C 179 27.00 -13.90 -17.06
N SER C 180 27.97 -14.79 -16.89
CA SER C 180 28.00 -15.73 -15.78
C SER C 180 29.24 -15.50 -14.94
N GLU C 181 29.07 -15.57 -13.62
CA GLU C 181 30.16 -15.34 -12.69
C GLU C 181 31.03 -16.60 -12.60
N TYR C 182 31.91 -16.65 -11.60
CA TYR C 182 32.79 -17.78 -11.44
C TYR C 182 32.08 -18.94 -10.72
N ALA C 183 32.67 -20.12 -10.85
CA ALA C 183 32.23 -21.31 -10.14
C ALA C 183 33.39 -22.28 -10.12
N MET C 184 33.30 -23.27 -9.23
CA MET C 184 34.33 -24.31 -9.12
C MET C 184 33.86 -25.50 -9.95
N ARG C 185 34.38 -25.62 -11.16
CA ARG C 185 34.01 -26.70 -12.07
C ARG C 185 34.92 -27.89 -11.83
N ILE C 186 34.31 -29.05 -11.60
CA ILE C 186 35.02 -30.30 -11.38
C ILE C 186 34.64 -31.23 -12.52
N TRP C 187 35.57 -31.44 -13.45
CA TRP C 187 35.31 -32.26 -14.63
C TRP C 187 35.78 -33.68 -14.37
N LEU C 188 34.84 -34.62 -14.39
CA LEU C 188 35.13 -36.00 -14.06
C LEU C 188 35.72 -36.75 -15.26
N ASP C 189 36.45 -37.82 -14.96
CA ASP C 189 37.02 -38.70 -15.97
C ASP C 189 36.52 -40.11 -15.73
N PRO C 190 35.73 -40.69 -16.64
CA PRO C 190 35.20 -42.04 -16.38
C PRO C 190 36.25 -43.11 -16.21
N GLN C 191 37.37 -43.01 -16.94
CA GLN C 191 38.42 -44.03 -16.81
C GLN C 191 39.10 -43.95 -15.46
N LYS C 192 39.40 -42.75 -14.98
CA LYS C 192 40.02 -42.61 -13.67
C LYS C 192 39.07 -43.03 -12.56
N LEU C 193 37.77 -42.73 -12.72
CA LEU C 193 36.78 -43.19 -11.75
C LEU C 193 36.70 -44.71 -11.72
N ASN C 194 36.74 -45.34 -12.89
CA ASN C 194 36.71 -46.80 -12.97
C ASN C 194 37.98 -47.41 -12.38
N LYS C 195 39.12 -46.74 -12.53
CA LYS C 195 40.37 -47.30 -12.03
C LYS C 195 40.36 -47.47 -10.53
N TYR C 196 39.79 -46.50 -9.80
CA TYR C 196 39.75 -46.53 -8.35
C TYR C 196 38.42 -47.03 -7.80
N ASN C 197 37.55 -47.57 -8.66
CA ASN C 197 36.24 -48.08 -8.26
C ASN C 197 35.41 -46.99 -7.56
N LEU C 198 35.22 -45.88 -8.27
CA LEU C 198 34.51 -44.73 -7.73
C LEU C 198 33.37 -44.35 -8.66
N VAL C 199 32.43 -43.60 -8.12
CA VAL C 199 31.27 -43.09 -8.87
C VAL C 199 31.11 -41.62 -8.55
N PRO C 200 30.39 -40.87 -9.41
CA PRO C 200 30.19 -39.45 -9.12
C PRO C 200 29.51 -39.18 -7.79
N SER C 201 28.70 -40.13 -7.29
CA SER C 201 28.06 -39.96 -6.00
C SER C 201 29.09 -39.86 -4.88
N ASP C 202 30.15 -40.66 -4.94
CA ASP C 202 31.21 -40.58 -3.94
C ASP C 202 31.90 -39.22 -3.96
N VAL C 203 32.17 -38.71 -5.16
CA VAL C 203 32.80 -37.39 -5.29
C VAL C 203 31.90 -36.32 -4.69
N ILE C 204 30.60 -36.37 -5.00
CA ILE C 204 29.67 -35.37 -4.49
C ILE C 204 29.59 -35.44 -2.96
N SER C 205 29.51 -36.66 -2.42
CA SER C 205 29.44 -36.82 -0.97
C SER C 205 30.70 -36.29 -0.28
N GLN C 206 31.88 -36.59 -0.84
CA GLN C 206 33.11 -36.12 -0.24
C GLN C 206 33.23 -34.60 -0.32
N ILE C 207 32.76 -34.00 -1.43
CA ILE C 207 32.76 -32.56 -1.52
C ILE C 207 31.83 -31.95 -0.48
N LYS C 208 30.66 -32.55 -0.29
CA LYS C 208 29.73 -32.05 0.72
C LYS C 208 30.32 -32.15 2.12
N VAL C 209 31.02 -33.24 2.42
CA VAL C 209 31.59 -33.41 3.75
C VAL C 209 32.76 -32.47 3.98
N GLN C 210 33.64 -32.31 2.98
CA GLN C 210 34.89 -31.60 3.19
C GLN C 210 34.84 -30.13 2.80
N ASN C 211 33.90 -29.73 1.94
CA ASN C 211 33.63 -28.32 1.70
C ASN C 211 32.44 -27.86 2.54
N ASN C 212 32.63 -27.93 3.85
CA ASN C 212 31.57 -27.68 4.81
C ASN C 212 32.04 -26.68 5.85
N GLN C 213 31.08 -26.01 6.46
CA GLN C 213 31.34 -25.07 7.55
C GLN C 213 30.81 -25.68 8.84
N ILE C 214 31.69 -25.84 9.82
CA ILE C 214 31.38 -26.51 11.07
C ILE C 214 31.39 -25.48 12.19
N SER C 215 30.28 -25.40 12.93
CA SER C 215 30.16 -24.49 14.06
C SER C 215 30.77 -25.16 15.28
N GLY C 216 31.97 -24.72 15.66
CA GLY C 216 32.68 -25.37 16.76
C GLY C 216 32.02 -25.15 18.11
N GLY C 217 31.51 -23.95 18.35
CA GLY C 217 30.99 -23.61 19.65
C GLY C 217 31.91 -22.70 20.43
N GLN C 218 31.89 -22.80 21.76
CA GLN C 218 32.68 -21.92 22.60
C GLN C 218 33.35 -22.70 23.71
N LEU C 219 34.64 -22.45 23.90
CA LEU C 219 35.31 -22.80 25.15
C LEU C 219 34.84 -21.84 26.23
N GLY C 220 34.41 -22.36 27.35
CA GLY C 220 33.65 -21.57 28.30
C GLY C 220 32.15 -21.67 28.03
N GLY C 221 31.56 -20.59 27.53
CA GLY C 221 30.18 -20.61 27.13
C GLY C 221 29.20 -20.77 28.28
N MET C 222 27.92 -20.54 28.03
CA MET C 222 26.98 -20.61 29.13
C MET C 222 26.05 -21.81 28.98
N PRO C 223 25.72 -22.50 30.07
CA PRO C 223 26.14 -22.25 31.46
C PRO C 223 27.60 -22.62 31.69
N GLN C 224 28.28 -21.93 32.59
CA GLN C 224 29.68 -22.17 32.87
C GLN C 224 29.88 -22.41 34.35
N ALA C 225 30.96 -23.09 34.68
CA ALA C 225 31.30 -23.34 36.07
C ALA C 225 31.66 -22.04 36.75
N ALA C 226 31.61 -22.05 38.08
CA ALA C 226 32.07 -20.91 38.85
C ALA C 226 33.58 -20.73 38.64
N ASP C 227 34.06 -19.54 38.99
CA ASP C 227 35.46 -19.14 38.80
C ASP C 227 35.99 -19.50 37.41
N GLN C 228 35.14 -19.37 36.40
CA GLN C 228 35.56 -19.58 35.02
C GLN C 228 36.08 -18.27 34.45
N GLN C 229 37.31 -18.30 33.93
CA GLN C 229 37.96 -17.08 33.45
C GLN C 229 38.32 -17.14 31.97
N LEU C 230 37.94 -18.19 31.26
CA LEU C 230 38.27 -18.36 29.85
C LEU C 230 37.00 -18.46 29.02
N ASN C 231 36.97 -17.74 27.90
CA ASN C 231 35.83 -17.78 26.98
C ASN C 231 36.35 -17.45 25.60
N ALA C 232 36.28 -18.43 24.69
CA ALA C 232 36.79 -18.25 23.34
C ALA C 232 35.89 -19.02 22.37
N SER C 233 36.00 -18.66 21.09
CA SER C 233 35.28 -19.39 20.05
C SER C 233 36.14 -20.54 19.54
N ILE C 234 35.48 -21.61 19.08
CA ILE C 234 36.16 -22.79 18.57
C ILE C 234 35.96 -22.83 17.06
N ILE C 235 37.06 -23.03 16.34
CA ILE C 235 37.05 -23.13 14.88
C ILE C 235 37.46 -24.55 14.52
N VAL C 236 36.59 -25.24 13.78
CA VAL C 236 36.82 -26.62 13.41
C VAL C 236 37.09 -26.77 11.92
N GLN C 237 36.22 -26.21 11.08
CA GLN C 237 36.38 -26.31 9.64
C GLN C 237 35.82 -25.06 8.97
N THR C 238 36.34 -24.78 7.77
CA THR C 238 35.88 -23.64 6.99
C THR C 238 35.74 -24.08 5.54
N ARG C 239 34.89 -23.36 4.80
CA ARG C 239 34.69 -23.67 3.40
C ARG C 239 35.96 -23.37 2.61
N LEU C 240 36.22 -24.19 1.58
CA LEU C 240 37.43 -24.04 0.79
C LEU C 240 37.34 -22.82 -0.11
N GLN C 241 38.50 -22.34 -0.56
CA GLN C 241 38.55 -21.07 -1.29
C GLN C 241 39.27 -21.20 -2.63
N THR C 242 40.23 -22.11 -2.74
CA THR C 242 41.04 -22.15 -3.96
C THR C 242 40.89 -23.49 -4.67
N PRO C 243 41.08 -23.52 -5.99
CA PRO C 243 40.98 -24.80 -6.71
C PRO C 243 41.96 -25.86 -6.23
N GLU C 244 43.14 -25.46 -5.75
CA GLU C 244 44.09 -26.43 -5.23
C GLU C 244 43.55 -27.12 -3.98
N GLU C 245 42.83 -26.38 -3.14
CA GLU C 245 42.21 -27.00 -1.97
C GLU C 245 41.15 -28.01 -2.38
N PHE C 246 40.36 -27.70 -3.40
CA PHE C 246 39.37 -28.65 -3.90
C PHE C 246 40.04 -29.87 -4.51
N GLY C 247 41.21 -29.68 -5.13
CA GLY C 247 41.92 -30.80 -5.72
C GLY C 247 42.55 -31.73 -4.70
N LYS C 248 42.71 -31.27 -3.47
CA LYS C 248 43.32 -32.06 -2.40
C LYS C 248 42.29 -32.77 -1.54
N ILE C 249 41.01 -32.75 -1.93
CA ILE C 249 39.99 -33.46 -1.17
C ILE C 249 40.23 -34.96 -1.28
N LEU C 250 40.25 -35.64 -0.14
CA LEU C 250 40.53 -37.06 -0.08
C LEU C 250 39.25 -37.84 -0.32
N LEU C 251 39.27 -38.74 -1.31
CA LEU C 251 38.10 -39.54 -1.64
C LEU C 251 38.11 -40.90 -0.95
N LYS C 252 39.26 -41.57 -0.91
CA LYS C 252 39.37 -42.87 -0.27
C LYS C 252 40.83 -43.15 0.05
N VAL C 253 41.04 -44.14 0.90
CA VAL C 253 42.37 -44.62 1.24
C VAL C 253 42.40 -46.11 0.89
N GLN C 254 43.34 -46.50 0.05
CA GLN C 254 43.40 -47.87 -0.45
C GLN C 254 44.08 -48.79 0.57
N GLN C 255 43.97 -50.09 0.33
CA GLN C 255 44.56 -51.07 1.25
C GLN C 255 46.08 -50.96 1.27
N ASP C 256 46.69 -50.52 0.17
CA ASP C 256 48.13 -50.27 0.17
C ASP C 256 48.48 -49.18 1.16
N GLY C 257 47.67 -48.13 1.22
CA GLY C 257 47.94 -46.96 2.04
C GLY C 257 48.04 -45.68 1.26
N SER C 258 48.02 -45.73 -0.07
CA SER C 258 48.05 -44.53 -0.87
C SER C 258 46.74 -43.76 -0.73
N GLN C 259 46.83 -42.45 -0.90
CA GLN C 259 45.67 -41.56 -0.82
C GLN C 259 45.16 -41.27 -2.22
N VAL C 260 43.87 -41.43 -2.43
CA VAL C 260 43.20 -41.04 -3.66
C VAL C 260 42.59 -39.67 -3.45
N LEU C 261 42.97 -38.72 -4.29
CA LEU C 261 42.50 -37.35 -4.18
C LEU C 261 41.57 -37.02 -5.34
N LEU C 262 40.86 -35.90 -5.21
CA LEU C 262 39.96 -35.47 -6.28
C LEU C 262 40.74 -35.20 -7.56
N ARG C 263 41.91 -34.57 -7.46
CA ARG C 263 42.73 -34.29 -8.62
C ARG C 263 43.17 -35.57 -9.33
N ASP C 264 43.13 -36.71 -8.64
CA ASP C 264 43.49 -37.98 -9.28
C ASP C 264 42.38 -38.53 -10.16
N VAL C 265 41.15 -38.06 -10.00
CA VAL C 265 40.02 -38.55 -10.80
C VAL C 265 39.33 -37.45 -11.57
N ALA C 266 39.69 -36.19 -11.38
CA ALA C 266 38.96 -35.09 -11.99
C ALA C 266 39.90 -33.90 -12.17
N ARG C 267 39.45 -32.96 -13.00
CA ARG C 267 40.13 -31.69 -13.22
C ARG C 267 39.36 -30.59 -12.53
N VAL C 268 40.01 -29.89 -11.61
CA VAL C 268 39.39 -28.83 -10.84
C VAL C 268 39.82 -27.49 -11.43
N GLU C 269 38.85 -26.64 -11.76
CA GLU C 269 39.17 -25.41 -12.48
C GLU C 269 38.15 -24.34 -12.11
N LEU C 270 38.61 -23.09 -12.03
CA LEU C 270 37.72 -21.97 -11.80
C LEU C 270 37.05 -21.62 -13.12
N GLY C 271 35.87 -22.21 -13.34
CA GLY C 271 35.13 -21.99 -14.58
C GLY C 271 33.92 -21.11 -14.37
N ALA C 272 32.90 -21.28 -15.22
CA ALA C 272 31.71 -20.45 -15.18
C ALA C 272 30.50 -21.26 -14.72
N GLU C 273 29.53 -20.56 -14.13
CA GLU C 273 28.28 -21.21 -13.73
C GLU C 273 27.48 -21.64 -14.95
N ASP C 274 27.32 -20.72 -15.91
CA ASP C 274 26.55 -20.97 -17.12
C ASP C 274 27.46 -20.76 -18.32
N TYR C 275 27.68 -21.82 -19.09
CA TYR C 275 28.53 -21.78 -20.27
C TYR C 275 27.76 -21.52 -21.55
N SER C 276 26.42 -21.39 -21.47
CA SER C 276 25.59 -21.37 -22.67
C SER C 276 25.31 -19.95 -23.17
N THR C 277 26.36 -19.14 -23.28
CA THR C 277 26.23 -17.82 -23.91
C THR C 277 27.61 -17.27 -24.26
N VAL C 278 27.84 -16.96 -25.53
CA VAL C 278 29.11 -16.39 -25.99
C VAL C 278 28.85 -14.93 -26.33
N ALA C 279 29.39 -14.03 -25.51
CA ALA C 279 29.20 -12.60 -25.71
C ALA C 279 30.48 -12.02 -26.30
N ARG C 280 30.35 -11.30 -27.41
CA ARG C 280 31.48 -10.69 -28.08
C ARG C 280 31.15 -9.24 -28.40
N TYR C 281 32.16 -8.37 -28.29
CA TYR C 281 32.04 -6.97 -28.64
C TYR C 281 33.11 -6.64 -29.67
N ASN C 282 32.69 -6.47 -30.93
CA ASN C 282 33.61 -6.24 -32.04
C ASN C 282 34.61 -7.38 -32.19
N GLY C 283 34.18 -8.61 -31.86
CA GLY C 283 35.04 -9.77 -31.95
C GLY C 283 35.84 -10.08 -30.71
N LYS C 284 35.73 -9.26 -29.66
CA LYS C 284 36.45 -9.48 -28.42
C LYS C 284 35.51 -9.93 -27.31
N PRO C 285 35.98 -10.76 -26.38
CA PRO C 285 35.12 -11.17 -25.26
C PRO C 285 34.70 -9.97 -24.42
N ALA C 286 33.46 -10.01 -23.94
CA ALA C 286 32.91 -8.86 -23.24
C ALA C 286 31.82 -9.30 -22.29
N ALA C 287 31.50 -8.41 -21.35
CA ALA C 287 30.40 -8.58 -20.42
C ALA C 287 29.73 -7.23 -20.20
N GLY C 288 28.41 -7.22 -20.15
CA GLY C 288 27.69 -5.96 -20.07
C GLY C 288 26.75 -5.84 -18.89
N ILE C 289 26.34 -4.62 -18.57
CA ILE C 289 25.37 -4.35 -17.51
C ILE C 289 24.36 -3.34 -18.04
N ALA C 290 23.09 -3.59 -17.75
CA ALA C 290 22.01 -2.68 -18.10
C ALA C 290 21.48 -2.03 -16.82
N ILE C 291 21.50 -0.70 -16.79
CA ILE C 291 21.01 0.08 -15.65
C ILE C 291 19.60 0.55 -15.97
N LYS C 292 18.65 0.23 -15.10
CA LYS C 292 17.23 0.41 -15.40
C LYS C 292 16.60 1.60 -14.69
N LEU C 293 17.42 2.47 -14.07
CA LEU C 293 16.94 3.71 -13.46
C LEU C 293 15.95 3.45 -12.34
N ALA C 294 15.50 4.51 -11.67
CA ALA C 294 14.55 4.43 -10.57
C ALA C 294 13.30 5.24 -10.91
N ALA C 295 12.39 5.31 -9.95
CA ALA C 295 11.15 6.07 -10.11
C ALA C 295 11.32 7.42 -9.43
N GLY C 296 11.05 8.48 -10.18
CA GLY C 296 11.28 9.82 -9.68
C GLY C 296 12.71 10.29 -9.75
N ALA C 297 13.54 9.66 -10.58
CA ALA C 297 14.95 10.02 -10.72
C ALA C 297 15.19 10.82 -11.99
N ASN C 298 16.28 11.57 -11.97
CA ASN C 298 16.68 12.41 -13.11
C ASN C 298 17.58 11.59 -14.02
N ALA C 299 17.14 11.36 -15.26
CA ALA C 299 17.90 10.51 -16.18
C ALA C 299 19.25 11.13 -16.53
N LEU C 300 19.29 12.46 -16.64
CA LEU C 300 20.55 13.13 -16.98
C LEU C 300 21.54 13.05 -15.82
N ASP C 301 21.08 13.40 -14.62
CA ASP C 301 21.95 13.36 -13.44
C ASP C 301 22.39 11.94 -13.13
N THR C 302 21.48 10.98 -13.26
CA THR C 302 21.82 9.58 -13.03
C THR C 302 22.90 9.12 -14.01
N SER C 303 22.77 9.51 -15.28
CA SER C 303 23.77 9.12 -16.27
C SER C 303 25.11 9.74 -15.95
N ARG C 304 25.13 11.03 -15.57
CA ARG C 304 26.39 11.67 -15.21
C ARG C 304 27.04 11.00 -14.01
N ALA C 305 26.24 10.67 -12.99
CA ALA C 305 26.79 10.03 -11.80
C ALA C 305 27.31 8.63 -12.13
N VAL C 306 26.59 7.88 -12.95
CA VAL C 306 27.03 6.53 -13.31
C VAL C 306 28.33 6.59 -14.10
N LYS C 307 28.43 7.52 -15.05
CA LYS C 307 29.67 7.66 -15.81
C LYS C 307 30.82 8.07 -14.90
N GLU C 308 30.56 8.97 -13.95
CA GLU C 308 31.60 9.37 -13.01
C GLU C 308 32.08 8.20 -12.17
N GLU C 309 31.15 7.38 -11.66
CA GLU C 309 31.55 6.22 -10.87
C GLU C 309 32.32 5.20 -11.69
N LEU C 310 31.89 4.94 -12.92
CA LEU C 310 32.62 3.99 -13.75
C LEU C 310 34.02 4.51 -14.08
N ASN C 311 34.15 5.82 -14.32
CA ASN C 311 35.46 6.40 -14.55
C ASN C 311 36.33 6.29 -13.30
N ARG C 312 35.75 6.49 -12.12
CA ARG C 312 36.52 6.36 -10.89
C ARG C 312 36.98 4.93 -10.68
N LEU C 313 36.10 3.96 -10.96
CA LEU C 313 36.46 2.55 -10.81
C LEU C 313 37.44 2.09 -11.89
N SER C 314 37.52 2.79 -13.01
CA SER C 314 38.42 2.40 -14.09
C SER C 314 39.88 2.39 -13.64
N ALA C 315 40.23 3.12 -12.58
CA ALA C 315 41.59 3.09 -12.08
C ALA C 315 41.89 1.79 -11.34
N TYR C 316 40.86 1.07 -10.89
CA TYR C 316 41.03 -0.18 -10.18
C TYR C 316 40.97 -1.41 -11.08
N PHE C 317 40.74 -1.21 -12.38
CA PHE C 317 40.60 -2.33 -13.29
C PHE C 317 41.92 -3.09 -13.38
N PRO C 318 41.87 -4.43 -13.53
CA PRO C 318 43.11 -5.22 -13.50
C PRO C 318 44.09 -4.83 -14.60
N ALA C 319 43.70 -5.00 -15.86
CA ALA C 319 44.52 -4.63 -17.00
C ALA C 319 43.70 -4.81 -18.27
N SER C 320 43.86 -3.87 -19.21
CA SER C 320 43.24 -3.97 -20.54
C SER C 320 41.72 -4.12 -20.46
N LEU C 321 41.12 -3.62 -19.39
CA LEU C 321 39.67 -3.65 -19.23
C LEU C 321 39.13 -2.26 -19.57
N LYS C 322 38.38 -2.17 -20.66
CA LYS C 322 37.86 -0.91 -21.16
C LYS C 322 36.35 -0.90 -21.12
N THR C 323 35.78 0.26 -20.83
CA THR C 323 34.34 0.45 -20.74
C THR C 323 33.85 1.14 -22.00
N VAL C 324 32.78 0.61 -22.59
CA VAL C 324 32.12 1.23 -23.72
C VAL C 324 30.63 1.34 -23.39
N TYR C 325 29.96 2.26 -24.06
CA TYR C 325 28.58 2.62 -23.73
C TYR C 325 27.68 2.50 -24.95
N PRO C 326 27.32 1.29 -25.36
CA PRO C 326 26.22 1.14 -26.31
C PRO C 326 24.89 1.52 -25.69
N TYR C 327 23.94 2.00 -26.50
CA TYR C 327 22.61 2.34 -26.02
C TYR C 327 22.60 3.27 -24.83
N ASP C 328 23.02 4.52 -25.02
CA ASP C 328 22.82 5.58 -24.05
C ASP C 328 21.62 6.42 -24.49
N THR C 329 20.60 6.48 -23.64
CA THR C 329 19.37 7.21 -23.98
C THR C 329 19.40 8.67 -23.53
N THR C 330 20.45 9.09 -22.82
CA THR C 330 20.55 10.48 -22.40
C THR C 330 20.57 11.47 -23.56
N PRO C 331 21.30 11.24 -24.66
CA PRO C 331 21.27 12.23 -25.76
C PRO C 331 19.89 12.51 -26.30
N PHE C 332 19.00 11.51 -26.38
CA PHE C 332 17.65 11.77 -26.86
C PHE C 332 16.88 12.68 -25.93
N ILE C 333 17.01 12.46 -24.61
CA ILE C 333 16.33 13.32 -23.65
C ILE C 333 16.90 14.74 -23.68
N GLU C 334 18.20 14.87 -23.88
CA GLU C 334 18.79 16.20 -24.07
C GLU C 334 18.24 16.86 -25.32
N ILE C 335 18.14 16.10 -26.41
CA ILE C 335 17.67 16.65 -27.68
C ILE C 335 16.23 17.13 -27.57
N SER C 336 15.39 16.38 -26.86
CA SER C 336 13.98 16.79 -26.73
C SER C 336 13.88 18.13 -26.01
N ILE C 337 14.61 18.31 -24.91
CA ILE C 337 14.58 19.56 -24.17
C ILE C 337 15.15 20.70 -25.01
N GLN C 338 16.24 20.44 -25.74
CA GLN C 338 16.82 21.46 -26.59
C GLN C 338 15.84 21.89 -27.67
N GLU C 339 15.13 20.94 -28.27
CA GLU C 339 14.13 21.27 -29.28
C GLU C 339 13.01 22.10 -28.68
N VAL C 340 12.57 21.77 -27.46
CA VAL C 340 11.50 22.54 -26.82
C VAL C 340 11.94 23.97 -26.58
N PHE C 341 13.16 24.15 -26.05
CA PHE C 341 13.65 25.50 -25.77
C PHE C 341 13.82 26.30 -27.06
N LYS C 342 14.37 25.67 -28.11
CA LYS C 342 14.52 26.34 -29.39
C LYS C 342 13.17 26.74 -29.97
N THR C 343 12.18 25.85 -29.86
CA THR C 343 10.84 26.17 -30.35
C THR C 343 10.24 27.34 -29.60
N LEU C 344 10.42 27.39 -28.28
CA LEU C 344 9.89 28.51 -27.51
C LEU C 344 10.54 29.82 -27.94
N VAL C 345 11.87 29.82 -28.10
CA VAL C 345 12.56 31.05 -28.48
C VAL C 345 12.13 31.50 -29.88
N GLU C 346 12.04 30.54 -30.81
CA GLU C 346 11.61 30.87 -32.17
C GLU C 346 10.19 31.43 -32.18
N ALA C 347 9.30 30.84 -31.38
CA ALA C 347 7.93 31.35 -31.30
C ALA C 347 7.89 32.77 -30.75
N ILE C 348 8.71 33.05 -29.73
CA ILE C 348 8.75 34.40 -29.18
C ILE C 348 9.23 35.40 -30.23
N ILE C 349 10.29 35.04 -30.95
CA ILE C 349 10.81 35.94 -31.99
C ILE C 349 9.78 36.16 -33.09
N LEU C 350 9.10 35.09 -33.50
CA LEU C 350 8.09 35.21 -34.55
C LEU C 350 6.91 36.05 -34.09
N VAL C 351 6.52 35.93 -32.82
CA VAL C 351 5.47 36.78 -32.29
C VAL C 351 5.89 38.24 -32.33
N PHE C 352 7.15 38.51 -31.94
CA PHE C 352 7.65 39.89 -32.00
C PHE C 352 7.58 40.42 -33.43
N LEU C 353 7.99 39.61 -34.41
CA LEU C 353 7.95 40.05 -35.81
C LEU C 353 6.52 40.29 -36.28
N VAL C 354 5.60 39.39 -35.93
CA VAL C 354 4.22 39.56 -36.38
C VAL C 354 3.62 40.82 -35.80
N MET C 355 3.85 41.09 -34.51
CA MET C 355 3.30 42.30 -33.91
C MET C 355 3.96 43.56 -34.45
N TYR C 356 5.28 43.56 -34.59
CA TYR C 356 5.89 44.71 -35.27
C TYR C 356 6.01 44.46 -36.77
N LEU C 357 4.97 43.88 -37.34
CA LEU C 357 4.68 43.98 -38.77
C LEU C 357 3.25 44.45 -38.95
N PHE C 358 2.36 44.05 -38.03
CA PHE C 358 0.95 44.43 -38.10
C PHE C 358 0.65 45.68 -37.26
N LEU C 359 0.91 45.61 -35.95
CA LEU C 359 0.56 46.71 -35.06
C LEU C 359 1.52 47.88 -35.17
N GLN C 360 2.80 47.62 -35.45
CA GLN C 360 3.81 48.66 -35.59
C GLN C 360 3.96 49.47 -34.30
N ASN C 361 4.20 48.78 -33.20
CA ASN C 361 4.32 49.43 -31.89
C ASN C 361 5.15 48.52 -30.99
N PHE C 362 6.33 49.01 -30.57
CA PHE C 362 7.23 48.19 -29.76
C PHE C 362 6.60 47.86 -28.41
N ARG C 363 5.93 48.83 -27.78
CA ARG C 363 5.26 48.58 -26.51
C ARG C 363 4.24 47.47 -26.64
N ALA C 364 3.55 47.40 -27.78
CA ALA C 364 2.60 46.31 -28.01
C ALA C 364 3.32 44.96 -28.08
N THR C 365 4.45 44.91 -28.78
CA THR C 365 5.19 43.65 -28.89
C THR C 365 5.81 43.21 -27.58
N ILE C 366 6.04 44.14 -26.65
CA ILE C 366 6.71 43.79 -25.40
C ILE C 366 5.89 42.80 -24.59
N ILE C 367 4.56 42.96 -24.58
CA ILE C 367 3.73 42.23 -23.62
C ILE C 367 3.78 40.72 -23.83
N PRO C 368 3.51 40.17 -25.02
CA PRO C 368 3.55 38.70 -25.16
C PRO C 368 4.93 38.11 -24.91
N THR C 369 5.99 38.86 -25.23
CA THR C 369 7.35 38.36 -25.05
C THR C 369 7.61 37.96 -23.60
N ILE C 370 7.02 38.68 -22.65
CA ILE C 370 7.14 38.32 -21.24
C ILE C 370 5.93 37.56 -20.72
N ALA C 371 4.80 37.56 -21.46
CA ALA C 371 3.64 36.82 -21.02
C ALA C 371 3.79 35.32 -21.25
N VAL C 372 4.35 34.92 -22.39
CA VAL C 372 4.44 33.51 -22.77
C VAL C 372 5.35 32.72 -21.81
N PRO C 373 6.58 33.17 -21.53
CA PRO C 373 7.44 32.38 -20.62
C PRO C 373 6.86 32.21 -19.24
N VAL C 374 6.08 33.19 -18.75
CA VAL C 374 5.43 33.04 -17.45
C VAL C 374 4.49 31.85 -17.47
N VAL C 375 3.69 31.72 -18.54
CA VAL C 375 2.76 30.61 -18.64
C VAL C 375 3.51 29.29 -18.79
N ILE C 376 4.63 29.31 -19.52
CA ILE C 376 5.42 28.08 -19.67
C ILE C 376 5.94 27.59 -18.32
N LEU C 377 6.55 28.51 -17.55
CA LEU C 377 7.08 28.12 -16.25
C LEU C 377 5.97 27.72 -15.29
N GLY C 378 4.84 28.42 -15.32
CA GLY C 378 3.72 28.01 -14.50
C GLY C 378 3.17 26.64 -14.88
N THR C 379 3.19 26.31 -16.17
CA THR C 379 2.79 24.98 -16.59
C THR C 379 3.74 23.93 -16.06
N PHE C 380 5.04 24.23 -16.05
CA PHE C 380 5.99 23.31 -15.43
C PHE C 380 5.67 23.11 -13.95
N ALA C 381 5.36 24.20 -13.25
CA ALA C 381 4.99 24.11 -11.84
C ALA C 381 3.73 23.27 -11.64
N ILE C 382 2.74 23.46 -12.51
CA ILE C 382 1.49 22.69 -12.40
C ILE C 382 1.75 21.22 -12.69
N LEU C 383 2.60 20.92 -13.66
CA LEU C 383 2.96 19.53 -13.92
C LEU C 383 3.63 18.89 -12.72
N SER C 384 4.54 19.62 -12.07
CA SER C 384 5.18 19.08 -10.87
C SER C 384 4.19 18.88 -9.75
N ALA C 385 3.27 19.84 -9.56
CA ALA C 385 2.29 19.72 -8.48
C ALA C 385 1.33 18.56 -8.71
N VAL C 386 0.88 18.38 -9.95
CA VAL C 386 -0.04 17.30 -10.26
C VAL C 386 0.61 15.95 -10.05
N GLY C 387 1.93 15.86 -10.23
CA GLY C 387 2.64 14.62 -10.05
C GLY C 387 2.99 13.94 -11.36
N PHE C 388 3.49 14.72 -12.32
CA PHE C 388 3.92 14.21 -13.61
C PHE C 388 5.43 14.34 -13.72
N THR C 389 5.98 13.70 -14.74
CA THR C 389 7.40 13.75 -15.04
C THR C 389 7.64 14.41 -16.39
N ILE C 390 8.91 14.54 -16.75
CA ILE C 390 9.31 15.18 -17.99
C ILE C 390 9.75 14.10 -18.96
N ASN C 391 8.95 13.86 -20.00
CA ASN C 391 9.31 12.92 -21.05
C ASN C 391 9.13 13.56 -22.41
N THR C 392 9.24 12.78 -23.48
CA THR C 392 9.05 13.32 -24.82
C THR C 392 7.60 13.77 -25.02
N LEU C 393 6.64 13.03 -24.47
CA LEU C 393 5.23 13.35 -24.68
C LEU C 393 4.83 14.65 -24.00
N THR C 394 5.26 14.84 -22.75
CA THR C 394 4.94 16.08 -22.04
C THR C 394 5.59 17.28 -22.70
N MET C 395 6.84 17.13 -23.15
CA MET C 395 7.51 18.22 -23.85
C MET C 395 6.83 18.55 -25.16
N PHE C 396 6.36 17.52 -25.87
CA PHE C 396 5.62 17.74 -27.11
C PHE C 396 4.31 18.49 -26.84
N GLY C 397 3.60 18.09 -25.79
CA GLY C 397 2.42 18.82 -25.38
C GLY C 397 2.72 20.28 -25.06
N MET C 398 3.87 20.52 -24.42
CA MET C 398 4.29 21.89 -24.15
C MET C 398 4.56 22.65 -25.44
N VAL C 399 5.14 21.97 -26.43
CA VAL C 399 5.42 22.62 -27.72
C VAL C 399 4.13 23.09 -28.37
N LEU C 400 3.10 22.23 -28.38
CA LEU C 400 1.81 22.66 -28.91
C LEU C 400 1.18 23.75 -28.06
N ALA C 401 1.31 23.61 -26.74
CA ALA C 401 0.80 24.62 -25.83
C ALA C 401 1.41 25.98 -26.11
N ILE C 402 2.64 26.03 -26.62
CA ILE C 402 3.28 27.31 -26.90
C ILE C 402 2.44 28.12 -27.89
N GLY C 403 2.03 27.50 -29.00
CA GLY C 403 1.14 28.19 -29.92
C GLY C 403 -0.21 28.48 -29.29
N LEU C 404 -0.69 27.57 -28.44
CA LEU C 404 -1.96 27.83 -27.75
C LEU C 404 -1.91 29.11 -26.93
N LEU C 405 -0.80 29.35 -26.23
CA LEU C 405 -0.66 30.57 -25.43
C LEU C 405 -0.43 31.79 -26.31
N VAL C 406 0.32 31.61 -27.40
CA VAL C 406 0.59 32.71 -28.32
C VAL C 406 -0.71 33.28 -28.85
N ASP C 407 -1.68 32.40 -29.17
CA ASP C 407 -2.97 32.88 -29.63
C ASP C 407 -3.63 33.82 -28.62
N ASP C 408 -3.71 33.39 -27.36
CA ASP C 408 -4.41 34.19 -26.35
C ASP C 408 -3.72 35.53 -26.16
N ALA C 409 -2.40 35.53 -26.06
CA ALA C 409 -1.68 36.78 -25.89
C ALA C 409 -1.91 37.72 -27.07
N ILE C 410 -1.87 37.17 -28.29
CA ILE C 410 -2.04 38.00 -29.48
C ILE C 410 -3.43 38.64 -29.50
N VAL C 411 -4.47 37.85 -29.21
CA VAL C 411 -5.81 38.42 -29.27
C VAL C 411 -6.01 39.48 -28.19
N VAL C 412 -5.48 39.26 -26.99
CA VAL C 412 -5.67 40.24 -25.93
C VAL C 412 -4.99 41.56 -26.30
N VAL C 413 -3.73 41.49 -26.70
CA VAL C 413 -3.00 42.72 -27.01
C VAL C 413 -3.59 43.40 -28.24
N GLU C 414 -4.01 42.63 -29.24
CA GLU C 414 -4.58 43.23 -30.44
C GLU C 414 -5.88 43.94 -30.13
N ASN C 415 -6.75 43.34 -29.31
CA ASN C 415 -8.00 44.00 -28.98
C ASN C 415 -7.75 45.28 -28.20
N VAL C 416 -6.81 45.25 -27.25
CA VAL C 416 -6.49 46.46 -26.50
C VAL C 416 -5.98 47.54 -27.46
N GLU C 417 -5.09 47.16 -28.38
CA GLU C 417 -4.52 48.13 -29.31
C GLU C 417 -5.58 48.72 -30.24
N ARG C 418 -6.51 47.88 -30.69
CA ARG C 418 -7.57 48.39 -31.56
C ARG C 418 -8.49 49.36 -30.82
N VAL C 419 -8.88 49.01 -29.59
CA VAL C 419 -9.72 49.91 -28.81
C VAL C 419 -8.98 51.21 -28.50
N ILE C 420 -7.66 51.15 -28.37
CA ILE C 420 -6.88 52.38 -28.26
C ILE C 420 -6.92 53.17 -29.57
N ALA C 421 -6.78 52.48 -30.70
CA ALA C 421 -6.65 53.15 -31.99
C ALA C 421 -7.93 53.90 -32.34
N GLU C 422 -9.07 53.23 -32.25
CA GLU C 422 -10.35 53.92 -32.47
C GLU C 422 -10.92 54.38 -31.13
N ASP C 423 -11.97 55.18 -31.20
CA ASP C 423 -12.70 55.73 -30.07
C ASP C 423 -11.88 56.73 -29.26
N LYS C 424 -10.61 56.94 -29.60
CA LYS C 424 -9.75 57.93 -28.93
C LYS C 424 -9.70 57.69 -27.43
N LEU C 425 -9.48 56.44 -27.04
CA LEU C 425 -9.49 56.21 -25.59
C LEU C 425 -8.08 56.07 -25.04
N PRO C 426 -7.85 56.56 -23.83
CA PRO C 426 -6.57 56.34 -23.16
C PRO C 426 -6.37 54.86 -22.83
N PRO C 427 -5.12 54.43 -22.63
CA PRO C 427 -4.87 52.97 -22.51
C PRO C 427 -5.61 52.29 -21.38
N LYS C 428 -5.78 52.93 -20.24
CA LYS C 428 -6.40 52.26 -19.09
C LYS C 428 -7.86 51.95 -19.34
N GLU C 429 -8.64 52.95 -19.76
CA GLU C 429 -10.06 52.71 -20.01
C GLU C 429 -10.29 51.91 -21.28
N ALA C 430 -9.39 52.04 -22.26
CA ALA C 430 -9.46 51.16 -23.43
C ALA C 430 -9.26 49.72 -23.03
N THR C 431 -8.30 49.45 -22.13
CA THR C 431 -8.11 48.10 -21.61
C THR C 431 -9.34 47.62 -20.85
N HIS C 432 -9.93 48.50 -20.04
CA HIS C 432 -11.16 48.14 -19.35
C HIS C 432 -12.25 47.72 -20.32
N LYS C 433 -12.47 48.52 -21.37
CA LYS C 433 -13.51 48.23 -22.34
C LYS C 433 -13.23 46.91 -23.07
N SER C 434 -11.99 46.74 -23.53
CA SER C 434 -11.64 45.53 -24.26
C SER C 434 -11.79 44.29 -23.40
N MET C 435 -11.35 44.35 -22.14
CA MET C 435 -11.50 43.21 -21.25
C MET C 435 -12.97 42.93 -20.98
N GLY C 436 -13.78 43.97 -20.86
CA GLY C 436 -15.22 43.76 -20.73
C GLY C 436 -15.82 43.11 -21.96
N GLN C 437 -15.21 43.31 -23.12
CA GLN C 437 -15.74 42.74 -24.35
C GLN C 437 -15.46 41.24 -24.49
N ILE C 438 -14.34 40.76 -23.94
CA ILE C 438 -13.87 39.40 -24.24
C ILE C 438 -13.64 38.54 -23.01
N GLN C 439 -14.17 38.94 -21.84
CA GLN C 439 -13.99 38.09 -20.66
C GLN C 439 -14.82 36.81 -20.77
N ARG C 440 -16.10 36.95 -21.09
CA ARG C 440 -16.97 35.78 -21.22
C ARG C 440 -16.49 34.87 -22.35
N ALA C 441 -16.05 35.46 -23.45
CA ALA C 441 -15.52 34.66 -24.54
C ALA C 441 -14.30 33.86 -24.09
N LEU C 442 -13.43 34.47 -23.30
CA LEU C 442 -12.26 33.76 -22.81
C LEU C 442 -12.65 32.59 -21.90
N VAL C 443 -13.63 32.81 -21.01
CA VAL C 443 -14.07 31.73 -20.13
C VAL C 443 -14.69 30.59 -20.95
N GLY C 444 -15.54 30.95 -21.91
CA GLY C 444 -16.16 29.93 -22.74
C GLY C 444 -15.15 29.16 -23.58
N ILE C 445 -14.13 29.86 -24.08
CA ILE C 445 -13.06 29.20 -24.82
C ILE C 445 -12.30 28.22 -23.92
N ALA C 446 -12.01 28.64 -22.69
CA ALA C 446 -11.35 27.75 -21.74
C ALA C 446 -12.17 26.48 -21.52
N VAL C 447 -13.48 26.64 -21.31
CA VAL C 447 -14.34 25.49 -21.09
C VAL C 447 -14.39 24.59 -22.32
N VAL C 448 -14.52 25.20 -23.51
CA VAL C 448 -14.62 24.42 -24.73
C VAL C 448 -13.34 23.63 -24.98
N LEU C 449 -12.18 24.26 -24.76
CA LEU C 449 -10.92 23.55 -24.98
C LEU C 449 -10.71 22.47 -23.94
N SER C 450 -11.14 22.71 -22.69
CA SER C 450 -11.07 21.65 -21.69
C SER C 450 -11.91 20.45 -22.09
N ALA C 451 -13.13 20.70 -22.58
CA ALA C 451 -13.99 19.61 -23.02
C ALA C 451 -13.40 18.90 -24.24
N VAL C 452 -12.70 19.64 -25.12
CA VAL C 452 -12.12 19.04 -26.31
C VAL C 452 -10.95 18.14 -25.93
N PHE C 453 -10.11 18.58 -25.00
CA PHE C 453 -8.93 17.81 -24.62
C PHE C 453 -9.20 16.75 -23.55
N MET C 454 -10.37 16.77 -22.92
CA MET C 454 -10.69 15.77 -21.91
C MET C 454 -10.70 14.34 -22.41
N PRO C 455 -11.29 13.99 -23.58
CA PRO C 455 -11.41 12.57 -23.94
C PRO C 455 -10.09 11.82 -23.98
N MET C 456 -8.99 12.45 -24.37
CA MET C 456 -7.72 11.76 -24.40
C MET C 456 -7.28 11.31 -23.02
N ALA C 457 -7.63 12.07 -21.98
CA ALA C 457 -7.25 11.69 -20.62
C ALA C 457 -7.95 10.39 -20.19
N PHE C 458 -9.22 10.24 -20.56
CA PHE C 458 -10.03 9.12 -20.05
C PHE C 458 -10.05 7.96 -21.05
N MET C 459 -8.87 7.40 -21.30
CA MET C 459 -8.72 6.23 -22.14
C MET C 459 -8.20 5.07 -21.31
N SER C 460 -8.20 3.88 -21.91
CA SER C 460 -7.80 2.66 -21.23
C SER C 460 -6.74 1.94 -22.05
N GLY C 461 -5.83 1.28 -21.34
CA GLY C 461 -4.76 0.53 -21.98
C GLY C 461 -3.47 1.31 -22.07
N ALA C 462 -2.65 0.92 -23.05
CA ALA C 462 -1.37 1.58 -23.26
C ALA C 462 -1.55 2.96 -23.89
N THR C 463 -2.45 3.07 -24.87
CA THR C 463 -2.71 4.36 -25.52
C THR C 463 -3.20 5.38 -24.51
N GLY C 464 -3.89 4.93 -23.47
CA GLY C 464 -4.46 5.84 -22.50
C GLY C 464 -3.41 6.67 -21.79
N GLU C 465 -2.25 6.08 -21.50
CA GLU C 465 -1.22 6.80 -20.77
C GLU C 465 -0.58 7.89 -21.64
N ILE C 466 -0.28 7.58 -22.90
CA ILE C 466 0.26 8.58 -23.81
C ILE C 466 -0.73 9.73 -23.99
N TYR C 467 -1.99 9.39 -24.27
CA TYR C 467 -2.99 10.43 -24.45
C TYR C 467 -3.22 11.21 -23.16
N ARG C 468 -3.04 10.56 -22.01
CA ARG C 468 -3.17 11.26 -20.73
C ARG C 468 -2.06 12.29 -20.55
N GLN C 469 -0.83 11.92 -20.89
CA GLN C 469 0.26 12.90 -20.83
C GLN C 469 -0.05 14.10 -21.71
N PHE C 470 -0.42 13.83 -22.97
CA PHE C 470 -0.71 14.92 -23.90
C PHE C 470 -1.83 15.81 -23.38
N SER C 471 -2.96 15.20 -22.99
CA SER C 471 -4.13 15.96 -22.58
C SER C 471 -3.88 16.73 -21.30
N ILE C 472 -3.18 16.14 -20.33
CA ILE C 472 -2.90 16.85 -19.09
C ILE C 472 -2.04 18.07 -19.35
N THR C 473 -0.98 17.91 -20.15
CA THR C 473 -0.14 19.06 -20.47
C THR C 473 -0.94 20.16 -21.17
N LEU C 474 -1.74 19.78 -22.17
CA LEU C 474 -2.49 20.77 -22.92
C LEU C 474 -3.52 21.48 -22.04
N ILE C 475 -4.23 20.73 -21.19
CA ILE C 475 -5.27 21.33 -20.36
C ILE C 475 -4.66 22.27 -19.34
N SER C 476 -3.57 21.85 -18.68
CA SER C 476 -2.91 22.73 -17.72
C SER C 476 -2.44 24.01 -18.39
N SER C 477 -1.80 23.88 -19.57
CA SER C 477 -1.32 25.05 -20.27
C SER C 477 -2.44 25.99 -20.66
N MET C 478 -3.54 25.44 -21.19
CA MET C 478 -4.65 26.28 -21.64
C MET C 478 -5.31 27.01 -20.48
N LEU C 479 -5.53 26.31 -19.37
CA LEU C 479 -6.15 26.96 -18.21
C LEU C 479 -5.26 28.05 -17.65
N LEU C 480 -3.95 27.78 -17.54
CA LEU C 480 -3.04 28.81 -17.05
C LEU C 480 -2.94 29.98 -18.01
N SER C 481 -2.99 29.72 -19.32
CA SER C 481 -2.96 30.80 -20.30
C SER C 481 -4.19 31.68 -20.18
N VAL C 482 -5.36 31.07 -19.95
CA VAL C 482 -6.57 31.86 -19.75
C VAL C 482 -6.44 32.72 -18.50
N PHE C 483 -5.94 32.13 -17.41
CA PHE C 483 -5.77 32.91 -16.18
C PHE C 483 -4.80 34.06 -16.37
N VAL C 484 -3.68 33.81 -17.06
CA VAL C 484 -2.71 34.87 -17.30
C VAL C 484 -3.29 35.97 -18.18
N ALA C 485 -4.00 35.58 -19.25
CA ALA C 485 -4.62 36.56 -20.13
C ALA C 485 -5.70 37.37 -19.43
N MET C 486 -6.28 36.83 -18.36
CA MET C 486 -7.27 37.61 -17.61
C MET C 486 -6.67 38.38 -16.44
N SER C 487 -5.46 38.06 -16.00
CA SER C 487 -4.87 38.72 -14.85
C SER C 487 -3.68 39.63 -15.21
N LEU C 488 -2.65 39.09 -15.85
CA LEU C 488 -1.41 39.83 -16.05
C LEU C 488 -1.39 40.64 -17.34
N THR C 489 -1.90 40.07 -18.44
CA THR C 489 -1.89 40.78 -19.70
C THR C 489 -2.69 42.08 -19.67
N PRO C 490 -3.90 42.15 -19.12
CA PRO C 490 -4.59 43.46 -19.05
C PRO C 490 -3.82 44.51 -18.28
N ALA C 491 -3.14 44.14 -17.20
CA ALA C 491 -2.36 45.11 -16.45
C ALA C 491 -1.21 45.65 -17.27
N LEU C 492 -0.51 44.76 -17.99
CA LEU C 492 0.58 45.20 -18.87
C LEU C 492 0.06 46.11 -19.97
N CYS C 493 -1.10 45.78 -20.55
CA CYS C 493 -1.68 46.63 -21.56
C CYS C 493 -2.04 48.00 -21.01
N ALA C 494 -2.58 48.04 -19.79
CA ALA C 494 -2.94 49.32 -19.17
C ALA C 494 -1.70 50.14 -18.81
N THR C 495 -0.58 49.47 -18.54
CA THR C 495 0.63 50.19 -18.14
C THR C 495 1.55 50.48 -19.31
N ILE C 496 1.98 49.43 -20.03
CA ILE C 496 3.04 49.59 -21.03
C ILE C 496 2.54 50.37 -22.25
N LEU C 497 1.35 50.05 -22.73
CA LEU C 497 0.83 50.68 -23.93
C LEU C 497 0.53 52.16 -23.67
N LYS C 498 0.68 52.97 -24.72
CA LYS C 498 0.39 54.39 -24.67
C LYS C 498 -0.39 54.80 -25.90
N ALA C 499 -1.11 55.90 -25.78
CA ALA C 499 -1.98 56.40 -26.85
C ALA C 499 -1.17 56.74 -28.11
N ARG C 513 4.02 50.51 -46.76
CA ARG C 513 3.74 49.57 -47.83
C ARG C 513 2.69 48.54 -47.42
N PHE C 514 3.00 47.80 -46.35
CA PHE C 514 2.10 46.72 -45.92
C PHE C 514 0.76 47.27 -45.44
N ASN C 515 0.73 48.51 -44.96
CA ASN C 515 -0.52 49.06 -44.42
C ASN C 515 -1.59 49.15 -45.50
N THR C 516 -1.27 49.76 -46.64
CA THR C 516 -2.26 49.90 -47.71
C THR C 516 -2.66 48.55 -48.27
N LEU C 517 -1.70 47.64 -48.45
CA LEU C 517 -2.01 46.31 -49.00
C LEU C 517 -2.95 45.55 -48.07
N PHE C 518 -2.67 45.57 -46.77
CA PHE C 518 -3.53 44.87 -45.82
C PHE C 518 -4.89 45.53 -45.72
N GLU C 519 -4.96 46.86 -45.80
CA GLU C 519 -6.25 47.54 -45.78
C GLU C 519 -7.09 47.14 -46.99
N LYS C 520 -6.46 47.10 -48.17
CA LYS C 520 -7.19 46.69 -49.37
C LYS C 520 -7.63 45.24 -49.28
N SER C 521 -6.79 44.38 -48.71
CA SER C 521 -7.16 42.97 -48.54
C SER C 521 -8.36 42.84 -47.60
N THR C 522 -8.35 43.60 -46.49
CA THR C 522 -9.49 43.58 -45.57
C THR C 522 -10.76 44.07 -46.24
N GLN C 523 -10.65 45.15 -47.02
CA GLN C 523 -11.82 45.67 -47.72
C GLN C 523 -12.36 44.65 -48.71
N HIS C 524 -11.48 43.99 -49.45
CA HIS C 524 -11.90 42.99 -50.41
C HIS C 524 -12.59 41.82 -49.71
N TYR C 525 -12.01 41.34 -48.61
CA TYR C 525 -12.60 40.23 -47.89
C TYR C 525 -13.98 40.59 -47.34
N THR C 526 -14.10 41.78 -46.74
CA THR C 526 -15.37 42.14 -46.13
C THR C 526 -16.44 42.40 -47.19
N ASP C 527 -16.07 43.01 -48.33
CA ASP C 527 -17.06 43.23 -49.37
C ASP C 527 -17.49 41.92 -50.01
N SER C 528 -16.57 40.98 -50.19
CA SER C 528 -16.93 39.67 -50.71
C SER C 528 -17.88 38.95 -49.76
N THR C 529 -17.56 38.98 -48.45
CA THR C 529 -18.43 38.33 -47.49
C THR C 529 -19.81 38.97 -47.45
N ARG C 530 -19.87 40.30 -47.53
CA ARG C 530 -21.17 40.97 -47.51
C ARG C 530 -21.97 40.66 -48.77
N SER C 531 -21.38 40.85 -49.95
CA SER C 531 -22.04 40.47 -51.20
C SER C 531 -21.66 39.07 -51.63
N LEU C 532 -21.75 38.12 -50.71
CA LEU C 532 -21.63 36.71 -51.01
C LEU C 532 -22.82 35.93 -50.47
N LEU C 533 -23.87 36.63 -50.07
CA LEU C 533 -25.09 36.01 -49.55
C LEU C 533 -26.15 35.89 -50.63
N ARG C 534 -25.81 36.24 -51.88
CA ARG C 534 -26.71 36.09 -53.00
C ARG C 534 -27.07 34.64 -53.27
N CYS C 535 -26.08 33.75 -53.23
CA CYS C 535 -26.31 32.31 -53.43
C CYS C 535 -25.39 31.57 -52.46
N THR C 536 -25.91 31.28 -51.27
CA THR C 536 -25.13 30.60 -50.24
C THR C 536 -25.24 29.08 -50.34
N GLY C 537 -26.36 28.56 -50.84
CA GLY C 537 -26.56 27.13 -50.86
C GLY C 537 -25.49 26.38 -51.61
N ARG C 538 -24.99 26.96 -52.71
CA ARG C 538 -23.86 26.36 -53.41
C ARG C 538 -22.70 26.12 -52.45
N TYR C 539 -22.27 27.17 -51.74
CA TYR C 539 -21.24 26.98 -50.74
C TYR C 539 -21.64 25.93 -49.72
N MET C 540 -22.92 25.88 -49.36
CA MET C 540 -23.40 24.85 -48.44
C MET C 540 -23.10 23.46 -48.97
N VAL C 541 -23.41 23.19 -50.24
CA VAL C 541 -23.10 21.86 -50.74
C VAL C 541 -21.60 21.69 -50.91
N VAL C 542 -20.87 22.80 -51.13
CA VAL C 542 -19.41 22.73 -51.04
C VAL C 542 -19.01 22.22 -49.67
N TYR C 543 -19.64 22.76 -48.62
CA TYR C 543 -19.47 22.21 -47.27
C TYR C 543 -19.71 20.71 -47.27
N LEU C 544 -20.83 20.27 -47.86
CA LEU C 544 -21.08 18.84 -47.99
C LEU C 544 -19.91 18.15 -48.65
N LEU C 545 -19.46 18.66 -49.81
CA LEU C 545 -18.28 18.11 -50.46
C LEU C 545 -17.12 18.05 -49.48
N ILE C 546 -16.88 19.15 -48.76
CA ILE C 546 -15.79 19.18 -47.79
C ILE C 546 -15.97 18.07 -46.76
N CYS C 547 -17.18 17.92 -46.23
CA CYS C 547 -17.39 16.85 -45.25
C CYS C 547 -17.15 15.49 -45.89
N ALA C 548 -17.60 15.33 -47.14
CA ALA C 548 -17.30 14.10 -47.87
C ALA C 548 -15.81 13.84 -47.89
N GLY C 549 -15.02 14.89 -48.13
CA GLY C 549 -13.57 14.73 -48.09
C GLY C 549 -13.10 14.21 -46.74
N MET C 550 -13.60 14.79 -45.65
CA MET C 550 -13.16 14.36 -44.33
C MET C 550 -13.56 12.91 -44.07
N ALA C 551 -14.52 12.39 -44.84
CA ALA C 551 -14.77 10.95 -44.81
C ALA C 551 -13.76 10.21 -45.68
N VAL C 552 -13.64 10.60 -46.95
CA VAL C 552 -12.81 9.85 -47.89
C VAL C 552 -11.36 9.83 -47.43
N LEU C 553 -10.85 10.99 -47.02
CA LEU C 553 -9.49 11.05 -46.47
C LEU C 553 -9.37 10.13 -45.27
N PHE C 554 -10.36 10.15 -44.38
CA PHE C 554 -10.31 9.31 -43.19
C PHE C 554 -10.34 7.83 -43.56
N LEU C 555 -10.79 7.51 -44.78
CA LEU C 555 -10.80 6.11 -45.20
C LEU C 555 -9.44 5.68 -45.74
N ARG C 556 -8.59 6.62 -46.13
CA ARG C 556 -7.30 6.30 -46.72
C ARG C 556 -6.12 6.60 -45.81
N THR C 557 -6.36 6.83 -44.52
CA THR C 557 -5.26 7.05 -43.59
C THR C 557 -4.65 5.71 -43.17
N PRO C 558 -3.35 5.49 -43.41
CA PRO C 558 -2.68 4.33 -42.82
C PRO C 558 -2.43 4.58 -41.34
N THR C 559 -2.97 3.70 -40.49
CA THR C 559 -2.92 3.92 -39.05
C THR C 559 -1.61 3.39 -38.48
N SER C 560 -1.00 4.20 -37.61
CA SER C 560 0.21 3.83 -36.89
C SER C 560 0.03 4.22 -35.43
N PHE C 561 1.04 3.93 -34.61
CA PHE C 561 1.00 4.33 -33.20
C PHE C 561 2.10 5.32 -32.87
N LEU C 562 3.37 4.97 -33.09
CA LEU C 562 4.49 5.85 -32.80
C LEU C 562 5.54 5.70 -33.88
N PRO C 563 5.89 6.78 -34.58
CA PRO C 563 6.88 6.67 -35.66
C PRO C 563 8.23 6.20 -35.14
N GLU C 564 8.88 5.35 -35.93
CA GLU C 564 10.19 4.83 -35.55
C GLU C 564 11.25 5.90 -35.77
N GLU C 565 12.09 6.11 -34.77
CA GLU C 565 13.09 7.16 -34.80
C GLU C 565 14.49 6.59 -34.95
N ASP C 566 15.43 7.45 -35.33
CA ASP C 566 16.83 7.08 -35.52
C ASP C 566 17.49 7.00 -34.15
N GLN C 567 17.18 5.92 -33.43
CA GLN C 567 17.74 5.71 -32.11
C GLN C 567 19.23 5.42 -32.12
N GLY C 568 19.81 5.16 -33.30
CA GLY C 568 21.22 4.85 -33.40
C GLY C 568 21.58 3.41 -33.16
N VAL C 569 20.62 2.55 -32.81
CA VAL C 569 20.87 1.13 -32.61
C VAL C 569 19.76 0.35 -33.30
N PHE C 570 20.09 -0.89 -33.69
CA PHE C 570 19.11 -1.81 -34.25
C PHE C 570 19.57 -3.23 -33.99
N MET C 571 18.72 -4.20 -34.31
CA MET C 571 18.92 -5.58 -33.91
C MET C 571 18.87 -6.53 -35.09
N THR C 572 19.81 -7.46 -35.14
CA THR C 572 19.85 -8.51 -36.15
C THR C 572 19.79 -9.87 -35.47
N THR C 573 18.88 -10.71 -35.92
CA THR C 573 18.70 -12.05 -35.35
C THR C 573 19.20 -13.09 -36.33
N ALA C 574 20.04 -14.01 -35.85
CA ALA C 574 20.56 -15.11 -36.65
C ALA C 574 20.00 -16.41 -36.11
N GLN C 575 19.43 -17.22 -37.00
CA GLN C 575 18.81 -18.49 -36.60
C GLN C 575 19.37 -19.60 -37.48
N LEU C 576 20.11 -20.51 -36.86
CA LEU C 576 20.53 -21.73 -37.52
C LEU C 576 19.35 -22.70 -37.62
N PRO C 577 19.37 -23.62 -38.59
CA PRO C 577 18.16 -24.42 -38.86
C PRO C 577 17.65 -25.22 -37.68
N SER C 578 18.44 -26.17 -37.17
CA SER C 578 18.01 -27.01 -36.06
C SER C 578 19.18 -27.88 -35.62
N GLY C 579 19.29 -28.09 -34.32
CA GLY C 579 20.33 -28.94 -33.78
C GLY C 579 21.74 -28.49 -34.07
N ALA C 580 21.91 -27.21 -34.41
CA ALA C 580 23.23 -26.69 -34.74
C ALA C 580 23.96 -26.29 -33.48
N THR C 581 25.22 -26.69 -33.37
CA THR C 581 26.01 -26.37 -32.20
C THR C 581 26.41 -24.90 -32.21
N MET C 582 27.04 -24.47 -31.11
CA MET C 582 27.44 -23.08 -30.98
C MET C 582 28.59 -22.70 -31.91
N VAL C 583 29.28 -23.68 -32.50
CA VAL C 583 30.33 -23.37 -33.46
C VAL C 583 29.75 -22.68 -34.69
N ASN C 584 28.68 -23.26 -35.25
CA ASN C 584 28.05 -22.67 -36.42
C ASN C 584 27.44 -21.30 -36.11
N THR C 585 26.79 -21.18 -34.95
CA THR C 585 26.22 -19.89 -34.56
C THR C 585 27.31 -18.84 -34.39
N THR C 586 28.43 -19.22 -33.78
CA THR C 586 29.54 -18.28 -33.62
C THR C 586 30.10 -17.85 -34.97
N LYS C 587 30.23 -18.79 -35.90
CA LYS C 587 30.71 -18.44 -37.24
C LYS C 587 29.74 -17.48 -37.94
N VAL C 588 28.44 -17.75 -37.84
CA VAL C 588 27.45 -16.89 -38.49
C VAL C 588 27.48 -15.49 -37.90
N LEU C 589 27.56 -15.39 -36.56
CA LEU C 589 27.60 -14.08 -35.94
C LEU C 589 28.91 -13.34 -36.24
N GLN C 590 30.01 -14.09 -36.40
CA GLN C 590 31.25 -13.48 -36.86
C GLN C 590 31.09 -12.91 -38.26
N GLN C 591 30.41 -13.65 -39.14
CA GLN C 591 30.12 -13.12 -40.47
C GLN C 591 29.31 -11.83 -40.38
N VAL C 592 28.29 -11.82 -39.52
CA VAL C 592 27.43 -10.65 -39.40
C VAL C 592 28.22 -9.43 -38.91
N THR C 593 29.02 -9.61 -37.86
CA THR C 593 29.76 -8.46 -37.33
C THR C 593 30.86 -8.02 -38.28
N ASP C 594 31.48 -8.96 -39.00
CA ASP C 594 32.48 -8.58 -39.99
C ASP C 594 31.85 -7.76 -41.10
N TYR C 595 30.67 -8.17 -41.58
CA TYR C 595 29.97 -7.37 -42.58
C TYR C 595 29.69 -5.97 -42.06
N TYR C 596 29.09 -5.88 -40.87
CA TYR C 596 28.71 -4.57 -40.33
C TYR C 596 29.92 -3.67 -40.06
N LEU C 597 31.09 -4.24 -39.78
CA LEU C 597 32.27 -3.44 -39.49
C LEU C 597 33.17 -3.23 -40.69
N THR C 598 32.96 -3.93 -41.81
CA THR C 598 33.81 -3.73 -42.97
C THR C 598 33.10 -3.13 -44.17
N LYS C 599 31.77 -3.13 -44.21
CA LYS C 599 31.06 -2.45 -45.28
C LYS C 599 30.12 -1.35 -44.80
N GLU C 600 30.09 -1.08 -43.49
CA GLU C 600 29.34 0.04 -42.93
C GLU C 600 30.18 0.73 -41.86
N LYS C 601 31.50 0.76 -42.05
CA LYS C 601 32.39 1.32 -41.04
C LYS C 601 32.18 2.82 -40.84
N ASP C 602 31.64 3.52 -41.83
CA ASP C 602 31.39 4.94 -41.67
C ASP C 602 30.19 5.23 -40.78
N ASN C 603 29.21 4.31 -40.75
CA ASN C 603 28.00 4.49 -39.95
C ASN C 603 27.98 3.63 -38.69
N VAL C 604 28.47 2.40 -38.77
CA VAL C 604 28.35 1.43 -37.69
C VAL C 604 29.55 1.58 -36.77
N GLN C 605 29.30 1.75 -35.47
CA GLN C 605 30.35 1.92 -34.48
C GLN C 605 30.70 0.62 -33.75
N SER C 606 29.71 -0.15 -33.33
CA SER C 606 29.99 -1.36 -32.56
C SER C 606 28.89 -2.39 -32.80
N VAL C 607 29.25 -3.65 -32.64
CA VAL C 607 28.32 -4.76 -32.69
C VAL C 607 28.52 -5.61 -31.44
N PHE C 608 27.45 -5.80 -30.67
CA PHE C 608 27.46 -6.64 -29.48
C PHE C 608 26.69 -7.91 -29.82
N THR C 609 27.40 -9.02 -29.95
CA THR C 609 26.81 -10.28 -30.38
C THR C 609 26.69 -11.24 -29.20
N PHE C 610 25.52 -11.87 -29.08
CA PHE C 610 25.23 -12.88 -28.06
C PHE C 610 24.86 -14.16 -28.79
N GLY C 611 25.79 -15.11 -28.83
CA GLY C 611 25.49 -16.41 -29.39
C GLY C 611 24.97 -17.36 -28.32
N GLY C 612 23.96 -18.12 -28.68
CA GLY C 612 23.30 -19.02 -27.76
C GLY C 612 22.03 -18.48 -27.14
N PHE C 613 21.77 -17.18 -27.29
CA PHE C 613 20.56 -16.56 -26.75
C PHE C 613 19.87 -15.80 -27.87
N GLY C 614 18.58 -16.06 -28.04
CA GLY C 614 17.79 -15.36 -29.04
C GLY C 614 16.50 -14.81 -28.49
N PHE C 615 15.59 -14.39 -29.36
CA PHE C 615 14.28 -13.92 -28.94
C PHE C 615 13.21 -15.00 -28.95
N SER C 616 13.43 -16.10 -29.67
CA SER C 616 12.52 -17.23 -29.68
C SER C 616 12.94 -18.31 -28.70
N GLY C 617 13.87 -18.02 -27.78
CA GLY C 617 14.30 -18.98 -26.80
C GLY C 617 15.81 -19.14 -26.76
N GLN C 618 16.33 -19.53 -25.60
CA GLN C 618 17.76 -19.81 -25.49
C GLN C 618 18.09 -21.16 -26.10
N GLY C 619 19.07 -21.19 -26.99
CA GLY C 619 19.47 -22.42 -27.63
C GLY C 619 20.77 -22.22 -28.38
N GLN C 620 21.44 -23.34 -28.66
CA GLN C 620 22.73 -23.28 -29.30
C GLN C 620 22.66 -22.85 -30.77
N ASN C 621 21.47 -22.81 -31.36
CA ASN C 621 21.31 -22.40 -32.75
C ASN C 621 20.67 -21.03 -32.89
N ASN C 622 20.68 -20.23 -31.83
CA ASN C 622 20.15 -18.87 -31.86
C ASN C 622 21.28 -17.87 -31.63
N GLY C 623 21.12 -16.68 -32.18
CA GLY C 623 22.08 -15.62 -31.95
C GLY C 623 21.44 -14.27 -32.15
N LEU C 624 21.91 -13.30 -31.37
CA LEU C 624 21.41 -11.93 -31.43
C LEU C 624 22.58 -10.99 -31.64
N ALA C 625 22.31 -9.86 -32.28
CA ALA C 625 23.33 -8.84 -32.49
C ALA C 625 22.72 -7.47 -32.32
N PHE C 626 23.33 -6.65 -31.49
CA PHE C 626 22.93 -5.26 -31.27
C PHE C 626 23.95 -4.38 -31.95
N ILE C 627 23.52 -3.64 -32.98
CA ILE C 627 24.41 -2.79 -33.75
C ILE C 627 24.15 -1.34 -33.38
N SER C 628 25.20 -0.65 -32.94
CA SER C 628 25.11 0.75 -32.54
C SER C 628 25.72 1.62 -33.64
N LEU C 629 25.10 2.76 -33.90
CA LEU C 629 25.47 3.62 -35.01
C LEU C 629 26.12 4.91 -34.50
N LYS C 630 26.80 5.59 -35.42
CA LYS C 630 27.47 6.84 -35.10
C LYS C 630 26.45 7.94 -34.87
N PRO C 631 26.83 9.01 -34.15
CA PRO C 631 25.89 10.10 -33.90
C PRO C 631 25.45 10.77 -35.19
N TRP C 632 24.27 11.39 -35.13
CA TRP C 632 23.68 12.01 -36.31
C TRP C 632 24.59 13.08 -36.90
N SER C 633 25.41 13.73 -36.09
CA SER C 633 26.35 14.72 -36.59
C SER C 633 27.42 14.13 -37.49
N GLU C 634 27.57 12.80 -37.51
CA GLU C 634 28.55 12.14 -38.35
C GLU C 634 27.95 11.38 -39.52
N ARG C 635 26.66 11.05 -39.46
CA ARG C 635 25.97 10.41 -40.57
C ARG C 635 24.92 11.38 -41.10
N VAL C 636 25.14 11.93 -42.28
CA VAL C 636 24.28 12.96 -42.86
C VAL C 636 23.73 12.44 -44.18
N GLY C 637 22.42 12.55 -44.35
CA GLY C 637 21.76 12.15 -45.58
C GLY C 637 20.87 10.93 -45.37
N GLU C 638 20.02 10.70 -46.38
CA GLU C 638 19.13 9.55 -46.36
C GLU C 638 19.87 8.23 -46.55
N GLU C 639 21.01 8.23 -47.24
CA GLU C 639 21.79 7.02 -47.43
C GLU C 639 22.49 6.57 -46.15
N ASN C 640 22.52 7.40 -45.11
CA ASN C 640 23.13 7.03 -43.83
C ASN C 640 22.10 7.06 -42.71
N SER C 641 20.84 6.77 -43.02
CA SER C 641 19.79 6.70 -42.03
C SER C 641 19.59 5.26 -41.57
N VAL C 642 18.87 5.09 -40.46
CA VAL C 642 18.64 3.76 -39.92
C VAL C 642 17.86 2.90 -40.91
N THR C 643 16.79 3.46 -41.48
CA THR C 643 15.94 2.68 -42.37
C THR C 643 16.72 2.20 -43.59
N ALA C 644 17.50 3.10 -44.21
CA ALA C 644 18.28 2.71 -45.37
C ALA C 644 19.37 1.70 -44.98
N ILE C 645 19.97 1.87 -43.81
CA ILE C 645 21.03 0.96 -43.37
C ILE C 645 20.47 -0.45 -43.22
N ILE C 646 19.33 -0.59 -42.55
CA ILE C 646 18.77 -1.93 -42.39
C ILE C 646 18.20 -2.45 -43.70
N GLN C 647 17.77 -1.56 -44.60
CA GLN C 647 17.31 -2.03 -45.90
C GLN C 647 18.45 -2.62 -46.72
N ARG C 648 19.62 -1.99 -46.68
CA ARG C 648 20.79 -2.55 -47.34
C ARG C 648 21.26 -3.82 -46.63
N ALA C 649 21.16 -3.85 -45.30
CA ALA C 649 21.57 -5.03 -44.56
C ALA C 649 20.66 -6.22 -44.84
N MET C 650 19.38 -5.98 -45.14
CA MET C 650 18.50 -7.07 -45.51
C MET C 650 18.97 -7.75 -46.78
N ILE C 651 19.37 -6.97 -47.79
CA ILE C 651 19.86 -7.57 -49.03
C ILE C 651 21.23 -8.21 -48.82
N ALA C 652 22.12 -7.56 -48.09
CA ALA C 652 23.48 -8.07 -47.93
C ALA C 652 23.49 -9.36 -47.11
N LEU C 653 22.80 -9.35 -45.96
CA LEU C 653 22.77 -10.51 -45.06
C LEU C 653 21.66 -11.46 -45.46
N SER C 654 21.66 -11.82 -46.73
CA SER C 654 20.85 -12.92 -47.22
C SER C 654 21.66 -13.94 -48.00
N SER C 655 22.87 -13.60 -48.44
CA SER C 655 23.77 -14.60 -49.01
C SER C 655 24.30 -15.56 -47.96
N ILE C 656 24.12 -15.25 -46.67
CA ILE C 656 24.52 -16.15 -45.60
C ILE C 656 23.59 -17.34 -45.59
N ASN C 657 24.07 -18.48 -46.09
CA ASN C 657 23.28 -19.70 -46.09
C ASN C 657 23.39 -20.40 -44.74
N LYS C 658 22.53 -21.40 -44.55
CA LYS C 658 22.42 -22.15 -43.30
C LYS C 658 22.16 -21.21 -42.12
N ALA C 659 21.32 -20.20 -42.40
CA ALA C 659 20.96 -19.19 -41.41
C ALA C 659 19.75 -18.40 -41.89
N VAL C 660 19.06 -17.74 -40.95
CA VAL C 660 17.89 -16.94 -41.30
C VAL C 660 18.17 -15.51 -40.83
N VAL C 661 19.43 -15.09 -40.95
CA VAL C 661 19.87 -13.76 -40.52
C VAL C 661 18.93 -12.68 -41.03
N PHE C 662 18.43 -11.85 -40.11
CA PHE C 662 17.38 -10.89 -40.43
C PHE C 662 17.55 -9.66 -39.55
N PRO C 663 17.80 -8.49 -40.13
CA PRO C 663 17.89 -7.25 -39.34
C PRO C 663 16.58 -6.49 -39.28
N PHE C 664 16.46 -5.66 -38.25
CA PHE C 664 15.31 -4.78 -38.06
C PHE C 664 15.67 -3.72 -37.03
N ASN C 665 14.74 -2.81 -36.80
CA ASN C 665 14.96 -1.65 -35.95
C ASN C 665 14.29 -1.84 -34.59
N LEU C 666 14.85 -1.17 -33.58
CA LEU C 666 14.26 -1.10 -32.26
C LEU C 666 12.95 -0.32 -32.31
N PRO C 667 11.91 -0.79 -31.60
CA PRO C 667 10.68 0.01 -31.51
C PRO C 667 10.92 1.29 -30.74
N ALA C 668 10.08 2.30 -31.02
CA ALA C 668 10.21 3.57 -30.33
C ALA C 668 10.04 3.40 -28.82
N VAL C 669 9.07 2.59 -28.42
CA VAL C 669 8.90 2.19 -27.03
C VAL C 669 8.91 0.67 -26.98
N ALA C 670 9.66 0.11 -26.03
CA ALA C 670 9.83 -1.33 -25.95
C ALA C 670 8.52 -2.06 -25.68
N GLU C 671 7.48 -1.36 -25.24
CA GLU C 671 6.18 -1.99 -25.02
C GLU C 671 5.67 -2.64 -26.30
N LEU C 672 5.66 -1.91 -27.41
CA LEU C 672 5.02 -2.40 -28.61
C LEU C 672 5.67 -1.81 -29.85
N GLY C 673 5.47 -2.51 -30.97
CA GLY C 673 5.80 -2.03 -32.29
C GLY C 673 4.83 -2.65 -33.27
N THR C 674 5.21 -2.71 -34.56
CA THR C 674 4.46 -3.38 -35.62
C THR C 674 2.94 -3.23 -35.44
N ALA C 675 2.52 -1.96 -35.46
CA ALA C 675 1.11 -1.64 -35.21
C ALA C 675 0.16 -2.36 -36.18
N SER C 676 0.61 -2.68 -37.38
CA SER C 676 -0.18 -3.48 -38.30
C SER C 676 -0.17 -4.96 -37.95
N GLY C 677 0.83 -5.44 -37.21
CA GLY C 677 0.91 -6.83 -36.85
C GLY C 677 0.00 -7.20 -35.69
N PHE C 678 -0.11 -8.51 -35.46
CA PHE C 678 -0.95 -9.04 -34.40
C PHE C 678 -0.30 -10.26 -33.77
N ASP C 679 -0.69 -10.56 -32.55
CA ASP C 679 -0.18 -11.68 -31.76
C ASP C 679 -1.35 -12.51 -31.28
N MET C 680 -1.25 -13.82 -31.41
CA MET C 680 -2.32 -14.72 -31.01
C MET C 680 -1.71 -15.98 -30.43
N GLU C 681 -2.40 -16.56 -29.45
CA GLU C 681 -2.04 -17.86 -28.89
C GLU C 681 -3.09 -18.87 -29.34
N LEU C 682 -2.65 -19.89 -30.06
CA LEU C 682 -3.54 -20.95 -30.55
C LEU C 682 -3.61 -22.02 -29.46
N LEU C 683 -4.57 -21.87 -28.57
CA LEU C 683 -4.69 -22.80 -27.44
C LEU C 683 -5.18 -24.16 -27.93
N ASP C 684 -4.62 -25.22 -27.35
CA ASP C 684 -5.05 -26.55 -27.75
C ASP C 684 -6.43 -26.87 -27.17
N ASN C 685 -6.68 -26.51 -25.91
CA ASN C 685 -7.91 -26.84 -25.21
C ASN C 685 -8.19 -28.34 -25.30
N GLY C 686 -9.43 -28.74 -25.02
CA GLY C 686 -9.79 -30.14 -25.14
C GLY C 686 -8.84 -31.04 -24.38
N ASN C 687 -8.36 -32.09 -25.04
CA ASN C 687 -7.34 -32.93 -24.46
C ASN C 687 -6.30 -33.40 -25.48
N LEU C 688 -6.32 -32.85 -26.70
CA LEU C 688 -5.36 -33.25 -27.72
C LEU C 688 -3.94 -32.85 -27.31
N GLY C 689 -2.98 -33.68 -27.70
CA GLY C 689 -1.61 -33.52 -27.28
C GLY C 689 -0.83 -32.52 -28.12
N HIS C 690 0.49 -32.59 -27.98
CA HIS C 690 1.37 -31.65 -28.69
C HIS C 690 1.39 -31.92 -30.19
N GLU C 691 1.35 -33.19 -30.59
CA GLU C 691 1.41 -33.52 -32.01
C GLU C 691 0.17 -33.03 -32.75
N LYS C 692 -1.01 -33.21 -32.16
CA LYS C 692 -2.22 -32.71 -32.79
C LYS C 692 -2.23 -31.19 -32.83
N LEU C 693 -1.71 -30.53 -31.79
CA LEU C 693 -1.64 -29.08 -31.78
C LEU C 693 -0.71 -28.56 -32.88
N THR C 694 0.45 -29.20 -33.06
CA THR C 694 1.34 -28.76 -34.13
C THR C 694 0.78 -29.11 -35.50
N GLN C 695 -0.02 -30.17 -35.60
CA GLN C 695 -0.73 -30.42 -36.85
C GLN C 695 -1.73 -29.31 -37.17
N ALA C 696 -2.46 -28.86 -36.16
CA ALA C 696 -3.39 -27.73 -36.38
C ALA C 696 -2.63 -26.46 -36.74
N ARG C 697 -1.50 -26.21 -36.09
CA ARG C 697 -0.68 -25.05 -36.44
C ARG C 697 -0.13 -25.17 -37.85
N ASN C 698 0.11 -26.40 -38.32
CA ASN C 698 0.55 -26.59 -39.70
C ASN C 698 -0.59 -26.43 -40.70
N GLU C 699 -1.82 -26.75 -40.28
CA GLU C 699 -2.97 -26.39 -41.11
C GLU C 699 -3.09 -24.89 -41.25
N LEU C 700 -2.94 -24.16 -40.14
CA LEU C 700 -2.64 -22.74 -40.22
C LEU C 700 -1.26 -22.53 -40.84
N LEU C 701 -0.96 -21.27 -41.16
CA LEU C 701 0.29 -20.89 -41.83
C LEU C 701 0.27 -21.38 -43.27
N SER C 702 -0.74 -22.18 -43.61
CA SER C 702 -1.05 -22.58 -44.97
C SER C 702 -2.46 -22.14 -45.37
N LEU C 703 -3.44 -22.33 -44.48
CA LEU C 703 -4.76 -21.77 -44.74
C LEU C 703 -4.70 -20.26 -44.82
N ALA C 704 -3.92 -19.62 -43.93
CA ALA C 704 -3.74 -18.18 -44.01
C ALA C 704 -2.83 -17.78 -45.16
N ALA C 705 -1.85 -18.62 -45.50
CA ALA C 705 -1.01 -18.34 -46.65
C ALA C 705 -1.75 -18.47 -47.97
N GLN C 706 -2.90 -19.13 -47.97
CA GLN C 706 -3.70 -19.25 -49.18
C GLN C 706 -4.38 -17.95 -49.59
N SER C 707 -4.49 -16.99 -48.67
CA SER C 707 -5.09 -15.68 -48.95
C SER C 707 -4.14 -14.57 -48.48
N PRO C 708 -3.10 -14.26 -49.25
CA PRO C 708 -2.20 -13.16 -48.88
C PRO C 708 -2.89 -11.81 -48.80
N ASN C 709 -4.09 -11.66 -49.37
CA ASN C 709 -4.73 -10.35 -49.49
C ASN C 709 -5.12 -9.75 -48.14
N GLN C 710 -5.11 -10.52 -47.06
CA GLN C 710 -5.46 -10.01 -45.75
C GLN C 710 -4.34 -10.14 -44.74
N VAL C 711 -3.64 -11.28 -44.70
CA VAL C 711 -2.56 -11.51 -43.76
C VAL C 711 -1.31 -11.87 -44.54
N THR C 712 -0.16 -11.37 -44.11
CA THR C 712 1.09 -11.49 -44.86
C THR C 712 2.16 -12.29 -44.16
N GLY C 713 2.51 -11.95 -42.92
CA GLY C 713 3.66 -12.54 -42.27
C GLY C 713 3.31 -13.53 -41.16
N VAL C 714 2.30 -14.36 -41.38
CA VAL C 714 1.88 -15.33 -40.38
C VAL C 714 2.99 -16.34 -40.18
N ARG C 715 3.63 -16.29 -39.02
CA ARG C 715 4.75 -17.16 -38.67
C ARG C 715 4.63 -17.54 -37.21
N PRO C 716 5.21 -18.68 -36.82
CA PRO C 716 5.16 -19.07 -35.41
C PRO C 716 6.38 -18.57 -34.64
N ASN C 717 6.14 -18.12 -33.42
CA ASN C 717 7.21 -17.62 -32.56
C ASN C 717 7.62 -18.72 -31.57
N GLY C 718 8.28 -19.73 -32.12
CA GLY C 718 8.71 -20.86 -31.31
C GLY C 718 9.64 -21.76 -32.09
N LEU C 719 10.14 -22.77 -31.39
CA LEU C 719 11.06 -23.73 -31.97
C LEU C 719 10.31 -25.00 -32.39
N GLU C 720 10.92 -25.75 -33.30
CA GLU C 720 10.32 -26.94 -33.88
C GLU C 720 10.98 -28.20 -33.36
N ASP C 721 10.30 -29.33 -33.52
CA ASP C 721 10.74 -30.59 -32.93
C ASP C 721 12.12 -30.98 -33.44
N THR C 722 12.92 -31.52 -32.54
CA THR C 722 14.30 -31.91 -32.82
C THR C 722 14.53 -33.35 -32.37
N PRO C 723 15.49 -34.05 -32.97
CA PRO C 723 15.86 -35.38 -32.49
C PRO C 723 16.45 -35.31 -31.09
N MET C 724 16.17 -36.34 -30.30
CA MET C 724 16.66 -36.45 -28.94
C MET C 724 17.15 -37.87 -28.68
N PHE C 725 18.01 -37.98 -27.68
CA PHE C 725 18.61 -39.25 -27.30
C PHE C 725 17.84 -39.83 -26.13
N LYS C 726 17.47 -41.11 -26.23
CA LYS C 726 16.75 -41.81 -25.18
C LYS C 726 17.59 -42.97 -24.70
N VAL C 727 17.76 -43.07 -23.39
CA VAL C 727 18.50 -44.15 -22.76
C VAL C 727 17.50 -44.98 -21.96
N ASN C 728 17.26 -46.21 -22.40
CA ASN C 728 16.35 -47.13 -21.71
C ASN C 728 17.19 -48.04 -20.83
N VAL C 729 17.03 -47.91 -19.51
CA VAL C 729 17.76 -48.71 -18.54
C VAL C 729 16.89 -49.90 -18.16
N ASN C 730 17.44 -51.11 -18.27
CA ASN C 730 16.71 -52.32 -17.91
C ASN C 730 16.81 -52.50 -16.41
N ALA C 731 15.72 -52.20 -15.69
CA ALA C 731 15.73 -52.28 -14.24
C ALA C 731 15.93 -53.72 -13.76
N ALA C 732 15.32 -54.69 -14.46
CA ALA C 732 15.39 -56.07 -14.03
C ALA C 732 16.81 -56.59 -14.05
N LYS C 733 17.53 -56.37 -15.15
CA LYS C 733 18.92 -56.83 -15.25
C LYS C 733 19.80 -56.14 -14.22
N ALA C 734 19.63 -54.82 -14.05
CA ALA C 734 20.45 -54.10 -13.09
C ALA C 734 20.22 -54.59 -11.67
N GLU C 735 18.95 -54.82 -11.30
CA GLU C 735 18.67 -55.28 -9.94
C GLU C 735 19.13 -56.71 -9.73
N ALA C 736 19.01 -57.56 -10.75
CA ALA C 736 19.48 -58.93 -10.63
C ALA C 736 21.00 -58.98 -10.49
N MET C 737 21.73 -58.18 -11.28
CA MET C 737 23.17 -58.11 -11.14
C MET C 737 23.61 -57.38 -9.88
N GLY C 738 22.70 -56.70 -9.18
CA GLY C 738 23.02 -56.03 -7.95
C GLY C 738 23.25 -54.54 -8.06
N VAL C 739 22.98 -53.95 -9.23
CA VAL C 739 23.16 -52.52 -9.43
C VAL C 739 21.83 -51.82 -9.23
N ALA C 740 21.81 -50.82 -8.35
CA ALA C 740 20.60 -50.07 -8.08
C ALA C 740 20.26 -49.16 -9.26
N LEU C 741 18.97 -49.09 -9.60
CA LEU C 741 18.53 -48.20 -10.67
C LEU C 741 18.81 -46.74 -10.32
N SER C 742 18.67 -46.40 -9.04
CA SER C 742 18.94 -45.03 -8.61
C SER C 742 20.39 -44.66 -8.87
N ASP C 743 21.32 -45.59 -8.62
CA ASP C 743 22.74 -45.31 -8.90
C ASP C 743 22.97 -45.04 -10.37
N ILE C 744 22.35 -45.82 -11.25
CA ILE C 744 22.51 -45.63 -12.69
C ILE C 744 21.96 -44.26 -13.09
N ASN C 745 20.77 -43.92 -12.59
CA ASN C 745 20.16 -42.64 -12.94
C ASN C 745 21.01 -41.48 -12.46
N GLN C 746 21.50 -41.55 -11.22
CA GLN C 746 22.37 -40.47 -10.70
C GLN C 746 23.66 -40.38 -11.49
N THR C 747 24.25 -41.52 -11.85
CA THR C 747 25.49 -41.49 -12.62
C THR C 747 25.28 -40.81 -13.97
N ILE C 748 24.23 -41.19 -14.70
CA ILE C 748 23.97 -40.59 -16.00
C ILE C 748 23.69 -39.09 -15.84
N SER C 749 22.85 -38.74 -14.87
CA SER C 749 22.47 -37.34 -14.70
C SER C 749 23.67 -36.47 -14.34
N THR C 750 24.48 -36.92 -13.38
CA THR C 750 25.66 -36.14 -12.99
C THR C 750 26.71 -36.09 -14.09
N ALA C 751 26.86 -37.17 -14.87
CA ALA C 751 27.85 -37.17 -15.93
C ALA C 751 27.48 -36.21 -17.05
N PHE C 752 26.23 -36.27 -17.52
CA PHE C 752 25.92 -35.50 -18.72
C PHE C 752 25.33 -34.13 -18.41
N GLY C 753 24.46 -34.03 -17.40
CA GLY C 753 24.05 -32.75 -16.88
C GLY C 753 24.87 -32.38 -15.66
N SER C 754 24.93 -31.08 -15.37
CA SER C 754 25.72 -30.66 -14.23
C SER C 754 25.03 -31.06 -12.93
N SER C 755 25.82 -31.07 -11.85
CA SER C 755 25.33 -31.40 -10.51
C SER C 755 25.84 -30.32 -9.55
N TYR C 756 24.95 -29.43 -9.14
CA TYR C 756 25.30 -28.39 -8.19
C TYR C 756 25.42 -28.99 -6.80
N VAL C 757 26.60 -28.84 -6.18
CA VAL C 757 26.87 -29.54 -4.92
C VAL C 757 26.62 -28.62 -3.74
N ASN C 758 27.40 -27.55 -3.62
CA ASN C 758 27.24 -26.60 -2.53
C ASN C 758 27.93 -25.30 -2.94
N ASP C 759 28.18 -24.44 -1.95
CA ASP C 759 28.79 -23.14 -2.18
C ASP C 759 30.17 -23.07 -1.54
N PHE C 760 31.02 -22.22 -2.12
CA PHE C 760 32.35 -21.96 -1.59
C PHE C 760 32.60 -20.47 -1.66
N LEU C 761 33.76 -20.05 -1.13
CA LEU C 761 34.10 -18.63 -0.99
C LEU C 761 35.24 -18.29 -1.93
N ASN C 762 34.98 -17.44 -2.91
CA ASN C 762 36.00 -16.87 -3.79
C ASN C 762 36.18 -15.40 -3.41
N GLN C 763 37.31 -15.09 -2.78
CA GLN C 763 37.63 -13.72 -2.37
C GLN C 763 36.51 -13.10 -1.55
N GLY C 764 35.92 -13.90 -0.67
CA GLY C 764 34.87 -13.42 0.19
C GLY C 764 33.48 -13.39 -0.41
N ARG C 765 33.30 -13.86 -1.64
CA ARG C 765 31.99 -13.92 -2.28
C ARG C 765 31.56 -15.37 -2.45
N VAL C 766 30.26 -15.61 -2.32
CA VAL C 766 29.73 -16.97 -2.35
C VAL C 766 29.51 -17.37 -3.81
N LYS C 767 30.17 -18.45 -4.22
CA LYS C 767 30.03 -18.99 -5.57
C LYS C 767 29.61 -20.45 -5.48
N LYS C 768 29.16 -21.00 -6.60
CA LYS C 768 28.66 -22.36 -6.65
C LYS C 768 29.77 -23.35 -6.97
N VAL C 769 29.52 -24.62 -6.66
CA VAL C 769 30.40 -25.73 -7.03
C VAL C 769 29.59 -26.70 -7.87
N TYR C 770 30.12 -27.07 -9.03
CA TYR C 770 29.44 -27.94 -9.96
C TYR C 770 30.30 -29.16 -10.25
N VAL C 771 29.65 -30.30 -10.47
CA VAL C 771 30.31 -31.55 -10.85
C VAL C 771 29.71 -32.03 -12.15
N GLN C 772 30.57 -32.33 -13.12
CA GLN C 772 30.13 -32.77 -14.44
C GLN C 772 31.28 -33.55 -15.08
N ALA C 773 30.95 -34.28 -16.14
CA ALA C 773 31.97 -34.97 -16.89
C ALA C 773 32.80 -34.00 -17.71
N GLY C 774 34.04 -34.39 -17.99
CA GLY C 774 34.85 -33.61 -18.90
C GLY C 774 34.27 -33.60 -20.30
N THR C 775 34.67 -32.59 -21.07
CA THR C 775 34.09 -32.42 -22.40
C THR C 775 34.27 -33.65 -23.30
N PRO C 776 35.48 -34.19 -23.51
CA PRO C 776 35.60 -35.31 -24.44
C PRO C 776 34.90 -36.58 -24.01
N PHE C 777 34.19 -36.56 -22.88
CA PHE C 777 33.46 -37.71 -22.38
C PHE C 777 31.95 -37.54 -22.44
N ARG C 778 31.45 -36.41 -22.97
CA ARG C 778 30.01 -36.20 -23.06
C ARG C 778 29.64 -35.55 -24.38
N MET C 779 30.22 -36.01 -25.48
CA MET C 779 30.00 -35.40 -26.78
C MET C 779 29.23 -36.27 -27.77
N LEU C 780 29.42 -37.58 -27.73
CA LEU C 780 28.84 -38.48 -28.71
C LEU C 780 28.10 -39.61 -27.99
N PRO C 781 27.17 -40.27 -28.68
CA PRO C 781 26.46 -41.39 -28.04
C PRO C 781 27.39 -42.48 -27.52
N ASP C 782 28.48 -42.75 -28.23
CA ASP C 782 29.41 -43.79 -27.82
C ASP C 782 29.98 -43.52 -26.43
N ASN C 783 30.03 -42.25 -26.03
CA ASN C 783 30.54 -41.91 -24.70
C ASN C 783 29.73 -42.57 -23.59
N ILE C 784 28.45 -42.87 -23.83
CA ILE C 784 27.65 -43.54 -22.81
C ILE C 784 28.24 -44.90 -22.46
N ASN C 785 28.94 -45.53 -23.40
CA ASN C 785 29.58 -46.81 -23.15
C ASN C 785 30.80 -46.71 -22.25
N GLN C 786 31.29 -45.50 -21.97
CA GLN C 786 32.53 -45.33 -21.21
C GLN C 786 32.28 -45.21 -19.71
N TRP C 787 31.04 -45.20 -19.26
CA TRP C 787 30.72 -44.96 -17.86
C TRP C 787 30.37 -46.27 -17.16
N TYR C 788 30.81 -46.40 -15.90
CA TYR C 788 30.65 -47.61 -15.13
C TYR C 788 29.86 -47.34 -13.86
N VAL C 789 29.21 -48.38 -13.35
CA VAL C 789 28.43 -48.30 -12.11
C VAL C 789 28.84 -49.45 -11.20
N ARG C 790 28.72 -49.23 -9.90
CA ARG C 790 29.20 -50.18 -8.90
C ARG C 790 28.05 -51.02 -8.36
N ASN C 791 28.32 -52.31 -8.15
CA ASN C 791 27.33 -53.21 -7.58
C ASN C 791 27.27 -53.04 -6.06
N ALA C 792 26.48 -53.89 -5.41
CA ALA C 792 26.45 -53.91 -3.96
C ALA C 792 27.71 -54.52 -3.35
N SER C 793 28.46 -55.29 -4.14
CA SER C 793 29.69 -55.92 -3.66
C SER C 793 30.92 -55.07 -3.91
N GLY C 794 30.80 -53.96 -4.63
CA GLY C 794 31.93 -53.09 -4.89
C GLY C 794 32.61 -53.27 -6.22
N THR C 795 32.06 -54.08 -7.11
CA THR C 795 32.66 -54.34 -8.42
C THR C 795 32.00 -53.44 -9.46
N MET C 796 32.82 -52.78 -10.26
CA MET C 796 32.32 -51.87 -11.28
C MET C 796 32.04 -52.61 -12.58
N ALA C 797 30.91 -52.31 -13.20
CA ALA C 797 30.48 -52.90 -14.45
C ALA C 797 30.01 -51.81 -15.40
N PRO C 798 30.16 -52.01 -16.71
CA PRO C 798 29.84 -50.94 -17.65
C PRO C 798 28.35 -50.62 -17.68
N LEU C 799 28.06 -49.36 -18.03
CA LEU C 799 26.67 -48.92 -18.11
C LEU C 799 25.97 -49.49 -19.34
N SER C 800 26.74 -49.87 -20.37
CA SER C 800 26.16 -50.45 -21.58
C SER C 800 25.59 -51.84 -21.36
N ALA C 801 25.87 -52.47 -20.21
CA ALA C 801 25.38 -53.82 -19.98
C ALA C 801 23.89 -53.85 -19.66
N TYR C 802 23.36 -52.77 -19.07
CA TYR C 802 21.96 -52.72 -18.67
C TYR C 802 21.14 -51.72 -19.45
N SER C 803 21.74 -50.93 -20.34
CA SER C 803 21.04 -49.85 -21.00
C SER C 803 21.13 -50.00 -22.51
N SER C 804 20.07 -49.56 -23.18
CA SER C 804 20.02 -49.47 -24.62
C SER C 804 19.76 -48.02 -25.01
N THR C 805 20.10 -47.67 -26.25
CA THR C 805 20.03 -46.30 -26.71
C THR C 805 19.14 -46.20 -27.95
N GLU C 806 18.46 -45.07 -28.09
CA GLU C 806 17.51 -44.89 -29.18
C GLU C 806 17.41 -43.41 -29.50
N TRP C 807 16.88 -43.12 -30.69
CA TRP C 807 16.65 -41.75 -31.14
C TRP C 807 15.17 -41.51 -31.26
N THR C 808 14.67 -40.46 -30.60
CA THR C 808 13.28 -40.06 -30.66
C THR C 808 13.19 -38.62 -31.14
N TYR C 809 11.98 -38.07 -31.15
CA TYR C 809 11.75 -36.69 -31.52
C TYR C 809 11.03 -35.97 -30.37
N GLY C 810 11.35 -34.70 -30.18
CA GLY C 810 10.72 -33.96 -29.10
C GLY C 810 10.90 -32.47 -29.24
N SER C 811 10.02 -31.73 -28.57
CA SER C 811 10.03 -30.28 -28.65
C SER C 811 11.13 -29.71 -27.76
N PRO C 812 11.93 -28.76 -28.26
CA PRO C 812 12.92 -28.11 -27.41
C PRO C 812 12.39 -26.92 -26.62
N ARG C 813 11.17 -26.47 -26.91
CA ARG C 813 10.58 -25.35 -26.20
C ARG C 813 9.07 -25.54 -26.18
N LEU C 814 8.49 -25.59 -24.99
CA LEU C 814 7.06 -25.77 -24.80
C LEU C 814 6.45 -24.50 -24.22
N GLU C 815 5.27 -24.13 -24.71
CA GLU C 815 4.61 -22.92 -24.27
C GLU C 815 3.21 -23.23 -23.75
N ARG C 816 2.79 -22.45 -22.77
CA ARG C 816 1.46 -22.55 -22.20
C ARG C 816 0.90 -21.15 -22.04
N TYR C 817 -0.43 -21.02 -22.21
CA TYR C 817 -1.10 -19.74 -22.08
C TYR C 817 -2.28 -19.91 -21.13
N ASN C 818 -2.23 -19.21 -19.99
CA ASN C 818 -3.26 -19.30 -18.96
C ASN C 818 -3.44 -20.75 -18.49
N GLY C 819 -2.34 -21.49 -18.40
CA GLY C 819 -2.38 -22.87 -17.97
C GLY C 819 -2.76 -23.87 -19.06
N ILE C 820 -2.90 -23.42 -20.30
CA ILE C 820 -3.32 -24.29 -21.40
C ILE C 820 -2.22 -24.24 -22.46
N PRO C 821 -1.85 -25.38 -23.05
CA PRO C 821 -0.81 -25.35 -24.09
C PRO C 821 -1.20 -24.48 -25.26
N SER C 822 -0.23 -23.73 -25.78
CA SER C 822 -0.46 -22.76 -26.85
C SER C 822 0.65 -22.86 -27.87
N MET C 823 0.61 -21.99 -28.87
CA MET C 823 1.58 -22.01 -29.96
C MET C 823 2.16 -20.66 -30.33
N GLU C 824 1.51 -19.54 -30.00
CA GLU C 824 2.03 -18.19 -30.23
C GLU C 824 2.31 -17.96 -31.73
N ILE C 825 1.21 -17.88 -32.48
CA ILE C 825 1.26 -17.47 -33.87
C ILE C 825 1.17 -15.95 -33.91
N LEU C 826 2.18 -15.31 -34.49
CA LEU C 826 2.20 -13.87 -34.66
C LEU C 826 2.34 -13.51 -36.13
N GLY C 827 1.57 -12.52 -36.57
CA GLY C 827 1.54 -12.18 -37.98
C GLY C 827 1.40 -10.70 -38.25
N GLU C 828 1.01 -10.36 -39.49
CA GLU C 828 0.91 -8.97 -39.92
C GLU C 828 -0.34 -8.81 -40.77
N ALA C 829 -0.73 -7.56 -40.98
CA ALA C 829 -1.86 -7.24 -41.84
C ALA C 829 -1.38 -6.99 -43.27
N ALA C 830 -2.34 -6.82 -44.17
CA ALA C 830 -2.03 -6.58 -45.58
C ALA C 830 -1.63 -5.12 -45.77
N ALA C 831 -1.54 -4.68 -47.03
CA ALA C 831 -1.18 -3.30 -47.33
C ALA C 831 -2.16 -2.35 -46.65
N GLY C 832 -3.44 -2.41 -47.04
CA GLY C 832 -4.47 -1.80 -46.23
C GLY C 832 -5.61 -2.77 -45.97
N LYS C 833 -5.74 -3.22 -44.71
CA LYS C 833 -6.87 -4.04 -44.33
C LYS C 833 -7.33 -3.83 -42.90
N SER C 834 -6.69 -2.93 -42.14
CA SER C 834 -6.99 -2.68 -40.73
C SER C 834 -6.67 -3.90 -39.86
N THR C 835 -6.44 -3.67 -38.57
CA THR C 835 -6.13 -4.77 -37.66
C THR C 835 -7.39 -5.56 -37.29
N GLY C 836 -8.52 -4.88 -37.17
CA GLY C 836 -9.74 -5.56 -36.79
C GLY C 836 -10.17 -6.61 -37.79
N ASP C 837 -10.05 -6.29 -39.09
CA ASP C 837 -10.40 -7.27 -40.12
C ASP C 837 -9.47 -8.46 -40.09
N ALA C 838 -8.17 -8.22 -39.85
CA ALA C 838 -7.23 -9.33 -39.74
C ALA C 838 -7.57 -10.24 -38.57
N MET C 839 -7.89 -9.64 -37.41
CA MET C 839 -8.27 -10.45 -36.25
C MET C 839 -9.56 -11.21 -36.49
N LYS C 840 -10.55 -10.56 -37.12
CA LYS C 840 -11.82 -11.23 -37.40
C LYS C 840 -11.72 -12.24 -38.52
N PHE C 841 -10.62 -12.21 -39.29
CA PHE C 841 -10.37 -13.27 -40.25
C PHE C 841 -9.71 -14.47 -39.59
N MET C 842 -8.68 -14.21 -38.76
CA MET C 842 -8.02 -15.29 -38.03
C MET C 842 -9.00 -16.00 -37.12
N ALA C 843 -9.89 -15.26 -36.48
CA ALA C 843 -11.10 -15.86 -35.93
C ALA C 843 -12.00 -16.29 -37.07
N ASP C 844 -12.55 -17.50 -36.96
CA ASP C 844 -13.32 -18.16 -38.02
C ASP C 844 -12.40 -18.66 -39.13
N LEU C 845 -11.12 -18.31 -39.08
CA LEU C 845 -10.11 -19.16 -39.72
C LEU C 845 -9.71 -20.29 -38.78
N VAL C 846 -9.64 -20.00 -37.49
CA VAL C 846 -9.40 -21.04 -36.48
C VAL C 846 -10.57 -22.02 -36.43
N ALA C 847 -11.80 -21.54 -36.69
CA ALA C 847 -12.96 -22.41 -36.62
C ALA C 847 -12.92 -23.52 -37.66
N LYS C 848 -12.07 -23.40 -38.68
CA LYS C 848 -11.89 -24.47 -39.65
C LYS C 848 -10.91 -25.54 -39.17
N LEU C 849 -10.20 -25.28 -38.07
CA LEU C 849 -9.26 -26.25 -37.54
C LEU C 849 -9.98 -27.44 -36.93
N PRO C 850 -9.28 -28.55 -36.71
CA PRO C 850 -9.91 -29.71 -36.07
C PRO C 850 -10.54 -29.35 -34.73
N ALA C 851 -11.66 -29.97 -34.44
CA ALA C 851 -12.43 -29.65 -33.25
C ALA C 851 -11.59 -29.87 -31.99
N GLY C 852 -11.67 -28.91 -31.07
CA GLY C 852 -10.91 -28.98 -29.84
C GLY C 852 -10.06 -27.75 -29.59
N VAL C 853 -9.47 -27.20 -30.65
CA VAL C 853 -8.57 -26.07 -30.49
C VAL C 853 -9.36 -24.77 -30.34
N GLY C 854 -8.67 -23.72 -29.90
CA GLY C 854 -9.26 -22.41 -29.76
C GLY C 854 -8.18 -21.36 -29.92
N TYR C 855 -8.59 -20.09 -29.85
CA TYR C 855 -7.67 -18.98 -30.05
C TYR C 855 -7.82 -17.98 -28.91
N SER C 856 -6.76 -17.20 -28.71
CA SER C 856 -6.81 -16.08 -27.78
C SER C 856 -5.88 -14.99 -28.30
N TRP C 857 -6.16 -13.76 -27.89
CA TRP C 857 -5.38 -12.59 -28.31
C TRP C 857 -4.55 -12.09 -27.14
N THR C 858 -3.24 -11.96 -27.37
CA THR C 858 -2.31 -11.57 -26.32
C THR C 858 -1.46 -10.40 -26.81
N GLY C 859 -0.73 -9.79 -25.88
CA GLY C 859 0.15 -8.69 -26.22
C GLY C 859 -0.62 -7.42 -26.53
N LEU C 860 -0.64 -7.04 -27.80
CA LEU C 860 -1.33 -5.82 -28.20
C LEU C 860 -2.78 -6.08 -28.56
N SER C 861 -3.04 -7.18 -29.28
CA SER C 861 -4.40 -7.49 -29.72
C SER C 861 -5.37 -7.53 -28.55
N TYR C 862 -4.94 -8.06 -27.40
CA TYR C 862 -5.78 -8.07 -26.22
C TYR C 862 -6.34 -6.69 -25.92
N GLN C 863 -5.48 -5.67 -25.90
CA GLN C 863 -5.96 -4.30 -25.68
C GLN C 863 -6.97 -3.91 -26.76
N GLU C 864 -6.65 -4.21 -28.02
CA GLU C 864 -7.54 -3.88 -29.13
C GLU C 864 -8.82 -4.70 -29.09
N ALA C 865 -8.88 -5.76 -28.29
CA ALA C 865 -10.11 -6.50 -28.08
C ALA C 865 -10.82 -6.14 -26.78
N LEU C 866 -10.25 -5.24 -25.98
CA LEU C 866 -10.83 -4.88 -24.70
C LEU C 866 -11.28 -3.43 -24.63
N SER C 867 -10.64 -2.53 -25.37
CA SER C 867 -11.00 -1.12 -25.42
C SER C 867 -11.15 -0.73 -26.89
N SER C 868 -12.34 -0.93 -27.44
CA SER C 868 -12.62 -0.65 -28.85
C SER C 868 -13.65 0.46 -29.01
N ASN C 869 -14.83 0.33 -28.42
CA ASN C 869 -15.87 1.33 -28.54
C ASN C 869 -15.85 2.28 -27.35
N GLN C 870 -14.75 3.01 -27.22
CA GLN C 870 -14.54 3.99 -26.17
C GLN C 870 -14.34 5.41 -26.70
N ALA C 871 -13.48 5.56 -27.71
CA ALA C 871 -13.24 6.88 -28.30
C ALA C 871 -14.50 7.52 -28.87
N PRO C 872 -15.35 6.81 -29.64
CA PRO C 872 -16.59 7.47 -30.11
C PRO C 872 -17.49 7.94 -28.99
N ALA C 873 -17.61 7.16 -27.91
CA ALA C 873 -18.44 7.59 -26.79
C ALA C 873 -17.85 8.82 -26.10
N LEU C 874 -16.53 8.82 -25.88
CA LEU C 874 -15.90 9.97 -25.27
C LEU C 874 -16.08 11.22 -26.12
N TYR C 875 -15.93 11.08 -27.44
CA TYR C 875 -16.03 12.24 -28.31
C TYR C 875 -17.47 12.73 -28.44
N ALA C 876 -18.45 11.81 -28.40
CA ALA C 876 -19.84 12.24 -28.36
C ALA C 876 -20.14 13.02 -27.09
N ILE C 877 -19.65 12.53 -25.94
CA ILE C 877 -19.85 13.25 -24.69
C ILE C 877 -19.18 14.62 -24.76
N SER C 878 -17.98 14.68 -25.32
CA SER C 878 -17.27 15.94 -25.46
C SER C 878 -18.03 16.93 -26.35
N LEU C 879 -18.60 16.43 -27.44
CA LEU C 879 -19.39 17.30 -28.32
C LEU C 879 -20.62 17.84 -27.61
N VAL C 880 -21.30 16.99 -26.83
CA VAL C 880 -22.47 17.45 -26.09
C VAL C 880 -22.06 18.52 -25.07
N VAL C 881 -20.95 18.29 -24.36
CA VAL C 881 -20.50 19.27 -23.38
C VAL C 881 -20.11 20.59 -24.05
N VAL C 882 -19.47 20.51 -25.22
CA VAL C 882 -19.08 21.72 -25.94
C VAL C 882 -20.32 22.49 -26.38
N PHE C 883 -21.33 21.78 -26.90
CA PHE C 883 -22.56 22.47 -27.30
C PHE C 883 -23.25 23.11 -26.10
N LEU C 884 -23.27 22.42 -24.97
CA LEU C 884 -23.88 23.00 -23.78
C LEU C 884 -23.15 24.25 -23.31
N ALA C 885 -21.82 24.22 -23.34
CA ALA C 885 -21.04 25.39 -22.95
C ALA C 885 -21.28 26.55 -23.89
N LEU C 886 -21.35 26.27 -25.20
CA LEU C 886 -21.61 27.34 -26.16
C LEU C 886 -23.01 27.92 -25.99
N ALA C 887 -24.00 27.07 -25.69
CA ALA C 887 -25.35 27.55 -25.44
C ALA C 887 -25.40 28.43 -24.19
N ALA C 888 -24.68 28.02 -23.13
CA ALA C 888 -24.64 28.84 -21.93
C ALA C 888 -23.95 30.18 -22.18
N LEU C 889 -22.91 30.18 -23.01
CA LEU C 889 -22.19 31.42 -23.29
C LEU C 889 -23.00 32.36 -24.16
N TYR C 890 -23.65 31.84 -25.21
CA TYR C 890 -24.38 32.66 -26.16
C TYR C 890 -25.82 32.94 -25.76
N GLU C 891 -26.32 32.27 -24.71
CA GLU C 891 -27.71 32.43 -24.27
C GLU C 891 -28.69 32.12 -25.40
N SER C 892 -28.42 31.03 -26.12
CA SER C 892 -29.32 30.59 -27.18
C SER C 892 -29.04 29.13 -27.48
N TRP C 893 -30.02 28.49 -28.12
CA TRP C 893 -29.91 27.08 -28.50
C TRP C 893 -29.56 26.87 -29.96
N SER C 894 -29.68 27.91 -30.80
CA SER C 894 -29.36 27.82 -32.21
C SER C 894 -28.03 28.45 -32.57
N ILE C 895 -27.61 29.49 -31.85
CA ILE C 895 -26.33 30.14 -32.13
C ILE C 895 -25.16 29.16 -32.08
N PRO C 896 -25.07 28.23 -31.12
CA PRO C 896 -23.89 27.34 -31.09
C PRO C 896 -23.70 26.50 -32.34
N PHE C 897 -24.74 26.31 -33.15
CA PHE C 897 -24.58 25.52 -34.38
C PHE C 897 -23.63 26.21 -35.34
N SER C 898 -23.72 27.54 -35.45
CA SER C 898 -22.83 28.28 -36.34
C SER C 898 -21.37 28.17 -35.91
N VAL C 899 -21.12 27.87 -34.63
CA VAL C 899 -19.76 27.64 -34.18
C VAL C 899 -19.34 26.18 -34.37
N MET C 900 -20.23 25.25 -34.06
CA MET C 900 -19.92 23.83 -34.18
C MET C 900 -19.81 23.35 -35.62
N LEU C 901 -20.28 24.13 -36.59
CA LEU C 901 -20.19 23.76 -38.00
C LEU C 901 -18.94 24.33 -38.66
N VAL C 902 -17.84 24.48 -37.92
CA VAL C 902 -16.61 25.04 -38.47
C VAL C 902 -15.44 24.09 -38.23
N VAL C 903 -15.59 23.21 -37.23
CA VAL C 903 -14.54 22.25 -36.85
C VAL C 903 -14.14 21.34 -38.02
N PRO C 904 -15.09 20.81 -38.81
CA PRO C 904 -14.66 20.03 -39.99
C PRO C 904 -13.76 20.80 -40.93
N LEU C 905 -13.96 22.12 -41.06
CA LEU C 905 -13.04 22.91 -41.87
C LEU C 905 -11.63 22.88 -41.30
N GLY C 906 -11.50 22.77 -39.98
CA GLY C 906 -10.18 22.63 -39.39
C GLY C 906 -9.58 21.26 -39.60
N VAL C 907 -10.40 20.20 -39.51
CA VAL C 907 -9.86 18.86 -39.65
C VAL C 907 -9.49 18.54 -41.09
N VAL C 908 -10.22 19.10 -42.06
CA VAL C 908 -10.05 18.71 -43.46
C VAL C 908 -8.67 19.11 -43.96
N GLY C 909 -8.22 20.32 -43.63
CA GLY C 909 -6.92 20.77 -44.11
C GLY C 909 -5.78 19.94 -43.57
N ALA C 910 -5.82 19.62 -42.27
CA ALA C 910 -4.78 18.77 -41.69
C ALA C 910 -4.79 17.38 -42.32
N LEU C 911 -5.98 16.83 -42.56
CA LEU C 911 -6.05 15.53 -43.23
C LEU C 911 -5.45 15.59 -44.62
N LEU C 912 -5.76 16.66 -45.38
CA LEU C 912 -5.21 16.81 -46.72
C LEU C 912 -3.69 16.92 -46.69
N ALA C 913 -3.15 17.70 -45.75
CA ALA C 913 -1.70 17.85 -45.67
C ALA C 913 -1.03 16.55 -45.28
N THR C 914 -1.62 15.81 -44.33
CA THR C 914 -1.04 14.53 -43.93
C THR C 914 -1.03 13.55 -45.09
N ASP C 915 -2.11 13.51 -45.87
CA ASP C 915 -2.13 12.64 -47.04
C ASP C 915 -1.12 13.09 -48.08
N LEU C 916 -0.98 14.41 -48.26
CA LEU C 916 -0.05 14.92 -49.27
C LEU C 916 1.40 14.59 -48.92
N ARG C 917 1.77 14.75 -47.64
CA ARG C 917 3.15 14.46 -47.23
C ARG C 917 3.44 12.98 -47.26
N GLY C 918 2.42 12.14 -47.10
CA GLY C 918 2.61 10.71 -47.10
C GLY C 918 2.81 10.09 -45.73
N LEU C 919 2.50 10.82 -44.67
CA LEU C 919 2.69 10.31 -43.31
C LEU C 919 1.52 9.40 -42.94
N SER C 920 1.47 9.00 -41.67
CA SER C 920 0.45 8.09 -41.16
C SER C 920 -0.36 8.79 -40.08
N ASN C 921 -1.25 8.03 -39.45
CA ASN C 921 -2.05 8.52 -38.32
C ASN C 921 -1.30 8.09 -37.06
N ASP C 922 -0.56 9.03 -36.48
CA ASP C 922 0.17 8.80 -35.25
C ASP C 922 -0.47 9.58 -34.10
N VAL C 923 0.01 9.29 -32.89
CA VAL C 923 -0.48 10.03 -31.73
C VAL C 923 -0.14 11.51 -31.86
N TYR C 924 1.04 11.81 -32.40
CA TYR C 924 1.41 13.21 -32.64
C TYR C 924 0.45 13.86 -33.62
N PHE C 925 0.09 13.15 -34.69
CA PHE C 925 -0.86 13.70 -35.65
C PHE C 925 -2.22 13.94 -35.01
N GLN C 926 -2.69 13.01 -34.17
CA GLN C 926 -3.98 13.18 -33.52
C GLN C 926 -3.97 14.39 -32.60
N VAL C 927 -2.91 14.55 -31.80
CA VAL C 927 -2.89 15.66 -30.85
C VAL C 927 -2.74 17.00 -31.59
N GLY C 928 -1.97 17.02 -32.69
CA GLY C 928 -1.90 18.22 -33.49
C GLY C 928 -3.24 18.56 -34.14
N LEU C 929 -3.95 17.54 -34.60
CA LEU C 929 -5.29 17.74 -35.13
C LEU C 929 -6.22 18.33 -34.09
N LEU C 930 -6.16 17.82 -32.86
CA LEU C 930 -7.01 18.35 -31.80
C LEU C 930 -6.64 19.79 -31.47
N THR C 931 -5.35 20.11 -31.46
CA THR C 931 -4.94 21.48 -31.20
C THR C 931 -5.45 22.44 -32.28
N THR C 932 -5.32 22.05 -33.55
CA THR C 932 -5.81 22.89 -34.63
C THR C 932 -7.32 23.06 -34.55
N ILE C 933 -8.04 21.97 -34.25
CA ILE C 933 -9.50 22.04 -34.13
C ILE C 933 -9.89 23.00 -33.01
N GLY C 934 -9.23 22.89 -31.86
CA GLY C 934 -9.54 23.77 -30.74
C GLY C 934 -9.26 25.23 -31.06
N LEU C 935 -8.15 25.50 -31.76
CA LEU C 935 -7.80 26.89 -32.04
C LEU C 935 -8.78 27.50 -33.05
N SER C 936 -9.17 26.73 -34.06
CA SER C 936 -10.17 27.21 -35.00
C SER C 936 -11.51 27.43 -34.31
N ALA C 937 -11.87 26.54 -33.38
CA ALA C 937 -13.09 26.73 -32.62
C ALA C 937 -13.03 28.01 -31.79
N LYS C 938 -11.85 28.31 -31.24
CA LYS C 938 -11.68 29.56 -30.49
C LYS C 938 -11.90 30.77 -31.38
N ASN C 939 -11.34 30.75 -32.59
CA ASN C 939 -11.54 31.87 -33.51
C ASN C 939 -13.01 32.06 -33.85
N ALA C 940 -13.69 30.95 -34.16
CA ALA C 940 -15.12 31.02 -34.48
C ALA C 940 -15.92 31.52 -33.28
N ILE C 941 -15.56 31.08 -32.07
CA ILE C 941 -16.25 31.52 -30.86
C ILE C 941 -16.13 33.02 -30.70
N LEU C 942 -14.92 33.55 -30.90
CA LEU C 942 -14.72 34.99 -30.75
C LEU C 942 -15.53 35.77 -31.78
N ILE C 943 -15.52 35.33 -33.04
CA ILE C 943 -16.28 36.04 -34.08
C ILE C 943 -17.77 36.03 -33.74
N VAL C 944 -18.29 34.87 -33.38
CA VAL C 944 -19.72 34.74 -33.12
C VAL C 944 -20.11 35.53 -31.87
N GLU C 945 -19.23 35.58 -30.86
CA GLU C 945 -19.53 36.36 -29.67
C GLU C 945 -19.59 37.85 -29.99
N PHE C 946 -18.66 38.34 -30.82
CA PHE C 946 -18.72 39.75 -31.23
C PHE C 946 -20.01 40.04 -32.00
N ALA C 947 -20.39 39.12 -32.90
CA ALA C 947 -21.65 39.31 -33.64
C ALA C 947 -22.85 39.31 -32.71
N VAL C 948 -22.86 38.42 -31.72
CA VAL C 948 -23.98 38.34 -30.78
C VAL C 948 -24.06 39.62 -29.94
N GLU C 949 -22.91 40.16 -29.56
CA GLU C 949 -22.91 41.43 -28.83
C GLU C 949 -23.47 42.55 -29.68
N MET C 950 -23.01 42.67 -30.93
CA MET C 950 -23.51 43.71 -31.81
C MET C 950 -24.95 43.46 -32.27
N MET C 951 -25.49 42.27 -32.02
CA MET C 951 -26.92 42.06 -32.25
C MET C 951 -27.74 42.43 -31.02
N GLN C 952 -27.24 42.09 -29.83
CA GLN C 952 -27.96 42.42 -28.60
C GLN C 952 -28.04 43.92 -28.39
N LYS C 953 -26.92 44.61 -28.53
CA LYS C 953 -26.94 46.06 -28.54
C LYS C 953 -26.77 46.57 -29.97
N GLU C 954 -26.89 47.88 -30.13
CA GLU C 954 -26.64 48.58 -31.40
C GLU C 954 -27.74 48.28 -32.42
N GLY C 955 -28.63 47.34 -32.10
CA GLY C 955 -29.76 47.01 -32.94
C GLY C 955 -29.46 46.79 -34.40
N LYS C 956 -28.73 45.73 -34.72
CA LYS C 956 -28.31 45.44 -36.08
C LYS C 956 -28.80 44.07 -36.52
N THR C 957 -28.97 43.92 -37.83
CA THR C 957 -29.38 42.65 -38.40
C THR C 957 -28.25 41.63 -38.28
N PRO C 958 -28.56 40.33 -38.25
CA PRO C 958 -27.50 39.33 -38.13
C PRO C 958 -26.47 39.38 -39.25
N ILE C 959 -26.88 39.69 -40.48
CA ILE C 959 -25.93 39.71 -41.60
C ILE C 959 -24.89 40.81 -41.39
N GLU C 960 -25.33 42.03 -41.09
CA GLU C 960 -24.38 43.11 -40.89
C GLU C 960 -23.57 42.92 -39.63
N ALA C 961 -24.18 42.36 -38.58
CA ALA C 961 -23.45 42.10 -37.35
C ALA C 961 -22.31 41.11 -37.58
N ILE C 962 -22.59 40.01 -38.30
CA ILE C 962 -21.55 39.03 -38.54
C ILE C 962 -20.49 39.58 -39.49
N ILE C 963 -20.90 40.37 -40.48
CA ILE C 963 -19.91 40.97 -41.39
C ILE C 963 -18.98 41.90 -40.63
N GLU C 964 -19.53 42.75 -39.77
CA GLU C 964 -18.71 43.67 -39.00
C GLU C 964 -17.81 42.92 -38.02
N ALA C 965 -18.33 41.86 -37.39
CA ALA C 965 -17.50 41.07 -36.48
C ALA C 965 -16.34 40.41 -37.22
N ALA C 966 -16.60 39.86 -38.41
CA ALA C 966 -15.53 39.25 -39.18
C ALA C 966 -14.50 40.29 -39.60
N ARG C 967 -14.96 41.47 -40.03
CA ARG C 967 -14.03 42.52 -40.43
C ARG C 967 -13.17 42.98 -39.25
N MET C 968 -13.76 43.07 -38.06
CA MET C 968 -12.98 43.46 -36.88
C MET C 968 -11.99 42.39 -36.48
N ARG C 969 -12.38 41.12 -36.54
CA ARG C 969 -11.55 40.02 -36.05
C ARG C 969 -10.64 39.43 -37.12
N LEU C 970 -10.64 39.99 -38.34
CA LEU C 970 -9.73 39.49 -39.37
C LEU C 970 -8.27 39.62 -38.96
N ARG C 971 -7.88 40.76 -38.39
CA ARG C 971 -6.47 40.97 -38.05
C ARG C 971 -5.94 40.00 -37.01
N PRO C 972 -6.58 39.81 -35.84
CA PRO C 972 -6.02 38.86 -34.87
C PRO C 972 -5.94 37.44 -35.42
N ILE C 973 -6.92 37.05 -36.24
CA ILE C 973 -6.89 35.74 -36.86
C ILE C 973 -5.67 35.60 -37.76
N LEU C 974 -5.40 36.64 -38.57
CA LEU C 974 -4.23 36.62 -39.44
C LEU C 974 -2.95 36.53 -38.64
N MET C 975 -2.83 37.30 -37.56
CA MET C 975 -1.62 37.28 -36.76
C MET C 975 -1.40 35.91 -36.11
N THR C 976 -2.46 35.35 -35.51
CA THR C 976 -2.34 34.03 -34.90
C THR C 976 -1.99 32.97 -35.92
N SER C 977 -2.66 33.00 -37.09
CA SER C 977 -2.40 31.99 -38.10
C SER C 977 -0.97 32.09 -38.63
N LEU C 978 -0.49 33.31 -38.90
CA LEU C 978 0.87 33.48 -39.38
C LEU C 978 1.88 33.00 -38.35
N ALA C 979 1.69 33.36 -37.08
CA ALA C 979 2.62 32.95 -36.04
C ALA C 979 2.63 31.43 -35.88
N PHE C 980 1.44 30.81 -35.90
CA PHE C 980 1.38 29.36 -35.72
C PHE C 980 1.97 28.62 -36.92
N ILE C 981 1.68 29.09 -38.14
CA ILE C 981 2.19 28.43 -39.32
C ILE C 981 3.71 28.54 -39.39
N LEU C 982 4.26 29.73 -39.14
CA LEU C 982 5.71 29.90 -39.19
C LEU C 982 6.41 29.31 -37.99
N GLY C 983 5.71 29.08 -36.88
CA GLY C 983 6.35 28.50 -35.71
C GLY C 983 6.60 27.01 -35.83
N VAL C 984 5.74 26.30 -36.57
CA VAL C 984 5.92 24.86 -36.79
C VAL C 984 6.58 24.56 -38.12
N LEU C 985 6.97 25.58 -38.88
CA LEU C 985 7.68 25.35 -40.13
C LEU C 985 9.00 24.62 -39.95
N PRO C 986 9.87 24.97 -38.98
CA PRO C 986 11.11 24.19 -38.80
C PRO C 986 10.86 22.73 -38.47
N LEU C 987 9.71 22.41 -37.89
CA LEU C 987 9.37 21.01 -37.66
C LEU C 987 9.18 20.27 -38.99
N VAL C 988 8.63 20.95 -39.99
CA VAL C 988 8.50 20.35 -41.32
C VAL C 988 9.87 20.17 -41.96
N ILE C 989 10.72 21.20 -41.87
CA ILE C 989 12.02 21.17 -42.55
C ILE C 989 13.07 20.35 -41.81
N SER C 990 12.81 19.94 -40.57
CA SER C 990 13.79 19.20 -39.82
C SER C 990 13.89 17.77 -40.36
N HIS C 991 15.12 17.35 -40.66
CA HIS C 991 15.36 16.01 -41.19
C HIS C 991 16.58 15.37 -40.53
N GLY C 992 16.88 15.73 -39.29
CA GLY C 992 18.01 15.17 -38.57
C GLY C 992 17.59 14.19 -37.50
N ALA C 993 18.08 14.38 -36.28
CA ALA C 993 17.75 13.49 -35.18
C ALA C 993 16.32 13.72 -34.71
N GLY C 994 15.60 12.62 -34.48
CA GLY C 994 14.23 12.71 -33.99
C GLY C 994 13.28 13.43 -34.93
N SER C 995 13.37 13.15 -36.23
CA SER C 995 12.60 13.89 -37.22
C SER C 995 11.22 13.30 -37.47
N GLY C 996 10.89 12.14 -36.90
CA GLY C 996 9.58 11.54 -37.11
C GLY C 996 8.45 12.33 -36.48
N ALA C 997 8.52 12.50 -35.16
CA ALA C 997 7.49 13.28 -34.46
C ALA C 997 7.49 14.73 -34.92
N GLN C 998 8.68 15.29 -35.16
CA GLN C 998 8.78 16.66 -35.66
C GLN C 998 8.08 16.81 -37.00
N ASN C 999 8.32 15.87 -37.92
CA ASN C 999 7.66 15.92 -39.22
C ASN C 999 6.15 15.76 -39.07
N ALA C 1000 5.72 14.86 -38.19
CA ALA C 1000 4.29 14.64 -38.00
C ALA C 1000 3.61 15.91 -37.51
N VAL C 1001 4.16 16.54 -36.47
CA VAL C 1001 3.52 17.74 -35.92
C VAL C 1001 3.58 18.89 -36.91
N GLY C 1002 4.73 19.08 -37.57
CA GLY C 1002 4.83 20.16 -38.54
C GLY C 1002 3.81 20.01 -39.65
N THR C 1003 3.73 18.81 -40.24
CA THR C 1003 2.77 18.58 -41.30
C THR C 1003 1.35 18.83 -40.82
N GLY C 1004 0.98 18.22 -39.69
CA GLY C 1004 -0.40 18.35 -39.22
C GLY C 1004 -0.78 19.79 -38.93
N VAL C 1005 0.05 20.49 -38.17
CA VAL C 1005 -0.29 21.85 -37.76
C VAL C 1005 -0.27 22.79 -38.96
N MET C 1006 0.78 22.72 -39.79
CA MET C 1006 0.89 23.64 -40.92
C MET C 1006 -0.24 23.43 -41.92
N GLY C 1007 -0.60 22.18 -42.20
CA GLY C 1007 -1.68 21.95 -43.13
C GLY C 1007 -3.06 22.14 -42.55
N GLY C 1008 -3.20 22.05 -41.23
CA GLY C 1008 -4.51 22.23 -40.63
C GLY C 1008 -4.85 23.67 -40.40
N MET C 1009 -3.92 24.43 -39.83
CA MET C 1009 -4.24 25.79 -39.42
C MET C 1009 -4.55 26.70 -40.60
N PHE C 1010 -3.76 26.61 -41.68
CA PHE C 1010 -3.95 27.50 -42.81
C PHE C 1010 -5.31 27.29 -43.45
N ALA C 1011 -5.66 26.02 -43.72
CA ALA C 1011 -6.97 25.72 -44.27
C ALA C 1011 -8.07 26.09 -43.30
N ALA C 1012 -7.85 25.86 -42.00
CA ALA C 1012 -8.87 26.18 -41.01
C ALA C 1012 -9.22 27.65 -41.03
N THR C 1013 -8.20 28.52 -40.93
CA THR C 1013 -8.49 29.96 -40.94
C THR C 1013 -9.06 30.41 -42.28
N VAL C 1014 -8.50 29.91 -43.38
CA VAL C 1014 -8.94 30.36 -44.70
C VAL C 1014 -10.41 30.03 -44.90
N LEU C 1015 -10.82 28.81 -44.55
CA LEU C 1015 -12.21 28.42 -44.73
C LEU C 1015 -13.12 29.09 -43.69
N ALA C 1016 -12.64 29.23 -42.45
CA ALA C 1016 -13.50 29.74 -41.39
C ALA C 1016 -13.85 31.20 -41.59
N ILE C 1017 -12.87 32.03 -41.97
CA ILE C 1017 -13.12 33.46 -42.09
C ILE C 1017 -14.20 33.73 -43.13
N TYR C 1018 -14.33 32.86 -44.13
CA TYR C 1018 -15.36 33.03 -45.14
C TYR C 1018 -16.64 32.27 -44.83
N PHE C 1019 -16.57 31.19 -44.06
CA PHE C 1019 -17.72 30.34 -43.84
C PHE C 1019 -18.52 30.69 -42.60
N VAL C 1020 -17.92 31.38 -41.64
CA VAL C 1020 -18.66 31.75 -40.43
C VAL C 1020 -19.86 32.64 -40.73
N PRO C 1021 -19.76 33.70 -41.55
CA PRO C 1021 -20.95 34.51 -41.82
C PRO C 1021 -22.09 33.73 -42.45
N VAL C 1022 -21.81 32.92 -43.47
CA VAL C 1022 -22.88 32.22 -44.15
C VAL C 1022 -23.53 31.19 -43.23
N PHE C 1023 -22.72 30.48 -42.43
CA PHE C 1023 -23.29 29.52 -41.48
C PHE C 1023 -24.15 30.23 -40.44
N PHE C 1024 -23.68 31.38 -39.94
CA PHE C 1024 -24.45 32.13 -38.96
C PHE C 1024 -25.79 32.56 -39.53
N VAL C 1025 -25.78 33.10 -40.75
CA VAL C 1025 -27.02 33.56 -41.37
C VAL C 1025 -27.96 32.39 -41.63
N VAL C 1026 -27.43 31.27 -42.12
CA VAL C 1026 -28.27 30.11 -42.43
C VAL C 1026 -28.90 29.57 -41.16
N VAL C 1027 -28.13 29.45 -40.08
CA VAL C 1027 -28.67 28.91 -38.84
C VAL C 1027 -29.69 29.87 -38.23
N GLU C 1028 -29.42 31.18 -38.32
CA GLU C 1028 -30.38 32.16 -37.81
C GLU C 1028 -31.68 32.11 -38.61
N HIS C 1029 -31.59 31.89 -39.92
CA HIS C 1029 -32.79 31.81 -40.75
C HIS C 1029 -33.65 30.63 -40.35
N LEU C 1030 -33.04 29.48 -40.09
CA LEU C 1030 -33.78 28.28 -39.70
C LEU C 1030 -34.09 28.29 -38.20
#